data_2K3Y
#
_entry.id   2K3Y
#
_cell.length_a   1.000
_cell.length_b   1.000
_cell.length_c   1.000
_cell.angle_alpha   90.00
_cell.angle_beta   90.00
_cell.angle_gamma   90.00
#
_symmetry.space_group_name_H-M   'P 1'
#
_entity_poly.entity_id   1
_entity_poly.type   'polypeptide(L)'
_entity_poly.pdbx_seq_one_letter_code
;GHMVDLEQEFALGGRVLAFHGPLMYEAKILKIWDPSSKMYTSIPNDKPGGSSQATKEIKPQKLGEDESIPEEIINGKSFF
IHYQGWKSSWDEWVGYDRIRAYNEENIAMKKRLANEAGSTGSAPATGGV(M2L)KPHRYR
;
_entity_poly.pdbx_strand_id   A
#
# COMPACT_ATOMS: atom_id res chain seq x y z
N MET A 3 10.57 5.70 -17.95
CA MET A 3 10.97 7.01 -18.50
C MET A 3 12.26 7.50 -17.82
N VAL A 4 12.27 7.73 -16.51
CA VAL A 4 13.39 8.29 -15.76
C VAL A 4 13.58 7.56 -14.43
N ASP A 5 14.74 7.71 -13.79
CA ASP A 5 15.11 6.96 -12.59
C ASP A 5 14.27 7.36 -11.37
N LEU A 6 13.74 8.59 -11.38
CA LEU A 6 12.92 9.19 -10.31
C LEU A 6 11.68 8.36 -9.99
N GLU A 7 11.15 7.62 -10.97
CA GLU A 7 9.93 6.81 -10.84
C GLU A 7 10.10 5.73 -9.76
N GLN A 8 11.34 5.29 -9.54
CA GLN A 8 11.73 4.28 -8.56
C GLN A 8 11.50 4.75 -7.11
N GLU A 9 11.53 6.05 -6.84
CA GLU A 9 11.29 6.59 -5.52
C GLU A 9 9.79 6.69 -5.25
N PHE A 10 9.41 6.45 -4.00
CA PHE A 10 8.06 6.72 -3.55
C PHE A 10 7.81 8.20 -3.80
N ALA A 11 6.65 8.42 -4.36
CA ALA A 11 6.17 9.71 -4.76
C ALA A 11 4.84 9.80 -4.01
N LEU A 12 4.67 10.87 -3.24
CA LEU A 12 3.58 11.04 -2.26
C LEU A 12 2.16 10.92 -2.81
N GLY A 13 2.01 10.88 -4.13
CA GLY A 13 0.75 10.63 -4.79
C GLY A 13 0.96 9.92 -6.11
N GLY A 14 2.05 9.16 -6.18
CA GLY A 14 2.29 8.24 -7.27
C GLY A 14 1.52 6.98 -6.95
N ARG A 15 1.74 6.02 -7.82
CA ARG A 15 1.29 4.67 -7.57
C ARG A 15 2.44 4.01 -6.85
N VAL A 16 2.06 2.98 -6.15
CA VAL A 16 2.91 2.01 -5.55
C VAL A 16 2.29 0.69 -5.94
N LEU A 17 3.12 -0.34 -5.99
CA LEU A 17 2.64 -1.68 -6.22
C LEU A 17 3.12 -2.47 -5.02
N ALA A 18 2.26 -3.35 -4.53
CA ALA A 18 2.44 -4.03 -3.27
C ALA A 18 2.23 -5.51 -3.46
N PHE A 19 3.24 -6.28 -3.10
CA PHE A 19 3.36 -7.71 -3.33
C PHE A 19 3.03 -8.43 -2.02
N HIS A 20 1.96 -9.24 -2.03
CA HIS A 20 1.43 -9.86 -0.81
C HIS A 20 1.99 -11.26 -0.60
N GLY A 21 2.41 -11.93 -1.69
CA GLY A 21 3.08 -13.21 -1.61
C GLY A 21 2.86 -13.99 -2.90
N PRO A 22 1.65 -14.51 -3.13
CA PRO A 22 1.31 -15.16 -4.38
C PRO A 22 1.15 -14.16 -5.54
N LEU A 23 0.72 -12.93 -5.27
CA LEU A 23 0.34 -11.93 -6.23
C LEU A 23 0.53 -10.54 -5.64
N MET A 24 0.28 -9.51 -6.44
CA MET A 24 0.60 -8.12 -6.18
C MET A 24 -0.51 -7.25 -6.76
N TYR A 25 -0.72 -6.08 -6.17
CA TYR A 25 -1.86 -5.21 -6.44
C TYR A 25 -1.43 -3.74 -6.50
N GLU A 26 -2.32 -2.88 -7.01
CA GLU A 26 -2.08 -1.44 -7.11
C GLU A 26 -2.40 -0.79 -5.78
N ALA A 27 -1.63 0.24 -5.44
CA ALA A 27 -1.70 0.97 -4.20
C ALA A 27 -1.45 2.47 -4.48
N LYS A 28 -1.83 3.37 -3.55
CA LYS A 28 -1.66 4.81 -3.71
C LYS A 28 -1.45 5.47 -2.35
N ILE A 29 -0.23 5.90 -2.11
CA ILE A 29 0.30 6.59 -0.93
C ILE A 29 -0.52 7.83 -0.59
N LEU A 30 -0.55 8.19 0.71
CA LEU A 30 -1.11 9.46 1.17
C LEU A 30 -0.58 9.88 2.53
N LYS A 31 -0.24 8.91 3.39
CA LYS A 31 0.28 9.11 4.72
C LYS A 31 1.46 8.18 4.78
N ILE A 32 2.56 8.67 5.33
CA ILE A 32 3.83 7.99 5.24
C ILE A 32 4.52 8.08 6.57
N TRP A 33 5.47 7.19 6.78
CA TRP A 33 6.08 6.95 8.09
C TRP A 33 7.56 6.63 7.97
N ASP A 34 8.29 6.96 9.03
CA ASP A 34 9.73 6.86 9.15
C ASP A 34 10.11 6.62 10.62
N PRO A 35 11.14 5.80 10.93
CA PRO A 35 11.59 5.59 12.30
C PRO A 35 12.25 6.82 12.94
N SER A 36 12.55 7.89 12.18
CA SER A 36 13.35 9.01 12.70
C SER A 36 12.62 9.74 13.85
N SER A 37 11.29 9.79 13.80
CA SER A 37 10.43 10.37 14.83
C SER A 37 9.38 9.38 15.30
N LYS A 38 9.30 8.18 14.68
CA LYS A 38 8.23 7.19 14.87
C LYS A 38 6.86 7.87 14.95
N MET A 39 6.58 8.72 13.96
CA MET A 39 5.27 9.32 13.71
C MET A 39 5.20 9.57 12.21
N TYR A 40 3.99 9.78 11.71
CA TYR A 40 3.70 9.89 10.28
C TYR A 40 3.48 11.34 9.85
N THR A 41 3.31 11.54 8.53
CA THR A 41 2.94 12.79 7.88
C THR A 41 2.01 12.43 6.72
N SER A 42 1.13 13.34 6.30
CA SER A 42 0.06 13.00 5.38
C SER A 42 -0.33 14.24 4.58
N ILE A 43 -1.04 14.04 3.48
CA ILE A 43 -1.53 15.08 2.57
C ILE A 43 -2.90 14.62 1.98
N PRO A 44 -3.70 15.52 1.37
CA PRO A 44 -5.08 15.26 0.96
C PRO A 44 -5.19 14.43 -0.34
N ASN A 45 -4.41 13.36 -0.44
CA ASN A 45 -4.23 12.60 -1.68
C ASN A 45 -5.36 11.61 -1.95
N ASP A 46 -6.25 11.35 -0.98
CA ASP A 46 -7.41 10.47 -1.12
C ASP A 46 -8.41 10.73 0.05
N LYS A 47 -9.40 9.85 0.20
CA LYS A 47 -10.43 9.85 1.22
C LYS A 47 -10.62 8.37 1.62
N PRO A 48 -9.93 7.88 2.67
CA PRO A 48 -10.11 6.54 3.20
C PRO A 48 -11.58 6.26 3.56
N GLY A 49 -11.91 4.98 3.78
CA GLY A 49 -13.25 4.48 4.08
C GLY A 49 -13.74 4.82 5.49
N GLY A 50 -13.15 5.82 6.14
CA GLY A 50 -13.48 6.28 7.49
C GLY A 50 -13.03 7.72 7.71
N SER A 51 -13.02 8.54 6.65
CA SER A 51 -12.53 9.92 6.67
C SER A 51 -13.46 10.81 5.85
N SER A 52 -13.59 12.08 6.23
CA SER A 52 -14.27 13.09 5.41
C SER A 52 -13.42 13.37 4.16
N GLN A 53 -12.11 13.48 4.36
CA GLN A 53 -11.02 13.54 3.39
C GLN A 53 -9.73 13.53 4.20
N ALA A 54 -8.59 13.17 3.60
CA ALA A 54 -7.32 13.45 4.27
C ALA A 54 -7.16 14.96 4.13
N THR A 55 -6.55 15.64 5.09
CA THR A 55 -6.45 17.10 5.09
C THR A 55 -5.11 17.56 4.52
N LYS A 56 -4.99 18.87 4.26
CA LYS A 56 -3.73 19.54 3.91
C LYS A 56 -2.71 19.24 4.98
N GLU A 57 -1.44 19.23 4.54
CA GLU A 57 -0.21 19.02 5.32
C GLU A 57 -0.47 18.68 6.78
N ILE A 58 -0.78 17.41 6.99
CA ILE A 58 -1.26 16.92 8.27
C ILE A 58 -0.06 16.89 9.22
N LYS A 59 -0.26 17.35 10.45
CA LYS A 59 0.83 17.48 11.40
C LYS A 59 1.10 16.08 11.96
N PRO A 60 2.37 15.77 12.27
CA PRO A 60 2.74 14.55 12.93
C PRO A 60 1.92 14.38 14.21
N GLN A 61 1.39 13.17 14.42
CA GLN A 61 0.65 12.81 15.61
C GLN A 61 0.98 11.36 15.90
N LYS A 62 0.87 10.95 17.17
CA LYS A 62 1.16 9.56 17.52
C LYS A 62 0.12 8.66 16.87
N LEU A 63 0.63 7.60 16.29
CA LEU A 63 -0.10 6.61 15.52
C LEU A 63 -0.89 5.66 16.41
N GLY A 64 -1.98 5.11 15.86
CA GLY A 64 -2.81 4.12 16.53
C GLY A 64 -4.23 4.63 16.79
N GLU A 65 -4.68 5.64 16.06
CA GLU A 65 -6.06 6.13 16.14
C GLU A 65 -6.98 5.15 15.41
N ASP A 66 -6.50 4.55 14.31
CA ASP A 66 -7.20 3.52 13.55
C ASP A 66 -6.24 2.51 12.90
N GLU A 67 -4.94 2.64 13.18
CA GLU A 67 -3.85 1.91 12.51
C GLU A 67 -3.17 0.94 13.47
N SER A 68 -2.33 0.09 12.91
CA SER A 68 -1.39 -0.79 13.59
C SER A 68 -0.22 -0.97 12.63
N ILE A 69 1.01 -0.95 13.14
CA ILE A 69 2.20 -1.32 12.39
C ILE A 69 3.06 -2.23 13.28
N PRO A 70 3.48 -3.41 12.80
CA PRO A 70 4.41 -4.25 13.55
C PRO A 70 5.78 -3.58 13.59
N GLU A 71 6.63 -4.03 14.53
CA GLU A 71 8.01 -3.56 14.67
C GLU A 71 8.83 -3.78 13.38
N GLU A 72 8.34 -4.61 12.46
CA GLU A 72 8.93 -4.85 11.15
C GLU A 72 8.88 -3.60 10.26
N ILE A 73 7.88 -2.72 10.39
CA ILE A 73 7.70 -1.58 9.47
C ILE A 73 7.75 -0.25 10.23
N ILE A 74 7.74 -0.33 11.56
CA ILE A 74 8.02 0.73 12.51
C ILE A 74 9.45 1.20 12.23
N ASN A 75 10.38 0.24 12.13
CA ASN A 75 11.81 0.45 12.03
C ASN A 75 12.25 0.82 10.62
N GLY A 76 11.33 1.12 9.71
CA GLY A 76 11.64 1.35 8.30
C GLY A 76 10.65 2.31 7.65
N LYS A 77 10.88 2.59 6.37
CA LYS A 77 9.97 3.40 5.58
C LYS A 77 8.65 2.67 5.44
N SER A 78 7.54 3.38 5.68
CA SER A 78 6.21 2.83 5.54
C SER A 78 5.26 3.81 4.88
N PHE A 79 4.22 3.23 4.25
CA PHE A 79 3.31 3.92 3.36
C PHE A 79 1.90 3.40 3.56
N PHE A 80 1.02 4.29 4.03
CA PHE A 80 -0.42 4.12 4.11
C PHE A 80 -0.94 4.42 2.72
N ILE A 81 -1.73 3.47 2.21
CA ILE A 81 -2.15 3.41 0.82
C ILE A 81 -3.62 3.05 0.67
N HIS A 82 -4.20 3.44 -0.46
CA HIS A 82 -5.51 2.96 -0.90
C HIS A 82 -5.19 1.90 -1.93
N TYR A 83 -5.59 0.66 -1.70
CA TYR A 83 -5.47 -0.39 -2.69
C TYR A 83 -6.49 -0.11 -3.79
N GLN A 84 -6.00 0.03 -5.02
CA GLN A 84 -6.84 0.47 -6.15
C GLN A 84 -7.45 -0.74 -6.83
N GLY A 85 -8.63 -0.55 -7.40
CA GLY A 85 -9.46 -1.64 -7.91
C GLY A 85 -9.97 -2.52 -6.76
N TRP A 86 -9.79 -2.10 -5.51
CA TRP A 86 -10.11 -2.87 -4.31
C TRP A 86 -10.83 -2.01 -3.27
N LYS A 87 -11.31 -2.66 -2.21
CA LYS A 87 -12.14 -2.01 -1.20
C LYS A 87 -11.30 -1.05 -0.36
N SER A 88 -11.97 -0.15 0.35
CA SER A 88 -11.33 0.71 1.34
C SER A 88 -11.06 -0.05 2.65
N SER A 89 -11.63 -1.25 2.82
CA SER A 89 -11.36 -2.15 3.93
C SER A 89 -9.86 -2.46 4.04
N TRP A 90 -9.14 -2.48 2.91
CA TRP A 90 -7.73 -2.81 2.84
C TRP A 90 -6.82 -1.64 3.18
N ASP A 91 -7.35 -0.44 3.48
CA ASP A 91 -6.53 0.76 3.69
C ASP A 91 -5.67 0.49 4.92
N GLU A 92 -4.37 0.38 4.68
CA GLU A 92 -3.36 -0.12 5.62
C GLU A 92 -2.00 0.43 5.19
N TRP A 93 -0.96 0.29 6.03
CA TRP A 93 0.40 0.57 5.60
C TRP A 93 1.13 -0.72 5.29
N VAL A 94 2.11 -0.60 4.40
CA VAL A 94 3.05 -1.66 4.07
C VAL A 94 4.49 -1.13 4.18
N GLY A 95 5.41 -2.05 4.50
CA GLY A 95 6.84 -1.79 4.56
C GLY A 95 7.44 -1.91 3.16
N TYR A 96 8.62 -1.29 2.95
CA TYR A 96 9.31 -1.26 1.66
C TYR A 96 9.91 -2.60 1.22
N ASP A 97 9.61 -3.63 2.00
CA ASP A 97 9.86 -5.04 1.67
C ASP A 97 8.72 -5.62 0.83
N ARG A 98 7.51 -5.08 0.95
CA ARG A 98 6.33 -5.50 0.18
C ARG A 98 5.96 -4.45 -0.86
N ILE A 99 6.03 -3.16 -0.55
CA ILE A 99 5.61 -2.11 -1.47
C ILE A 99 6.83 -1.49 -2.17
N ARG A 100 6.65 -1.03 -3.42
CA ARG A 100 7.63 -0.20 -4.14
C ARG A 100 6.90 0.80 -5.04
N ALA A 101 7.50 1.96 -5.30
CA ALA A 101 6.93 3.04 -6.10
C ALA A 101 6.86 2.64 -7.56
N TYR A 102 5.85 3.09 -8.31
CA TYR A 102 5.58 2.58 -9.65
C TYR A 102 6.75 2.82 -10.60
N ASN A 103 7.35 1.73 -11.05
CA ASN A 103 8.51 1.70 -11.93
C ASN A 103 8.61 0.34 -12.64
N GLU A 104 9.43 0.29 -13.70
CA GLU A 104 9.52 -0.81 -14.65
C GLU A 104 9.87 -2.16 -13.99
N GLU A 105 10.67 -2.16 -12.93
CA GLU A 105 11.01 -3.39 -12.21
C GLU A 105 9.75 -3.99 -11.58
N ASN A 106 8.92 -3.12 -10.99
CA ASN A 106 7.68 -3.56 -10.38
C ASN A 106 6.75 -4.02 -11.47
N ILE A 107 6.77 -3.40 -12.65
CA ILE A 107 5.94 -3.86 -13.76
C ILE A 107 6.39 -5.22 -14.25
N ALA A 108 7.69 -5.51 -14.27
CA ALA A 108 8.15 -6.84 -14.63
C ALA A 108 7.64 -7.85 -13.61
N MET A 109 7.65 -7.52 -12.31
CA MET A 109 7.01 -8.34 -11.28
C MET A 109 5.53 -8.49 -11.62
N LYS A 110 4.84 -7.38 -11.89
CA LYS A 110 3.41 -7.34 -12.09
C LYS A 110 3.03 -8.26 -13.21
N LYS A 111 3.72 -8.16 -14.35
CA LYS A 111 3.38 -8.86 -15.55
C LYS A 111 3.71 -10.34 -15.42
N ARG A 112 4.83 -10.70 -14.78
CA ARG A 112 5.12 -12.10 -14.50
C ARG A 112 3.97 -12.71 -13.68
N LEU A 113 3.52 -12.03 -12.63
CA LEU A 113 2.50 -12.57 -11.72
C LEU A 113 1.12 -12.56 -12.36
N ALA A 114 0.79 -11.48 -13.04
CA ALA A 114 -0.40 -11.35 -13.91
C ALA A 114 -0.48 -12.48 -14.95
N ASN A 115 0.62 -13.16 -15.26
CA ASN A 115 0.61 -14.34 -16.12
C ASN A 115 0.51 -15.62 -15.29
N GLU A 116 1.38 -15.81 -14.30
CA GLU A 116 1.49 -17.10 -13.59
C GLU A 116 0.30 -17.38 -12.69
N ALA A 117 -0.36 -16.33 -12.21
CA ALA A 117 -1.34 -16.40 -11.15
C ALA A 117 -2.58 -15.53 -11.39
N GLY A 118 -2.71 -14.96 -12.59
CA GLY A 118 -3.80 -14.08 -13.00
C GLY A 118 -5.14 -14.82 -13.11
N SER A 119 -5.76 -15.12 -11.98
CA SER A 119 -7.08 -15.71 -11.79
C SER A 119 -7.68 -15.03 -10.56
N THR A 120 -8.99 -15.13 -10.41
CA THR A 120 -9.79 -14.45 -9.40
C THR A 120 -9.64 -15.05 -8.00
N GLY A 121 -9.19 -16.31 -7.89
CA GLY A 121 -9.08 -17.02 -6.62
C GLY A 121 -10.44 -17.40 -6.02
N SER A 122 -11.53 -17.28 -6.78
CA SER A 122 -12.90 -17.58 -6.38
C SER A 122 -13.16 -19.10 -6.29
N ALA A 123 -12.41 -19.80 -5.44
CA ALA A 123 -12.55 -21.23 -5.17
C ALA A 123 -12.28 -21.50 -3.68
N PRO A 124 -12.77 -22.61 -3.10
CA PRO A 124 -12.52 -23.01 -1.70
C PRO A 124 -11.06 -23.26 -1.29
N ALA A 125 -10.11 -22.89 -2.13
CA ALA A 125 -8.67 -23.07 -1.95
C ALA A 125 -7.91 -21.76 -2.11
N THR A 126 -8.60 -20.62 -2.27
CA THR A 126 -8.07 -19.25 -2.25
C THR A 126 -7.26 -18.88 -3.52
N GLY A 127 -6.59 -19.85 -4.16
CA GLY A 127 -5.92 -19.76 -5.45
C GLY A 127 -4.58 -19.02 -5.34
N GLY A 128 -4.62 -17.74 -4.96
CA GLY A 128 -3.47 -16.85 -4.90
C GLY A 128 -3.92 -15.41 -4.73
N VAL A 129 -5.01 -15.15 -4.01
CA VAL A 129 -5.65 -13.84 -3.97
C VAL A 129 -6.16 -13.66 -2.55
N LYS A 131 -8.84 -12.46 -1.21
CA LYS A 131 -10.26 -12.85 -1.19
C LYS A 131 -10.93 -12.67 0.19
N PRO A 132 -11.61 -11.53 0.42
CA PRO A 132 -12.13 -11.18 1.74
C PRO A 132 -13.51 -11.77 1.99
N HIS A 133 -14.14 -12.32 0.94
CA HIS A 133 -15.50 -12.88 0.93
C HIS A 133 -15.82 -13.75 2.15
N ARG A 134 -14.87 -14.56 2.62
CA ARG A 134 -14.92 -15.29 3.88
C ARG A 134 -13.50 -15.57 4.35
N TYR A 135 -13.30 -15.65 5.66
CA TYR A 135 -12.04 -15.98 6.31
C TYR A 135 -12.34 -16.43 7.74
N ARG A 136 -11.37 -17.06 8.41
CA ARG A 136 -11.42 -17.48 9.81
C ARG A 136 -9.99 -17.48 10.33
N MET A 3 11.32 2.97 -20.71
CA MET A 3 12.27 3.79 -19.91
C MET A 3 11.52 4.48 -18.76
N VAL A 4 12.14 4.55 -17.58
CA VAL A 4 11.62 5.23 -16.39
C VAL A 4 12.78 5.93 -15.67
N ASP A 5 12.48 6.99 -14.95
CA ASP A 5 13.38 7.73 -14.06
C ASP A 5 12.49 8.44 -13.04
N LEU A 6 12.96 8.60 -11.80
CA LEU A 6 12.25 9.07 -10.60
C LEU A 6 11.05 8.20 -10.19
N GLU A 7 10.25 7.70 -11.14
CA GLU A 7 9.08 6.83 -10.93
C GLU A 7 9.46 5.56 -10.16
N GLN A 8 10.71 5.12 -10.29
CA GLN A 8 11.39 4.07 -9.54
C GLN A 8 11.26 4.23 -8.01
N GLU A 9 11.35 5.47 -7.50
CA GLU A 9 11.15 5.77 -6.09
C GLU A 9 9.66 5.82 -5.82
N PHE A 10 9.23 5.40 -4.62
CA PHE A 10 7.89 5.59 -4.15
C PHE A 10 7.70 7.10 -4.14
N ALA A 11 6.50 7.48 -4.50
CA ALA A 11 6.16 8.86 -4.77
C ALA A 11 4.87 9.09 -4.01
N LEU A 12 4.80 10.22 -3.28
CA LEU A 12 3.76 10.51 -2.30
C LEU A 12 2.33 10.52 -2.81
N GLY A 13 2.15 10.33 -4.10
CA GLY A 13 0.85 10.13 -4.67
C GLY A 13 0.96 9.43 -6.01
N GLY A 14 2.02 8.63 -6.16
CA GLY A 14 2.15 7.73 -7.27
C GLY A 14 1.44 6.46 -6.86
N ARG A 15 1.47 5.54 -7.80
CA ARG A 15 1.07 4.19 -7.54
C ARG A 15 2.28 3.55 -6.90
N VAL A 16 1.96 2.52 -6.18
CA VAL A 16 2.89 1.57 -5.60
C VAL A 16 2.23 0.22 -5.85
N LEU A 17 2.99 -0.83 -5.62
CA LEU A 17 2.63 -2.19 -5.94
C LEU A 17 3.18 -2.99 -4.80
N ALA A 18 2.32 -3.84 -4.25
CA ALA A 18 2.66 -4.61 -3.07
C ALA A 18 2.45 -6.07 -3.39
N PHE A 19 3.46 -6.86 -3.10
CA PHE A 19 3.53 -8.26 -3.47
C PHE A 19 3.23 -9.07 -2.22
N HIS A 20 2.10 -9.79 -2.22
CA HIS A 20 1.57 -10.46 -1.03
C HIS A 20 2.02 -11.92 -0.95
N GLY A 21 2.59 -12.47 -2.02
CA GLY A 21 3.23 -13.78 -2.05
C GLY A 21 2.91 -14.49 -3.36
N PRO A 22 1.67 -14.99 -3.53
CA PRO A 22 1.20 -15.54 -4.80
C PRO A 22 1.08 -14.50 -5.90
N LEU A 23 0.63 -13.29 -5.55
CA LEU A 23 0.24 -12.26 -6.46
C LEU A 23 0.48 -10.90 -5.80
N MET A 24 0.23 -9.82 -6.53
CA MET A 24 0.60 -8.45 -6.22
C MET A 24 -0.59 -7.58 -6.61
N TYR A 25 -0.82 -6.51 -5.85
CA TYR A 25 -1.97 -5.62 -6.01
C TYR A 25 -1.49 -4.18 -6.04
N GLU A 26 -2.29 -3.35 -6.70
CA GLU A 26 -1.99 -1.94 -6.90
C GLU A 26 -2.35 -1.19 -5.63
N ALA A 27 -1.49 -0.25 -5.25
CA ALA A 27 -1.53 0.45 -4.00
C ALA A 27 -1.40 1.95 -4.26
N LYS A 28 -1.84 2.79 -3.31
CA LYS A 28 -1.99 4.22 -3.53
C LYS A 28 -1.72 4.99 -2.23
N ILE A 29 -0.48 5.47 -2.08
CA ILE A 29 0.11 6.22 -0.95
C ILE A 29 -0.59 7.55 -0.71
N LEU A 30 -0.54 8.00 0.55
CA LEU A 30 -0.91 9.37 0.93
C LEU A 30 -0.37 9.78 2.28
N LYS A 31 -0.11 8.83 3.17
CA LYS A 31 0.43 9.13 4.48
C LYS A 31 1.63 8.25 4.66
N ILE A 32 2.70 8.80 5.17
CA ILE A 32 3.95 8.08 5.26
C ILE A 32 4.57 8.35 6.60
N TRP A 33 5.52 7.49 6.93
CA TRP A 33 6.13 7.41 8.26
C TRP A 33 7.62 7.15 8.11
N ASP A 34 8.36 7.62 9.11
CA ASP A 34 9.83 7.65 9.17
C ASP A 34 10.27 7.46 10.62
N PRO A 35 11.34 6.69 10.90
CA PRO A 35 11.86 6.50 12.25
C PRO A 35 12.48 7.79 12.85
N SER A 36 12.67 8.86 12.08
CA SER A 36 13.43 10.03 12.54
C SER A 36 12.70 10.76 13.68
N SER A 37 11.37 10.74 13.63
CA SER A 37 10.47 11.29 14.64
C SER A 37 9.55 10.21 15.20
N LYS A 38 9.46 9.03 14.55
CA LYS A 38 8.46 8.01 14.86
C LYS A 38 7.08 8.65 14.96
N MET A 39 6.74 9.44 13.94
CA MET A 39 5.43 10.01 13.67
C MET A 39 5.30 10.08 12.15
N TYR A 40 4.08 10.30 11.67
CA TYR A 40 3.74 10.30 10.24
C TYR A 40 3.45 11.70 9.72
N THR A 41 3.23 11.79 8.39
CA THR A 41 2.86 12.98 7.65
C THR A 41 1.95 12.54 6.50
N SER A 42 1.03 13.37 6.03
CA SER A 42 0.04 13.01 5.02
C SER A 42 -0.23 14.27 4.20
N ILE A 43 -0.78 14.08 3.01
CA ILE A 43 -1.09 15.16 2.09
C ILE A 43 -2.40 14.85 1.32
N PRO A 44 -3.11 15.86 0.76
CA PRO A 44 -4.38 15.71 0.05
C PRO A 44 -4.23 15.09 -1.36
N ASN A 45 -3.44 14.03 -1.53
CA ASN A 45 -3.40 13.32 -2.81
C ASN A 45 -4.78 12.74 -3.13
N ASP A 46 -5.41 12.10 -2.14
CA ASP A 46 -6.77 11.57 -2.22
C ASP A 46 -7.28 11.36 -0.78
N LYS A 47 -7.73 10.15 -0.41
CA LYS A 47 -8.33 9.86 0.90
C LYS A 47 -8.30 8.36 1.20
N PRO A 48 -8.41 7.96 2.49
CA PRO A 48 -8.64 6.56 2.84
C PRO A 48 -10.08 6.21 2.40
N GLY A 49 -10.42 4.93 2.35
CA GLY A 49 -11.69 4.43 1.84
C GLY A 49 -12.88 4.68 2.78
N GLY A 50 -12.77 5.61 3.72
CA GLY A 50 -13.82 6.03 4.65
C GLY A 50 -13.89 7.55 4.84
N SER A 51 -13.30 8.32 3.92
CA SER A 51 -13.23 9.79 3.98
C SER A 51 -13.32 10.37 2.56
N SER A 52 -13.30 11.70 2.44
CA SER A 52 -13.55 12.43 1.19
C SER A 52 -12.32 13.18 0.70
N GLN A 53 -11.42 13.60 1.61
CA GLN A 53 -10.12 14.13 1.24
C GLN A 53 -9.25 14.28 2.49
N ALA A 54 -7.96 13.99 2.36
CA ALA A 54 -6.98 14.35 3.36
C ALA A 54 -6.94 15.91 3.37
N THR A 55 -6.36 16.53 4.39
CA THR A 55 -6.47 17.98 4.63
C THR A 55 -5.10 18.66 4.74
N LYS A 56 -4.62 19.14 3.58
CA LYS A 56 -3.33 19.82 3.39
C LYS A 56 -2.19 19.00 4.00
N GLU A 57 -1.01 19.59 4.22
CA GLU A 57 0.07 18.89 4.87
C GLU A 57 -0.35 18.63 6.33
N ILE A 58 -0.73 17.39 6.60
CA ILE A 58 -1.29 16.98 7.86
C ILE A 58 -0.16 17.06 8.87
N LYS A 59 -0.42 17.71 10.01
CA LYS A 59 0.58 17.93 11.02
C LYS A 59 0.93 16.57 11.62
N PRO A 60 2.21 16.31 11.89
CA PRO A 60 2.62 15.10 12.57
C PRO A 60 1.86 14.95 13.90
N GLN A 61 1.44 13.72 14.21
CA GLN A 61 0.89 13.38 15.51
C GLN A 61 1.48 12.04 15.95
N LYS A 62 1.47 11.76 17.25
CA LYS A 62 1.83 10.44 17.74
C LYS A 62 0.81 9.45 17.19
N LEU A 63 1.32 8.46 16.49
CA LEU A 63 0.55 7.37 15.93
C LEU A 63 -0.11 6.53 17.02
N GLY A 64 -1.28 6.00 16.68
CA GLY A 64 -2.16 5.22 17.53
C GLY A 64 -3.35 4.96 16.63
N GLU A 65 -4.56 5.28 17.08
CA GLU A 65 -5.77 5.29 16.28
C GLU A 65 -6.01 3.97 15.52
N ASP A 66 -5.57 2.84 16.10
CA ASP A 66 -5.62 1.49 15.53
C ASP A 66 -4.80 1.30 14.23
N GLU A 67 -3.97 2.28 13.88
CA GLU A 67 -2.99 2.21 12.78
C GLU A 67 -1.77 1.33 13.10
N SER A 68 -1.78 0.62 14.23
CA SER A 68 -0.72 -0.21 14.78
C SER A 68 0.30 -0.70 13.76
N ILE A 69 1.55 -0.30 13.95
CA ILE A 69 2.67 -0.73 13.13
C ILE A 69 3.61 -1.54 14.03
N PRO A 70 4.00 -2.76 13.63
CA PRO A 70 4.97 -3.54 14.37
C PRO A 70 6.33 -2.86 14.31
N GLU A 71 7.19 -3.21 15.28
CA GLU A 71 8.56 -2.70 15.36
C GLU A 71 9.33 -2.96 14.06
N GLU A 72 8.89 -3.92 13.25
CA GLU A 72 9.38 -4.22 11.91
C GLU A 72 9.35 -3.04 10.94
N ILE A 73 8.32 -2.17 10.98
CA ILE A 73 8.17 -1.12 9.96
C ILE A 73 8.28 0.27 10.59
N ILE A 74 8.19 0.31 11.93
CA ILE A 74 8.46 1.43 12.82
C ILE A 74 9.84 1.99 12.47
N ASN A 75 10.83 1.11 12.31
CA ASN A 75 12.24 1.48 12.17
C ASN A 75 12.57 1.92 10.73
N GLY A 76 11.59 2.07 9.83
CA GLY A 76 11.88 2.32 8.42
C GLY A 76 10.81 3.17 7.78
N LYS A 77 11.01 3.47 6.50
CA LYS A 77 10.00 4.12 5.69
C LYS A 77 8.76 3.21 5.68
N SER A 78 7.60 3.80 5.96
CA SER A 78 6.32 3.12 5.92
C SER A 78 5.32 3.95 5.15
N PHE A 79 4.46 3.27 4.40
CA PHE A 79 3.56 3.87 3.43
C PHE A 79 2.14 3.39 3.67
N PHE A 80 1.26 4.30 4.11
CA PHE A 80 -0.17 4.10 4.20
C PHE A 80 -0.74 4.26 2.80
N ILE A 81 -1.49 3.25 2.41
CA ILE A 81 -1.97 3.02 1.07
C ILE A 81 -3.44 2.58 1.08
N HIS A 82 -4.08 2.79 -0.07
CA HIS A 82 -5.38 2.22 -0.38
C HIS A 82 -5.14 1.19 -1.48
N TYR A 83 -5.51 -0.06 -1.23
CA TYR A 83 -5.42 -1.11 -2.23
C TYR A 83 -6.52 -0.91 -3.26
N GLN A 84 -6.13 -0.76 -4.52
CA GLN A 84 -7.10 -0.62 -5.61
C GLN A 84 -7.89 -1.91 -5.78
N GLY A 85 -9.15 -1.79 -6.18
CA GLY A 85 -10.01 -2.92 -6.50
C GLY A 85 -10.33 -3.81 -5.28
N TRP A 86 -10.06 -3.34 -4.05
CA TRP A 86 -10.29 -4.10 -2.83
C TRP A 86 -10.97 -3.23 -1.76
N LYS A 87 -11.39 -3.85 -0.65
CA LYS A 87 -12.17 -3.17 0.39
C LYS A 87 -11.32 -2.12 1.12
N SER A 88 -12.00 -1.15 1.74
CA SER A 88 -11.40 -0.17 2.62
C SER A 88 -10.82 -0.82 3.90
N SER A 89 -11.29 -2.02 4.25
CA SER A 89 -10.83 -2.80 5.39
C SER A 89 -9.32 -3.04 5.36
N TRP A 90 -8.72 -3.16 4.18
CA TRP A 90 -7.31 -3.44 4.01
C TRP A 90 -6.46 -2.16 3.98
N ASP A 91 -7.02 -0.95 4.18
CA ASP A 91 -6.25 0.29 4.15
C ASP A 91 -5.31 0.18 5.35
N GLU A 92 -4.01 0.17 5.07
CA GLU A 92 -2.97 -0.18 6.03
C GLU A 92 -1.66 0.43 5.57
N TRP A 93 -0.63 0.44 6.43
CA TRP A 93 0.71 0.77 5.99
C TRP A 93 1.52 -0.51 5.77
N VAL A 94 2.46 -0.42 4.84
CA VAL A 94 3.44 -1.47 4.54
C VAL A 94 4.84 -0.86 4.48
N GLY A 95 5.82 -1.74 4.70
CA GLY A 95 7.23 -1.47 4.48
C GLY A 95 7.65 -1.93 3.10
N TYR A 96 8.84 -1.49 2.71
CA TYR A 96 9.50 -1.87 1.46
C TYR A 96 9.69 -3.37 1.29
N ASP A 97 9.59 -4.12 2.39
CA ASP A 97 9.54 -5.58 2.42
C ASP A 97 8.41 -6.17 1.56
N ARG A 98 7.35 -5.38 1.29
CA ARG A 98 6.26 -5.76 0.39
C ARG A 98 6.05 -4.74 -0.72
N ILE A 99 6.15 -3.44 -0.43
CA ILE A 99 5.74 -2.42 -1.39
C ILE A 99 6.92 -1.94 -2.24
N ARG A 100 6.66 -1.47 -3.46
CA ARG A 100 7.58 -0.77 -4.36
C ARG A 100 6.80 0.20 -5.23
N ALA A 101 7.42 1.24 -5.78
CA ALA A 101 6.77 2.28 -6.57
C ALA A 101 6.31 1.73 -7.92
N TYR A 102 5.41 2.42 -8.61
CA TYR A 102 5.07 2.06 -9.98
C TYR A 102 6.19 2.51 -10.89
N ASN A 103 6.87 1.52 -11.47
CA ASN A 103 7.86 1.68 -12.52
C ASN A 103 7.96 0.36 -13.30
N GLU A 104 8.53 0.44 -14.51
CA GLU A 104 8.52 -0.61 -15.51
C GLU A 104 9.03 -1.97 -15.02
N GLU A 105 10.01 -2.00 -14.10
CA GLU A 105 10.53 -3.24 -13.53
C GLU A 105 9.42 -3.93 -12.72
N ASN A 106 8.74 -3.13 -11.90
CA ASN A 106 7.68 -3.65 -11.06
C ASN A 106 6.45 -3.93 -11.91
N ILE A 107 6.35 -3.34 -13.11
CA ILE A 107 5.32 -3.74 -14.08
C ILE A 107 5.70 -5.05 -14.71
N ALA A 108 6.98 -5.35 -14.91
CA ALA A 108 7.38 -6.67 -15.34
C ALA A 108 6.94 -7.69 -14.28
N MET A 109 7.08 -7.36 -12.98
CA MET A 109 6.48 -8.18 -11.92
C MET A 109 4.96 -8.23 -12.13
N LYS A 110 4.30 -7.07 -12.18
CA LYS A 110 2.85 -6.95 -12.25
C LYS A 110 2.28 -7.82 -13.34
N LYS A 111 2.87 -7.81 -14.52
CA LYS A 111 2.39 -8.47 -15.70
C LYS A 111 2.71 -9.96 -15.68
N ARG A 112 3.91 -10.36 -15.25
CA ARG A 112 4.20 -11.80 -15.10
C ARG A 112 3.19 -12.43 -14.15
N LEU A 113 2.82 -11.71 -13.10
CA LEU A 113 1.89 -12.19 -12.09
C LEU A 113 0.44 -12.10 -12.54
N ALA A 114 0.03 -10.98 -13.11
CA ALA A 114 -1.28 -10.82 -13.76
C ALA A 114 -1.54 -11.91 -14.80
N ASN A 115 -0.47 -12.43 -15.44
CA ASN A 115 -0.55 -13.55 -16.36
C ASN A 115 -0.81 -14.88 -15.65
N GLU A 116 0.01 -15.25 -14.66
CA GLU A 116 -0.07 -16.60 -14.06
C GLU A 116 -1.13 -16.69 -12.94
N ALA A 117 -1.54 -15.53 -12.42
CA ALA A 117 -2.54 -15.25 -11.39
C ALA A 117 -2.36 -15.94 -10.03
N GLY A 118 -1.28 -16.69 -9.84
CA GLY A 118 -1.06 -17.46 -8.62
C GLY A 118 -2.18 -18.49 -8.42
N SER A 119 -2.57 -18.73 -7.18
CA SER A 119 -3.59 -19.70 -6.82
C SER A 119 -5.02 -19.25 -7.16
N THR A 120 -5.23 -18.06 -7.75
CA THR A 120 -6.54 -17.62 -8.25
C THR A 120 -7.05 -18.62 -9.30
N GLY A 121 -8.37 -18.78 -9.39
CA GLY A 121 -9.02 -19.77 -10.24
C GLY A 121 -10.53 -19.60 -10.18
N SER A 122 -11.27 -20.67 -10.47
CA SER A 122 -12.73 -20.77 -10.34
C SER A 122 -13.15 -20.69 -8.86
N ALA A 123 -13.14 -19.48 -8.31
CA ALA A 123 -13.38 -19.14 -6.91
C ALA A 123 -13.98 -17.74 -6.86
N PRO A 124 -14.63 -17.32 -5.75
CA PRO A 124 -15.21 -15.98 -5.58
C PRO A 124 -14.12 -14.92 -5.30
N ALA A 125 -13.08 -14.87 -6.12
CA ALA A 125 -12.00 -13.89 -6.05
C ALA A 125 -12.56 -12.48 -6.17
N THR A 126 -12.30 -11.61 -5.18
CA THR A 126 -12.75 -10.21 -5.22
C THR A 126 -11.87 -9.41 -6.20
N GLY A 127 -10.55 -9.67 -6.21
CA GLY A 127 -9.62 -8.97 -7.10
C GLY A 127 -8.21 -9.58 -7.06
N GLY A 128 -8.10 -10.86 -6.68
CA GLY A 128 -6.85 -11.53 -6.38
C GLY A 128 -7.17 -12.77 -5.57
N VAL A 129 -6.38 -13.04 -4.53
CA VAL A 129 -6.43 -14.32 -3.83
C VAL A 129 -6.57 -14.22 -2.30
N LYS A 131 -8.76 -13.01 0.84
CA LYS A 131 -10.20 -13.07 0.86
C LYS A 131 -10.68 -12.65 2.25
N PRO A 132 -11.61 -11.66 2.33
CA PRO A 132 -12.24 -11.27 3.58
C PRO A 132 -13.61 -11.97 3.76
N HIS A 133 -13.92 -12.88 2.83
CA HIS A 133 -15.19 -13.56 2.60
C HIS A 133 -15.96 -13.93 3.88
N ARG A 134 -15.32 -14.67 4.78
CA ARG A 134 -15.92 -15.22 5.99
C ARG A 134 -14.85 -15.46 7.05
N TYR A 135 -15.26 -15.47 8.32
CA TYR A 135 -14.42 -15.90 9.44
C TYR A 135 -14.15 -17.39 9.32
N ARG A 136 -13.22 -17.93 10.11
CA ARG A 136 -12.92 -19.36 10.15
C ARG A 136 -14.22 -20.12 10.46
N MET A 3 13.32 4.12 -19.69
CA MET A 3 13.98 4.96 -18.67
C MET A 3 12.95 5.48 -17.67
N VAL A 4 13.23 5.32 -16.37
CA VAL A 4 12.46 5.92 -15.27
C VAL A 4 13.47 6.46 -14.25
N ASP A 5 13.05 7.45 -13.46
CA ASP A 5 13.83 7.96 -12.32
C ASP A 5 12.86 8.53 -11.28
N LEU A 6 12.08 9.55 -11.65
CA LEU A 6 11.13 10.20 -10.75
C LEU A 6 9.93 9.28 -10.48
N GLU A 7 9.40 8.64 -11.52
CA GLU A 7 8.27 7.71 -11.43
C GLU A 7 8.63 6.52 -10.52
N GLN A 8 9.91 6.16 -10.48
CA GLN A 8 10.45 5.05 -9.71
C GLN A 8 10.41 5.29 -8.19
N GLU A 9 10.31 6.54 -7.74
CA GLU A 9 10.19 6.87 -6.33
C GLU A 9 8.72 6.87 -5.92
N PHE A 10 8.47 6.55 -4.65
CA PHE A 10 7.20 6.68 -3.94
C PHE A 10 6.74 8.13 -3.93
N ALA A 11 6.02 8.44 -5.00
CA ALA A 11 5.42 9.71 -5.26
C ALA A 11 4.19 9.73 -4.35
N LEU A 12 4.00 10.82 -3.58
CA LEU A 12 3.00 10.91 -2.52
C LEU A 12 1.54 10.76 -2.98
N GLY A 13 1.32 10.72 -4.29
CA GLY A 13 0.02 10.43 -4.84
C GLY A 13 0.17 9.78 -6.21
N GLY A 14 1.27 9.04 -6.38
CA GLY A 14 1.43 8.18 -7.51
C GLY A 14 0.64 6.91 -7.23
N ARG A 15 0.96 5.91 -8.01
CA ARG A 15 0.52 4.56 -7.74
C ARG A 15 1.70 3.88 -7.12
N VAL A 16 1.36 2.87 -6.38
CA VAL A 16 2.28 1.90 -5.84
C VAL A 16 1.64 0.58 -6.21
N LEU A 17 2.45 -0.45 -6.31
CA LEU A 17 1.97 -1.80 -6.57
C LEU A 17 2.54 -2.62 -5.45
N ALA A 18 1.67 -3.41 -4.85
CA ALA A 18 1.94 -4.12 -3.62
C ALA A 18 1.70 -5.60 -3.85
N PHE A 19 2.74 -6.39 -3.63
CA PHE A 19 2.80 -7.81 -3.95
C PHE A 19 2.52 -8.59 -2.67
N HIS A 20 1.52 -9.49 -2.70
CA HIS A 20 1.07 -10.22 -1.52
C HIS A 20 1.67 -11.62 -1.44
N GLY A 21 2.05 -12.20 -2.58
CA GLY A 21 2.69 -13.49 -2.66
C GLY A 21 2.27 -14.21 -3.92
N PRO A 22 1.01 -14.69 -3.98
CA PRO A 22 0.47 -15.29 -5.19
C PRO A 22 0.21 -14.24 -6.29
N LEU A 23 -0.16 -13.00 -5.93
CA LEU A 23 -0.55 -11.96 -6.84
C LEU A 23 -0.24 -10.59 -6.21
N MET A 24 -0.53 -9.52 -6.95
CA MET A 24 -0.13 -8.15 -6.67
C MET A 24 -1.28 -7.23 -7.08
N TYR A 25 -1.39 -6.08 -6.43
CA TYR A 25 -2.55 -5.19 -6.56
C TYR A 25 -2.10 -3.73 -6.63
N GLU A 26 -2.99 -2.88 -7.16
CA GLU A 26 -2.80 -1.45 -7.22
C GLU A 26 -3.03 -0.89 -5.83
N ALA A 27 -2.21 0.08 -5.47
CA ALA A 27 -2.19 0.73 -4.18
C ALA A 27 -1.99 2.24 -4.42
N LYS A 28 -2.32 3.10 -3.45
CA LYS A 28 -2.28 4.55 -3.61
C LYS A 28 -1.92 5.20 -2.27
N ILE A 29 -0.67 5.64 -2.17
CA ILE A 29 -0.08 6.30 -1.01
C ILE A 29 -0.83 7.56 -0.62
N LEU A 30 -0.80 7.89 0.68
CA LEU A 30 -1.23 9.19 1.19
C LEU A 30 -0.68 9.51 2.56
N LYS A 31 -0.33 8.51 3.35
CA LYS A 31 0.34 8.71 4.63
C LYS A 31 1.57 7.84 4.58
N ILE A 32 2.68 8.36 5.06
CA ILE A 32 3.98 7.75 4.87
C ILE A 32 4.74 7.87 6.17
N TRP A 33 5.75 7.04 6.31
CA TRP A 33 6.46 6.86 7.58
C TRP A 33 7.93 6.55 7.35
N ASP A 34 8.73 6.95 8.33
CA ASP A 34 10.18 6.90 8.33
C ASP A 34 10.66 6.75 9.78
N PRO A 35 11.73 5.97 10.06
CA PRO A 35 12.29 5.85 11.40
C PRO A 35 12.95 7.14 11.91
N SER A 36 13.17 8.17 11.08
CA SER A 36 13.98 9.34 11.47
C SER A 36 13.34 10.11 12.63
N SER A 37 12.01 10.18 12.66
CA SER A 37 11.25 10.78 13.76
C SER A 37 10.30 9.75 14.39
N LYS A 38 10.18 8.55 13.81
CA LYS A 38 9.15 7.56 14.16
C LYS A 38 7.79 8.24 14.31
N MET A 39 7.45 9.03 13.29
CA MET A 39 6.20 9.77 13.18
C MET A 39 5.88 9.79 11.68
N TYR A 40 4.59 9.78 11.35
CA TYR A 40 4.13 9.76 9.97
C TYR A 40 3.84 11.16 9.47
N THR A 41 3.55 11.30 8.18
CA THR A 41 3.15 12.52 7.50
C THR A 41 2.14 12.09 6.46
N SER A 42 1.15 12.93 6.21
CA SER A 42 0.03 12.55 5.38
C SER A 42 -0.36 13.78 4.56
N ILE A 43 -1.01 13.54 3.45
CA ILE A 43 -1.66 14.57 2.64
C ILE A 43 -3.08 14.05 2.38
N PRO A 44 -4.06 14.93 2.15
CA PRO A 44 -5.46 14.55 2.14
C PRO A 44 -5.90 14.05 0.74
N ASN A 45 -5.05 13.24 0.11
CA ASN A 45 -5.26 12.66 -1.22
C ASN A 45 -6.43 11.65 -1.22
N ASP A 46 -6.84 11.20 -0.04
CA ASP A 46 -7.97 10.29 0.15
C ASP A 46 -8.66 10.63 1.49
N LYS A 47 -9.73 9.92 1.82
CA LYS A 47 -10.39 9.92 3.13
C LYS A 47 -10.41 8.43 3.51
N PRO A 48 -9.26 7.85 3.87
CA PRO A 48 -9.10 6.40 4.02
C PRO A 48 -9.82 5.86 5.26
N GLY A 49 -10.02 4.54 5.29
CA GLY A 49 -10.74 3.84 6.35
C GLY A 49 -10.12 4.02 7.74
N GLY A 50 -8.81 4.29 7.81
CA GLY A 50 -8.10 4.59 9.05
C GLY A 50 -8.61 5.86 9.75
N SER A 51 -9.30 6.73 9.02
CA SER A 51 -9.86 8.00 9.49
C SER A 51 -8.86 8.96 10.18
N SER A 52 -7.57 8.74 9.97
CA SER A 52 -6.48 9.44 10.66
C SER A 52 -6.59 10.96 10.47
N GLN A 53 -6.65 11.41 9.21
CA GLN A 53 -6.97 12.78 8.81
C GLN A 53 -7.06 12.86 7.30
N ALA A 54 -7.67 13.96 6.85
CA ALA A 54 -7.71 14.43 5.49
C ALA A 54 -8.07 15.91 5.49
N THR A 55 -7.07 16.70 5.86
CA THR A 55 -7.19 18.15 6.04
C THR A 55 -6.39 18.91 4.98
N LYS A 56 -5.08 19.04 5.18
CA LYS A 56 -4.10 19.61 4.26
C LYS A 56 -2.82 18.83 4.54
N GLU A 57 -1.65 19.45 4.60
CA GLU A 57 -0.44 18.79 5.08
C GLU A 57 -0.76 18.36 6.52
N ILE A 58 -0.94 17.05 6.72
CA ILE A 58 -1.47 16.48 7.96
C ILE A 58 -0.34 16.60 8.97
N LYS A 59 -0.67 16.94 10.21
CA LYS A 59 0.33 17.12 11.25
C LYS A 59 0.95 15.76 11.58
N PRO A 60 2.28 15.65 11.68
CA PRO A 60 2.92 14.43 12.10
C PRO A 60 2.60 14.28 13.59
N GLN A 61 2.13 13.09 13.94
CA GLN A 61 1.57 12.79 15.24
C GLN A 61 2.06 11.40 15.64
N LYS A 62 1.89 11.06 16.92
CA LYS A 62 2.12 9.68 17.35
C LYS A 62 1.08 8.80 16.65
N LEU A 63 1.49 7.56 16.42
CA LEU A 63 0.82 6.57 15.57
C LEU A 63 0.31 5.41 16.42
N GLY A 64 -0.82 4.87 16.00
CA GLY A 64 -1.34 3.61 16.54
C GLY A 64 -2.64 3.74 17.31
N GLU A 65 -3.56 4.62 16.88
CA GLU A 65 -4.91 4.64 17.43
C GLU A 65 -5.66 3.41 16.89
N ASP A 66 -5.35 3.01 15.66
CA ASP A 66 -5.81 1.78 15.01
C ASP A 66 -4.82 1.29 13.94
N GLU A 67 -4.09 2.21 13.30
CA GLU A 67 -3.16 1.98 12.20
C GLU A 67 -1.76 1.50 12.67
N SER A 68 -1.71 0.68 13.73
CA SER A 68 -0.56 -0.07 14.23
C SER A 68 0.43 -0.53 13.13
N ILE A 69 1.73 -0.52 13.46
CA ILE A 69 2.79 -1.11 12.64
C ILE A 69 3.67 -1.94 13.59
N PRO A 70 4.08 -3.15 13.20
CA PRO A 70 5.03 -3.92 13.98
C PRO A 70 6.41 -3.28 13.88
N GLU A 71 7.29 -3.62 14.81
CA GLU A 71 8.69 -3.19 14.84
C GLU A 71 9.46 -3.58 13.56
N GLU A 72 8.88 -4.46 12.73
CA GLU A 72 9.44 -4.87 11.44
C GLU A 72 9.43 -3.76 10.39
N ILE A 73 8.49 -2.80 10.42
CA ILE A 73 8.37 -1.77 9.38
C ILE A 73 8.51 -0.35 9.96
N ILE A 74 8.49 -0.27 11.29
CA ILE A 74 8.80 0.87 12.13
C ILE A 74 10.19 1.38 11.74
N ASN A 75 11.15 0.45 11.60
CA ASN A 75 12.57 0.76 11.40
C ASN A 75 12.89 1.12 9.94
N GLY A 76 11.90 1.29 9.06
CA GLY A 76 12.13 1.44 7.64
C GLY A 76 11.07 2.31 6.98
N LYS A 77 11.23 2.51 5.68
CA LYS A 77 10.26 3.25 4.89
C LYS A 77 8.94 2.48 4.88
N SER A 78 7.85 3.17 5.19
CA SER A 78 6.52 2.60 5.15
C SER A 78 5.52 3.56 4.51
N PHE A 79 4.49 2.97 3.90
CA PHE A 79 3.52 3.65 3.04
C PHE A 79 2.15 3.10 3.32
N PHE A 80 1.27 3.96 3.84
CA PHE A 80 -0.16 3.73 4.02
C PHE A 80 -0.82 4.04 2.68
N ILE A 81 -1.63 3.08 2.24
CA ILE A 81 -2.19 3.02 0.91
C ILE A 81 -3.66 2.62 0.90
N HIS A 82 -4.36 3.03 -0.18
CA HIS A 82 -5.70 2.54 -0.50
C HIS A 82 -5.49 1.50 -1.60
N TYR A 83 -5.88 0.25 -1.36
CA TYR A 83 -5.86 -0.77 -2.39
C TYR A 83 -6.96 -0.46 -3.40
N GLN A 84 -6.58 -0.20 -4.65
CA GLN A 84 -7.51 0.27 -5.68
C GLN A 84 -8.21 -0.93 -6.32
N GLY A 85 -9.43 -0.71 -6.79
CA GLY A 85 -10.32 -1.77 -7.24
C GLY A 85 -10.74 -2.68 -6.08
N TRP A 86 -10.41 -2.32 -4.83
CA TRP A 86 -10.62 -3.15 -3.64
C TRP A 86 -11.13 -2.29 -2.48
N LYS A 87 -11.47 -2.95 -1.37
CA LYS A 87 -12.17 -2.32 -0.26
C LYS A 87 -11.24 -1.39 0.53
N SER A 88 -11.84 -0.55 1.37
CA SER A 88 -11.11 0.26 2.34
C SER A 88 -10.68 -0.58 3.56
N SER A 89 -11.20 -1.81 3.71
CA SER A 89 -10.78 -2.75 4.74
C SER A 89 -9.27 -3.04 4.67
N TRP A 90 -8.69 -3.04 3.47
CA TRP A 90 -7.27 -3.31 3.26
C TRP A 90 -6.40 -2.06 3.48
N ASP A 91 -6.95 -0.92 3.93
CA ASP A 91 -6.18 0.31 4.10
C ASP A 91 -5.20 0.02 5.23
N GLU A 92 -3.94 -0.10 4.86
CA GLU A 92 -2.86 -0.61 5.69
C GLU A 92 -1.55 0.00 5.18
N TRP A 93 -0.49 -0.06 5.98
CA TRP A 93 0.84 0.26 5.49
C TRP A 93 1.59 -1.01 5.15
N VAL A 94 2.47 -0.88 4.17
CA VAL A 94 3.37 -1.94 3.72
C VAL A 94 4.80 -1.40 3.68
N GLY A 95 5.75 -2.32 3.91
CA GLY A 95 7.17 -2.05 3.79
C GLY A 95 7.62 -2.18 2.34
N TYR A 96 8.77 -1.59 2.01
CA TYR A 96 9.33 -1.55 0.66
C TYR A 96 9.87 -2.90 0.14
N ASP A 97 9.58 -3.94 0.91
CA ASP A 97 9.76 -5.35 0.54
C ASP A 97 8.53 -5.88 -0.20
N ARG A 98 7.33 -5.36 0.10
CA ARG A 98 6.09 -5.71 -0.59
C ARG A 98 5.68 -4.63 -1.58
N ILE A 99 5.82 -3.35 -1.25
CA ILE A 99 5.33 -2.27 -2.10
C ILE A 99 6.48 -1.64 -2.91
N ARG A 100 6.17 -1.14 -4.11
CA ARG A 100 7.06 -0.32 -4.93
C ARG A 100 6.26 0.73 -5.70
N ALA A 101 6.82 1.91 -5.96
CA ALA A 101 6.19 3.01 -6.70
C ALA A 101 6.04 2.64 -8.16
N TYR A 102 4.96 3.05 -8.82
CA TYR A 102 4.61 2.57 -10.16
C TYR A 102 5.69 2.88 -11.17
N ASN A 103 6.28 1.80 -11.70
CA ASN A 103 7.38 1.81 -12.65
C ASN A 103 7.49 0.47 -13.37
N GLU A 104 8.24 0.46 -14.47
CA GLU A 104 8.32 -0.63 -15.44
C GLU A 104 8.70 -1.98 -14.82
N GLU A 105 9.56 -1.99 -13.80
CA GLU A 105 9.95 -3.21 -13.10
C GLU A 105 8.72 -3.86 -12.44
N ASN A 106 7.92 -3.01 -11.79
CA ASN A 106 6.72 -3.49 -11.12
C ASN A 106 5.73 -3.93 -12.18
N ILE A 107 5.70 -3.28 -13.34
CA ILE A 107 4.82 -3.72 -14.42
C ILE A 107 5.27 -5.04 -15.00
N ALA A 108 6.57 -5.33 -15.05
CA ALA A 108 7.04 -6.64 -15.46
C ALA A 108 6.55 -7.70 -14.48
N MET A 109 6.61 -7.39 -13.17
CA MET A 109 5.99 -8.23 -12.14
C MET A 109 4.50 -8.36 -12.41
N LYS A 110 3.82 -7.24 -12.65
CA LYS A 110 2.38 -7.18 -12.79
C LYS A 110 1.94 -8.05 -13.94
N LYS A 111 2.62 -7.97 -15.08
CA LYS A 111 2.18 -8.66 -16.27
C LYS A 111 2.49 -10.14 -16.18
N ARG A 112 3.70 -10.52 -15.71
CA ARG A 112 4.00 -11.94 -15.51
C ARG A 112 2.99 -12.57 -14.56
N LEU A 113 2.50 -11.81 -13.56
CA LEU A 113 1.51 -12.31 -12.61
C LEU A 113 0.11 -12.33 -13.21
N ALA A 114 -0.34 -11.22 -13.76
CA ALA A 114 -1.62 -11.09 -14.48
C ALA A 114 -1.78 -12.19 -15.55
N ASN A 115 -0.66 -12.70 -16.09
CA ASN A 115 -0.64 -13.82 -17.01
C ASN A 115 -0.96 -15.17 -16.35
N GLU A 116 -0.36 -15.48 -15.18
CA GLU A 116 -0.51 -16.80 -14.54
C GLU A 116 -1.66 -16.85 -13.53
N ALA A 117 -2.18 -15.67 -13.17
CA ALA A 117 -3.15 -15.40 -12.13
C ALA A 117 -4.33 -16.39 -12.12
N GLY A 118 -4.45 -17.14 -11.01
CA GLY A 118 -5.60 -17.98 -10.70
C GLY A 118 -6.67 -17.14 -10.00
N SER A 119 -7.13 -16.05 -10.63
CA SER A 119 -8.14 -15.14 -10.08
C SER A 119 -9.51 -15.82 -9.86
N THR A 120 -9.74 -16.95 -10.51
CA THR A 120 -11.01 -17.67 -10.57
C THR A 120 -10.75 -19.18 -10.41
N GLY A 121 -11.81 -20.00 -10.36
CA GLY A 121 -11.69 -21.43 -10.16
C GLY A 121 -11.46 -21.81 -8.70
N SER A 122 -11.99 -20.99 -7.77
CA SER A 122 -11.95 -21.23 -6.33
C SER A 122 -10.53 -21.48 -5.79
N ALA A 123 -9.55 -20.72 -6.28
CA ALA A 123 -8.18 -20.73 -5.75
C ALA A 123 -8.21 -20.38 -4.25
N PRO A 124 -7.31 -20.95 -3.42
CA PRO A 124 -7.25 -20.69 -2.00
C PRO A 124 -7.03 -19.22 -1.66
N ALA A 125 -7.46 -18.91 -0.44
CA ALA A 125 -7.37 -17.60 0.20
C ALA A 125 -5.92 -17.14 0.45
N THR A 126 -4.94 -18.03 0.26
CA THR A 126 -3.50 -17.74 0.35
C THR A 126 -2.76 -18.51 -0.76
N GLY A 127 -3.41 -18.61 -1.93
CA GLY A 127 -2.94 -19.38 -3.08
C GLY A 127 -3.50 -18.85 -4.41
N GLY A 128 -3.91 -17.58 -4.44
CA GLY A 128 -4.39 -16.92 -5.64
C GLY A 128 -4.94 -15.55 -5.32
N VAL A 129 -5.80 -15.41 -4.30
CA VAL A 129 -6.51 -14.18 -4.04
C VAL A 129 -6.74 -14.07 -2.55
N LYS A 131 -9.09 -12.86 -0.73
CA LYS A 131 -10.48 -13.24 -0.46
C LYS A 131 -11.02 -12.87 0.94
N PRO A 132 -11.71 -11.72 1.08
CA PRO A 132 -12.20 -11.23 2.37
C PRO A 132 -13.64 -11.69 2.66
N HIS A 133 -14.24 -12.36 1.69
CA HIS A 133 -15.62 -12.86 1.62
C HIS A 133 -16.13 -13.56 2.89
N ARG A 134 -15.25 -14.12 3.70
CA ARG A 134 -15.56 -14.76 4.98
C ARG A 134 -15.78 -13.67 6.04
N TYR A 135 -16.83 -12.87 5.87
CA TYR A 135 -17.24 -11.84 6.82
C TYR A 135 -17.56 -12.46 8.20
N ARG A 136 -17.49 -11.62 9.24
CA ARG A 136 -17.85 -12.01 10.61
C ARG A 136 -19.35 -12.25 10.67
N MET A 3 14.78 9.45 -20.43
CA MET A 3 14.71 8.33 -19.46
C MET A 3 14.15 8.84 -18.12
N VAL A 4 13.09 8.20 -17.63
CA VAL A 4 12.47 8.56 -16.34
C VAL A 4 13.42 8.24 -15.18
N ASP A 5 13.16 8.86 -14.01
CA ASP A 5 13.87 8.56 -12.76
C ASP A 5 12.94 8.80 -11.56
N LEU A 6 12.34 9.99 -11.48
CA LEU A 6 11.44 10.38 -10.38
C LEU A 6 10.20 9.48 -10.34
N GLU A 7 9.71 9.05 -11.50
CA GLU A 7 8.50 8.23 -11.62
C GLU A 7 8.62 6.90 -10.84
N GLN A 8 9.85 6.37 -10.68
CA GLN A 8 10.12 5.08 -10.07
C GLN A 8 10.32 5.20 -8.54
N GLU A 9 10.35 6.41 -7.99
CA GLU A 9 10.31 6.63 -6.56
C GLU A 9 8.85 6.62 -6.12
N PHE A 10 8.63 6.42 -4.81
CA PHE A 10 7.36 6.56 -4.10
C PHE A 10 6.86 7.98 -4.23
N ALA A 11 6.21 8.19 -5.34
CA ALA A 11 5.62 9.42 -5.77
C ALA A 11 4.38 9.55 -4.89
N LEU A 12 4.19 10.72 -4.26
CA LEU A 12 3.19 10.92 -3.21
C LEU A 12 1.74 10.73 -3.65
N GLY A 13 1.52 10.48 -4.94
CA GLY A 13 0.23 10.08 -5.45
C GLY A 13 0.40 9.29 -6.73
N GLY A 14 1.50 8.54 -6.83
CA GLY A 14 1.67 7.58 -7.88
C GLY A 14 0.93 6.32 -7.48
N ARG A 15 1.31 5.24 -8.14
CA ARG A 15 0.90 3.93 -7.75
C ARG A 15 2.09 3.32 -7.06
N VAL A 16 1.77 2.36 -6.23
CA VAL A 16 2.69 1.46 -5.61
C VAL A 16 2.08 0.09 -5.87
N LEU A 17 2.89 -0.94 -5.84
CA LEU A 17 2.44 -2.32 -5.97
C LEU A 17 3.01 -3.01 -4.75
N ALA A 18 2.16 -3.81 -4.11
CA ALA A 18 2.44 -4.38 -2.79
C ALA A 18 2.24 -5.89 -2.84
N PHE A 19 3.25 -6.61 -2.36
CA PHE A 19 3.39 -8.06 -2.48
C PHE A 19 3.09 -8.72 -1.15
N HIS A 20 2.25 -9.76 -1.19
CA HIS A 20 1.74 -10.44 -0.01
C HIS A 20 2.24 -11.87 0.09
N GLY A 21 2.72 -12.45 -1.02
CA GLY A 21 3.40 -13.74 -1.01
C GLY A 21 3.11 -14.52 -2.28
N PRO A 22 1.88 -15.05 -2.44
CA PRO A 22 1.49 -15.71 -3.68
C PRO A 22 1.38 -14.73 -4.84
N LEU A 23 0.98 -13.47 -4.59
CA LEU A 23 0.65 -12.48 -5.57
C LEU A 23 0.85 -11.08 -4.97
N MET A 24 0.56 -10.04 -5.75
CA MET A 24 0.75 -8.65 -5.42
C MET A 24 -0.45 -7.87 -5.97
N TYR A 25 -0.69 -6.66 -5.45
CA TYR A 25 -1.89 -5.90 -5.72
C TYR A 25 -1.53 -4.42 -5.91
N GLU A 26 -2.42 -3.67 -6.54
CA GLU A 26 -2.25 -2.24 -6.78
C GLU A 26 -2.55 -1.51 -5.48
N ALA A 27 -1.76 -0.48 -5.19
CA ALA A 27 -1.78 0.30 -3.98
C ALA A 27 -1.57 1.78 -4.33
N LYS A 28 -1.95 2.70 -3.44
CA LYS A 28 -2.00 4.13 -3.75
C LYS A 28 -1.70 4.95 -2.49
N ILE A 29 -0.47 5.45 -2.40
CA ILE A 29 0.08 6.26 -1.30
C ILE A 29 -0.70 7.56 -1.08
N LEU A 30 -0.70 8.01 0.18
CA LEU A 30 -1.14 9.36 0.55
C LEU A 30 -0.62 9.77 1.91
N LYS A 31 -0.37 8.84 2.86
CA LYS A 31 0.35 9.18 4.08
C LYS A 31 1.64 8.42 4.02
N ILE A 32 2.71 9.00 4.53
CA ILE A 32 4.04 8.45 4.40
C ILE A 32 4.77 8.72 5.71
N TRP A 33 5.84 7.95 5.92
CA TRP A 33 6.52 7.91 7.22
C TRP A 33 8.02 7.61 7.04
N ASP A 34 8.79 8.10 8.02
CA ASP A 34 10.25 8.10 8.06
C ASP A 34 10.70 7.97 9.53
N PRO A 35 11.73 7.18 9.85
CA PRO A 35 12.27 7.06 11.21
C PRO A 35 12.94 8.35 11.73
N SER A 36 13.16 9.36 10.89
CA SER A 36 13.96 10.54 11.27
C SER A 36 13.26 11.36 12.36
N SER A 37 11.92 11.36 12.34
CA SER A 37 11.06 11.99 13.32
C SER A 37 10.12 10.95 13.96
N LYS A 38 9.98 9.76 13.36
CA LYS A 38 8.97 8.77 13.75
C LYS A 38 7.60 9.44 13.85
N MET A 39 7.25 10.20 12.81
CA MET A 39 6.01 10.90 12.62
C MET A 39 5.71 10.85 11.12
N TYR A 40 4.44 10.94 10.74
CA TYR A 40 4.00 10.83 9.35
C TYR A 40 3.64 12.18 8.75
N THR A 41 3.41 12.22 7.44
CA THR A 41 2.92 13.36 6.67
C THR A 41 1.91 12.80 5.68
N SER A 42 0.93 13.60 5.26
CA SER A 42 -0.21 13.14 4.50
C SER A 42 -0.71 14.27 3.62
N ILE A 43 -1.42 13.93 2.54
CA ILE A 43 -1.94 14.88 1.55
C ILE A 43 -3.26 14.34 0.96
N PRO A 44 -4.13 15.18 0.35
CA PRO A 44 -5.49 14.80 -0.08
C PRO A 44 -5.56 13.99 -1.40
N ASN A 45 -4.70 12.97 -1.57
CA ASN A 45 -4.75 12.07 -2.74
C ASN A 45 -5.86 11.01 -2.64
N ASP A 46 -6.60 10.92 -1.53
CA ASP A 46 -7.54 9.82 -1.31
C ASP A 46 -8.72 10.21 -0.40
N LYS A 47 -9.67 9.29 -0.27
CA LYS A 47 -10.84 9.33 0.58
C LYS A 47 -10.97 7.97 1.29
N PRO A 48 -10.21 7.74 2.40
CA PRO A 48 -10.24 6.47 3.11
C PRO A 48 -11.63 6.12 3.63
N GLY A 49 -11.84 4.87 4.04
CA GLY A 49 -13.13 4.36 4.49
C GLY A 49 -13.81 5.18 5.59
N GLY A 50 -13.05 5.93 6.39
CA GLY A 50 -13.55 6.74 7.49
C GLY A 50 -13.54 8.25 7.23
N SER A 51 -13.21 8.71 6.02
CA SER A 51 -13.06 10.13 5.70
C SER A 51 -13.52 10.41 4.27
N SER A 52 -14.46 11.34 4.11
CA SER A 52 -15.02 11.77 2.82
C SER A 52 -13.93 12.21 1.83
N GLN A 53 -12.83 12.77 2.35
CA GLN A 53 -11.59 13.06 1.65
C GLN A 53 -10.52 13.33 2.71
N ALA A 54 -9.25 13.19 2.34
CA ALA A 54 -8.16 13.68 3.16
C ALA A 54 -8.15 15.22 2.93
N THR A 55 -7.44 15.99 3.74
CA THR A 55 -7.61 17.45 3.75
C THR A 55 -6.68 18.26 2.83
N LYS A 56 -5.46 18.53 3.30
CA LYS A 56 -4.44 19.38 2.67
C LYS A 56 -3.09 18.84 3.14
N GLU A 57 -2.03 19.65 3.17
CA GLU A 57 -0.78 19.26 3.80
C GLU A 57 -1.06 19.04 5.29
N ILE A 58 -1.19 17.77 5.69
CA ILE A 58 -1.56 17.40 7.06
C ILE A 58 -0.31 17.62 7.91
N LYS A 59 -0.49 18.24 9.08
CA LYS A 59 0.62 18.48 10.00
C LYS A 59 1.05 17.14 10.58
N PRO A 60 2.36 16.92 10.76
CA PRO A 60 2.85 15.67 11.28
C PRO A 60 2.49 15.62 12.75
N GLN A 61 2.08 14.44 13.21
CA GLN A 61 1.55 14.23 14.55
C GLN A 61 2.03 12.86 15.03
N LYS A 62 2.02 12.63 16.35
CA LYS A 62 2.35 11.33 16.89
C LYS A 62 1.32 10.32 16.39
N LEU A 63 1.84 9.21 15.91
CA LEU A 63 1.09 8.11 15.35
C LEU A 63 0.52 7.20 16.45
N GLY A 64 -0.58 6.52 16.13
CA GLY A 64 -1.11 5.44 16.97
C GLY A 64 -2.50 5.70 17.56
N GLU A 65 -3.37 6.43 16.85
CA GLU A 65 -4.78 6.52 17.24
C GLU A 65 -5.53 5.27 16.74
N ASP A 66 -5.22 4.79 15.53
CA ASP A 66 -5.88 3.63 14.91
C ASP A 66 -5.05 3.00 13.77
N GLU A 67 -3.84 3.50 13.50
CA GLU A 67 -3.02 3.18 12.33
C GLU A 67 -1.61 2.71 12.73
N SER A 68 -1.55 1.79 13.69
CA SER A 68 -0.43 0.99 14.14
C SER A 68 0.56 0.63 13.03
N ILE A 69 1.85 0.64 13.35
CA ILE A 69 2.93 0.11 12.52
C ILE A 69 3.82 -0.70 13.46
N PRO A 70 4.20 -1.94 13.09
CA PRO A 70 5.14 -2.70 13.89
C PRO A 70 6.51 -2.03 13.83
N GLU A 71 7.35 -2.33 14.82
CA GLU A 71 8.75 -1.92 14.90
C GLU A 71 9.56 -2.33 13.67
N GLU A 72 9.02 -3.26 12.88
CA GLU A 72 9.54 -3.72 11.60
C GLU A 72 9.55 -2.64 10.52
N ILE A 73 8.59 -1.68 10.51
CA ILE A 73 8.49 -0.69 9.42
C ILE A 73 8.63 0.74 9.96
N ILE A 74 8.54 0.88 11.29
CA ILE A 74 8.84 2.05 12.08
C ILE A 74 10.23 2.56 11.71
N ASN A 75 11.20 1.65 11.60
CA ASN A 75 12.62 1.97 11.46
C ASN A 75 12.99 2.35 10.02
N GLY A 76 12.01 2.54 9.11
CA GLY A 76 12.29 2.74 7.71
C GLY A 76 11.18 3.50 7.03
N LYS A 77 11.31 3.67 5.72
CA LYS A 77 10.26 4.25 4.89
C LYS A 77 8.99 3.43 5.05
N SER A 78 7.86 4.09 5.28
CA SER A 78 6.54 3.47 5.28
C SER A 78 5.54 4.32 4.51
N PHE A 79 4.52 3.65 3.98
CA PHE A 79 3.56 4.20 3.04
C PHE A 79 2.19 3.67 3.36
N PHE A 80 1.29 4.55 3.79
CA PHE A 80 -0.13 4.28 3.94
C PHE A 80 -0.76 4.40 2.55
N ILE A 81 -1.50 3.37 2.20
CA ILE A 81 -2.00 3.13 0.86
C ILE A 81 -3.46 2.68 0.86
N HIS A 82 -4.12 2.89 -0.28
CA HIS A 82 -5.43 2.32 -0.57
C HIS A 82 -5.18 1.21 -1.58
N TYR A 83 -5.53 -0.02 -1.23
CA TYR A 83 -5.46 -1.14 -2.16
C TYR A 83 -6.57 -0.99 -3.20
N GLN A 84 -6.20 -0.85 -4.46
CA GLN A 84 -7.15 -0.59 -5.54
C GLN A 84 -7.87 -1.88 -5.91
N GLY A 85 -9.11 -1.76 -6.37
CA GLY A 85 -9.99 -2.89 -6.64
C GLY A 85 -10.34 -3.70 -5.38
N TRP A 86 -10.03 -3.18 -4.18
CA TRP A 86 -10.20 -3.89 -2.92
C TRP A 86 -10.84 -2.98 -1.86
N LYS A 87 -11.23 -3.57 -0.71
CA LYS A 87 -11.98 -2.88 0.33
C LYS A 87 -11.12 -1.83 1.03
N SER A 88 -11.78 -0.85 1.66
CA SER A 88 -11.15 0.11 2.55
C SER A 88 -10.55 -0.56 3.80
N SER A 89 -11.00 -1.78 4.14
CA SER A 89 -10.46 -2.57 5.23
C SER A 89 -8.94 -2.78 5.12
N TRP A 90 -8.39 -2.85 3.91
CA TRP A 90 -6.97 -3.04 3.69
C TRP A 90 -6.18 -1.72 3.76
N ASP A 91 -6.80 -0.57 4.05
CA ASP A 91 -6.12 0.72 4.10
C ASP A 91 -5.20 0.62 5.31
N GLU A 92 -3.92 0.49 5.03
CA GLU A 92 -2.85 0.12 5.95
C GLU A 92 -1.54 0.71 5.41
N TRP A 93 -0.47 0.70 6.21
CA TRP A 93 0.87 0.99 5.71
C TRP A 93 1.68 -0.27 5.52
N VAL A 94 2.60 -0.20 4.57
CA VAL A 94 3.58 -1.25 4.28
C VAL A 94 4.99 -0.66 4.27
N GLY A 95 5.98 -1.53 4.51
CA GLY A 95 7.40 -1.23 4.42
C GLY A 95 7.91 -1.56 3.02
N TYR A 96 9.06 -1.00 2.66
CA TYR A 96 9.68 -1.16 1.33
C TYR A 96 10.26 -2.55 1.05
N ASP A 97 10.00 -3.47 1.97
CA ASP A 97 10.24 -4.90 1.85
C ASP A 97 9.04 -5.59 1.18
N ARG A 98 7.85 -4.96 1.20
CA ARG A 98 6.63 -5.47 0.59
C ARG A 98 6.10 -4.54 -0.50
N ILE A 99 6.29 -3.22 -0.42
CA ILE A 99 5.78 -2.29 -1.44
C ILE A 99 6.91 -1.72 -2.30
N ARG A 100 6.58 -1.28 -3.53
CA ARG A 100 7.46 -0.47 -4.40
C ARG A 100 6.63 0.45 -5.28
N ALA A 101 7.14 1.63 -5.61
CA ALA A 101 6.52 2.64 -6.48
C ALA A 101 6.43 2.16 -7.92
N TYR A 102 5.38 2.47 -8.67
CA TYR A 102 5.14 1.89 -10.00
C TYR A 102 6.30 2.15 -10.95
N ASN A 103 6.94 1.08 -11.43
CA ASN A 103 8.17 1.08 -12.21
C ASN A 103 8.44 -0.32 -12.78
N GLU A 104 9.34 -0.41 -13.76
CA GLU A 104 9.52 -1.64 -14.53
C GLU A 104 9.89 -2.86 -13.66
N GLU A 105 10.53 -2.68 -12.52
CA GLU A 105 10.88 -3.77 -11.62
C GLU A 105 9.63 -4.39 -10.99
N ASN A 106 8.70 -3.54 -10.51
CA ASN A 106 7.47 -4.08 -9.93
C ASN A 106 6.53 -4.56 -11.03
N ILE A 107 6.69 -4.06 -12.26
CA ILE A 107 5.95 -4.62 -13.39
C ILE A 107 6.53 -5.99 -13.74
N ALA A 108 7.85 -6.20 -13.66
CA ALA A 108 8.42 -7.49 -13.92
C ALA A 108 7.90 -8.50 -12.89
N MET A 109 7.81 -8.09 -11.61
CA MET A 109 7.15 -8.90 -10.58
C MET A 109 5.70 -9.15 -11.00
N LYS A 110 4.95 -8.08 -11.31
CA LYS A 110 3.52 -8.17 -11.58
C LYS A 110 3.26 -9.12 -12.71
N LYS A 111 4.01 -9.04 -13.81
CA LYS A 111 3.75 -9.86 -14.97
C LYS A 111 4.13 -11.31 -14.69
N ARG A 112 5.30 -11.54 -14.08
CA ARG A 112 5.72 -12.88 -13.66
C ARG A 112 4.67 -13.54 -12.77
N LEU A 113 3.95 -12.79 -11.94
CA LEU A 113 2.96 -13.35 -11.03
C LEU A 113 1.60 -13.47 -11.68
N ALA A 114 1.15 -12.41 -12.36
CA ALA A 114 -0.06 -12.39 -13.18
C ALA A 114 -0.08 -13.56 -14.19
N ASN A 115 1.12 -14.00 -14.61
CA ASN A 115 1.32 -15.20 -15.42
C ASN A 115 0.97 -16.49 -14.69
N GLU A 116 1.59 -16.77 -13.53
CA GLU A 116 1.42 -18.08 -12.90
C GLU A 116 0.13 -18.18 -12.07
N ALA A 117 -0.39 -17.04 -11.62
CA ALA A 117 -1.52 -16.98 -10.71
C ALA A 117 -2.80 -17.47 -11.40
N GLY A 118 -3.39 -18.54 -10.84
CA GLY A 118 -4.71 -19.01 -11.23
C GLY A 118 -5.80 -18.14 -10.60
N SER A 119 -5.58 -17.66 -9.36
CA SER A 119 -6.52 -16.87 -8.55
C SER A 119 -7.89 -17.55 -8.37
N THR A 120 -7.99 -18.86 -8.62
CA THR A 120 -9.20 -19.67 -8.52
C THR A 120 -9.46 -19.99 -7.04
N GLY A 121 -10.68 -19.75 -6.55
CA GLY A 121 -11.01 -19.99 -5.15
C GLY A 121 -12.35 -19.35 -4.78
N SER A 122 -13.45 -19.81 -5.36
CA SER A 122 -14.81 -19.37 -5.03
C SER A 122 -15.29 -19.80 -3.63
N ALA A 123 -14.35 -20.19 -2.76
CA ALA A 123 -14.53 -20.84 -1.47
C ALA A 123 -13.41 -20.31 -0.53
N PRO A 124 -13.50 -20.49 0.80
CA PRO A 124 -12.52 -19.96 1.75
C PRO A 124 -11.20 -20.74 1.69
N ALA A 125 -10.35 -20.38 0.72
CA ALA A 125 -8.97 -20.83 0.60
C ALA A 125 -8.16 -19.70 -0.04
N THR A 126 -6.89 -19.60 0.34
CA THR A 126 -5.92 -18.65 -0.20
C THR A 126 -5.41 -19.21 -1.54
N GLY A 127 -6.28 -19.24 -2.56
CA GLY A 127 -6.04 -19.84 -3.87
C GLY A 127 -5.13 -18.98 -4.75
N GLY A 128 -3.92 -18.67 -4.25
CA GLY A 128 -3.01 -17.73 -4.87
C GLY A 128 -3.43 -16.29 -4.64
N VAL A 129 -4.40 -15.98 -3.77
CA VAL A 129 -5.00 -14.66 -3.69
C VAL A 129 -5.56 -14.54 -2.27
N LYS A 131 -8.45 -12.83 0.44
CA LYS A 131 -9.82 -12.37 0.49
C LYS A 131 -10.22 -12.14 1.96
N PRO A 132 -11.17 -11.23 2.20
CA PRO A 132 -11.72 -10.96 3.52
C PRO A 132 -13.08 -11.63 3.74
N HIS A 133 -13.53 -12.41 2.76
CA HIS A 133 -14.85 -13.00 2.62
C HIS A 133 -14.71 -14.34 1.91
N ARG A 134 -15.72 -15.18 2.10
CA ARG A 134 -16.01 -16.54 1.60
C ARG A 134 -16.29 -17.44 2.80
N TYR A 135 -15.54 -17.24 3.89
CA TYR A 135 -15.81 -17.84 5.18
C TYR A 135 -16.93 -17.06 5.87
N ARG A 136 -17.54 -17.66 6.91
CA ARG A 136 -18.56 -17.05 7.76
C ARG A 136 -18.39 -17.68 9.13
N MET A 3 15.73 -2.52 -10.18
CA MET A 3 16.29 -2.26 -11.53
C MET A 3 16.04 -0.81 -11.96
N VAL A 4 14.78 -0.39 -12.14
CA VAL A 4 14.47 0.99 -12.51
C VAL A 4 14.78 1.92 -11.32
N ASP A 5 14.96 3.22 -11.60
CA ASP A 5 15.21 4.27 -10.61
C ASP A 5 14.81 5.61 -11.22
N LEU A 6 14.23 6.50 -10.40
CA LEU A 6 13.80 7.86 -10.74
C LEU A 6 12.79 7.95 -11.88
N GLU A 7 12.20 6.81 -12.28
CA GLU A 7 11.13 6.76 -13.26
C GLU A 7 9.87 7.33 -12.61
N GLN A 8 9.50 6.78 -11.45
CA GLN A 8 8.50 7.25 -10.55
C GLN A 8 8.87 6.63 -9.21
N GLU A 9 9.31 7.50 -8.32
CA GLU A 9 9.52 7.23 -6.90
C GLU A 9 8.15 7.14 -6.20
N PHE A 10 8.13 6.83 -4.90
CA PHE A 10 6.93 6.92 -4.05
C PHE A 10 6.45 8.35 -3.96
N ALA A 11 5.71 8.68 -4.99
CA ALA A 11 5.10 9.95 -5.24
C ALA A 11 3.89 9.95 -4.30
N LEU A 12 3.74 11.00 -3.50
CA LEU A 12 2.77 11.06 -2.40
C LEU A 12 1.31 10.97 -2.82
N GLY A 13 1.04 10.92 -4.13
CA GLY A 13 -0.27 10.62 -4.67
C GLY A 13 -0.15 9.95 -6.02
N GLY A 14 0.96 9.21 -6.23
CA GLY A 14 1.08 8.35 -7.37
C GLY A 14 0.33 7.08 -7.02
N ARG A 15 0.58 6.07 -7.85
CA ARG A 15 0.16 4.73 -7.54
C ARG A 15 1.37 4.06 -6.95
N VAL A 16 1.06 3.05 -6.20
CA VAL A 16 1.97 2.08 -5.68
C VAL A 16 1.29 0.76 -5.97
N LEU A 17 2.07 -0.30 -6.05
CA LEU A 17 1.55 -1.65 -6.21
C LEU A 17 2.19 -2.45 -5.11
N ALA A 18 1.42 -3.35 -4.51
CA ALA A 18 1.86 -4.11 -3.37
C ALA A 18 1.65 -5.60 -3.66
N PHE A 19 2.72 -6.36 -3.47
CA PHE A 19 2.73 -7.80 -3.65
C PHE A 19 2.28 -8.45 -2.34
N HIS A 20 1.45 -9.48 -2.44
CA HIS A 20 0.87 -10.19 -1.30
C HIS A 20 1.24 -11.67 -1.28
N GLY A 21 1.81 -12.21 -2.38
CA GLY A 21 2.37 -13.56 -2.43
C GLY A 21 1.86 -14.28 -3.66
N PRO A 22 0.59 -14.68 -3.69
CA PRO A 22 -0.04 -15.22 -4.89
C PRO A 22 -0.16 -14.18 -6.01
N LEU A 23 -0.48 -12.94 -5.63
CA LEU A 23 -0.85 -11.87 -6.51
C LEU A 23 -0.48 -10.54 -5.85
N MET A 24 -0.90 -9.42 -6.45
CA MET A 24 -0.50 -8.06 -6.17
C MET A 24 -1.67 -7.16 -6.53
N TYR A 25 -1.82 -6.02 -5.85
CA TYR A 25 -2.95 -5.11 -6.06
C TYR A 25 -2.50 -3.65 -6.07
N GLU A 26 -3.37 -2.77 -6.57
CA GLU A 26 -3.16 -1.34 -6.71
C GLU A 26 -3.36 -0.67 -5.36
N ALA A 27 -2.47 0.27 -5.05
CA ALA A 27 -2.41 1.00 -3.81
C ALA A 27 -2.26 2.50 -4.14
N LYS A 28 -2.46 3.37 -3.14
CA LYS A 28 -2.57 4.83 -3.34
C LYS A 28 -2.14 5.57 -2.08
N ILE A 29 -0.86 5.95 -2.01
CA ILE A 29 -0.21 6.69 -0.92
C ILE A 29 -0.97 7.97 -0.57
N LEU A 30 -0.83 8.38 0.70
CA LEU A 30 -1.27 9.70 1.17
C LEU A 30 -0.48 10.11 2.41
N LYS A 31 -0.11 9.16 3.27
CA LYS A 31 0.62 9.42 4.50
C LYS A 31 1.78 8.46 4.47
N ILE A 32 2.96 8.93 4.84
CA ILE A 32 4.18 8.16 4.75
C ILE A 32 4.95 8.34 6.03
N TRP A 33 5.91 7.46 6.25
CA TRP A 33 6.63 7.32 7.51
C TRP A 33 8.11 7.03 7.28
N ASP A 34 8.90 7.44 8.27
CA ASP A 34 10.37 7.39 8.31
C ASP A 34 10.86 6.86 9.66
N PRO A 35 12.02 6.19 9.70
CA PRO A 35 12.67 5.79 10.95
C PRO A 35 13.50 6.91 11.59
N SER A 36 13.84 7.95 10.82
CA SER A 36 14.80 9.00 11.21
C SER A 36 14.34 9.77 12.45
N SER A 37 13.03 10.01 12.54
CA SER A 37 12.35 10.63 13.67
C SER A 37 11.16 9.78 14.13
N LYS A 38 10.96 8.57 13.57
CA LYS A 38 9.88 7.63 13.92
C LYS A 38 8.57 8.38 14.01
N MET A 39 8.22 9.05 12.93
CA MET A 39 6.95 9.74 12.81
C MET A 39 6.56 9.77 11.33
N TYR A 40 5.32 10.17 11.07
CA TYR A 40 4.75 10.22 9.72
C TYR A 40 4.44 11.65 9.26
N THR A 41 4.07 11.79 8.00
CA THR A 41 3.66 13.03 7.33
C THR A 41 2.58 12.64 6.33
N SER A 42 1.64 13.54 6.02
CA SER A 42 0.53 13.26 5.13
C SER A 42 0.26 14.52 4.33
N ILE A 43 -0.27 14.32 3.13
CA ILE A 43 -0.64 15.36 2.20
C ILE A 43 -1.97 14.91 1.53
N PRO A 44 -2.87 15.83 1.15
CA PRO A 44 -4.23 15.52 0.70
C PRO A 44 -4.29 15.01 -0.74
N ASN A 45 -3.74 13.81 -1.01
CA ASN A 45 -3.95 13.15 -2.30
C ASN A 45 -5.45 12.91 -2.46
N ASP A 46 -6.04 12.31 -1.43
CA ASP A 46 -7.44 11.89 -1.37
C ASP A 46 -7.74 11.51 0.08
N LYS A 47 -9.02 11.53 0.46
CA LYS A 47 -9.47 11.03 1.75
C LYS A 47 -9.31 9.50 1.82
N PRO A 48 -8.89 8.93 2.97
CA PRO A 48 -8.96 7.48 3.19
C PRO A 48 -10.44 7.03 3.14
N GLY A 49 -10.69 5.73 3.13
CA GLY A 49 -12.03 5.18 2.95
C GLY A 49 -12.94 5.27 4.18
N GLY A 50 -12.52 5.93 5.26
CA GLY A 50 -13.25 6.01 6.51
C GLY A 50 -12.83 7.22 7.35
N SER A 51 -12.38 8.31 6.72
CA SER A 51 -11.96 9.54 7.36
C SER A 51 -12.43 10.72 6.51
N SER A 52 -12.65 11.89 7.11
CA SER A 52 -13.29 13.03 6.46
C SER A 52 -12.49 13.51 5.25
N GLN A 53 -11.22 13.88 5.46
CA GLN A 53 -10.22 14.18 4.43
C GLN A 53 -8.88 14.39 5.13
N ALA A 54 -7.79 14.26 4.38
CA ALA A 54 -6.47 14.70 4.82
C ALA A 54 -6.49 16.24 4.71
N THR A 55 -5.67 16.94 5.49
CA THR A 55 -5.78 18.39 5.64
C THR A 55 -4.44 19.08 5.41
N LYS A 56 -4.14 19.35 4.13
CA LYS A 56 -2.90 19.94 3.64
C LYS A 56 -1.69 19.21 4.23
N GLU A 57 -0.55 19.89 4.35
CA GLU A 57 0.65 19.31 4.97
C GLU A 57 0.33 19.03 6.44
N ILE A 58 0.05 17.76 6.76
CA ILE A 58 -0.28 17.36 8.12
C ILE A 58 1.02 17.37 8.92
N LYS A 59 0.98 17.94 10.13
CA LYS A 59 2.15 18.00 10.99
C LYS A 59 2.50 16.60 11.46
N PRO A 60 3.80 16.28 11.59
CA PRO A 60 4.21 14.96 12.02
C PRO A 60 3.94 14.86 13.51
N GLN A 61 3.36 13.74 13.91
CA GLN A 61 2.98 13.46 15.29
C GLN A 61 3.36 12.03 15.61
N LYS A 62 3.33 11.66 16.90
CA LYS A 62 3.46 10.26 17.28
C LYS A 62 2.32 9.46 16.65
N LEU A 63 2.58 8.19 16.44
CA LEU A 63 1.76 7.28 15.67
C LEU A 63 1.02 6.28 16.57
N GLY A 64 -0.13 5.79 16.09
CA GLY A 64 -0.84 4.69 16.72
C GLY A 64 -2.17 5.12 17.36
N GLU A 65 -2.82 6.14 16.82
CA GLU A 65 -4.14 6.57 17.28
C GLU A 65 -5.23 5.65 16.70
N ASP A 66 -4.98 5.03 15.54
CA ASP A 66 -5.89 4.07 14.91
C ASP A 66 -5.14 3.05 14.04
N GLU A 67 -4.01 3.45 13.45
CA GLU A 67 -3.08 2.58 12.75
C GLU A 67 -2.22 1.78 13.75
N SER A 68 -1.33 0.94 13.22
CA SER A 68 -0.26 0.22 13.88
C SER A 68 0.79 -0.04 12.79
N ILE A 69 2.08 -0.17 13.16
CA ILE A 69 3.13 -0.66 12.26
C ILE A 69 4.00 -1.64 13.05
N PRO A 70 4.28 -2.84 12.53
CA PRO A 70 5.23 -3.74 13.15
C PRO A 70 6.65 -3.18 13.04
N GLU A 71 7.55 -3.65 13.89
CA GLU A 71 8.96 -3.27 13.92
C GLU A 71 9.63 -3.48 12.55
N GLU A 72 9.05 -4.33 11.70
CA GLU A 72 9.46 -4.58 10.32
C GLU A 72 9.44 -3.33 9.44
N ILE A 73 8.47 -2.42 9.61
CA ILE A 73 8.25 -1.30 8.69
C ILE A 73 8.49 0.05 9.40
N ILE A 74 8.64 -0.02 10.72
CA ILE A 74 9.07 1.01 11.64
C ILE A 74 10.47 1.49 11.22
N ASN A 75 11.38 0.56 10.96
CA ASN A 75 12.81 0.85 10.76
C ASN A 75 13.13 1.28 9.33
N GLY A 76 12.14 1.57 8.49
CA GLY A 76 12.35 1.93 7.10
C GLY A 76 11.22 2.83 6.62
N LYS A 77 11.26 3.16 5.33
CA LYS A 77 10.15 3.86 4.69
C LYS A 77 8.88 3.05 4.86
N SER A 78 7.77 3.73 5.13
CA SER A 78 6.45 3.10 5.12
C SER A 78 5.43 4.03 4.49
N PHE A 79 4.35 3.44 3.96
CA PHE A 79 3.36 4.11 3.13
C PHE A 79 1.96 3.63 3.47
N PHE A 80 1.16 4.55 4.02
CA PHE A 80 -0.28 4.44 4.24
C PHE A 80 -0.94 4.69 2.90
N ILE A 81 -1.73 3.72 2.51
CA ILE A 81 -2.30 3.58 1.19
C ILE A 81 -3.78 3.23 1.26
N HIS A 82 -4.48 3.54 0.16
CA HIS A 82 -5.82 3.07 -0.10
C HIS A 82 -5.65 1.97 -1.13
N TYR A 83 -6.03 0.75 -0.80
CA TYR A 83 -6.03 -0.33 -1.77
C TYR A 83 -7.21 -0.10 -2.71
N GLN A 84 -6.90 0.10 -3.99
CA GLN A 84 -7.88 0.51 -4.99
C GLN A 84 -8.64 -0.70 -5.50
N GLY A 85 -9.91 -0.51 -5.83
CA GLY A 85 -10.82 -1.60 -6.15
C GLY A 85 -11.12 -2.50 -4.94
N TRP A 86 -10.68 -2.12 -3.73
CA TRP A 86 -10.87 -2.91 -2.51
C TRP A 86 -11.50 -2.07 -1.39
N LYS A 87 -11.81 -2.72 -0.26
CA LYS A 87 -12.51 -2.09 0.86
C LYS A 87 -11.61 -1.11 1.60
N SER A 88 -12.24 -0.24 2.39
CA SER A 88 -11.57 0.66 3.32
C SER A 88 -10.85 -0.12 4.44
N SER A 89 -11.27 -1.36 4.71
CA SER A 89 -10.72 -2.21 5.76
C SER A 89 -9.21 -2.41 5.62
N TRP A 90 -8.69 -2.41 4.38
CA TRP A 90 -7.29 -2.64 4.11
C TRP A 90 -6.47 -1.33 4.10
N ASP A 91 -7.05 -0.18 4.47
CA ASP A 91 -6.31 1.08 4.54
C ASP A 91 -5.32 0.86 5.68
N GLU A 92 -4.05 0.70 5.32
CA GLU A 92 -2.98 0.24 6.17
C GLU A 92 -1.66 0.77 5.60
N TRP A 93 -0.57 0.72 6.37
CA TRP A 93 0.75 0.97 5.80
C TRP A 93 1.42 -0.34 5.43
N VAL A 94 2.25 -0.26 4.40
CA VAL A 94 3.14 -1.34 3.96
C VAL A 94 4.58 -0.84 3.86
N GLY A 95 5.51 -1.78 4.05
CA GLY A 95 6.94 -1.56 3.94
C GLY A 95 7.38 -1.75 2.50
N TYR A 96 8.53 -1.18 2.15
CA TYR A 96 9.13 -1.23 0.81
C TYR A 96 9.69 -2.59 0.41
N ASP A 97 9.40 -3.60 1.24
CA ASP A 97 9.60 -5.01 0.98
C ASP A 97 8.38 -5.65 0.31
N ARG A 98 7.21 -5.00 0.39
CA ARG A 98 5.97 -5.43 -0.27
C ARG A 98 5.50 -4.40 -1.28
N ILE A 99 5.60 -3.09 -1.00
CA ILE A 99 5.09 -2.06 -1.90
C ILE A 99 6.20 -1.45 -2.76
N ARG A 100 5.88 -0.98 -3.97
CA ARG A 100 6.73 -0.14 -4.84
C ARG A 100 5.90 0.89 -5.57
N ALA A 101 6.44 2.09 -5.84
CA ALA A 101 5.81 3.15 -6.63
C ALA A 101 5.61 2.71 -8.07
N TYR A 102 4.57 3.16 -8.75
CA TYR A 102 4.18 2.63 -10.06
C TYR A 102 5.23 2.91 -11.12
N ASN A 103 5.82 1.86 -11.66
CA ASN A 103 7.00 1.88 -12.52
C ASN A 103 7.04 0.58 -13.34
N GLU A 104 7.79 0.54 -14.43
CA GLU A 104 7.75 -0.56 -15.39
C GLU A 104 8.15 -1.91 -14.78
N GLU A 105 8.97 -1.89 -13.72
CA GLU A 105 9.40 -3.09 -13.00
C GLU A 105 8.24 -3.66 -12.18
N ASN A 106 7.46 -2.83 -11.47
CA ASN A 106 6.27 -3.35 -10.80
C ASN A 106 5.19 -3.72 -11.79
N ILE A 107 5.20 -3.15 -12.99
CA ILE A 107 4.32 -3.63 -14.05
C ILE A 107 4.80 -4.98 -14.58
N ALA A 108 6.11 -5.23 -14.66
CA ALA A 108 6.60 -6.53 -15.06
C ALA A 108 6.14 -7.59 -14.05
N MET A 109 6.20 -7.28 -12.75
CA MET A 109 5.59 -8.12 -11.73
C MET A 109 4.09 -8.25 -12.02
N LYS A 110 3.40 -7.12 -12.17
CA LYS A 110 1.96 -7.10 -12.33
C LYS A 110 1.53 -8.00 -13.47
N LYS A 111 2.18 -7.94 -14.62
CA LYS A 111 1.78 -8.70 -15.79
C LYS A 111 2.12 -10.17 -15.59
N ARG A 112 3.33 -10.47 -15.11
CA ARG A 112 3.71 -11.83 -14.74
C ARG A 112 2.73 -12.46 -13.75
N LEU A 113 2.05 -11.68 -12.91
CA LEU A 113 1.11 -12.20 -11.92
C LEU A 113 -0.30 -12.24 -12.47
N ALA A 114 -0.76 -11.17 -13.13
CA ALA A 114 -2.01 -11.12 -13.87
C ALA A 114 -2.13 -12.29 -14.87
N ASN A 115 -0.99 -12.80 -15.34
CA ASN A 115 -0.87 -13.99 -16.18
C ASN A 115 -1.30 -15.29 -15.49
N GLU A 116 -1.09 -15.45 -14.17
CA GLU A 116 -1.29 -16.74 -13.49
C GLU A 116 -2.27 -16.67 -12.31
N ALA A 117 -2.55 -15.46 -11.84
CA ALA A 117 -3.50 -15.03 -10.82
C ALA A 117 -3.38 -15.70 -9.43
N GLY A 118 -2.43 -16.60 -9.22
CA GLY A 118 -2.18 -17.29 -7.96
C GLY A 118 -3.13 -18.47 -7.78
N SER A 119 -4.44 -18.22 -7.85
CA SER A 119 -5.49 -19.22 -7.88
C SER A 119 -5.32 -20.33 -6.82
N THR A 120 -5.05 -19.92 -5.58
CA THR A 120 -4.73 -20.78 -4.44
C THR A 120 -5.98 -21.48 -3.87
N GLY A 121 -6.78 -22.13 -4.73
CA GLY A 121 -8.01 -22.82 -4.35
C GLY A 121 -8.54 -23.67 -5.51
N SER A 122 -9.71 -24.28 -5.30
CA SER A 122 -10.33 -25.22 -6.25
C SER A 122 -10.99 -24.53 -7.46
N ALA A 123 -10.74 -23.24 -7.64
CA ALA A 123 -11.19 -22.40 -8.74
C ALA A 123 -10.14 -21.30 -8.95
N PRO A 124 -10.08 -20.69 -10.15
CA PRO A 124 -9.27 -19.50 -10.39
C PRO A 124 -9.63 -18.39 -9.41
N ALA A 125 -8.63 -17.56 -9.14
CA ALA A 125 -8.79 -16.32 -8.40
C ALA A 125 -9.72 -15.40 -9.18
N THR A 126 -10.65 -14.74 -8.49
CA THR A 126 -11.63 -13.86 -9.12
C THR A 126 -11.00 -12.50 -9.51
N GLY A 127 -9.95 -12.07 -8.80
CA GLY A 127 -9.35 -10.76 -8.97
C GLY A 127 -8.39 -10.51 -7.81
N GLY A 128 -8.67 -11.13 -6.66
CA GLY A 128 -7.78 -11.20 -5.53
C GLY A 128 -8.25 -12.26 -4.55
N VAL A 129 -7.35 -12.58 -3.64
CA VAL A 129 -7.45 -13.74 -2.75
C VAL A 129 -7.19 -13.49 -1.25
N LYS A 131 -9.19 -12.18 0.54
CA LYS A 131 -10.60 -12.53 0.67
C LYS A 131 -11.16 -12.33 2.08
N PRO A 132 -11.83 -11.20 2.35
CA PRO A 132 -12.32 -10.86 3.67
C PRO A 132 -13.73 -11.44 3.92
N HIS A 133 -14.35 -11.94 2.85
CA HIS A 133 -15.69 -12.53 2.78
C HIS A 133 -15.85 -13.73 3.72
N ARG A 134 -14.76 -14.42 4.05
CA ARG A 134 -14.74 -15.59 4.95
C ARG A 134 -13.43 -15.58 5.75
N TYR A 135 -13.22 -16.60 6.58
CA TYR A 135 -12.14 -16.67 7.58
C TYR A 135 -11.37 -18.00 7.50
N ARG A 136 -11.46 -18.72 6.37
CA ARG A 136 -10.93 -20.07 6.20
C ARG A 136 -10.13 -20.11 4.92
N MET A 3 13.85 7.42 -19.71
CA MET A 3 14.38 7.98 -18.46
C MET A 3 13.58 7.46 -17.26
N VAL A 4 14.26 7.06 -16.19
CA VAL A 4 13.66 6.65 -14.93
C VAL A 4 14.66 7.00 -13.82
N ASP A 5 14.15 7.54 -12.71
CA ASP A 5 14.92 7.79 -11.48
C ASP A 5 13.97 7.99 -10.29
N LEU A 6 13.02 8.93 -10.41
CA LEU A 6 12.11 9.26 -9.32
C LEU A 6 11.00 8.23 -9.21
N GLU A 7 10.43 7.76 -10.33
CA GLU A 7 9.33 6.78 -10.33
C GLU A 7 9.78 5.43 -9.73
N GLN A 8 11.09 5.15 -9.73
CA GLN A 8 11.72 4.03 -9.04
C GLN A 8 11.50 4.08 -7.53
N GLU A 9 11.52 5.28 -6.94
CA GLU A 9 11.25 5.51 -5.54
C GLU A 9 9.74 5.57 -5.32
N PHE A 10 9.31 5.20 -4.12
CA PHE A 10 7.97 5.39 -3.63
C PHE A 10 7.76 6.90 -3.72
N ALA A 11 6.68 7.28 -4.39
CA ALA A 11 6.42 8.64 -4.77
C ALA A 11 5.09 8.96 -4.13
N LEU A 12 5.00 10.13 -3.49
CA LEU A 12 3.89 10.51 -2.62
C LEU A 12 2.52 10.53 -3.28
N GLY A 13 2.45 10.35 -4.59
CA GLY A 13 1.20 10.14 -5.26
C GLY A 13 1.44 9.44 -6.58
N GLY A 14 2.48 8.61 -6.60
CA GLY A 14 2.68 7.69 -7.70
C GLY A 14 1.76 6.53 -7.43
N ARG A 15 2.07 5.45 -8.14
CA ARG A 15 1.51 4.17 -7.84
C ARG A 15 2.62 3.48 -7.11
N VAL A 16 2.19 2.57 -6.28
CA VAL A 16 3.02 1.58 -5.63
C VAL A 16 2.29 0.28 -5.95
N LEU A 17 2.98 -0.82 -5.74
CA LEU A 17 2.50 -2.15 -5.99
C LEU A 17 2.92 -2.91 -4.77
N ALA A 18 2.05 -3.80 -4.32
CA ALA A 18 2.32 -4.61 -3.15
C ALA A 18 2.07 -6.05 -3.51
N PHE A 19 3.11 -6.84 -3.29
CA PHE A 19 3.07 -8.28 -3.37
C PHE A 19 2.33 -8.76 -2.10
N HIS A 20 1.37 -9.66 -2.26
CA HIS A 20 0.44 -10.04 -1.20
C HIS A 20 0.53 -11.55 -0.90
N GLY A 21 1.41 -12.27 -1.62
CA GLY A 21 1.77 -13.65 -1.37
C GLY A 21 1.83 -14.37 -2.71
N PRO A 22 0.69 -14.89 -3.22
CA PRO A 22 0.63 -15.51 -4.54
C PRO A 22 0.73 -14.52 -5.69
N LEU A 23 0.33 -13.26 -5.49
CA LEU A 23 0.15 -12.26 -6.52
C LEU A 23 0.36 -10.86 -5.94
N MET A 24 0.04 -9.81 -6.69
CA MET A 24 0.37 -8.42 -6.41
C MET A 24 -0.79 -7.55 -6.89
N TYR A 25 -1.02 -6.41 -6.22
CA TYR A 25 -2.05 -5.45 -6.61
C TYR A 25 -1.56 -4.01 -6.50
N GLU A 26 -2.37 -3.07 -6.95
CA GLU A 26 -2.04 -1.66 -7.06
C GLU A 26 -2.30 -1.00 -5.72
N ALA A 27 -1.46 -0.04 -5.39
CA ALA A 27 -1.47 0.68 -4.14
C ALA A 27 -1.29 2.18 -4.43
N LYS A 28 -1.75 3.07 -3.56
CA LYS A 28 -1.72 4.53 -3.76
C LYS A 28 -1.49 5.23 -2.43
N ILE A 29 -0.24 5.65 -2.23
CA ILE A 29 0.32 6.35 -1.07
C ILE A 29 -0.42 7.65 -0.80
N LEU A 30 -0.41 8.07 0.47
CA LEU A 30 -0.88 9.39 0.85
C LEU A 30 -0.31 9.84 2.18
N LYS A 31 -0.04 8.90 3.09
CA LYS A 31 0.43 9.16 4.43
C LYS A 31 1.59 8.22 4.58
N ILE A 32 2.70 8.72 5.10
CA ILE A 32 3.94 8.00 5.09
C ILE A 32 4.58 8.20 6.45
N TRP A 33 5.51 7.31 6.76
CA TRP A 33 6.06 7.19 8.11
C TRP A 33 7.53 6.81 8.07
N ASP A 34 8.22 7.24 9.12
CA ASP A 34 9.66 7.13 9.31
C ASP A 34 9.97 7.01 10.81
N PRO A 35 10.96 6.20 11.23
CA PRO A 35 11.35 6.11 12.63
C PRO A 35 12.04 7.37 13.18
N SER A 36 12.42 8.35 12.33
CA SER A 36 13.26 9.47 12.78
C SER A 36 12.59 10.32 13.86
N SER A 37 11.27 10.49 13.76
CA SER A 37 10.45 11.19 14.75
C SER A 37 9.23 10.35 15.17
N LYS A 38 9.13 9.10 14.68
CA LYS A 38 8.02 8.16 14.95
C LYS A 38 6.67 8.88 14.93
N MET A 39 6.41 9.54 13.80
CA MET A 39 5.15 10.20 13.48
C MET A 39 5.06 10.20 11.97
N TYR A 40 3.86 10.38 11.46
CA TYR A 40 3.59 10.31 10.03
C TYR A 40 3.44 11.70 9.43
N THR A 41 3.40 11.79 8.10
CA THR A 41 3.20 12.99 7.32
C THR A 41 2.33 12.58 6.16
N SER A 42 1.47 13.47 5.70
CA SER A 42 0.44 13.09 4.74
C SER A 42 0.19 14.30 3.85
N ILE A 43 -0.35 14.04 2.67
CA ILE A 43 -0.79 15.04 1.72
C ILE A 43 -2.21 14.64 1.29
N PRO A 44 -3.01 15.53 0.68
CA PRO A 44 -4.43 15.28 0.48
C PRO A 44 -4.70 14.47 -0.81
N ASN A 45 -3.88 13.43 -1.05
CA ASN A 45 -3.97 12.58 -2.25
C ASN A 45 -5.24 11.71 -2.26
N ASP A 46 -5.97 11.66 -1.14
CA ASP A 46 -7.30 11.07 -1.01
C ASP A 46 -7.96 11.65 0.25
N LYS A 47 -9.18 11.22 0.57
CA LYS A 47 -9.89 11.47 1.81
C LYS A 47 -10.41 10.10 2.26
N PRO A 48 -9.61 9.31 3.02
CA PRO A 48 -9.92 7.91 3.30
C PRO A 48 -11.19 7.62 4.12
N GLY A 49 -11.89 8.62 4.64
CA GLY A 49 -13.11 8.43 5.43
C GLY A 49 -13.33 9.59 6.40
N GLY A 50 -12.25 10.22 6.87
CA GLY A 50 -12.28 11.36 7.78
C GLY A 50 -11.01 11.48 8.61
N SER A 51 -10.33 10.34 8.87
CA SER A 51 -9.01 10.30 9.49
C SER A 51 -8.00 11.00 8.58
N SER A 52 -7.01 11.67 9.20
CA SER A 52 -6.01 12.53 8.56
C SER A 52 -6.67 13.79 7.95
N GLN A 53 -5.89 14.87 7.86
CA GLN A 53 -6.43 16.21 7.51
C GLN A 53 -7.20 16.24 6.19
N ALA A 54 -6.80 15.40 5.24
CA ALA A 54 -7.26 15.42 3.85
C ALA A 54 -7.18 16.81 3.17
N THR A 55 -6.34 17.69 3.71
CA THR A 55 -6.22 19.10 3.35
C THR A 55 -4.75 19.50 3.47
N LYS A 56 -4.10 19.62 2.31
CA LYS A 56 -2.70 20.03 2.12
C LYS A 56 -1.75 19.19 2.99
N GLU A 57 -0.54 19.68 3.26
CA GLU A 57 0.37 18.96 4.15
C GLU A 57 -0.30 18.87 5.51
N ILE A 58 -0.50 17.63 5.91
CA ILE A 58 -1.29 17.19 7.05
C ILE A 58 -0.37 17.27 8.27
N LYS A 59 -0.91 17.70 9.42
CA LYS A 59 -0.10 17.89 10.62
C LYS A 59 0.39 16.54 11.16
N PRO A 60 1.71 16.36 11.35
CA PRO A 60 2.26 15.10 11.78
C PRO A 60 1.91 14.86 13.24
N GLN A 61 1.47 13.64 13.54
CA GLN A 61 0.96 13.26 14.87
C GLN A 61 1.53 11.89 15.24
N LYS A 62 1.56 11.61 16.55
CA LYS A 62 2.27 10.47 17.15
C LYS A 62 1.77 9.07 16.80
N LEU A 63 0.66 8.99 16.09
CA LEU A 63 0.01 7.76 15.63
C LEU A 63 -0.67 6.96 16.73
N GLY A 64 -1.72 6.21 16.33
CA GLY A 64 -2.36 5.20 17.17
C GLY A 64 -3.79 5.53 17.59
N GLU A 65 -4.55 6.26 16.77
CA GLU A 65 -5.98 6.44 17.02
C GLU A 65 -6.73 5.23 16.43
N ASP A 66 -6.34 4.74 15.26
CA ASP A 66 -7.02 3.65 14.53
C ASP A 66 -6.14 2.97 13.47
N GLU A 67 -4.90 3.42 13.27
CA GLU A 67 -4.01 3.05 12.17
C GLU A 67 -2.68 2.47 12.71
N SER A 68 -2.80 1.55 13.66
CA SER A 68 -1.80 0.65 14.22
C SER A 68 -0.73 0.22 13.21
N ILE A 69 0.52 0.17 13.65
CA ILE A 69 1.64 -0.41 12.93
C ILE A 69 2.45 -1.25 13.93
N PRO A 70 2.84 -2.49 13.58
CA PRO A 70 3.70 -3.30 14.44
C PRO A 70 5.11 -2.71 14.45
N GLU A 71 5.92 -3.09 15.45
CA GLU A 71 7.32 -2.69 15.59
C GLU A 71 8.17 -3.07 14.36
N GLU A 72 7.65 -3.98 13.51
CA GLU A 72 8.27 -4.38 12.26
C GLU A 72 8.33 -3.22 11.25
N ILE A 73 7.39 -2.27 11.25
CA ILE A 73 7.32 -1.22 10.21
C ILE A 73 7.42 0.18 10.85
N ILE A 74 7.34 0.24 12.18
CA ILE A 74 7.63 1.37 13.03
C ILE A 74 9.08 1.76 12.75
N ASN A 75 9.97 0.75 12.75
CA ASN A 75 11.41 0.90 12.67
C ASN A 75 11.90 1.17 11.24
N GLY A 76 11.00 1.42 10.27
CA GLY A 76 11.39 1.53 8.87
C GLY A 76 10.48 2.48 8.11
N LYS A 77 10.79 2.66 6.83
CA LYS A 77 9.93 3.42 5.94
C LYS A 77 8.60 2.69 5.79
N SER A 78 7.51 3.42 5.94
CA SER A 78 6.17 2.86 5.82
C SER A 78 5.25 3.79 5.03
N PHE A 79 4.27 3.17 4.39
CA PHE A 79 3.40 3.81 3.40
C PHE A 79 1.96 3.35 3.61
N PHE A 80 1.09 4.29 3.99
CA PHE A 80 -0.36 4.17 4.06
C PHE A 80 -0.88 4.38 2.64
N ILE A 81 -1.67 3.42 2.19
CA ILE A 81 -2.09 3.26 0.81
C ILE A 81 -3.56 2.87 0.68
N HIS A 82 -4.14 3.21 -0.47
CA HIS A 82 -5.44 2.68 -0.88
C HIS A 82 -5.12 1.58 -1.87
N TYR A 83 -5.59 0.36 -1.62
CA TYR A 83 -5.50 -0.70 -2.60
C TYR A 83 -6.47 -0.38 -3.73
N GLN A 84 -5.93 -0.09 -4.91
CA GLN A 84 -6.76 0.29 -6.05
C GLN A 84 -7.44 -0.95 -6.62
N GLY A 85 -8.65 -0.76 -7.15
CA GLY A 85 -9.52 -1.86 -7.54
C GLY A 85 -10.05 -2.66 -6.35
N TRP A 86 -9.81 -2.21 -5.11
CA TRP A 86 -10.18 -2.91 -3.88
C TRP A 86 -10.85 -1.96 -2.88
N LYS A 87 -11.42 -2.52 -1.81
CA LYS A 87 -12.26 -1.74 -0.89
C LYS A 87 -11.39 -0.82 -0.04
N SER A 88 -11.99 0.21 0.51
CA SER A 88 -11.35 1.09 1.49
C SER A 88 -11.20 0.41 2.85
N SER A 89 -11.90 -0.71 3.08
CA SER A 89 -11.77 -1.55 4.28
C SER A 89 -10.33 -2.00 4.51
N TRP A 90 -9.56 -2.19 3.44
CA TRP A 90 -8.19 -2.70 3.49
C TRP A 90 -7.15 -1.57 3.60
N ASP A 91 -7.55 -0.30 3.77
CA ASP A 91 -6.60 0.81 3.80
C ASP A 91 -5.73 0.62 5.03
N GLU A 92 -4.43 0.50 4.79
CA GLU A 92 -3.46 0.06 5.77
C GLU A 92 -2.09 0.57 5.35
N TRP A 93 -1.09 0.51 6.24
CA TRP A 93 0.28 0.75 5.86
C TRP A 93 1.01 -0.56 5.67
N VAL A 94 1.99 -0.52 4.80
CA VAL A 94 2.89 -1.64 4.52
C VAL A 94 4.33 -1.14 4.56
N GLY A 95 5.22 -2.09 4.86
CA GLY A 95 6.64 -1.92 4.75
C GLY A 95 7.07 -2.40 3.36
N TYR A 96 8.33 -2.09 3.03
CA TYR A 96 8.98 -2.50 1.80
C TYR A 96 9.03 -4.02 1.60
N ASP A 97 8.81 -4.78 2.67
CA ASP A 97 8.62 -6.23 2.65
C ASP A 97 7.48 -6.67 1.73
N ARG A 98 6.50 -5.79 1.48
CA ARG A 98 5.44 -6.02 0.50
C ARG A 98 5.46 -4.98 -0.60
N ILE A 99 5.59 -3.69 -0.26
CA ILE A 99 5.37 -2.63 -1.25
C ILE A 99 6.62 -2.29 -2.06
N ARG A 100 6.45 -1.61 -3.20
CA ARG A 100 7.45 -0.99 -4.07
C ARG A 100 6.77 -0.02 -5.03
N ALA A 101 7.47 0.99 -5.56
CA ALA A 101 6.90 2.01 -6.44
C ALA A 101 6.51 1.44 -7.79
N TYR A 102 5.78 2.19 -8.62
CA TYR A 102 5.53 1.80 -9.99
C TYR A 102 6.75 2.15 -10.84
N ASN A 103 7.47 1.11 -11.25
CA ASN A 103 8.57 1.18 -12.21
C ASN A 103 8.73 -0.18 -12.89
N GLU A 104 9.45 -0.17 -14.02
CA GLU A 104 9.56 -1.28 -14.97
C GLU A 104 9.99 -2.61 -14.35
N GLU A 105 10.84 -2.61 -13.34
CA GLU A 105 11.26 -3.82 -12.64
C GLU A 105 10.06 -4.49 -11.95
N ASN A 106 9.23 -3.66 -11.33
CA ASN A 106 8.08 -4.14 -10.60
C ASN A 106 6.98 -4.48 -11.58
N ILE A 107 6.99 -3.86 -12.77
CA ILE A 107 6.11 -4.30 -13.86
C ILE A 107 6.58 -5.64 -14.38
N ALA A 108 7.88 -5.94 -14.37
CA ALA A 108 8.35 -7.26 -14.74
C ALA A 108 7.80 -8.29 -13.74
N MET A 109 7.80 -7.95 -12.43
CA MET A 109 7.09 -8.77 -11.42
C MET A 109 5.62 -8.89 -11.83
N LYS A 110 4.96 -7.75 -12.06
CA LYS A 110 3.53 -7.69 -12.30
C LYS A 110 3.14 -8.55 -13.47
N LYS A 111 3.82 -8.44 -14.61
CA LYS A 111 3.49 -9.18 -15.81
C LYS A 111 3.77 -10.67 -15.59
N ARG A 112 4.93 -11.01 -15.02
CA ARG A 112 5.28 -12.38 -14.67
C ARG A 112 4.25 -13.02 -13.74
N LEU A 113 3.51 -12.25 -12.94
CA LEU A 113 2.48 -12.77 -12.04
C LEU A 113 1.09 -12.78 -12.68
N ALA A 114 0.73 -11.67 -13.33
CA ALA A 114 -0.46 -11.52 -14.18
C ALA A 114 -0.51 -12.62 -15.26
N ASN A 115 0.65 -13.18 -15.62
CA ASN A 115 0.81 -14.35 -16.47
C ASN A 115 0.31 -15.65 -15.84
N GLU A 116 0.64 -15.90 -14.57
CA GLU A 116 0.33 -17.16 -13.91
C GLU A 116 -1.15 -17.27 -13.61
N ALA A 117 -1.71 -16.16 -13.13
CA ALA A 117 -3.05 -16.16 -12.56
C ALA A 117 -3.74 -14.80 -12.63
N GLY A 118 -5.00 -14.85 -12.24
CA GLY A 118 -5.91 -13.73 -12.10
C GLY A 118 -7.13 -14.17 -11.29
N SER A 119 -8.17 -13.35 -11.24
CA SER A 119 -9.37 -13.52 -10.43
C SER A 119 -10.31 -14.67 -10.91
N THR A 120 -9.83 -15.60 -11.75
CA THR A 120 -10.60 -16.70 -12.29
C THR A 120 -9.75 -17.98 -12.19
N GLY A 121 -10.38 -19.10 -11.83
CA GLY A 121 -9.74 -20.37 -11.61
C GLY A 121 -10.73 -21.34 -10.97
N SER A 122 -10.23 -22.51 -10.54
CA SER A 122 -11.05 -23.61 -10.02
C SER A 122 -10.47 -24.19 -8.71
N ALA A 123 -9.61 -23.42 -8.04
CA ALA A 123 -9.10 -23.74 -6.70
C ALA A 123 -10.27 -23.67 -5.69
N PRO A 124 -10.15 -24.31 -4.50
CA PRO A 124 -11.18 -24.23 -3.45
C PRO A 124 -11.28 -22.87 -2.75
N ALA A 125 -10.54 -21.88 -3.23
CA ALA A 125 -10.56 -20.48 -2.85
C ALA A 125 -10.52 -19.58 -4.10
N THR A 126 -11.09 -20.07 -5.21
CA THR A 126 -11.12 -19.56 -6.59
C THR A 126 -9.74 -19.38 -7.26
N GLY A 127 -8.71 -18.90 -6.57
CA GLY A 127 -7.39 -18.69 -7.15
C GLY A 127 -6.43 -18.00 -6.19
N GLY A 128 -5.24 -17.66 -6.68
CA GLY A 128 -4.17 -16.98 -5.96
C GLY A 128 -4.46 -15.51 -5.76
N VAL A 129 -5.61 -15.15 -5.19
CA VAL A 129 -6.14 -13.80 -5.12
C VAL A 129 -6.86 -13.73 -3.78
N LYS A 131 -9.90 -12.20 -1.19
CA LYS A 131 -11.26 -11.72 -1.12
C LYS A 131 -11.53 -11.63 0.38
N PRO A 132 -12.48 -10.79 0.81
CA PRO A 132 -12.98 -10.78 2.17
C PRO A 132 -14.07 -11.86 2.36
N HIS A 133 -14.29 -12.69 1.33
CA HIS A 133 -15.32 -13.72 1.14
C HIS A 133 -15.61 -14.66 2.32
N ARG A 134 -14.67 -14.89 3.24
CA ARG A 134 -14.79 -15.90 4.30
C ARG A 134 -14.24 -15.29 5.58
N TYR A 135 -15.04 -15.32 6.65
CA TYR A 135 -14.62 -14.90 7.99
C TYR A 135 -13.62 -15.90 8.57
N ARG A 136 -13.87 -17.20 8.38
CA ARG A 136 -13.05 -18.31 8.85
C ARG A 136 -13.29 -19.48 7.90
N MET A 3 13.22 11.31 -20.22
CA MET A 3 14.02 11.09 -18.99
C MET A 3 13.07 10.72 -17.84
N VAL A 4 13.35 9.62 -17.13
CA VAL A 4 12.59 9.19 -15.97
C VAL A 4 13.53 8.42 -15.03
N ASP A 5 13.32 8.55 -13.72
CA ASP A 5 14.05 7.83 -12.67
C ASP A 5 13.31 7.97 -11.33
N LEU A 6 12.78 9.17 -11.04
CA LEU A 6 12.19 9.54 -9.75
C LEU A 6 10.96 8.69 -9.41
N GLU A 7 10.22 8.22 -10.42
CA GLU A 7 9.05 7.36 -10.24
C GLU A 7 9.42 6.06 -9.48
N GLN A 8 10.70 5.64 -9.53
CA GLN A 8 11.19 4.45 -8.86
C GLN A 8 11.18 4.59 -7.33
N GLU A 9 11.21 5.81 -6.80
CA GLU A 9 11.07 6.06 -5.37
C GLU A 9 9.60 6.23 -5.01
N PHE A 10 9.28 5.92 -3.76
CA PHE A 10 8.01 6.19 -3.09
C PHE A 10 7.71 7.68 -3.11
N ALA A 11 7.04 8.05 -4.17
CA ALA A 11 6.62 9.37 -4.49
C ALA A 11 5.39 9.62 -3.60
N LEU A 12 5.33 10.79 -2.96
CA LEU A 12 4.36 11.13 -1.90
C LEU A 12 2.89 11.05 -2.30
N GLY A 13 2.60 10.82 -3.56
CA GLY A 13 1.25 10.55 -4.02
C GLY A 13 1.32 9.85 -5.35
N GLY A 14 2.37 9.05 -5.55
CA GLY A 14 2.45 8.15 -6.67
C GLY A 14 1.60 6.94 -6.33
N ARG A 15 1.71 5.98 -7.24
CA ARG A 15 1.20 4.67 -7.02
C ARG A 15 2.33 3.91 -6.38
N VAL A 16 1.92 2.87 -5.70
CA VAL A 16 2.74 1.84 -5.17
C VAL A 16 2.01 0.57 -5.57
N LEU A 17 2.76 -0.51 -5.68
CA LEU A 17 2.19 -1.81 -5.97
C LEU A 17 2.67 -2.69 -4.84
N ALA A 18 1.77 -3.50 -4.34
CA ALA A 18 1.97 -4.25 -3.11
C ALA A 18 1.64 -5.71 -3.36
N PHE A 19 2.59 -6.58 -3.04
CA PHE A 19 2.59 -7.99 -3.38
C PHE A 19 2.26 -8.80 -2.12
N HIS A 20 1.21 -9.62 -2.18
CA HIS A 20 0.69 -10.34 -1.01
C HIS A 20 1.15 -11.80 -1.00
N GLY A 21 1.47 -12.38 -2.17
CA GLY A 21 2.03 -13.70 -2.26
C GLY A 21 1.64 -14.37 -3.57
N PRO A 22 0.36 -14.74 -3.73
CA PRO A 22 -0.15 -15.23 -5.01
C PRO A 22 -0.19 -14.14 -6.07
N LEU A 23 -0.52 -12.91 -5.67
CA LEU A 23 -0.83 -11.80 -6.53
C LEU A 23 -0.51 -10.49 -5.81
N MET A 24 -0.71 -9.39 -6.52
CA MET A 24 -0.28 -8.05 -6.19
C MET A 24 -1.39 -7.09 -6.62
N TYR A 25 -1.49 -5.95 -5.94
CA TYR A 25 -2.59 -5.00 -6.08
C TYR A 25 -2.06 -3.57 -6.11
N GLU A 26 -2.88 -2.65 -6.63
CA GLU A 26 -2.56 -1.24 -6.67
C GLU A 26 -2.76 -0.67 -5.28
N ALA A 27 -1.87 0.25 -4.91
CA ALA A 27 -1.82 0.91 -3.64
C ALA A 27 -1.48 2.39 -3.87
N LYS A 28 -1.72 3.26 -2.88
CA LYS A 28 -1.59 4.71 -3.05
C LYS A 28 -1.26 5.38 -1.72
N ILE A 29 0.01 5.75 -1.56
CA ILE A 29 0.63 6.39 -0.40
C ILE A 29 -0.04 7.72 -0.07
N LEU A 30 -0.04 8.06 1.23
CA LEU A 30 -0.37 9.41 1.69
C LEU A 30 0.08 9.69 3.10
N LYS A 31 0.38 8.68 3.91
CA LYS A 31 1.01 8.88 5.20
C LYS A 31 2.17 7.92 5.23
N ILE A 32 3.29 8.37 5.75
CA ILE A 32 4.55 7.66 5.61
C ILE A 32 5.29 7.73 6.92
N TRP A 33 6.27 6.86 7.07
CA TRP A 33 6.93 6.63 8.36
C TRP A 33 8.39 6.22 8.19
N ASP A 34 9.17 6.56 9.22
CA ASP A 34 10.63 6.44 9.32
C ASP A 34 11.00 6.14 10.79
N PRO A 35 11.98 5.27 11.08
CA PRO A 35 12.43 4.99 12.44
C PRO A 35 13.17 6.16 13.09
N SER A 36 13.52 7.24 12.36
CA SER A 36 14.40 8.28 12.90
C SER A 36 13.74 9.07 14.03
N SER A 37 12.42 9.24 13.94
CA SER A 37 11.57 9.84 14.95
C SER A 37 10.54 8.83 15.47
N LYS A 38 10.32 7.71 14.76
CA LYS A 38 9.22 6.78 15.03
C LYS A 38 7.92 7.58 15.16
N MET A 39 7.67 8.45 14.18
CA MET A 39 6.49 9.28 14.04
C MET A 39 6.26 9.41 12.53
N TYR A 40 5.01 9.59 12.12
CA TYR A 40 4.63 9.65 10.71
C TYR A 40 4.40 11.08 10.24
N THR A 41 4.18 11.25 8.94
CA THR A 41 3.80 12.49 8.28
C THR A 41 2.83 12.13 7.18
N SER A 42 1.98 13.05 6.74
CA SER A 42 0.96 12.78 5.75
C SER A 42 0.76 14.06 4.95
N ILE A 43 0.34 13.92 3.69
CA ILE A 43 0.16 15.00 2.75
C ILE A 43 -1.09 14.69 1.89
N PRO A 44 -1.76 15.69 1.30
CA PRO A 44 -3.06 15.54 0.65
C PRO A 44 -2.93 14.78 -0.67
N ASN A 45 -3.36 13.51 -0.67
CA ASN A 45 -3.48 12.68 -1.88
C ASN A 45 -4.70 11.77 -1.83
N ASP A 46 -5.46 11.76 -0.73
CA ASP A 46 -6.51 10.77 -0.51
C ASP A 46 -7.62 11.31 0.40
N LYS A 47 -8.72 10.56 0.44
CA LYS A 47 -9.89 10.77 1.30
C LYS A 47 -10.35 9.37 1.69
N PRO A 48 -9.79 8.77 2.75
CA PRO A 48 -10.12 7.40 3.13
C PRO A 48 -11.60 7.29 3.54
N GLY A 49 -12.12 6.07 3.53
CA GLY A 49 -13.53 5.77 3.66
C GLY A 49 -14.22 6.28 4.93
N GLY A 50 -13.46 6.54 6.00
CA GLY A 50 -14.00 6.91 7.31
C GLY A 50 -13.73 8.36 7.70
N SER A 51 -13.15 9.18 6.82
CA SER A 51 -12.65 10.52 7.16
C SER A 51 -12.84 11.50 5.99
N SER A 52 -12.47 12.76 6.20
CA SER A 52 -12.35 13.78 5.19
C SER A 52 -11.02 13.53 4.44
N GLN A 53 -10.61 14.50 3.62
CA GLN A 53 -9.35 14.40 2.89
C GLN A 53 -8.15 14.46 3.85
N ALA A 54 -7.03 13.87 3.44
CA ALA A 54 -5.75 14.05 4.09
C ALA A 54 -5.38 15.54 3.88
N THR A 55 -4.63 16.14 4.80
CA THR A 55 -4.41 17.59 4.81
C THR A 55 -2.94 17.95 4.55
N LYS A 56 -2.72 19.21 4.16
CA LYS A 56 -1.51 19.86 3.63
C LYS A 56 -0.19 19.17 3.95
N GLU A 57 0.14 19.27 5.22
CA GLU A 57 1.21 18.56 5.86
C GLU A 57 0.71 18.38 7.28
N ILE A 58 0.36 17.13 7.54
CA ILE A 58 -0.21 16.71 8.78
C ILE A 58 0.93 16.68 9.79
N LYS A 59 0.69 17.28 10.95
CA LYS A 59 1.73 17.39 11.97
C LYS A 59 2.05 15.99 12.49
N PRO A 60 3.33 15.66 12.68
CA PRO A 60 3.72 14.33 13.07
C PRO A 60 3.29 14.14 14.52
N GLN A 61 2.71 12.98 14.79
CA GLN A 61 2.23 12.61 16.12
C GLN A 61 2.64 11.17 16.38
N LYS A 62 2.53 10.75 17.64
CA LYS A 62 2.66 9.34 17.98
C LYS A 62 1.54 8.58 17.25
N LEU A 63 1.82 7.31 16.99
CA LEU A 63 1.05 6.42 16.14
C LEU A 63 0.28 5.43 16.99
N GLY A 64 -0.91 5.04 16.51
CA GLY A 64 -1.81 4.16 17.24
C GLY A 64 -3.21 4.76 17.42
N GLU A 65 -3.57 5.78 16.65
CA GLU A 65 -4.82 6.49 16.77
C GLU A 65 -5.92 5.80 15.95
N ASP A 66 -5.54 5.21 14.80
CA ASP A 66 -6.48 4.58 13.85
C ASP A 66 -5.79 3.52 12.99
N GLU A 67 -4.53 3.19 13.31
CA GLU A 67 -3.61 2.38 12.52
C GLU A 67 -2.60 1.73 13.48
N SER A 68 -1.90 0.70 13.01
CA SER A 68 -1.03 -0.19 13.77
C SER A 68 0.15 -0.57 12.87
N ILE A 69 1.36 -0.70 13.41
CA ILE A 69 2.49 -1.27 12.69
C ILE A 69 3.21 -2.23 13.62
N PRO A 70 3.54 -3.46 13.18
CA PRO A 70 4.39 -4.36 13.94
C PRO A 70 5.81 -3.80 13.99
N GLU A 71 6.60 -4.28 14.96
CA GLU A 71 8.01 -3.95 15.11
C GLU A 71 8.83 -4.27 13.84
N GLU A 72 8.27 -5.06 12.92
CA GLU A 72 8.88 -5.43 11.64
C GLU A 72 8.96 -4.26 10.64
N ILE A 73 8.07 -3.26 10.73
CA ILE A 73 8.03 -2.15 9.74
C ILE A 73 8.22 -0.79 10.44
N ILE A 74 8.22 -0.82 11.77
CA ILE A 74 8.58 0.25 12.70
C ILE A 74 10.02 0.67 12.43
N ASN A 75 10.91 -0.32 12.28
CA ASN A 75 12.37 -0.11 12.24
C ASN A 75 12.86 0.37 10.87
N GLY A 76 11.96 0.73 9.94
CA GLY A 76 12.32 1.05 8.58
C GLY A 76 11.24 1.90 7.93
N LYS A 77 11.39 2.13 6.62
CA LYS A 77 10.38 2.83 5.85
C LYS A 77 9.04 2.12 5.96
N SER A 78 7.96 2.88 6.15
CA SER A 78 6.61 2.35 6.04
C SER A 78 5.69 3.35 5.34
N PHE A 79 4.64 2.83 4.72
CA PHE A 79 3.75 3.57 3.81
C PHE A 79 2.32 3.14 4.04
N PHE A 80 1.50 4.07 4.56
CA PHE A 80 0.05 3.96 4.66
C PHE A 80 -0.51 4.25 3.26
N ILE A 81 -1.35 3.35 2.80
CA ILE A 81 -1.84 3.29 1.44
C ILE A 81 -3.33 2.99 1.37
N HIS A 82 -3.95 3.39 0.25
CA HIS A 82 -5.30 2.97 -0.11
C HIS A 82 -5.11 1.88 -1.16
N TYR A 83 -5.63 0.68 -0.93
CA TYR A 83 -5.63 -0.37 -1.93
C TYR A 83 -6.71 -0.03 -2.95
N GLN A 84 -6.29 0.30 -4.17
CA GLN A 84 -7.19 0.80 -5.20
C GLN A 84 -7.96 -0.37 -5.81
N GLY A 85 -9.18 -0.08 -6.28
CA GLY A 85 -10.13 -1.10 -6.73
C GLY A 85 -10.62 -1.99 -5.59
N TRP A 86 -10.27 -1.68 -4.33
CA TRP A 86 -10.56 -2.51 -3.16
C TRP A 86 -11.09 -1.67 -2.01
N LYS A 87 -11.54 -2.35 -0.93
CA LYS A 87 -12.28 -1.71 0.16
C LYS A 87 -11.37 -0.80 0.99
N SER A 88 -11.98 0.12 1.73
CA SER A 88 -11.33 0.93 2.74
C SER A 88 -10.81 0.09 3.91
N SER A 89 -11.38 -1.11 4.12
CA SER A 89 -10.97 -2.05 5.16
C SER A 89 -9.48 -2.39 5.07
N TRP A 90 -8.90 -2.41 3.88
CA TRP A 90 -7.51 -2.74 3.67
C TRP A 90 -6.57 -1.55 3.90
N ASP A 91 -7.07 -0.34 4.17
CA ASP A 91 -6.23 0.86 4.30
C ASP A 91 -5.35 0.60 5.50
N GLU A 92 -4.06 0.42 5.24
CA GLU A 92 -3.06 -0.10 6.16
C GLU A 92 -1.68 0.38 5.73
N TRP A 93 -0.66 0.26 6.58
CA TRP A 93 0.71 0.45 6.12
C TRP A 93 1.37 -0.88 5.77
N VAL A 94 2.29 -0.81 4.82
CA VAL A 94 3.13 -1.93 4.42
C VAL A 94 4.60 -1.52 4.45
N GLY A 95 5.46 -2.54 4.65
CA GLY A 95 6.91 -2.37 4.61
C GLY A 95 7.41 -2.57 3.19
N TYR A 96 8.62 -2.08 2.91
CA TYR A 96 9.27 -2.14 1.60
C TYR A 96 9.72 -3.54 1.18
N ASP A 97 9.34 -4.52 1.99
CA ASP A 97 9.43 -5.95 1.72
C ASP A 97 8.23 -6.43 0.88
N ARG A 98 7.10 -5.71 0.93
CA ARG A 98 5.89 -6.04 0.18
C ARG A 98 5.51 -4.94 -0.80
N ILE A 99 5.73 -3.66 -0.47
CA ILE A 99 5.33 -2.56 -1.36
C ILE A 99 6.55 -2.02 -2.13
N ARG A 100 6.35 -1.51 -3.35
CA ARG A 100 7.34 -0.74 -4.12
C ARG A 100 6.64 0.36 -4.94
N ALA A 101 7.32 1.48 -5.18
CA ALA A 101 6.80 2.65 -5.91
C ALA A 101 6.63 2.33 -7.38
N TYR A 102 5.58 2.83 -8.05
CA TYR A 102 5.21 2.41 -9.39
C TYR A 102 6.33 2.67 -10.39
N ASN A 103 6.85 1.56 -10.94
CA ASN A 103 7.97 1.51 -11.87
C ASN A 103 7.97 0.18 -12.63
N GLU A 104 8.76 0.13 -13.71
CA GLU A 104 8.76 -0.94 -14.71
C GLU A 104 9.05 -2.32 -14.12
N GLU A 105 9.87 -2.40 -13.07
CA GLU A 105 10.16 -3.67 -12.40
C GLU A 105 8.87 -4.21 -11.76
N ASN A 106 8.12 -3.32 -11.12
CA ASN A 106 6.88 -3.72 -10.47
C ASN A 106 5.88 -4.08 -11.54
N ILE A 107 5.93 -3.43 -12.70
CA ILE A 107 5.06 -3.78 -13.81
C ILE A 107 5.42 -5.15 -14.36
N ALA A 108 6.69 -5.51 -14.38
CA ALA A 108 7.06 -6.85 -14.79
C ALA A 108 6.47 -7.89 -13.84
N MET A 109 6.57 -7.62 -12.54
CA MET A 109 5.88 -8.42 -11.54
C MET A 109 4.37 -8.42 -11.85
N LYS A 110 3.79 -7.25 -12.07
CA LYS A 110 2.36 -7.08 -12.25
C LYS A 110 1.89 -7.91 -13.42
N LYS A 111 2.51 -7.81 -14.58
CA LYS A 111 1.96 -8.43 -15.76
C LYS A 111 2.19 -9.92 -15.72
N ARG A 112 3.34 -10.37 -15.20
CA ARG A 112 3.57 -11.79 -14.99
C ARG A 112 2.48 -12.37 -14.07
N LEU A 113 2.07 -11.67 -13.01
CA LEU A 113 1.07 -12.18 -12.06
C LEU A 113 -0.36 -12.03 -12.58
N ALA A 114 -0.69 -10.89 -13.17
CA ALA A 114 -1.94 -10.64 -13.88
C ALA A 114 -2.23 -11.76 -14.90
N ASN A 115 -1.17 -12.32 -15.50
CA ASN A 115 -1.25 -13.46 -16.40
C ASN A 115 -1.39 -14.81 -15.65
N GLU A 116 -0.47 -15.11 -14.73
CA GLU A 116 -0.37 -16.44 -14.12
C GLU A 116 -1.42 -16.71 -13.05
N ALA A 117 -1.92 -15.65 -12.42
CA ALA A 117 -2.75 -15.75 -11.21
C ALA A 117 -3.91 -14.76 -11.14
N GLY A 118 -4.14 -13.96 -12.19
CA GLY A 118 -5.24 -13.01 -12.24
C GLY A 118 -6.61 -13.71 -12.08
N SER A 119 -7.60 -12.93 -11.64
CA SER A 119 -8.98 -13.31 -11.34
C SER A 119 -9.58 -14.18 -12.44
N THR A 120 -9.68 -15.48 -12.13
CA THR A 120 -10.32 -16.50 -12.94
C THR A 120 -11.76 -16.09 -13.26
N GLY A 121 -12.09 -16.01 -14.56
CA GLY A 121 -13.37 -15.45 -15.02
C GLY A 121 -14.55 -16.42 -14.88
N SER A 122 -14.29 -17.71 -14.64
CA SER A 122 -15.28 -18.78 -14.62
C SER A 122 -15.15 -19.66 -13.37
N ALA A 123 -14.43 -19.18 -12.36
CA ALA A 123 -14.25 -19.82 -11.06
C ALA A 123 -14.20 -18.71 -10.00
N PRO A 124 -15.35 -18.29 -9.44
CA PRO A 124 -15.43 -17.11 -8.56
C PRO A 124 -14.75 -17.29 -7.20
N ALA A 125 -14.24 -18.49 -6.94
CA ALA A 125 -13.38 -18.78 -5.80
C ALA A 125 -12.11 -17.91 -5.85
N THR A 126 -11.65 -17.56 -7.05
CA THR A 126 -10.50 -16.70 -7.34
C THR A 126 -9.34 -16.96 -6.37
N GLY A 127 -8.88 -18.20 -6.33
CA GLY A 127 -7.89 -18.70 -5.37
C GLY A 127 -6.61 -17.85 -5.30
N GLY A 128 -6.22 -17.18 -6.39
CA GLY A 128 -5.06 -16.31 -6.45
C GLY A 128 -5.32 -14.89 -5.96
N VAL A 129 -6.42 -14.60 -5.27
CA VAL A 129 -6.87 -13.25 -4.95
C VAL A 129 -7.29 -13.30 -3.49
N LYS A 131 -9.35 -12.24 0.06
CA LYS A 131 -10.75 -12.38 0.42
C LYS A 131 -10.95 -11.82 1.83
N PRO A 132 -11.84 -10.84 2.01
CA PRO A 132 -12.27 -10.44 3.34
C PRO A 132 -13.41 -11.40 3.79
N HIS A 133 -13.98 -12.13 2.81
CA HIS A 133 -14.91 -13.23 2.86
C HIS A 133 -14.11 -14.51 3.24
N ARG A 134 -14.76 -15.66 3.09
CA ARG A 134 -14.21 -17.00 3.35
C ARG A 134 -13.53 -17.08 4.73
N TYR A 135 -14.20 -16.56 5.75
CA TYR A 135 -13.82 -16.71 7.15
C TYR A 135 -13.74 -18.20 7.55
N ARG A 136 -14.54 -19.05 6.89
CA ARG A 136 -14.52 -20.51 6.99
C ARG A 136 -14.81 -21.07 5.59
N MET A 3 16.59 7.98 -18.85
CA MET A 3 16.92 7.91 -17.40
C MET A 3 15.69 8.28 -16.58
N VAL A 4 15.39 7.51 -15.53
CA VAL A 4 14.32 7.77 -14.55
C VAL A 4 14.86 7.44 -13.16
N ASP A 5 14.22 7.97 -12.13
CA ASP A 5 14.50 7.61 -10.72
C ASP A 5 13.24 7.85 -9.89
N LEU A 6 12.74 9.09 -9.84
CA LEU A 6 11.57 9.47 -9.05
C LEU A 6 10.35 8.65 -9.48
N GLU A 7 10.19 8.44 -10.79
CA GLU A 7 9.08 7.70 -11.38
C GLU A 7 9.13 6.18 -11.08
N GLN A 8 10.09 5.72 -10.27
CA GLN A 8 10.25 4.34 -9.84
C GLN A 8 10.41 4.27 -8.30
N GLU A 9 10.53 5.42 -7.62
CA GLU A 9 10.46 5.49 -6.17
C GLU A 9 9.00 5.61 -5.77
N PHE A 10 8.71 5.41 -4.47
CA PHE A 10 7.43 5.75 -3.93
C PHE A 10 7.22 7.21 -4.23
N ALA A 11 6.04 7.47 -4.74
CA ALA A 11 5.64 8.75 -5.25
C ALA A 11 4.33 9.00 -4.53
N LEU A 12 4.19 10.18 -3.92
CA LEU A 12 3.11 10.52 -2.98
C LEU A 12 1.69 10.42 -3.55
N GLY A 13 1.56 10.11 -4.82
CA GLY A 13 0.28 9.79 -5.41
C GLY A 13 0.47 8.96 -6.66
N GLY A 14 1.56 8.18 -6.67
CA GLY A 14 1.75 7.17 -7.67
C GLY A 14 0.97 5.95 -7.22
N ARG A 15 1.16 4.90 -7.98
CA ARG A 15 0.69 3.60 -7.59
C ARG A 15 1.83 2.96 -6.84
N VAL A 16 1.44 1.99 -6.07
CA VAL A 16 2.29 1.05 -5.41
C VAL A 16 1.63 -0.30 -5.70
N LEU A 17 2.38 -1.36 -5.55
CA LEU A 17 1.92 -2.73 -5.69
C LEU A 17 2.42 -3.41 -4.42
N ALA A 18 1.61 -4.29 -3.84
CA ALA A 18 1.88 -4.84 -2.52
C ALA A 18 1.66 -6.35 -2.54
N PHE A 19 2.65 -7.08 -2.06
CA PHE A 19 2.75 -8.53 -2.18
C PHE A 19 2.37 -9.14 -0.83
N HIS A 20 1.39 -10.05 -0.85
CA HIS A 20 0.87 -10.67 0.38
C HIS A 20 1.43 -12.06 0.57
N GLY A 21 1.87 -12.71 -0.51
CA GLY A 21 2.61 -13.95 -0.44
C GLY A 21 2.42 -14.76 -1.71
N PRO A 22 1.24 -15.37 -1.91
CA PRO A 22 0.92 -16.08 -3.15
C PRO A 22 0.77 -15.12 -4.34
N LEU A 23 0.31 -13.88 -4.10
CA LEU A 23 -0.09 -12.92 -5.10
C LEU A 23 0.08 -11.52 -4.51
N MET A 24 -0.21 -10.50 -5.31
CA MET A 24 -0.01 -9.10 -5.02
C MET A 24 -1.27 -8.37 -5.45
N TYR A 25 -1.46 -7.15 -4.94
CA TYR A 25 -2.61 -6.31 -5.23
C TYR A 25 -2.13 -4.87 -5.47
N GLU A 26 -2.95 -4.09 -6.15
CA GLU A 26 -2.68 -2.67 -6.39
C GLU A 26 -2.94 -1.87 -5.13
N ALA A 27 -2.16 -0.81 -4.96
CA ALA A 27 -2.18 0.04 -3.80
C ALA A 27 -1.96 1.49 -4.25
N LYS A 28 -2.26 2.48 -3.40
CA LYS A 28 -2.10 3.90 -3.74
C LYS A 28 -1.87 4.73 -2.47
N ILE A 29 -0.66 5.26 -2.34
CA ILE A 29 -0.12 6.07 -1.24
C ILE A 29 -0.94 7.35 -1.03
N LEU A 30 -0.94 7.85 0.23
CA LEU A 30 -1.47 9.17 0.57
C LEU A 30 -0.89 9.69 1.87
N LYS A 31 -0.53 8.81 2.80
CA LYS A 31 0.10 9.17 4.05
C LYS A 31 1.29 8.25 4.17
N ILE A 32 2.40 8.77 4.66
CA ILE A 32 3.67 8.09 4.62
C ILE A 32 4.41 8.34 5.90
N TRP A 33 5.43 7.53 6.13
CA TRP A 33 6.13 7.45 7.41
C TRP A 33 7.58 7.09 7.23
N ASP A 34 8.41 7.54 8.18
CA ASP A 34 9.86 7.47 8.14
C ASP A 34 10.42 7.35 9.56
N PRO A 35 11.48 6.56 9.80
CA PRO A 35 12.12 6.43 11.11
C PRO A 35 12.94 7.67 11.52
N SER A 36 13.01 8.73 10.70
CA SER A 36 13.77 9.93 11.05
C SER A 36 13.15 10.65 12.25
N SER A 37 11.81 10.61 12.35
CA SER A 37 11.04 11.26 13.41
C SER A 37 10.03 10.31 14.04
N LYS A 38 9.84 9.10 13.50
CA LYS A 38 8.75 8.19 13.86
C LYS A 38 7.43 8.94 13.97
N MET A 39 7.09 9.67 12.90
CA MET A 39 5.89 10.47 12.74
C MET A 39 5.58 10.43 11.24
N TYR A 40 4.30 10.58 10.89
CA TYR A 40 3.85 10.48 9.50
C TYR A 40 3.56 11.84 8.89
N THR A 41 3.37 11.91 7.58
CA THR A 41 2.94 13.08 6.82
C THR A 41 1.91 12.61 5.81
N SER A 42 0.99 13.48 5.38
CA SER A 42 -0.16 13.05 4.61
C SER A 42 -0.63 14.16 3.69
N ILE A 43 -1.35 13.76 2.65
CA ILE A 43 -2.02 14.61 1.69
C ILE A 43 -3.34 13.91 1.25
N PRO A 44 -4.35 14.66 0.76
CA PRO A 44 -5.64 14.12 0.35
C PRO A 44 -5.55 13.60 -1.09
N ASN A 45 -4.61 12.69 -1.39
CA ASN A 45 -4.38 12.18 -2.75
C ASN A 45 -5.66 11.64 -3.37
N ASP A 46 -6.42 10.89 -2.58
CA ASP A 46 -7.67 10.25 -2.99
C ASP A 46 -8.84 11.24 -3.04
N LYS A 47 -8.61 12.52 -2.72
CA LYS A 47 -9.65 13.53 -2.49
C LYS A 47 -10.75 12.91 -1.60
N PRO A 48 -10.38 12.25 -0.49
CA PRO A 48 -11.29 11.44 0.31
C PRO A 48 -12.44 12.29 0.84
N GLY A 49 -13.64 11.72 0.90
CA GLY A 49 -14.86 12.41 1.29
C GLY A 49 -15.24 13.59 0.37
N GLY A 50 -14.46 13.86 -0.68
CA GLY A 50 -14.59 15.04 -1.52
C GLY A 50 -13.69 16.14 -0.95
N SER A 51 -12.41 15.82 -0.76
CA SER A 51 -11.39 16.63 -0.08
C SER A 51 -11.78 17.13 1.33
N SER A 52 -12.79 16.53 1.94
CA SER A 52 -13.31 16.81 3.27
C SER A 52 -12.64 15.92 4.34
N GLN A 53 -11.55 15.26 3.96
CA GLN A 53 -10.74 14.33 4.74
C GLN A 53 -9.30 14.50 4.31
N ALA A 54 -8.35 13.96 5.11
CA ALA A 54 -6.92 14.08 4.87
C ALA A 54 -6.48 15.51 4.48
N THR A 55 -7.17 16.48 5.06
CA THR A 55 -7.20 17.92 4.79
C THR A 55 -5.84 18.53 4.43
N LYS A 56 -5.62 18.60 3.11
CA LYS A 56 -4.44 19.11 2.43
C LYS A 56 -3.14 18.64 3.10
N GLU A 57 -2.07 19.44 3.07
CA GLU A 57 -0.82 19.13 3.76
C GLU A 57 -1.11 18.96 5.24
N ILE A 58 -1.04 17.71 5.74
CA ILE A 58 -1.38 17.41 7.12
C ILE A 58 -0.12 17.61 7.96
N LYS A 59 -0.28 18.15 9.17
CA LYS A 59 0.80 18.25 10.14
C LYS A 59 1.14 16.87 10.68
N PRO A 60 2.42 16.58 10.94
CA PRO A 60 2.82 15.28 11.42
C PRO A 60 2.40 15.15 12.88
N GLN A 61 1.95 13.96 13.26
CA GLN A 61 1.53 13.63 14.62
C GLN A 61 2.17 12.31 15.04
N LYS A 62 2.11 12.01 16.35
CA LYS A 62 2.87 10.93 16.98
C LYS A 62 2.55 9.51 16.55
N LEU A 63 1.43 9.33 15.86
CA LEU A 63 0.80 8.05 15.54
C LEU A 63 0.24 7.34 16.78
N GLY A 64 -0.81 6.53 16.56
CA GLY A 64 -1.40 5.70 17.61
C GLY A 64 -2.91 5.93 17.74
N GLU A 65 -3.65 5.76 16.65
CA GLU A 65 -5.10 5.97 16.59
C GLU A 65 -5.73 4.76 15.89
N ASP A 66 -5.38 3.56 16.37
CA ASP A 66 -5.70 2.22 15.83
C ASP A 66 -4.98 1.92 14.51
N GLU A 67 -4.30 2.91 13.94
CA GLU A 67 -3.38 2.83 12.81
C GLU A 67 -1.96 2.39 13.25
N SER A 68 -1.92 1.55 14.29
CA SER A 68 -0.80 0.77 14.84
C SER A 68 0.15 0.29 13.74
N ILE A 69 1.45 0.33 14.03
CA ILE A 69 2.49 -0.26 13.21
C ILE A 69 3.46 -1.01 14.14
N PRO A 70 3.88 -2.24 13.81
CA PRO A 70 4.89 -2.95 14.58
C PRO A 70 6.26 -2.29 14.37
N GLU A 71 7.20 -2.59 15.26
CA GLU A 71 8.57 -2.11 15.19
C GLU A 71 9.27 -2.50 13.87
N GLU A 72 8.72 -3.48 13.14
CA GLU A 72 9.19 -3.90 11.83
C GLU A 72 9.04 -2.82 10.76
N ILE A 73 8.05 -1.91 10.87
CA ILE A 73 7.79 -0.91 9.81
C ILE A 73 7.89 0.52 10.37
N ILE A 74 8.00 0.63 11.70
CA ILE A 74 8.34 1.82 12.46
C ILE A 74 9.74 2.23 11.99
N ASN A 75 10.66 1.25 12.01
CA ASN A 75 12.09 1.42 11.74
C ASN A 75 12.38 1.53 10.25
N GLY A 76 11.35 1.66 9.39
CA GLY A 76 11.54 1.63 7.94
C GLY A 76 10.57 2.59 7.27
N LYS A 77 10.74 2.75 5.96
CA LYS A 77 9.80 3.49 5.15
C LYS A 77 8.45 2.79 5.19
N SER A 78 7.38 3.56 5.42
CA SER A 78 6.03 3.04 5.45
C SER A 78 5.07 3.93 4.69
N PHE A 79 4.01 3.31 4.18
CA PHE A 79 3.06 3.88 3.23
C PHE A 79 1.66 3.39 3.56
N PHE A 80 0.80 4.34 3.93
CA PHE A 80 -0.63 4.22 4.08
C PHE A 80 -1.20 4.35 2.68
N ILE A 81 -1.99 3.34 2.32
CA ILE A 81 -2.46 3.10 0.97
C ILE A 81 -3.94 2.70 0.93
N HIS A 82 -4.54 2.93 -0.24
CA HIS A 82 -5.85 2.39 -0.56
C HIS A 82 -5.57 1.19 -1.45
N TYR A 83 -5.96 0.00 -1.03
CA TYR A 83 -5.90 -1.17 -1.89
C TYR A 83 -6.96 -1.00 -2.98
N GLN A 84 -6.54 -0.97 -4.25
CA GLN A 84 -7.44 -0.64 -5.35
C GLN A 84 -8.16 -1.90 -5.81
N GLY A 85 -9.38 -1.72 -6.31
CA GLY A 85 -10.28 -2.82 -6.60
C GLY A 85 -10.76 -3.51 -5.31
N TRP A 86 -10.47 -2.93 -4.13
CA TRP A 86 -10.79 -3.53 -2.83
C TRP A 86 -11.42 -2.51 -1.88
N LYS A 87 -11.88 -2.99 -0.72
CA LYS A 87 -12.62 -2.17 0.24
C LYS A 87 -11.69 -1.16 0.91
N SER A 88 -12.25 -0.09 1.46
CA SER A 88 -11.51 0.83 2.31
C SER A 88 -11.15 0.21 3.67
N SER A 89 -11.74 -0.95 4.02
CA SER A 89 -11.38 -1.71 5.21
C SER A 89 -9.90 -2.08 5.25
N TRP A 90 -9.28 -2.31 4.09
CA TRP A 90 -7.87 -2.66 4.00
C TRP A 90 -6.95 -1.45 4.09
N ASP A 91 -7.45 -0.22 4.31
CA ASP A 91 -6.63 0.98 4.34
C ASP A 91 -5.74 0.83 5.57
N GLU A 92 -4.47 0.59 5.29
CA GLU A 92 -3.45 0.15 6.24
C GLU A 92 -2.10 0.66 5.72
N TRP A 93 -1.05 0.60 6.54
CA TRP A 93 0.29 0.83 6.06
C TRP A 93 1.02 -0.48 5.85
N VAL A 94 1.92 -0.47 4.88
CA VAL A 94 2.83 -1.57 4.60
C VAL A 94 4.27 -1.05 4.61
N GLY A 95 5.20 -1.95 4.97
CA GLY A 95 6.63 -1.69 4.94
C GLY A 95 7.16 -2.00 3.55
N TYR A 96 8.32 -1.43 3.20
CA TYR A 96 8.97 -1.60 1.90
C TYR A 96 9.54 -2.99 1.63
N ASP A 97 9.24 -3.92 2.54
CA ASP A 97 9.46 -5.35 2.41
C ASP A 97 8.26 -6.06 1.73
N ARG A 98 7.09 -5.40 1.71
CA ARG A 98 5.88 -5.91 1.04
C ARG A 98 5.40 -4.96 -0.05
N ILE A 99 5.52 -3.63 0.09
CA ILE A 99 5.07 -2.70 -0.94
C ILE A 99 6.26 -2.22 -1.79
N ARG A 100 5.99 -1.83 -3.04
CA ARG A 100 6.93 -1.15 -3.94
C ARG A 100 6.18 -0.23 -4.91
N ALA A 101 6.83 0.85 -5.38
CA ALA A 101 6.25 1.87 -6.27
C ALA A 101 5.98 1.34 -7.66
N TYR A 102 5.03 1.92 -8.40
CA TYR A 102 4.78 1.52 -9.77
C TYR A 102 6.03 1.72 -10.62
N ASN A 103 6.55 0.63 -11.16
CA ASN A 103 7.67 0.59 -12.08
C ASN A 103 7.71 -0.77 -12.77
N GLU A 104 8.41 -0.83 -13.91
CA GLU A 104 8.40 -1.96 -14.85
C GLU A 104 8.73 -3.31 -14.19
N GLU A 105 9.61 -3.32 -13.20
CA GLU A 105 9.98 -4.54 -12.48
C GLU A 105 8.77 -5.12 -11.75
N ASN A 106 8.01 -4.25 -11.09
CA ASN A 106 6.82 -4.65 -10.36
C ASN A 106 5.71 -4.98 -11.34
N ILE A 107 5.71 -4.39 -12.53
CA ILE A 107 4.76 -4.80 -13.56
C ILE A 107 5.10 -6.21 -14.03
N ALA A 108 6.37 -6.55 -14.19
CA ALA A 108 6.74 -7.90 -14.54
C ALA A 108 6.26 -8.87 -13.45
N MET A 109 6.43 -8.51 -12.17
CA MET A 109 5.89 -9.29 -11.05
C MET A 109 4.38 -9.40 -11.19
N LYS A 110 3.71 -8.27 -11.38
CA LYS A 110 2.25 -8.19 -11.40
C LYS A 110 1.72 -9.07 -12.50
N LYS A 111 2.27 -8.99 -13.71
CA LYS A 111 1.74 -9.67 -14.85
C LYS A 111 2.03 -11.16 -14.77
N ARG A 112 3.22 -11.56 -14.33
CA ARG A 112 3.53 -12.96 -14.10
C ARG A 112 2.50 -13.54 -13.12
N LEU A 113 2.22 -12.87 -12.00
CA LEU A 113 1.31 -13.39 -10.99
C LEU A 113 -0.15 -13.33 -11.44
N ALA A 114 -0.56 -12.21 -12.02
CA ALA A 114 -1.83 -11.99 -12.71
C ALA A 114 -2.09 -13.03 -13.82
N ASN A 115 -1.08 -13.81 -14.22
CA ASN A 115 -1.18 -14.85 -15.23
C ASN A 115 -1.14 -16.25 -14.63
N GLU A 116 -0.33 -16.50 -13.59
CA GLU A 116 -0.30 -17.82 -12.96
C GLU A 116 -1.53 -18.04 -12.08
N ALA A 117 -2.10 -16.95 -11.54
CA ALA A 117 -3.12 -17.04 -10.50
C ALA A 117 -4.24 -15.99 -10.57
N GLY A 118 -4.23 -15.07 -11.54
CA GLY A 118 -5.23 -14.00 -11.61
C GLY A 118 -5.03 -13.03 -10.45
N SER A 119 -6.10 -12.48 -9.89
CA SER A 119 -6.03 -11.53 -8.78
C SER A 119 -7.26 -11.60 -7.87
N THR A 120 -8.43 -11.92 -8.42
CA THR A 120 -9.69 -12.10 -7.70
C THR A 120 -10.45 -13.29 -8.29
N GLY A 121 -11.49 -13.76 -7.59
CA GLY A 121 -12.28 -14.92 -8.00
C GLY A 121 -11.61 -16.24 -7.61
N SER A 122 -12.22 -17.34 -8.04
CA SER A 122 -11.76 -18.70 -7.78
C SER A 122 -10.39 -18.97 -8.45
N ALA A 123 -9.71 -20.02 -8.00
CA ALA A 123 -8.43 -20.48 -8.52
C ALA A 123 -8.36 -22.01 -8.38
N PRO A 124 -7.54 -22.72 -9.18
CA PRO A 124 -7.35 -24.16 -9.11
C PRO A 124 -6.43 -24.57 -7.93
N ALA A 125 -6.54 -23.89 -6.78
CA ALA A 125 -5.70 -24.04 -5.60
C ALA A 125 -6.53 -23.72 -4.35
N THR A 126 -5.91 -23.76 -3.18
CA THR A 126 -6.53 -23.45 -1.89
C THR A 126 -7.15 -22.03 -1.90
N GLY A 127 -6.57 -21.09 -2.66
CA GLY A 127 -7.16 -19.80 -2.93
C GLY A 127 -6.16 -18.87 -3.60
N GLY A 128 -4.98 -18.69 -2.96
CA GLY A 128 -3.95 -17.77 -3.41
C GLY A 128 -4.39 -16.31 -3.42
N VAL A 129 -5.54 -15.97 -2.84
CA VAL A 129 -6.21 -14.69 -2.94
C VAL A 129 -6.91 -14.48 -1.59
N LYS A 131 -9.95 -12.48 0.78
CA LYS A 131 -11.27 -11.94 0.86
C LYS A 131 -11.42 -11.57 2.33
N PRO A 132 -12.27 -10.61 2.65
CA PRO A 132 -12.63 -10.35 4.04
C PRO A 132 -13.65 -11.39 4.54
N HIS A 133 -14.16 -12.24 3.63
CA HIS A 133 -15.09 -13.34 3.86
C HIS A 133 -14.62 -14.26 5.01
N ARG A 134 -13.36 -14.70 5.01
CA ARG A 134 -12.79 -15.62 6.00
C ARG A 134 -11.28 -15.55 5.92
N TYR A 135 -10.59 -16.06 6.95
CA TYR A 135 -9.14 -16.17 7.02
C TYR A 135 -8.79 -17.35 7.95
N ARG A 136 -7.56 -17.87 7.86
CA ARG A 136 -7.02 -18.89 8.74
C ARG A 136 -5.50 -18.73 8.77
N MET A 3 17.71 -4.38 -12.28
CA MET A 3 16.69 -3.80 -11.39
C MET A 3 16.80 -2.28 -11.42
N VAL A 4 15.70 -1.57 -11.71
CA VAL A 4 15.57 -0.12 -11.64
C VAL A 4 14.20 0.14 -11.01
N ASP A 5 14.15 1.02 -10.01
CA ASP A 5 12.93 1.27 -9.22
C ASP A 5 12.90 2.71 -8.67
N LEU A 6 13.72 3.59 -9.26
CA LEU A 6 13.96 4.97 -8.86
C LEU A 6 13.68 5.92 -10.04
N GLU A 7 13.01 5.41 -11.07
CA GLU A 7 12.51 6.16 -12.22
C GLU A 7 11.34 7.03 -11.74
N GLN A 8 10.58 6.50 -10.79
CA GLN A 8 9.56 7.13 -9.99
C GLN A 8 9.74 6.41 -8.67
N GLU A 9 10.14 7.19 -7.69
CA GLU A 9 10.19 6.86 -6.26
C GLU A 9 8.75 6.88 -5.70
N PHE A 10 8.57 6.50 -4.42
CA PHE A 10 7.34 6.48 -3.59
C PHE A 10 6.83 7.90 -3.40
N ALA A 11 6.36 8.41 -4.51
CA ALA A 11 5.99 9.78 -4.73
C ALA A 11 4.73 10.01 -3.89
N LEU A 12 4.69 11.18 -3.26
CA LEU A 12 3.72 11.54 -2.22
C LEU A 12 2.25 11.46 -2.65
N GLY A 13 2.00 11.30 -3.94
CA GLY A 13 0.69 11.01 -4.47
C GLY A 13 0.83 10.37 -5.84
N GLY A 14 1.92 9.60 -6.02
CA GLY A 14 2.05 8.76 -7.19
C GLY A 14 1.20 7.54 -6.95
N ARG A 15 1.49 6.54 -7.76
CA ARG A 15 0.97 5.21 -7.53
C ARG A 15 2.13 4.48 -6.93
N VAL A 16 1.76 3.49 -6.17
CA VAL A 16 2.63 2.49 -5.66
C VAL A 16 1.95 1.18 -6.04
N LEU A 17 2.66 0.09 -5.87
CA LEU A 17 2.20 -1.26 -6.11
C LEU A 17 2.71 -2.01 -4.90
N ALA A 18 1.94 -2.96 -4.39
CA ALA A 18 2.41 -3.83 -3.34
C ALA A 18 2.12 -5.27 -3.73
N PHE A 19 3.01 -6.15 -3.31
CA PHE A 19 3.05 -7.54 -3.73
C PHE A 19 2.74 -8.40 -2.50
N HIS A 20 1.67 -9.18 -2.56
CA HIS A 20 1.12 -9.89 -1.39
C HIS A 20 1.51 -11.38 -1.38
N GLY A 21 2.08 -11.89 -2.47
CA GLY A 21 2.63 -13.24 -2.56
C GLY A 21 2.27 -13.83 -3.92
N PRO A 22 1.03 -14.30 -4.11
CA PRO A 22 0.56 -14.77 -5.40
C PRO A 22 0.47 -13.66 -6.46
N LEU A 23 0.02 -12.48 -6.04
CA LEU A 23 -0.35 -11.39 -6.89
C LEU A 23 -0.03 -10.07 -6.19
N MET A 24 -0.30 -8.98 -6.90
CA MET A 24 0.10 -7.61 -6.60
C MET A 24 -1.08 -6.72 -6.93
N TYR A 25 -1.24 -5.61 -6.22
CA TYR A 25 -2.32 -4.66 -6.42
C TYR A 25 -1.78 -3.23 -6.38
N GLU A 26 -2.51 -2.35 -7.05
CA GLU A 26 -2.25 -0.92 -7.06
C GLU A 26 -2.50 -0.35 -5.68
N ALA A 27 -1.65 0.60 -5.28
CA ALA A 27 -1.63 1.24 -3.99
C ALA A 27 -1.59 2.76 -4.21
N LYS A 28 -1.91 3.55 -3.20
CA LYS A 28 -2.07 5.01 -3.31
C LYS A 28 -1.68 5.70 -2.00
N ILE A 29 -0.43 6.16 -1.91
CA ILE A 29 0.18 6.89 -0.78
C ILE A 29 -0.65 8.13 -0.44
N LEU A 30 -0.60 8.52 0.83
CA LEU A 30 -1.12 9.80 1.31
C LEU A 30 -0.46 10.24 2.61
N LYS A 31 -0.07 9.28 3.45
CA LYS A 31 0.54 9.52 4.74
C LYS A 31 1.74 8.62 4.79
N ILE A 32 2.85 9.14 5.29
CA ILE A 32 4.11 8.43 5.27
C ILE A 32 4.77 8.60 6.62
N TRP A 33 5.77 7.76 6.84
CA TRP A 33 6.41 7.58 8.14
C TRP A 33 7.90 7.33 7.96
N ASP A 34 8.68 7.69 9.00
CA ASP A 34 10.13 7.60 9.06
C ASP A 34 10.56 7.34 10.51
N PRO A 35 11.62 6.54 10.75
CA PRO A 35 12.14 6.29 12.10
C PRO A 35 12.77 7.53 12.76
N SER A 36 13.02 8.63 12.03
CA SER A 36 13.80 9.76 12.57
C SER A 36 13.08 10.44 13.73
N SER A 37 11.74 10.45 13.70
CA SER A 37 10.89 10.94 14.77
C SER A 37 9.94 9.85 15.25
N LYS A 38 9.82 8.71 14.53
CA LYS A 38 8.81 7.69 14.75
C LYS A 38 7.44 8.35 14.87
N MET A 39 7.14 9.20 13.91
CA MET A 39 5.90 9.94 13.73
C MET A 39 5.69 10.04 12.22
N TYR A 40 4.45 10.27 11.80
CA TYR A 40 4.08 10.34 10.38
C TYR A 40 3.84 11.77 9.92
N THR A 41 3.59 11.94 8.62
CA THR A 41 3.21 13.18 7.94
C THR A 41 2.22 12.78 6.85
N SER A 42 1.30 13.65 6.45
CA SER A 42 0.26 13.34 5.48
C SER A 42 -0.02 14.62 4.71
N ILE A 43 -0.64 14.49 3.54
CA ILE A 43 -0.90 15.61 2.65
C ILE A 43 -2.27 15.40 1.93
N PRO A 44 -2.91 16.46 1.40
CA PRO A 44 -4.23 16.43 0.75
C PRO A 44 -4.27 15.71 -0.62
N ASN A 45 -3.44 14.69 -0.85
CA ASN A 45 -3.41 13.93 -2.11
C ASN A 45 -4.81 13.50 -2.52
N ASP A 46 -5.51 12.91 -1.56
CA ASP A 46 -6.85 12.34 -1.71
C ASP A 46 -7.34 12.13 -0.27
N LYS A 47 -7.71 10.92 0.13
CA LYS A 47 -8.39 10.64 1.38
C LYS A 47 -8.07 9.23 1.86
N PRO A 48 -8.16 8.97 3.17
CA PRO A 48 -8.16 7.62 3.71
C PRO A 48 -9.47 6.95 3.24
N GLY A 49 -9.67 5.67 3.54
CA GLY A 49 -10.88 4.92 3.24
C GLY A 49 -12.09 5.31 4.10
N GLY A 50 -12.12 6.52 4.65
CA GLY A 50 -13.16 6.96 5.58
C GLY A 50 -13.14 8.48 5.88
N SER A 51 -12.68 9.33 4.95
CA SER A 51 -12.77 10.79 5.08
C SER A 51 -13.01 11.41 3.71
N SER A 52 -13.33 12.72 3.65
CA SER A 52 -13.56 13.43 2.39
C SER A 52 -12.25 13.81 1.70
N GLN A 53 -11.28 14.35 2.45
CA GLN A 53 -9.96 14.64 1.95
C GLN A 53 -9.05 14.98 3.13
N ALA A 54 -7.77 14.60 3.03
CA ALA A 54 -6.75 15.10 3.93
C ALA A 54 -6.69 16.64 3.73
N THR A 55 -6.15 17.36 4.71
CA THR A 55 -6.25 18.82 4.76
C THR A 55 -5.15 19.59 4.04
N LYS A 56 -3.93 19.58 4.59
CA LYS A 56 -2.72 20.28 4.16
C LYS A 56 -1.58 19.38 4.65
N GLU A 57 -0.34 19.88 4.78
CA GLU A 57 0.69 19.11 5.47
C GLU A 57 0.23 18.95 6.90
N ILE A 58 -0.14 17.72 7.21
CA ILE A 58 -0.74 17.31 8.47
C ILE A 58 0.38 17.34 9.51
N LYS A 59 0.10 17.90 10.68
CA LYS A 59 1.10 18.00 11.74
C LYS A 59 1.46 16.59 12.17
N PRO A 60 2.76 16.30 12.38
CA PRO A 60 3.19 14.98 12.74
C PRO A 60 2.76 14.72 14.17
N GLN A 61 2.25 13.52 14.43
CA GLN A 61 1.70 13.13 15.71
C GLN A 61 2.10 11.70 16.00
N LYS A 62 1.95 11.29 17.26
CA LYS A 62 2.09 9.89 17.61
C LYS A 62 0.99 9.11 16.91
N LEU A 63 1.28 7.84 16.67
CA LEU A 63 0.53 6.93 15.82
C LEU A 63 -0.21 5.90 16.67
N GLY A 64 -1.30 5.37 16.11
CA GLY A 64 -2.11 4.35 16.74
C GLY A 64 -3.52 4.84 17.07
N GLU A 65 -3.98 5.90 16.40
CA GLU A 65 -5.35 6.40 16.55
C GLU A 65 -6.30 5.50 15.76
N ASP A 66 -5.84 4.94 14.63
CA ASP A 66 -6.61 4.03 13.78
C ASP A 66 -5.69 3.03 13.05
N GLU A 67 -4.39 3.02 13.38
CA GLU A 67 -3.36 2.29 12.65
C GLU A 67 -2.58 1.35 13.57
N SER A 68 -1.71 0.55 12.94
CA SER A 68 -0.69 -0.28 13.57
C SER A 68 0.45 -0.38 12.54
N ILE A 69 1.70 -0.40 13.00
CA ILE A 69 2.87 -0.72 12.20
C ILE A 69 3.73 -1.67 13.02
N PRO A 70 4.01 -2.90 12.53
CA PRO A 70 4.99 -3.78 13.14
C PRO A 70 6.35 -3.10 13.26
N GLU A 71 7.17 -3.53 14.23
CA GLU A 71 8.55 -3.09 14.42
C GLU A 71 9.36 -3.25 13.12
N GLU A 72 8.95 -4.17 12.24
CA GLU A 72 9.51 -4.39 10.93
C GLU A 72 9.51 -3.16 10.01
N ILE A 73 8.52 -2.26 10.12
CA ILE A 73 8.38 -1.14 9.17
C ILE A 73 8.53 0.21 9.89
N ILE A 74 8.40 0.17 11.21
CA ILE A 74 8.69 1.22 12.18
C ILE A 74 10.09 1.78 11.90
N ASN A 75 11.06 0.88 11.68
CA ASN A 75 12.49 1.24 11.62
C ASN A 75 12.91 1.77 10.25
N GLY A 76 11.96 2.10 9.35
CA GLY A 76 12.28 2.50 7.99
C GLY A 76 11.16 3.34 7.40
N LYS A 77 11.31 3.73 6.13
CA LYS A 77 10.27 4.43 5.40
C LYS A 77 9.04 3.55 5.35
N SER A 78 7.87 4.13 5.64
CA SER A 78 6.59 3.44 5.55
C SER A 78 5.56 4.34 4.89
N PHE A 79 4.61 3.71 4.22
CA PHE A 79 3.66 4.36 3.35
C PHE A 79 2.25 3.83 3.60
N PHE A 80 1.38 4.69 4.12
CA PHE A 80 -0.06 4.52 4.27
C PHE A 80 -0.67 4.75 2.90
N ILE A 81 -1.37 3.71 2.45
CA ILE A 81 -1.86 3.58 1.11
C ILE A 81 -3.30 3.07 1.08
N HIS A 82 -3.98 3.32 -0.04
CA HIS A 82 -5.26 2.66 -0.33
C HIS A 82 -4.99 1.64 -1.42
N TYR A 83 -5.41 0.39 -1.22
CA TYR A 83 -5.37 -0.60 -2.30
C TYR A 83 -6.48 -0.31 -3.29
N GLN A 84 -6.09 0.15 -4.47
CA GLN A 84 -7.04 0.55 -5.50
C GLN A 84 -7.69 -0.69 -6.12
N GLY A 85 -8.94 -0.54 -6.55
CA GLY A 85 -9.78 -1.65 -6.97
C GLY A 85 -10.16 -2.57 -5.80
N TRP A 86 -9.78 -2.22 -4.55
CA TRP A 86 -10.02 -3.04 -3.37
C TRP A 86 -10.66 -2.24 -2.24
N LYS A 87 -11.07 -2.92 -1.16
CA LYS A 87 -11.90 -2.33 -0.11
C LYS A 87 -11.16 -1.26 0.69
N SER A 88 -11.93 -0.44 1.41
CA SER A 88 -11.42 0.49 2.40
C SER A 88 -10.80 -0.24 3.59
N SER A 89 -11.14 -1.51 3.83
CA SER A 89 -10.65 -2.29 4.95
C SER A 89 -9.12 -2.42 4.95
N TRP A 90 -8.49 -2.41 3.77
CA TRP A 90 -7.06 -2.60 3.61
C TRP A 90 -6.29 -1.26 3.60
N ASP A 91 -6.87 -0.16 4.08
CA ASP A 91 -6.15 1.09 4.30
C ASP A 91 -5.14 0.77 5.39
N GLU A 92 -3.86 0.66 5.03
CA GLU A 92 -2.80 0.13 5.86
C GLU A 92 -1.48 0.75 5.41
N TRP A 93 -0.46 0.77 6.26
CA TRP A 93 0.89 1.11 5.81
C TRP A 93 1.66 -0.17 5.56
N VAL A 94 2.58 -0.06 4.61
CA VAL A 94 3.51 -1.09 4.22
C VAL A 94 4.92 -0.52 4.20
N GLY A 95 5.88 -1.42 4.40
CA GLY A 95 7.29 -1.17 4.21
C GLY A 95 7.65 -1.55 2.79
N TYR A 96 8.85 -1.15 2.37
CA TYR A 96 9.46 -1.51 1.10
C TYR A 96 9.57 -3.03 0.88
N ASP A 97 9.44 -3.79 1.97
CA ASP A 97 9.30 -5.25 1.97
C ASP A 97 8.11 -5.74 1.14
N ARG A 98 7.08 -4.89 0.95
CA ARG A 98 5.95 -5.20 0.07
C ARG A 98 5.76 -4.16 -1.02
N ILE A 99 5.97 -2.87 -0.74
CA ILE A 99 5.59 -1.80 -1.68
C ILE A 99 6.75 -1.36 -2.58
N ARG A 100 6.44 -0.77 -3.75
CA ARG A 100 7.30 -0.07 -4.70
C ARG A 100 6.46 0.97 -5.45
N ALA A 101 7.06 1.94 -6.17
CA ALA A 101 6.38 3.07 -6.81
C ALA A 101 6.16 2.85 -8.31
N TYR A 102 5.16 3.50 -8.91
CA TYR A 102 4.73 3.20 -10.28
C TYR A 102 5.79 3.56 -11.31
N ASN A 103 6.37 2.53 -11.88
CA ASN A 103 7.40 2.59 -12.91
C ASN A 103 7.41 1.27 -13.68
N GLU A 104 8.02 1.30 -14.86
CA GLU A 104 7.95 0.23 -15.85
C GLU A 104 8.37 -1.14 -15.33
N GLU A 105 9.33 -1.22 -14.41
CA GLU A 105 9.75 -2.49 -13.81
C GLU A 105 8.59 -3.11 -13.02
N ASN A 106 7.88 -2.27 -12.26
CA ASN A 106 6.76 -2.75 -11.46
C ASN A 106 5.59 -3.04 -12.37
N ILE A 107 5.51 -2.39 -13.54
CA ILE A 107 4.51 -2.78 -14.54
C ILE A 107 4.87 -4.09 -15.21
N ALA A 108 6.15 -4.40 -15.40
CA ALA A 108 6.53 -5.70 -15.91
C ALA A 108 6.12 -6.78 -14.92
N MET A 109 6.30 -6.52 -13.61
CA MET A 109 5.75 -7.38 -12.55
C MET A 109 4.23 -7.43 -12.70
N LYS A 110 3.57 -6.27 -12.80
CA LYS A 110 2.12 -6.18 -12.85
C LYS A 110 1.58 -7.03 -13.97
N LYS A 111 2.12 -6.92 -15.18
CA LYS A 111 1.56 -7.59 -16.34
C LYS A 111 1.86 -9.07 -16.28
N ARG A 112 3.10 -9.45 -15.94
CA ARG A 112 3.49 -10.84 -15.74
C ARG A 112 2.57 -11.53 -14.72
N LEU A 113 2.07 -10.79 -13.72
CA LEU A 113 1.19 -11.37 -12.71
C LEU A 113 -0.26 -11.33 -13.12
N ALA A 114 -0.74 -10.19 -13.62
CA ALA A 114 -2.06 -10.02 -14.22
C ALA A 114 -2.34 -11.11 -15.27
N ASN A 115 -1.28 -11.60 -15.94
CA ASN A 115 -1.31 -12.71 -16.89
C ASN A 115 -1.67 -14.07 -16.26
N GLU A 116 -1.28 -14.34 -15.01
CA GLU A 116 -1.44 -15.66 -14.37
C GLU A 116 -2.34 -15.62 -13.13
N ALA A 117 -2.80 -14.42 -12.78
CA ALA A 117 -3.61 -14.09 -11.61
C ALA A 117 -4.81 -15.02 -11.42
N GLY A 118 -5.47 -15.42 -12.51
CA GLY A 118 -6.72 -16.18 -12.44
C GLY A 118 -7.85 -15.34 -11.82
N SER A 119 -8.87 -16.02 -11.31
CA SER A 119 -10.05 -15.47 -10.69
C SER A 119 -10.48 -16.46 -9.60
N THR A 120 -11.13 -15.94 -8.57
CA THR A 120 -11.80 -16.75 -7.55
C THR A 120 -12.95 -17.52 -8.23
N GLY A 121 -13.34 -18.66 -7.65
CA GLY A 121 -14.38 -19.54 -8.17
C GLY A 121 -14.89 -20.45 -7.07
N SER A 122 -15.68 -21.46 -7.43
CA SER A 122 -16.37 -22.40 -6.56
C SER A 122 -15.43 -23.43 -5.88
N ALA A 123 -14.21 -23.03 -5.52
CA ALA A 123 -13.21 -23.83 -4.81
C ALA A 123 -12.55 -22.92 -3.77
N PRO A 124 -12.10 -23.44 -2.61
CA PRO A 124 -11.60 -22.66 -1.48
C PRO A 124 -10.16 -22.11 -1.70
N ALA A 125 -9.72 -21.98 -2.95
CA ALA A 125 -8.37 -21.55 -3.30
C ALA A 125 -8.12 -20.09 -2.86
N THR A 126 -6.86 -19.79 -2.54
CA THR A 126 -6.37 -18.47 -2.13
C THR A 126 -5.07 -18.09 -2.85
N GLY A 127 -4.46 -19.04 -3.57
CA GLY A 127 -3.19 -18.90 -4.27
C GLY A 127 -3.34 -18.14 -5.59
N GLY A 128 -3.93 -16.94 -5.53
CA GLY A 128 -4.15 -16.07 -6.68
C GLY A 128 -4.68 -14.72 -6.23
N VAL A 129 -5.59 -14.64 -5.26
CA VAL A 129 -6.28 -13.41 -4.92
C VAL A 129 -6.53 -13.46 -3.41
N LYS A 131 -8.35 -12.47 0.34
CA LYS A 131 -9.70 -12.73 0.80
C LYS A 131 -9.95 -12.03 2.14
N PRO A 132 -10.92 -11.09 2.21
CA PRO A 132 -11.41 -10.54 3.47
C PRO A 132 -12.61 -11.34 4.00
N HIS A 133 -13.06 -12.30 3.19
CA HIS A 133 -14.28 -13.08 3.30
C HIS A 133 -13.96 -14.51 2.87
N ARG A 134 -14.50 -15.46 3.64
CA ARG A 134 -14.51 -16.93 3.58
C ARG A 134 -14.04 -17.45 4.93
N TYR A 135 -14.47 -18.67 5.29
CA TYR A 135 -14.29 -19.26 6.61
C TYR A 135 -14.10 -20.77 6.46
N ARG A 136 -13.47 -21.40 7.46
CA ARG A 136 -13.35 -22.86 7.52
C ARG A 136 -14.73 -23.47 7.72
N MET A 3 15.45 2.86 -19.12
CA MET A 3 14.38 2.85 -18.09
C MET A 3 13.94 4.26 -17.72
N VAL A 4 12.74 4.39 -17.16
CA VAL A 4 12.21 5.64 -16.60
C VAL A 4 13.08 6.06 -15.39
N ASP A 5 13.00 7.32 -14.97
CA ASP A 5 13.79 7.90 -13.87
C ASP A 5 12.91 8.83 -13.03
N LEU A 6 13.31 9.06 -11.77
CA LEU A 6 12.68 9.80 -10.67
C LEU A 6 11.29 9.29 -10.27
N GLU A 7 10.36 9.17 -11.22
CA GLU A 7 8.98 8.71 -11.00
C GLU A 7 8.97 7.27 -10.44
N GLN A 8 10.06 6.54 -10.67
CA GLN A 8 10.43 5.22 -10.18
C GLN A 8 10.47 5.11 -8.64
N GLU A 9 10.74 6.20 -7.93
CA GLU A 9 10.68 6.23 -6.46
C GLU A 9 9.23 6.22 -6.00
N PHE A 10 8.98 5.72 -4.78
CA PHE A 10 7.71 5.85 -4.10
C PHE A 10 7.47 7.35 -4.04
N ALA A 11 6.30 7.74 -4.48
CA ALA A 11 5.95 9.12 -4.71
C ALA A 11 4.72 9.39 -3.86
N LEU A 12 4.70 10.53 -3.19
CA LEU A 12 3.72 10.88 -2.13
C LEU A 12 2.26 10.89 -2.56
N GLY A 13 2.00 10.68 -3.84
CA GLY A 13 0.65 10.46 -4.31
C GLY A 13 0.70 9.82 -5.68
N GLY A 14 1.76 9.04 -5.92
CA GLY A 14 1.82 8.19 -7.08
C GLY A 14 1.07 6.92 -6.72
N ARG A 15 1.24 5.96 -7.61
CA ARG A 15 0.82 4.61 -7.32
C ARG A 15 2.05 3.93 -6.79
N VAL A 16 1.76 2.90 -6.06
CA VAL A 16 2.70 1.90 -5.60
C VAL A 16 1.98 0.60 -5.95
N LEU A 17 2.72 -0.48 -5.89
CA LEU A 17 2.26 -1.83 -6.14
C LEU A 17 2.81 -2.59 -4.96
N ALA A 18 2.03 -3.51 -4.42
CA ALA A 18 2.42 -4.29 -3.27
C ALA A 18 2.00 -5.72 -3.51
N PHE A 19 2.91 -6.63 -3.19
CA PHE A 19 2.82 -8.04 -3.54
C PHE A 19 2.48 -8.80 -2.25
N HIS A 20 1.27 -9.39 -2.15
CA HIS A 20 0.82 -9.97 -0.88
C HIS A 20 1.39 -11.36 -0.71
N GLY A 21 1.53 -12.10 -1.81
CA GLY A 21 2.15 -13.41 -1.82
C GLY A 21 1.82 -14.15 -3.11
N PRO A 22 0.58 -14.60 -3.29
CA PRO A 22 0.12 -15.20 -4.54
C PRO A 22 -0.10 -14.18 -5.65
N LEU A 23 -0.44 -12.93 -5.32
CA LEU A 23 -0.80 -11.90 -6.24
C LEU A 23 -0.42 -10.56 -5.64
N MET A 24 -0.54 -9.51 -6.45
CA MET A 24 -0.05 -8.18 -6.21
C MET A 24 -1.18 -7.23 -6.57
N TYR A 25 -1.30 -6.13 -5.84
CA TYR A 25 -2.40 -5.21 -5.96
C TYR A 25 -1.86 -3.78 -6.02
N GLU A 26 -2.70 -2.89 -6.52
CA GLU A 26 -2.40 -1.47 -6.60
C GLU A 26 -2.54 -0.88 -5.21
N ALA A 27 -1.69 0.10 -4.93
CA ALA A 27 -1.59 0.79 -3.66
C ALA A 27 -1.45 2.29 -3.94
N LYS A 28 -1.77 3.13 -2.96
CA LYS A 28 -1.89 4.58 -3.17
C LYS A 28 -1.53 5.33 -1.88
N ILE A 29 -0.27 5.76 -1.79
CA ILE A 29 0.38 6.46 -0.67
C ILE A 29 -0.30 7.78 -0.35
N LEU A 30 -0.23 8.16 0.94
CA LEU A 30 -0.58 9.51 1.38
C LEU A 30 -0.02 9.85 2.74
N LYS A 31 0.26 8.87 3.58
CA LYS A 31 0.91 9.08 4.86
C LYS A 31 2.12 8.16 4.87
N ILE A 32 3.22 8.65 5.37
CA ILE A 32 4.51 8.00 5.25
C ILE A 32 5.26 8.15 6.55
N TRP A 33 6.32 7.36 6.71
CA TRP A 33 7.02 7.22 7.98
C TRP A 33 8.50 6.92 7.74
N ASP A 34 9.32 7.27 8.72
CA ASP A 34 10.78 7.16 8.69
C ASP A 34 11.30 6.90 10.11
N PRO A 35 12.33 6.05 10.30
CA PRO A 35 12.93 5.79 11.61
C PRO A 35 13.65 7.02 12.20
N SER A 36 13.88 8.10 11.44
CA SER A 36 14.71 9.22 11.90
C SER A 36 14.06 9.93 13.09
N SER A 37 12.74 9.97 13.11
CA SER A 37 11.89 10.52 14.18
C SER A 37 10.97 9.43 14.73
N LYS A 38 10.78 8.31 14.01
CA LYS A 38 9.75 7.31 14.33
C LYS A 38 8.41 8.02 14.54
N MET A 39 8.02 8.82 13.56
CA MET A 39 6.81 9.62 13.49
C MET A 39 6.45 9.70 12.00
N TYR A 40 5.17 9.88 11.69
CA TYR A 40 4.68 9.92 10.30
C TYR A 40 4.44 11.35 9.81
N THR A 41 4.10 11.51 8.54
CA THR A 41 3.69 12.75 7.88
C THR A 41 2.63 12.36 6.86
N SER A 42 1.71 13.25 6.52
CA SER A 42 0.60 12.98 5.61
C SER A 42 0.29 14.29 4.88
N ILE A 43 -0.41 14.17 3.75
CA ILE A 43 -0.75 15.28 2.86
C ILE A 43 -2.11 15.00 2.18
N PRO A 44 -2.80 16.04 1.67
CA PRO A 44 -4.09 15.91 0.99
C PRO A 44 -3.93 15.20 -0.36
N ASN A 45 -4.13 13.89 -0.39
CA ASN A 45 -4.16 13.09 -1.61
C ASN A 45 -5.23 12.00 -1.59
N ASP A 46 -5.94 11.80 -0.47
CA ASP A 46 -6.91 10.70 -0.34
C ASP A 46 -8.01 11.06 0.65
N LYS A 47 -8.96 10.15 0.83
CA LYS A 47 -10.20 10.31 1.58
C LYS A 47 -10.51 8.96 2.26
N PRO A 48 -9.73 8.54 3.29
CA PRO A 48 -9.82 7.19 3.84
C PRO A 48 -11.21 6.73 4.33
N GLY A 49 -12.10 7.64 4.75
CA GLY A 49 -13.43 7.31 5.26
C GLY A 49 -13.55 7.66 6.73
N GLY A 50 -12.51 7.36 7.52
CA GLY A 50 -12.37 7.82 8.90
C GLY A 50 -12.16 9.33 8.99
N SER A 51 -11.80 9.97 7.87
CA SER A 51 -11.68 11.40 7.67
C SER A 51 -12.19 11.68 6.25
N SER A 52 -12.89 12.80 6.08
CA SER A 52 -13.51 13.19 4.82
C SER A 52 -12.47 13.43 3.72
N GLN A 53 -11.27 13.89 4.11
CA GLN A 53 -10.08 13.99 3.28
C GLN A 53 -8.88 14.04 4.21
N ALA A 54 -7.68 13.74 3.70
CA ALA A 54 -6.45 14.02 4.42
C ALA A 54 -6.35 15.56 4.34
N THR A 55 -5.98 16.25 5.42
CA THR A 55 -6.11 17.71 5.48
C THR A 55 -4.75 18.41 5.67
N LYS A 56 -4.28 19.01 4.57
CA LYS A 56 -3.05 19.81 4.45
C LYS A 56 -1.81 19.05 4.94
N GLU A 57 -0.69 19.75 5.11
CA GLU A 57 0.54 19.15 5.62
C GLU A 57 0.25 18.76 7.08
N ILE A 58 0.01 17.47 7.32
CA ILE A 58 -0.43 16.97 8.62
C ILE A 58 0.77 17.03 9.56
N LYS A 59 0.56 17.45 10.81
CA LYS A 59 1.64 17.52 11.79
C LYS A 59 2.09 16.10 12.11
N PRO A 60 3.41 15.87 12.23
CA PRO A 60 3.93 14.57 12.56
C PRO A 60 3.62 14.34 14.04
N GLN A 61 3.09 13.16 14.32
CA GLN A 61 2.55 12.79 15.62
C GLN A 61 3.00 11.37 15.96
N LYS A 62 2.86 10.99 17.23
CA LYS A 62 3.09 9.60 17.62
C LYS A 62 2.02 8.73 16.96
N LEU A 63 2.37 7.47 16.75
CA LEU A 63 1.64 6.50 15.96
C LEU A 63 1.27 5.33 16.85
N GLY A 64 0.06 4.81 16.60
CA GLY A 64 -0.42 3.56 17.18
C GLY A 64 -1.74 3.68 17.95
N GLU A 65 -2.62 4.61 17.56
CA GLU A 65 -3.95 4.70 18.16
C GLU A 65 -4.80 3.49 17.71
N ASP A 66 -4.69 3.09 16.45
CA ASP A 66 -5.26 1.85 15.89
C ASP A 66 -4.43 1.35 14.70
N GLU A 67 -3.83 2.28 13.94
CA GLU A 67 -2.88 2.11 12.84
C GLU A 67 -1.51 1.54 13.29
N SER A 68 -1.43 0.86 14.43
CA SER A 68 -0.28 0.07 14.92
C SER A 68 0.44 -0.60 13.77
N ILE A 69 1.78 -0.47 13.77
CA ILE A 69 2.63 -0.82 12.67
C ILE A 69 3.66 -1.82 13.24
N PRO A 70 4.08 -2.86 12.50
CA PRO A 70 5.02 -3.83 13.03
C PRO A 70 6.42 -3.23 13.15
N GLU A 71 7.18 -3.65 14.18
CA GLU A 71 8.59 -3.29 14.37
C GLU A 71 9.47 -3.68 13.18
N GLU A 72 8.97 -4.54 12.29
CA GLU A 72 9.61 -4.91 11.03
C GLU A 72 9.76 -3.73 10.07
N ILE A 73 8.91 -2.70 10.17
CA ILE A 73 8.84 -1.60 9.18
C ILE A 73 9.05 -0.24 9.85
N ILE A 74 8.95 -0.21 11.18
CA ILE A 74 9.30 0.87 12.08
C ILE A 74 10.73 1.36 11.78
N ASN A 75 11.63 0.42 11.54
CA ASN A 75 13.08 0.66 11.40
C ASN A 75 13.46 1.10 9.98
N GLY A 76 12.51 1.43 9.10
CA GLY A 76 12.75 1.78 7.71
C GLY A 76 11.62 2.65 7.20
N LYS A 77 11.66 2.99 5.89
CA LYS A 77 10.57 3.75 5.30
C LYS A 77 9.30 2.91 5.41
N SER A 78 8.19 3.57 5.72
CA SER A 78 6.87 2.97 5.70
C SER A 78 5.91 3.88 4.98
N PHE A 79 4.91 3.25 4.34
CA PHE A 79 3.99 3.90 3.42
C PHE A 79 2.58 3.40 3.72
N PHE A 80 1.73 4.29 4.21
CA PHE A 80 0.28 4.11 4.38
C PHE A 80 -0.37 4.34 3.03
N ILE A 81 -1.16 3.35 2.62
CA ILE A 81 -1.70 3.21 1.29
C ILE A 81 -3.17 2.81 1.29
N HIS A 82 -3.86 3.16 0.21
CA HIS A 82 -5.19 2.65 -0.09
C HIS A 82 -4.99 1.55 -1.13
N TYR A 83 -5.38 0.32 -0.82
CA TYR A 83 -5.33 -0.77 -1.78
C TYR A 83 -6.45 -0.56 -2.78
N GLN A 84 -6.07 -0.26 -4.02
CA GLN A 84 -7.06 0.01 -5.07
C GLN A 84 -7.55 -1.31 -5.65
N GLY A 85 -8.79 -1.32 -6.15
CA GLY A 85 -9.48 -2.54 -6.53
C GLY A 85 -9.94 -3.36 -5.32
N TRP A 86 -9.72 -2.87 -4.09
CA TRP A 86 -10.10 -3.54 -2.84
C TRP A 86 -10.72 -2.55 -1.85
N LYS A 87 -11.13 -3.04 -0.67
CA LYS A 87 -11.88 -2.24 0.30
C LYS A 87 -10.94 -1.29 1.05
N SER A 88 -11.52 -0.25 1.64
CA SER A 88 -10.83 0.67 2.54
C SER A 88 -10.52 0.01 3.90
N SER A 89 -11.14 -1.14 4.20
CA SER A 89 -10.85 -1.96 5.37
C SER A 89 -9.36 -2.31 5.48
N TRP A 90 -8.67 -2.45 4.34
CA TRP A 90 -7.29 -2.85 4.28
C TRP A 90 -6.31 -1.67 4.33
N ASP A 91 -6.75 -0.43 4.58
CA ASP A 91 -5.88 0.74 4.56
C ASP A 91 -4.89 0.52 5.69
N GLU A 92 -3.63 0.38 5.34
CA GLU A 92 -2.55 -0.09 6.18
C GLU A 92 -1.24 0.48 5.66
N TRP A 93 -0.18 0.42 6.47
CA TRP A 93 1.16 0.70 6.00
C TRP A 93 1.91 -0.59 5.75
N VAL A 94 2.82 -0.50 4.79
CA VAL A 94 3.74 -1.56 4.39
C VAL A 94 5.15 -0.99 4.29
N GLY A 95 6.12 -1.89 4.35
CA GLY A 95 7.52 -1.64 4.07
C GLY A 95 7.87 -2.15 2.68
N TYR A 96 9.09 -1.84 2.25
CA TYR A 96 9.64 -2.16 0.94
C TYR A 96 9.70 -3.67 0.67
N ASP A 97 9.61 -4.47 1.73
CA ASP A 97 9.48 -5.92 1.67
C ASP A 97 8.23 -6.38 0.90
N ARG A 98 7.22 -5.51 0.77
CA ARG A 98 6.05 -5.75 -0.09
C ARG A 98 5.88 -4.67 -1.14
N ILE A 99 6.10 -3.39 -0.82
CA ILE A 99 5.71 -2.30 -1.74
C ILE A 99 6.85 -1.84 -2.66
N ARG A 100 6.52 -1.24 -3.80
CA ARG A 100 7.37 -0.53 -4.77
C ARG A 100 6.51 0.48 -5.53
N ALA A 101 7.07 1.55 -6.14
CA ALA A 101 6.32 2.60 -6.85
C ALA A 101 5.79 2.13 -8.21
N TYR A 102 4.89 2.91 -8.84
CA TYR A 102 4.51 2.64 -10.22
C TYR A 102 5.69 2.91 -11.15
N ASN A 103 6.12 1.85 -11.82
CA ASN A 103 7.09 1.88 -12.91
C ASN A 103 6.96 0.56 -13.71
N GLU A 104 7.52 0.57 -14.91
CA GLU A 104 7.33 -0.49 -15.91
C GLU A 104 7.76 -1.87 -15.44
N GLU A 105 8.76 -1.96 -14.55
CA GLU A 105 9.22 -3.23 -14.00
C GLU A 105 8.11 -3.85 -13.13
N ASN A 106 7.45 -3.02 -12.34
CA ASN A 106 6.36 -3.47 -11.48
C ASN A 106 5.15 -3.74 -12.32
N ILE A 107 5.00 -3.08 -13.47
CA ILE A 107 3.95 -3.48 -14.41
C ILE A 107 4.30 -4.80 -15.07
N ALA A 108 5.56 -5.12 -15.29
CA ALA A 108 5.94 -6.42 -15.80
C ALA A 108 5.55 -7.51 -14.79
N MET A 109 5.78 -7.26 -13.49
CA MET A 109 5.30 -8.13 -12.42
C MET A 109 3.77 -8.19 -12.47
N LYS A 110 3.12 -7.02 -12.55
CA LYS A 110 1.67 -6.91 -12.51
C LYS A 110 1.05 -7.73 -13.60
N LYS A 111 1.54 -7.63 -14.83
CA LYS A 111 0.93 -8.30 -15.96
C LYS A 111 1.21 -9.79 -15.90
N ARG A 112 2.46 -10.18 -15.60
CA ARG A 112 2.81 -11.58 -15.39
C ARG A 112 1.91 -12.23 -14.33
N LEU A 113 1.45 -11.48 -13.32
CA LEU A 113 0.59 -12.04 -12.28
C LEU A 113 -0.88 -11.96 -12.62
N ALA A 114 -1.33 -10.82 -13.13
CA ALA A 114 -2.67 -10.61 -13.70
C ALA A 114 -3.01 -11.68 -14.76
N ASN A 115 -1.98 -12.23 -15.42
CA ASN A 115 -2.06 -13.33 -16.38
C ASN A 115 -2.47 -14.68 -15.75
N GLU A 116 -2.06 -14.97 -14.51
CA GLU A 116 -2.20 -16.32 -13.92
C GLU A 116 -2.94 -16.32 -12.58
N ALA A 117 -3.14 -15.14 -12.00
CA ALA A 117 -3.85 -14.85 -10.74
C ALA A 117 -3.39 -15.66 -9.52
N GLY A 118 -2.20 -16.24 -9.61
CA GLY A 118 -1.61 -17.14 -8.61
C GLY A 118 -2.12 -18.58 -8.75
N SER A 119 -3.42 -18.75 -9.07
CA SER A 119 -4.08 -20.06 -9.22
C SER A 119 -3.71 -21.05 -8.09
N THR A 120 -3.75 -20.58 -6.84
CA THR A 120 -3.52 -21.38 -5.65
C THR A 120 -4.54 -22.53 -5.54
N GLY A 121 -5.71 -22.39 -6.16
CA GLY A 121 -6.70 -23.43 -6.34
C GLY A 121 -7.76 -22.95 -7.35
N SER A 122 -8.61 -23.86 -7.81
CA SER A 122 -9.70 -23.55 -8.72
C SER A 122 -10.75 -22.70 -7.99
N ALA A 123 -10.76 -21.40 -8.27
CA ALA A 123 -11.65 -20.42 -7.65
C ALA A 123 -11.79 -19.21 -8.59
N PRO A 124 -12.87 -18.41 -8.48
CA PRO A 124 -13.07 -17.17 -9.25
C PRO A 124 -12.19 -16.01 -8.73
N ALA A 125 -10.99 -16.31 -8.21
CA ALA A 125 -10.07 -15.37 -7.59
C ALA A 125 -9.31 -14.51 -8.62
N THR A 126 -9.69 -14.56 -9.89
CA THR A 126 -9.08 -13.92 -11.05
C THR A 126 -9.33 -12.39 -11.06
N GLY A 127 -8.86 -11.71 -10.01
CA GLY A 127 -8.95 -10.27 -9.85
C GLY A 127 -8.49 -9.84 -8.45
N GLY A 128 -8.63 -10.72 -7.46
CA GLY A 128 -8.14 -10.53 -6.10
C GLY A 128 -8.38 -11.85 -5.36
N VAL A 129 -7.39 -12.28 -4.57
CA VAL A 129 -7.41 -13.63 -3.98
C VAL A 129 -7.44 -13.64 -2.46
N LYS A 131 -9.32 -12.61 1.19
CA LYS A 131 -10.72 -12.86 1.53
C LYS A 131 -11.05 -12.28 2.91
N PRO A 132 -11.83 -11.18 3.01
CA PRO A 132 -12.39 -10.70 4.26
C PRO A 132 -13.67 -11.46 4.62
N HIS A 133 -14.17 -12.25 3.67
CA HIS A 133 -15.44 -12.93 3.61
C HIS A 133 -15.16 -14.43 3.41
N ARG A 134 -16.22 -15.22 3.25
CA ARG A 134 -16.19 -16.69 3.21
C ARG A 134 -15.47 -17.27 4.44
N TYR A 135 -15.60 -16.60 5.58
CA TYR A 135 -14.98 -16.95 6.85
C TYR A 135 -15.88 -16.43 7.98
N ARG A 136 -15.79 -17.04 9.17
CA ARG A 136 -16.53 -16.68 10.36
C ARG A 136 -15.68 -17.08 11.56
N MET A 3 12.49 9.61 -19.52
CA MET A 3 11.50 10.65 -19.15
C MET A 3 11.19 10.56 -17.65
N VAL A 4 10.31 9.66 -17.23
CA VAL A 4 10.03 9.42 -15.80
C VAL A 4 11.27 8.80 -15.13
N ASP A 5 11.39 8.96 -13.81
CA ASP A 5 12.46 8.37 -13.00
C ASP A 5 12.03 8.22 -11.54
N LEU A 6 11.43 9.28 -10.97
CA LEU A 6 10.94 9.31 -9.58
C LEU A 6 9.85 8.27 -9.32
N GLU A 7 9.12 7.86 -10.36
CA GLU A 7 8.09 6.82 -10.32
C GLU A 7 8.65 5.50 -9.77
N GLN A 8 9.96 5.27 -9.86
CA GLN A 8 10.66 4.13 -9.30
C GLN A 8 10.49 4.03 -7.78
N GLU A 9 10.41 5.16 -7.08
CA GLU A 9 10.21 5.21 -5.64
C GLU A 9 8.73 5.40 -5.32
N PHE A 10 8.41 5.07 -4.07
CA PHE A 10 7.18 5.24 -3.27
C PHE A 10 6.75 6.71 -3.23
N ALA A 11 6.38 7.17 -4.41
CA ALA A 11 6.12 8.55 -4.73
C ALA A 11 4.92 8.98 -3.90
N LEU A 12 4.95 10.22 -3.41
CA LEU A 12 4.04 10.77 -2.41
C LEU A 12 2.55 10.70 -2.73
N GLY A 13 2.21 10.33 -3.96
CA GLY A 13 0.86 10.01 -4.35
C GLY A 13 0.89 9.20 -5.62
N GLY A 14 1.95 8.40 -5.80
CA GLY A 14 1.99 7.45 -6.87
C GLY A 14 1.20 6.24 -6.46
N ARG A 15 1.17 5.32 -7.41
CA ARG A 15 0.69 3.99 -7.16
C ARG A 15 1.87 3.27 -6.55
N VAL A 16 1.53 2.27 -5.76
CA VAL A 16 2.43 1.28 -5.22
C VAL A 16 1.74 -0.04 -5.50
N LEU A 17 2.48 -1.11 -5.38
CA LEU A 17 2.10 -2.44 -5.78
C LEU A 17 2.66 -3.29 -4.67
N ALA A 18 1.75 -3.93 -3.96
CA ALA A 18 2.09 -4.72 -2.79
C ALA A 18 1.84 -6.18 -3.11
N PHE A 19 2.76 -7.02 -2.66
CA PHE A 19 2.87 -8.42 -3.03
C PHE A 19 2.73 -9.26 -1.76
N HIS A 20 1.70 -10.11 -1.70
CA HIS A 20 1.33 -10.81 -0.48
C HIS A 20 1.87 -12.23 -0.47
N GLY A 21 2.18 -12.80 -1.64
CA GLY A 21 2.79 -14.10 -1.75
C GLY A 21 2.42 -14.75 -3.07
N PRO A 22 1.19 -15.28 -3.20
CA PRO A 22 0.71 -15.84 -4.45
C PRO A 22 0.49 -14.77 -5.52
N LEU A 23 0.12 -13.54 -5.13
CA LEU A 23 -0.27 -12.48 -6.02
C LEU A 23 0.01 -11.12 -5.41
N MET A 24 -0.25 -10.07 -6.19
CA MET A 24 0.04 -8.68 -5.93
C MET A 24 -1.24 -7.89 -6.19
N TYR A 25 -1.37 -6.73 -5.54
CA TYR A 25 -2.54 -5.86 -5.58
C TYR A 25 -2.08 -4.41 -5.64
N GLU A 26 -2.88 -3.56 -6.29
CA GLU A 26 -2.58 -2.13 -6.34
C GLU A 26 -2.79 -1.51 -4.97
N ALA A 27 -1.96 -0.52 -4.68
CA ALA A 27 -1.98 0.28 -3.49
C ALA A 27 -1.72 1.74 -3.86
N LYS A 28 -2.08 2.67 -2.96
CA LYS A 28 -2.06 4.11 -3.26
C LYS A 28 -1.74 4.89 -1.98
N ILE A 29 -0.50 5.38 -1.88
CA ILE A 29 0.10 6.14 -0.77
C ILE A 29 -0.57 7.50 -0.54
N LEU A 30 -0.45 7.99 0.69
CA LEU A 30 -0.76 9.39 1.06
C LEU A 30 -0.20 9.80 2.40
N LYS A 31 0.14 8.86 3.29
CA LYS A 31 0.76 9.15 4.56
C LYS A 31 1.94 8.22 4.68
N ILE A 32 3.06 8.70 5.17
CA ILE A 32 4.32 7.99 5.10
C ILE A 32 5.08 8.20 6.40
N TRP A 33 6.05 7.34 6.65
CA TRP A 33 6.71 7.25 7.95
C TRP A 33 8.19 6.91 7.83
N ASP A 34 8.95 7.32 8.86
CA ASP A 34 10.40 7.25 8.99
C ASP A 34 10.76 7.02 10.47
N PRO A 35 11.76 6.18 10.81
CA PRO A 35 12.19 5.96 12.18
C PRO A 35 12.85 7.19 12.84
N SER A 36 13.18 8.25 12.09
CA SER A 36 14.00 9.36 12.62
C SER A 36 13.26 10.13 13.70
N SER A 37 11.94 10.21 13.57
CA SER A 37 11.05 10.83 14.55
C SER A 37 10.00 9.82 15.05
N LYS A 38 9.88 8.64 14.41
CA LYS A 38 8.81 7.67 14.67
C LYS A 38 7.45 8.39 14.70
N MET A 39 7.21 9.18 13.67
CA MET A 39 6.03 9.99 13.43
C MET A 39 5.89 10.08 11.91
N TYR A 40 4.67 10.29 11.43
CA TYR A 40 4.37 10.27 9.99
C TYR A 40 4.18 11.68 9.42
N THR A 41 4.01 11.78 8.11
CA THR A 41 3.64 12.99 7.36
C THR A 41 2.67 12.55 6.26
N SER A 42 1.83 13.45 5.76
CA SER A 42 0.73 13.06 4.88
C SER A 42 0.40 14.25 4.01
N ILE A 43 -0.21 14.00 2.85
CA ILE A 43 -0.53 15.04 1.88
C ILE A 43 -1.91 14.77 1.24
N PRO A 44 -2.54 15.76 0.59
CA PRO A 44 -3.90 15.67 0.03
C PRO A 44 -3.90 14.95 -1.34
N ASN A 45 -3.19 13.83 -1.45
CA ASN A 45 -3.16 13.04 -2.67
C ASN A 45 -4.58 12.63 -3.06
N ASP A 46 -5.27 12.00 -2.11
CA ASP A 46 -6.61 11.47 -2.29
C ASP A 46 -7.19 11.12 -0.91
N LYS A 47 -8.47 10.79 -0.89
CA LYS A 47 -9.22 10.23 0.22
C LYS A 47 -8.72 8.83 0.58
N PRO A 48 -8.82 8.40 1.86
CA PRO A 48 -8.64 7.01 2.23
C PRO A 48 -9.81 6.21 1.62
N GLY A 49 -9.85 4.88 1.79
CA GLY A 49 -10.89 4.00 1.29
C GLY A 49 -12.32 4.41 1.65
N GLY A 50 -12.56 5.11 2.77
CA GLY A 50 -13.89 5.41 3.26
C GLY A 50 -13.96 6.66 4.14
N SER A 51 -13.29 7.75 3.74
CA SER A 51 -13.33 9.04 4.44
C SER A 51 -13.29 10.19 3.41
N SER A 52 -13.29 11.44 3.87
CA SER A 52 -13.05 12.63 3.07
C SER A 52 -11.58 12.65 2.64
N GLN A 53 -11.20 13.72 1.93
CA GLN A 53 -9.85 13.88 1.41
C GLN A 53 -8.83 13.97 2.55
N ALA A 54 -7.59 13.58 2.27
CA ALA A 54 -6.49 13.86 3.17
C ALA A 54 -6.25 15.37 3.08
N THR A 55 -5.73 15.98 4.15
CA THR A 55 -5.56 17.43 4.24
C THR A 55 -4.21 17.85 3.63
N LYS A 56 -4.07 19.13 3.28
CA LYS A 56 -2.79 19.77 2.91
C LYS A 56 -1.74 19.41 3.96
N GLU A 57 -0.47 19.35 3.52
CA GLU A 57 0.69 18.84 4.25
C GLU A 57 0.47 18.81 5.75
N ILE A 58 0.10 17.62 6.16
CA ILE A 58 -0.41 17.31 7.48
C ILE A 58 0.76 17.37 8.46
N LYS A 59 0.51 17.98 9.62
CA LYS A 59 1.51 18.08 10.68
C LYS A 59 1.78 16.69 11.20
N PRO A 60 3.03 16.36 11.54
CA PRO A 60 3.39 15.04 12.01
C PRO A 60 2.83 14.92 13.43
N GLN A 61 2.26 13.76 13.73
CA GLN A 61 1.63 13.47 15.02
C GLN A 61 2.04 12.07 15.45
N LYS A 62 1.91 11.78 16.76
CA LYS A 62 2.16 10.43 17.23
C LYS A 62 1.08 9.50 16.71
N LEU A 63 1.55 8.45 16.10
CA LEU A 63 0.78 7.40 15.46
C LEU A 63 0.07 6.52 16.48
N GLY A 64 -1.12 6.04 16.09
CA GLY A 64 -1.99 5.23 16.93
C GLY A 64 -3.37 5.85 17.12
N GLU A 65 -3.76 6.80 16.27
CA GLU A 65 -5.07 7.44 16.31
C GLU A 65 -6.11 6.57 15.62
N ASP A 66 -5.69 5.81 14.60
CA ASP A 66 -6.54 4.88 13.83
C ASP A 66 -5.71 3.68 13.33
N GLU A 67 -4.48 3.54 13.82
CA GLU A 67 -3.45 2.63 13.34
C GLU A 67 -2.85 1.87 14.53
N SER A 68 -1.99 0.91 14.19
CA SER A 68 -1.07 0.19 15.02
C SER A 68 -0.17 -0.44 13.97
N ILE A 69 1.12 -0.17 14.04
CA ILE A 69 2.04 -0.48 12.99
C ILE A 69 3.13 -1.37 13.63
N PRO A 70 3.46 -2.53 13.05
CA PRO A 70 4.34 -3.50 13.70
C PRO A 70 5.77 -2.97 13.79
N GLU A 71 6.50 -3.37 14.83
CA GLU A 71 7.89 -3.00 15.08
C GLU A 71 8.82 -3.39 13.91
N GLU A 72 8.38 -4.33 13.08
CA GLU A 72 8.98 -4.73 11.81
C GLU A 72 9.16 -3.56 10.82
N ILE A 73 8.26 -2.58 10.83
CA ILE A 73 8.19 -1.52 9.80
C ILE A 73 8.42 -0.13 10.42
N ILE A 74 8.31 -0.06 11.75
CA ILE A 74 8.62 1.07 12.60
C ILE A 74 10.05 1.55 12.34
N ASN A 75 10.98 0.60 12.20
CA ASN A 75 12.43 0.86 12.17
C ASN A 75 12.92 1.29 10.77
N GLY A 76 12.02 1.59 9.82
CA GLY A 76 12.36 1.89 8.45
C GLY A 76 11.24 2.68 7.79
N LYS A 77 11.34 2.87 6.47
CA LYS A 77 10.29 3.53 5.71
C LYS A 77 8.98 2.75 5.85
N SER A 78 7.87 3.45 6.04
CA SER A 78 6.55 2.87 5.97
C SER A 78 5.59 3.77 5.19
N PHE A 79 4.57 3.13 4.59
CA PHE A 79 3.66 3.75 3.64
C PHE A 79 2.23 3.33 3.95
N PHE A 80 1.41 4.31 4.33
CA PHE A 80 -0.03 4.24 4.48
C PHE A 80 -0.63 4.41 3.11
N ILE A 81 -1.46 3.43 2.77
CA ILE A 81 -2.00 3.22 1.46
C ILE A 81 -3.47 2.81 1.56
N HIS A 82 -4.14 2.86 0.41
CA HIS A 82 -5.44 2.22 0.27
C HIS A 82 -5.28 1.19 -0.84
N TYR A 83 -5.64 -0.06 -0.55
CA TYR A 83 -5.58 -1.14 -1.52
C TYR A 83 -6.78 -1.03 -2.45
N GLN A 84 -6.53 -0.98 -3.75
CA GLN A 84 -7.62 -0.87 -4.72
C GLN A 84 -8.46 -2.14 -4.72
N GLY A 85 -9.75 -2.00 -5.02
CA GLY A 85 -10.68 -3.11 -5.10
C GLY A 85 -10.92 -3.81 -3.75
N TRP A 86 -10.46 -3.24 -2.64
CA TRP A 86 -10.57 -3.85 -1.31
C TRP A 86 -11.20 -2.88 -0.30
N LYS A 87 -11.61 -3.42 0.86
CA LYS A 87 -12.39 -2.70 1.88
C LYS A 87 -11.65 -1.49 2.43
N SER A 88 -12.37 -0.66 3.18
CA SER A 88 -11.79 0.44 3.96
C SER A 88 -10.86 -0.09 5.06
N SER A 89 -11.01 -1.35 5.48
CA SER A 89 -10.16 -1.96 6.50
C SER A 89 -8.68 -1.99 6.07
N TRP A 90 -8.40 -2.00 4.76
CA TRP A 90 -7.05 -2.03 4.21
C TRP A 90 -6.44 -0.62 4.08
N ASP A 91 -7.01 0.38 4.77
CA ASP A 91 -6.41 1.69 4.98
C ASP A 91 -5.40 1.39 6.07
N GLU A 92 -4.19 0.97 5.66
CA GLU A 92 -3.17 0.39 6.53
C GLU A 92 -1.81 0.82 6.00
N TRP A 93 -0.74 0.64 6.79
CA TRP A 93 0.62 0.79 6.30
C TRP A 93 1.27 -0.57 6.10
N VAL A 94 2.21 -0.56 5.17
CA VAL A 94 3.09 -1.69 4.88
C VAL A 94 4.53 -1.19 4.83
N GLY A 95 5.43 -2.13 5.06
CA GLY A 95 6.85 -1.96 4.86
C GLY A 95 7.22 -2.42 3.46
N TYR A 96 8.44 -2.10 3.06
CA TYR A 96 9.05 -2.54 1.81
C TYR A 96 9.09 -4.06 1.66
N ASP A 97 8.95 -4.78 2.77
CA ASP A 97 8.77 -6.22 2.84
C ASP A 97 7.56 -6.72 2.03
N ARG A 98 6.60 -5.84 1.72
CA ARG A 98 5.44 -6.13 0.87
C ARG A 98 5.30 -5.13 -0.26
N ILE A 99 5.61 -3.84 -0.08
CA ILE A 99 5.26 -2.82 -1.07
C ILE A 99 6.44 -2.39 -1.94
N ARG A 100 6.19 -1.94 -3.17
CA ARG A 100 7.10 -1.27 -4.10
C ARG A 100 6.31 -0.25 -4.91
N ALA A 101 6.93 0.75 -5.56
CA ALA A 101 6.24 1.77 -6.35
C ALA A 101 5.73 1.22 -7.69
N TYR A 102 4.90 1.98 -8.39
CA TYR A 102 4.54 1.66 -9.76
C TYR A 102 5.67 2.06 -10.69
N ASN A 103 6.35 1.06 -11.23
CA ASN A 103 7.36 1.19 -12.27
C ASN A 103 7.48 -0.12 -13.04
N GLU A 104 8.10 -0.06 -14.22
CA GLU A 104 8.15 -1.14 -15.20
C GLU A 104 8.64 -2.48 -14.66
N GLU A 105 9.58 -2.48 -13.73
CA GLU A 105 10.09 -3.72 -13.12
C GLU A 105 8.97 -4.42 -12.36
N ASN A 106 8.19 -3.64 -11.62
CA ASN A 106 7.12 -4.19 -10.81
C ASN A 106 5.93 -4.50 -11.70
N ILE A 107 5.81 -3.84 -12.86
CA ILE A 107 4.84 -4.25 -13.87
C ILE A 107 5.25 -5.58 -14.48
N ALA A 108 6.55 -5.84 -14.66
CA ALA A 108 6.99 -7.14 -15.14
C ALA A 108 6.61 -8.22 -14.12
N MET A 109 6.78 -7.92 -12.82
CA MET A 109 6.28 -8.80 -11.76
C MET A 109 4.77 -8.95 -11.88
N LYS A 110 4.05 -7.83 -12.07
CA LYS A 110 2.60 -7.82 -12.06
C LYS A 110 2.07 -8.64 -13.21
N LYS A 111 2.62 -8.50 -14.41
CA LYS A 111 2.10 -9.19 -15.58
C LYS A 111 2.43 -10.67 -15.48
N ARG A 112 3.67 -11.00 -15.07
CA ARG A 112 4.07 -12.37 -14.75
C ARG A 112 3.06 -13.01 -13.80
N LEU A 113 2.59 -12.29 -12.77
CA LEU A 113 1.65 -12.86 -11.80
C LEU A 113 0.23 -12.91 -12.34
N ALA A 114 -0.24 -11.81 -12.92
CA ALA A 114 -1.52 -11.69 -13.62
C ALA A 114 -1.70 -12.81 -14.65
N ASN A 115 -0.60 -13.33 -15.20
CA ASN A 115 -0.56 -14.49 -16.07
C ASN A 115 -0.71 -15.82 -15.33
N GLU A 116 0.17 -16.14 -14.37
CA GLU A 116 0.19 -17.51 -13.79
C GLU A 116 -0.91 -17.73 -12.75
N ALA A 117 -1.39 -16.65 -12.13
CA ALA A 117 -2.26 -16.72 -10.98
C ALA A 117 -3.56 -17.47 -11.30
N GLY A 118 -3.90 -18.41 -10.42
CA GLY A 118 -5.15 -19.17 -10.47
C GLY A 118 -5.43 -19.87 -9.13
N SER A 119 -4.98 -19.27 -8.02
CA SER A 119 -4.97 -19.88 -6.69
C SER A 119 -6.36 -20.23 -6.16
N THR A 120 -7.42 -19.59 -6.68
CA THR A 120 -8.81 -19.88 -6.33
C THR A 120 -9.32 -21.20 -6.94
N GLY A 121 -8.54 -21.82 -7.85
CA GLY A 121 -8.97 -22.96 -8.66
C GLY A 121 -9.64 -22.52 -9.96
N SER A 122 -9.68 -21.21 -10.22
CA SER A 122 -10.29 -20.56 -11.37
C SER A 122 -9.42 -19.35 -11.76
N ALA A 123 -9.78 -18.63 -12.83
CA ALA A 123 -9.15 -17.35 -13.14
C ALA A 123 -9.44 -16.37 -11.98
N PRO A 124 -8.47 -15.54 -11.54
CA PRO A 124 -8.65 -14.51 -10.52
C PRO A 124 -9.35 -13.28 -11.14
N ALA A 125 -10.59 -13.47 -11.60
CA ALA A 125 -11.35 -12.52 -12.42
C ALA A 125 -11.50 -11.12 -11.82
N THR A 126 -11.35 -10.98 -10.49
CA THR A 126 -11.30 -9.68 -9.80
C THR A 126 -10.19 -8.79 -10.39
N GLY A 127 -9.05 -9.38 -10.74
CA GLY A 127 -7.86 -8.73 -11.29
C GLY A 127 -6.64 -9.24 -10.53
N GLY A 128 -6.83 -9.37 -9.22
CA GLY A 128 -5.98 -10.03 -8.26
C GLY A 128 -6.87 -10.27 -7.04
N VAL A 129 -6.67 -11.38 -6.35
CA VAL A 129 -7.55 -11.83 -5.28
C VAL A 129 -6.75 -12.43 -4.10
N LYS A 131 -8.15 -13.16 0.42
CA LYS A 131 -9.33 -13.67 1.11
C LYS A 131 -9.21 -13.32 2.60
N PRO A 132 -9.85 -12.23 3.05
CA PRO A 132 -9.87 -11.86 4.46
C PRO A 132 -11.28 -11.83 5.09
N HIS A 133 -12.34 -11.77 4.28
CA HIS A 133 -13.71 -11.50 4.72
C HIS A 133 -14.38 -12.60 5.55
N ARG A 134 -13.80 -13.79 5.64
CA ARG A 134 -14.25 -14.86 6.56
C ARG A 134 -13.08 -15.79 6.83
N TYR A 135 -13.05 -16.41 8.00
CA TYR A 135 -11.96 -17.28 8.44
C TYR A 135 -11.79 -18.48 7.50
N ARG A 136 -12.90 -19.15 7.16
CA ARG A 136 -12.96 -20.27 6.24
C ARG A 136 -14.27 -20.12 5.50
N MET A 3 14.58 13.85 -16.73
CA MET A 3 14.47 12.41 -17.07
C MET A 3 13.72 11.67 -15.97
N VAL A 4 12.80 10.78 -16.35
CA VAL A 4 12.03 9.97 -15.40
C VAL A 4 12.97 9.05 -14.60
N ASP A 5 12.67 8.87 -13.31
CA ASP A 5 13.38 8.00 -12.39
C ASP A 5 12.54 7.76 -11.13
N LEU A 6 11.87 8.83 -10.66
CA LEU A 6 10.98 8.90 -9.50
C LEU A 6 9.90 7.81 -9.50
N GLU A 7 9.49 7.34 -10.68
CA GLU A 7 8.54 6.24 -10.84
C GLU A 7 8.96 5.01 -10.02
N GLN A 8 10.27 4.74 -9.95
CA GLN A 8 10.88 3.66 -9.23
C GLN A 8 10.70 3.76 -7.71
N GLU A 9 10.51 4.98 -7.17
CA GLU A 9 10.35 5.23 -5.75
C GLU A 9 8.86 5.33 -5.41
N PHE A 10 8.58 5.17 -4.12
CA PHE A 10 7.29 5.36 -3.44
C PHE A 10 6.81 6.80 -3.61
N ALA A 11 6.37 7.07 -4.81
CA ALA A 11 5.93 8.35 -5.26
C ALA A 11 4.63 8.61 -4.50
N LEU A 12 4.50 9.80 -3.88
CA LEU A 12 3.44 10.12 -2.92
C LEU A 12 2.02 10.02 -3.50
N GLY A 13 1.90 9.77 -4.79
CA GLY A 13 0.61 9.45 -5.37
C GLY A 13 0.80 8.62 -6.63
N GLY A 14 1.85 7.80 -6.62
CA GLY A 14 2.03 6.78 -7.62
C GLY A 14 1.12 5.62 -7.24
N ARG A 15 1.50 4.47 -7.75
CA ARG A 15 0.97 3.21 -7.31
C ARG A 15 2.11 2.57 -6.58
N VAL A 16 1.75 1.68 -5.70
CA VAL A 16 2.64 0.77 -5.03
C VAL A 16 2.01 -0.60 -5.24
N LEU A 17 2.81 -1.65 -5.08
CA LEU A 17 2.45 -3.03 -5.34
C LEU A 17 3.06 -3.78 -4.19
N ALA A 18 2.27 -4.64 -3.58
CA ALA A 18 2.63 -5.30 -2.34
C ALA A 18 2.48 -6.79 -2.54
N PHE A 19 3.45 -7.57 -2.06
CA PHE A 19 3.57 -8.99 -2.37
C PHE A 19 3.38 -9.80 -1.10
N HIS A 20 2.33 -10.64 -1.07
CA HIS A 20 1.88 -11.32 0.15
C HIS A 20 2.46 -12.73 0.25
N GLY A 21 2.88 -13.30 -0.88
CA GLY A 21 3.59 -14.57 -0.91
C GLY A 21 3.21 -15.35 -2.15
N PRO A 22 1.98 -15.92 -2.21
CA PRO A 22 1.48 -16.56 -3.41
C PRO A 22 1.22 -15.56 -4.53
N LEU A 23 0.88 -14.31 -4.22
CA LEU A 23 0.42 -13.31 -5.13
C LEU A 23 0.69 -11.92 -4.57
N MET A 24 0.34 -10.89 -5.33
CA MET A 24 0.60 -9.48 -5.10
C MET A 24 -0.71 -8.75 -5.36
N TYR A 25 -0.87 -7.58 -4.74
CA TYR A 25 -2.07 -6.76 -4.86
C TYR A 25 -1.64 -5.29 -4.99
N GLU A 26 -2.47 -4.50 -5.66
CA GLU A 26 -2.24 -3.08 -5.88
C GLU A 26 -2.47 -2.29 -4.60
N ALA A 27 -1.73 -1.21 -4.46
CA ALA A 27 -1.73 -0.35 -3.29
C ALA A 27 -1.58 1.12 -3.76
N LYS A 28 -1.95 2.08 -2.91
CA LYS A 28 -2.07 3.49 -3.31
C LYS A 28 -1.76 4.39 -2.11
N ILE A 29 -0.52 4.91 -2.04
CA ILE A 29 0.03 5.74 -0.97
C ILE A 29 -0.81 7.00 -0.76
N LEU A 30 -0.80 7.51 0.47
CA LEU A 30 -1.35 8.81 0.79
C LEU A 30 -0.73 9.40 2.04
N LYS A 31 -0.42 8.55 3.03
CA LYS A 31 0.18 8.94 4.29
C LYS A 31 1.41 8.09 4.41
N ILE A 32 2.49 8.68 4.90
CA ILE A 32 3.81 8.08 4.85
C ILE A 32 4.52 8.35 6.16
N TRP A 33 5.62 7.63 6.35
CA TRP A 33 6.30 7.58 7.64
C TRP A 33 7.80 7.33 7.50
N ASP A 34 8.53 7.86 8.48
CA ASP A 34 9.99 7.93 8.56
C ASP A 34 10.41 7.83 10.04
N PRO A 35 11.51 7.14 10.38
CA PRO A 35 12.00 7.05 11.76
C PRO A 35 12.59 8.37 12.29
N SER A 36 12.76 9.41 11.47
CA SER A 36 13.49 10.62 11.90
C SER A 36 12.72 11.36 13.00
N SER A 37 11.40 11.32 12.92
CA SER A 37 10.48 11.84 13.93
C SER A 37 9.62 10.72 14.50
N LYS A 38 9.51 9.57 13.81
CA LYS A 38 8.54 8.53 14.15
C LYS A 38 7.16 9.17 14.25
N MET A 39 6.79 9.92 13.21
CA MET A 39 5.54 10.62 13.01
C MET A 39 5.26 10.52 11.52
N TYR A 40 3.99 10.67 11.13
CA TYR A 40 3.57 10.51 9.75
C TYR A 40 3.22 11.86 9.11
N THR A 41 3.04 11.88 7.80
CA THR A 41 2.60 13.04 7.01
C THR A 41 1.66 12.50 5.94
N SER A 42 0.75 13.31 5.41
CA SER A 42 -0.25 12.87 4.44
C SER A 42 -0.57 14.07 3.55
N ILE A 43 -1.20 13.80 2.41
CA ILE A 43 -1.55 14.80 1.40
C ILE A 43 -2.88 14.40 0.72
N PRO A 44 -3.60 15.36 0.08
CA PRO A 44 -4.85 15.12 -0.63
C PRO A 44 -4.60 14.26 -1.88
N ASN A 45 -4.67 12.93 -1.73
CA ASN A 45 -4.47 11.97 -2.82
C ASN A 45 -5.58 10.91 -2.88
N ASP A 46 -6.45 10.86 -1.88
CA ASP A 46 -7.48 9.81 -1.74
C ASP A 46 -8.54 10.24 -0.72
N LYS A 47 -9.47 9.34 -0.39
CA LYS A 47 -10.45 9.47 0.67
C LYS A 47 -10.56 8.11 1.38
N PRO A 48 -9.78 7.88 2.46
CA PRO A 48 -9.86 6.65 3.25
C PRO A 48 -11.29 6.24 3.63
N GLY A 49 -11.45 4.99 4.06
CA GLY A 49 -12.74 4.38 4.41
C GLY A 49 -13.56 5.09 5.48
N GLY A 50 -12.98 6.06 6.19
CA GLY A 50 -13.64 6.86 7.22
C GLY A 50 -13.41 8.37 7.03
N SER A 51 -13.08 8.82 5.81
CA SER A 51 -12.70 10.20 5.52
C SER A 51 -13.40 10.68 4.24
N SER A 52 -13.83 11.94 4.24
CA SER A 52 -14.41 12.59 3.06
C SER A 52 -13.34 12.82 1.98
N GLN A 53 -12.13 13.24 2.40
CA GLN A 53 -10.91 13.32 1.61
C GLN A 53 -9.75 13.52 2.58
N ALA A 54 -8.53 13.20 2.15
CA ALA A 54 -7.34 13.62 2.87
C ALA A 54 -7.28 15.14 2.63
N THR A 55 -6.92 15.95 3.63
CA THR A 55 -7.07 17.40 3.52
C THR A 55 -5.74 18.13 3.72
N LYS A 56 -5.20 18.62 2.59
CA LYS A 56 -3.95 19.37 2.47
C LYS A 56 -2.75 18.61 3.07
N GLU A 57 -1.59 19.25 3.21
CA GLU A 57 -0.48 18.64 3.94
C GLU A 57 -0.90 18.54 5.39
N ILE A 58 -1.16 17.30 5.77
CA ILE A 58 -1.71 16.94 7.06
C ILE A 58 -0.57 17.12 8.06
N LYS A 59 -0.84 17.85 9.14
CA LYS A 59 0.17 18.13 10.15
C LYS A 59 0.53 16.81 10.86
N PRO A 60 1.81 16.58 11.16
CA PRO A 60 2.26 15.28 11.61
C PRO A 60 1.85 15.10 13.07
N GLN A 61 1.45 13.88 13.43
CA GLN A 61 1.09 13.51 14.79
C GLN A 61 1.83 12.22 15.19
N LYS A 62 1.85 11.95 16.50
CA LYS A 62 2.69 10.93 17.12
C LYS A 62 2.47 9.48 16.69
N LEU A 63 1.33 9.20 16.06
CA LEU A 63 0.82 7.88 15.70
C LEU A 63 0.36 7.08 16.92
N GLY A 64 -0.81 6.45 16.76
CA GLY A 64 -1.34 5.46 17.70
C GLY A 64 -2.81 5.65 18.05
N GLU A 65 -3.55 6.55 17.40
CA GLU A 65 -4.94 6.85 17.78
C GLU A 65 -5.90 5.76 17.29
N ASP A 66 -5.62 5.17 16.12
CA ASP A 66 -6.34 4.03 15.54
C ASP A 66 -5.42 3.25 14.61
N GLU A 67 -4.61 3.97 13.83
CA GLU A 67 -3.51 3.47 13.04
C GLU A 67 -2.48 2.99 14.09
N SER A 68 -1.88 1.83 13.85
CA SER A 68 -0.81 1.24 14.63
C SER A 68 0.14 0.62 13.62
N ILE A 69 1.39 0.43 14.00
CA ILE A 69 2.44 0.08 13.08
C ILE A 69 3.44 -0.77 13.93
N PRO A 70 3.96 -1.90 13.42
CA PRO A 70 4.90 -2.71 14.18
C PRO A 70 6.28 -2.03 14.29
N GLU A 71 7.01 -2.32 15.36
CA GLU A 71 8.40 -1.88 15.58
C GLU A 71 9.33 -2.31 14.44
N GLU A 72 8.92 -3.27 13.62
CA GLU A 72 9.65 -3.74 12.44
C GLU A 72 9.70 -2.67 11.34
N ILE A 73 8.76 -1.72 11.31
CA ILE A 73 8.61 -0.76 10.19
C ILE A 73 8.67 0.69 10.69
N ILE A 74 8.55 0.85 12.01
CA ILE A 74 8.76 2.06 12.79
C ILE A 74 10.15 2.62 12.44
N ASN A 75 11.15 1.74 12.38
CA ASN A 75 12.57 2.08 12.26
C ASN A 75 12.99 2.42 10.81
N GLY A 76 12.04 2.55 9.88
CA GLY A 76 12.31 2.68 8.46
C GLY A 76 11.14 3.32 7.73
N LYS A 77 11.22 3.36 6.40
CA LYS A 77 10.14 3.88 5.57
C LYS A 77 8.87 3.07 5.77
N SER A 78 7.73 3.74 5.92
CA SER A 78 6.42 3.10 5.89
C SER A 78 5.42 3.92 5.08
N PHE A 79 4.42 3.20 4.55
CA PHE A 79 3.47 3.72 3.57
C PHE A 79 2.08 3.22 3.90
N PHE A 80 1.19 4.15 4.26
CA PHE A 80 -0.24 3.97 4.41
C PHE A 80 -0.84 4.05 3.02
N ILE A 81 -1.61 3.02 2.70
CA ILE A 81 -2.09 2.73 1.37
C ILE A 81 -3.54 2.28 1.37
N HIS A 82 -4.20 2.50 0.24
CA HIS A 82 -5.49 1.90 -0.02
C HIS A 82 -5.16 0.73 -0.94
N TYR A 83 -5.49 -0.48 -0.50
CA TYR A 83 -5.33 -1.67 -1.34
C TYR A 83 -6.41 -1.62 -2.41
N GLN A 84 -6.01 -1.53 -3.68
CA GLN A 84 -6.93 -1.41 -4.80
C GLN A 84 -7.36 -2.81 -5.22
N GLY A 85 -8.58 -2.91 -5.76
CA GLY A 85 -9.22 -4.20 -6.00
C GLY A 85 -9.65 -4.86 -4.68
N TRP A 86 -9.52 -4.15 -3.55
CA TRP A 86 -9.93 -4.61 -2.22
C TRP A 86 -10.73 -3.50 -1.51
N LYS A 87 -11.27 -3.83 -0.33
CA LYS A 87 -12.11 -2.94 0.49
C LYS A 87 -11.30 -1.75 1.04
N SER A 88 -12.00 -0.83 1.69
CA SER A 88 -11.37 0.25 2.45
C SER A 88 -11.03 -0.19 3.88
N SER A 89 -11.44 -1.39 4.31
CA SER A 89 -11.03 -1.98 5.58
C SER A 89 -9.50 -2.09 5.68
N TRP A 90 -8.83 -2.29 4.53
CA TRP A 90 -7.39 -2.48 4.45
C TRP A 90 -6.62 -1.16 4.29
N ASP A 91 -7.21 0.00 4.64
CA ASP A 91 -6.47 1.26 4.73
C ASP A 91 -5.53 1.03 5.92
N GLU A 92 -4.27 0.71 5.64
CA GLU A 92 -3.26 0.20 6.56
C GLU A 92 -1.88 0.63 6.03
N TRP A 93 -0.81 0.51 6.83
CA TRP A 93 0.56 0.70 6.34
C TRP A 93 1.29 -0.64 6.18
N VAL A 94 2.28 -0.60 5.29
CA VAL A 94 3.24 -1.67 5.06
C VAL A 94 4.66 -1.09 5.05
N GLY A 95 5.63 -1.97 5.31
CA GLY A 95 7.06 -1.67 5.25
C GLY A 95 7.61 -2.01 3.88
N TYR A 96 8.78 -1.44 3.55
CA TYR A 96 9.46 -1.63 2.27
C TYR A 96 10.09 -3.01 2.06
N ASP A 97 9.76 -3.92 2.98
CA ASP A 97 10.03 -5.36 2.89
C ASP A 97 8.86 -6.10 2.24
N ARG A 98 7.69 -5.45 2.10
CA ARG A 98 6.48 -6.03 1.50
C ARG A 98 5.95 -5.16 0.37
N ILE A 99 6.03 -3.84 0.46
CA ILE A 99 5.57 -2.94 -0.61
C ILE A 99 6.74 -2.50 -1.50
N ARG A 100 6.47 -2.14 -2.76
CA ARG A 100 7.37 -1.50 -3.72
C ARG A 100 6.58 -0.54 -4.61
N ALA A 101 7.20 0.45 -5.25
CA ALA A 101 6.51 1.39 -6.15
C ALA A 101 6.14 0.72 -7.47
N TYR A 102 5.21 1.29 -8.23
CA TYR A 102 4.90 0.84 -9.58
C TYR A 102 6.07 1.19 -10.48
N ASN A 103 6.71 0.17 -11.02
CA ASN A 103 7.76 0.25 -12.04
C ASN A 103 7.87 -1.11 -12.73
N GLU A 104 8.49 -1.14 -13.91
CA GLU A 104 8.52 -2.27 -14.84
C GLU A 104 8.97 -3.59 -14.21
N GLU A 105 9.91 -3.57 -13.28
CA GLU A 105 10.38 -4.77 -12.60
C GLU A 105 9.24 -5.41 -11.79
N ASN A 106 8.49 -4.57 -11.09
CA ASN A 106 7.40 -5.04 -10.27
C ASN A 106 6.22 -5.37 -11.17
N ILE A 107 6.12 -4.80 -12.37
CA ILE A 107 5.16 -5.23 -13.36
C ILE A 107 5.52 -6.61 -13.86
N ALA A 108 6.80 -6.93 -14.02
CA ALA A 108 7.17 -8.28 -14.40
C ALA A 108 6.78 -9.27 -13.30
N MET A 109 6.99 -8.89 -12.03
CA MET A 109 6.45 -9.66 -10.91
C MET A 109 4.93 -9.78 -11.05
N LYS A 110 4.24 -8.67 -11.31
CA LYS A 110 2.79 -8.63 -11.33
C LYS A 110 2.26 -9.52 -12.44
N LYS A 111 2.77 -9.42 -13.67
CA LYS A 111 2.16 -10.13 -14.78
C LYS A 111 2.52 -11.61 -14.70
N ARG A 112 3.72 -11.95 -14.21
CA ARG A 112 4.05 -13.34 -13.88
C ARG A 112 2.99 -13.89 -12.93
N LEU A 113 2.73 -13.22 -11.81
CA LEU A 113 1.86 -13.77 -10.77
C LEU A 113 0.40 -13.78 -11.21
N ALA A 114 -0.03 -12.70 -11.86
CA ALA A 114 -1.32 -12.58 -12.56
C ALA A 114 -1.54 -13.72 -13.57
N ASN A 115 -0.51 -14.48 -13.94
CA ASN A 115 -0.57 -15.61 -14.85
C ASN A 115 -0.40 -16.96 -14.13
N GLU A 116 0.64 -17.12 -13.30
CA GLU A 116 0.92 -18.41 -12.65
C GLU A 116 -0.05 -18.69 -11.51
N ALA A 117 -0.62 -17.64 -10.93
CA ALA A 117 -1.38 -17.70 -9.68
C ALA A 117 -2.67 -16.90 -9.70
N GLY A 118 -3.03 -16.27 -10.82
CA GLY A 118 -4.27 -15.52 -10.99
C GLY A 118 -5.47 -16.42 -11.27
N SER A 119 -5.52 -17.61 -10.66
CA SER A 119 -6.47 -18.68 -10.94
C SER A 119 -7.93 -18.30 -10.69
N THR A 120 -8.20 -17.38 -9.76
CA THR A 120 -9.55 -16.92 -9.40
C THR A 120 -9.45 -15.44 -9.02
N GLY A 121 -10.40 -14.63 -9.45
CA GLY A 121 -10.41 -13.19 -9.25
C GLY A 121 -11.51 -12.55 -10.08
N SER A 122 -11.50 -11.22 -10.17
CA SER A 122 -12.54 -10.42 -10.83
C SER A 122 -11.96 -9.41 -11.82
N ALA A 123 -10.66 -9.53 -12.14
CA ALA A 123 -9.97 -8.78 -13.18
C ALA A 123 -8.77 -9.62 -13.64
N PRO A 124 -8.33 -9.51 -14.90
CA PRO A 124 -7.23 -10.32 -15.45
C PRO A 124 -5.83 -9.92 -14.94
N ALA A 125 -5.78 -9.06 -13.91
CA ALA A 125 -4.57 -8.56 -13.28
C ALA A 125 -4.71 -8.52 -11.74
N THR A 126 -5.81 -9.03 -11.18
CA THR A 126 -6.08 -9.06 -9.74
C THR A 126 -6.78 -10.40 -9.46
N GLY A 127 -5.98 -11.45 -9.22
CA GLY A 127 -6.46 -12.77 -8.89
C GLY A 127 -6.60 -12.86 -7.38
N GLY A 128 -7.41 -11.98 -6.80
CA GLY A 128 -7.50 -11.77 -5.36
C GLY A 128 -7.96 -12.98 -4.58
N VAL A 129 -6.99 -13.82 -4.21
CA VAL A 129 -7.18 -14.97 -3.35
C VAL A 129 -6.91 -14.66 -1.87
N LYS A 131 -8.32 -13.16 1.53
CA LYS A 131 -9.68 -13.45 1.98
C LYS A 131 -9.90 -12.93 3.40
N PRO A 132 -10.66 -11.83 3.57
CA PRO A 132 -11.10 -11.39 4.89
C PRO A 132 -12.30 -12.21 5.39
N HIS A 133 -13.06 -12.79 4.46
CA HIS A 133 -14.29 -13.54 4.63
C HIS A 133 -14.39 -14.45 3.40
N ARG A 134 -15.34 -15.38 3.38
CA ARG A 134 -15.57 -16.37 2.32
C ARG A 134 -14.40 -17.35 2.12
N TYR A 135 -13.45 -17.42 3.06
CA TYR A 135 -12.42 -18.45 3.09
C TYR A 135 -13.04 -19.83 3.37
N ARG A 136 -14.26 -19.87 3.92
CA ARG A 136 -15.09 -21.04 4.15
C ARG A 136 -16.53 -20.59 3.95
N MET A 3 13.98 6.95 -21.73
CA MET A 3 14.43 6.74 -20.34
C MET A 3 13.59 7.58 -19.38
N VAL A 4 13.55 7.19 -18.10
CA VAL A 4 12.83 7.87 -17.03
C VAL A 4 13.71 7.91 -15.77
N ASP A 5 13.33 8.73 -14.80
CA ASP A 5 13.95 8.86 -13.47
C ASP A 5 12.85 9.30 -12.51
N LEU A 6 13.09 9.20 -11.19
CA LEU A 6 12.16 9.48 -10.08
C LEU A 6 10.96 8.53 -10.01
N GLU A 7 10.48 7.96 -11.12
CA GLU A 7 9.36 7.01 -11.17
C GLU A 7 9.59 5.82 -10.22
N GLN A 8 10.86 5.39 -10.10
CA GLN A 8 11.33 4.32 -9.23
C GLN A 8 10.92 4.52 -7.76
N GLU A 9 10.91 5.78 -7.30
CA GLU A 9 10.65 6.10 -5.91
C GLU A 9 9.15 6.11 -5.67
N PHE A 10 8.76 5.65 -4.47
CA PHE A 10 7.42 5.79 -3.95
C PHE A 10 7.17 7.29 -3.97
N ALA A 11 6.07 7.64 -4.61
CA ALA A 11 5.74 9.01 -4.93
C ALA A 11 4.47 9.28 -4.14
N LEU A 12 4.41 10.45 -3.49
CA LEU A 12 3.39 10.80 -2.50
C LEU A 12 1.94 10.78 -2.98
N GLY A 13 1.72 10.50 -4.25
CA GLY A 13 0.40 10.25 -4.76
C GLY A 13 0.50 9.54 -6.10
N GLY A 14 1.59 8.79 -6.28
CA GLY A 14 1.71 7.89 -7.39
C GLY A 14 1.02 6.61 -6.98
N ARG A 15 1.14 5.64 -7.87
CA ARG A 15 0.77 4.29 -7.56
C ARG A 15 1.99 3.65 -6.97
N VAL A 16 1.69 2.63 -6.21
CA VAL A 16 2.62 1.67 -5.69
C VAL A 16 1.94 0.34 -6.02
N LEU A 17 2.72 -0.72 -5.91
CA LEU A 17 2.29 -2.10 -6.10
C LEU A 17 2.88 -2.81 -4.91
N ALA A 18 2.15 -3.79 -4.39
CA ALA A 18 2.56 -4.49 -3.19
C ALA A 18 2.34 -5.98 -3.39
N PHE A 19 3.41 -6.74 -3.18
CA PHE A 19 3.49 -8.15 -3.48
C PHE A 19 3.26 -8.90 -2.17
N HIS A 20 2.17 -9.68 -2.10
CA HIS A 20 1.75 -10.33 -0.86
C HIS A 20 2.42 -11.69 -0.70
N GLY A 21 2.82 -12.32 -1.81
CA GLY A 21 3.61 -13.54 -1.79
C GLY A 21 3.29 -14.37 -3.02
N PRO A 22 2.07 -14.96 -3.09
CA PRO A 22 1.59 -15.62 -4.30
C PRO A 22 1.36 -14.65 -5.45
N LEU A 23 0.78 -13.47 -5.13
CA LEU A 23 0.26 -12.52 -6.05
C LEU A 23 0.45 -11.12 -5.44
N MET A 24 0.04 -10.10 -6.16
CA MET A 24 0.33 -8.70 -5.89
C MET A 24 -0.92 -7.86 -6.20
N TYR A 25 -1.08 -6.73 -5.51
CA TYR A 25 -2.26 -5.86 -5.60
C TYR A 25 -1.79 -4.41 -5.73
N GLU A 26 -2.64 -3.55 -6.27
CA GLU A 26 -2.33 -2.15 -6.52
C GLU A 26 -2.50 -1.38 -5.22
N ALA A 27 -1.73 -0.30 -5.06
CA ALA A 27 -1.72 0.48 -3.85
C ALA A 27 -1.62 1.99 -4.17
N LYS A 28 -2.10 2.85 -3.26
CA LYS A 28 -2.28 4.28 -3.50
C LYS A 28 -1.97 5.11 -2.25
N ILE A 29 -0.73 5.59 -2.16
CA ILE A 29 -0.15 6.36 -1.04
C ILE A 29 -0.86 7.68 -0.82
N LEU A 30 -0.81 8.14 0.44
CA LEU A 30 -1.18 9.51 0.81
C LEU A 30 -0.64 9.91 2.16
N LYS A 31 -0.37 8.96 3.05
CA LYS A 31 0.18 9.24 4.37
C LYS A 31 1.40 8.36 4.49
N ILE A 32 2.46 8.89 5.05
CA ILE A 32 3.77 8.25 5.02
C ILE A 32 4.44 8.45 6.37
N TRP A 33 5.46 7.66 6.63
CA TRP A 33 6.07 7.54 7.95
C TRP A 33 7.56 7.26 7.86
N ASP A 34 8.27 7.69 8.90
CA ASP A 34 9.74 7.70 9.00
C ASP A 34 10.14 7.44 10.47
N PRO A 35 11.18 6.65 10.75
CA PRO A 35 11.69 6.39 12.09
C PRO A 35 12.42 7.61 12.72
N SER A 36 12.55 8.74 12.02
CA SER A 36 13.28 9.90 12.56
C SER A 36 12.55 10.50 13.77
N SER A 37 11.22 10.45 13.75
CA SER A 37 10.35 10.99 14.78
C SER A 37 9.31 9.95 15.25
N LYS A 38 9.19 8.81 14.55
CA LYS A 38 8.10 7.85 14.76
C LYS A 38 6.76 8.60 14.75
N MET A 39 6.55 9.35 13.69
CA MET A 39 5.38 10.17 13.41
C MET A 39 5.16 10.12 11.91
N TYR A 40 3.92 10.37 11.48
CA TYR A 40 3.55 10.36 10.05
C TYR A 40 3.27 11.76 9.52
N THR A 41 3.10 11.87 8.20
CA THR A 41 2.67 13.07 7.48
C THR A 41 1.69 12.62 6.40
N SER A 42 0.81 13.49 5.91
CA SER A 42 -0.19 13.16 4.90
C SER A 42 -0.48 14.42 4.10
N ILE A 43 -1.10 14.24 2.94
CA ILE A 43 -1.46 15.30 2.01
C ILE A 43 -2.72 14.86 1.23
N PRO A 44 -3.50 15.80 0.66
CA PRO A 44 -4.73 15.53 -0.08
C PRO A 44 -4.45 15.02 -1.50
N ASN A 45 -3.66 13.94 -1.64
CA ASN A 45 -3.52 13.24 -2.93
C ASN A 45 -4.91 12.81 -3.38
N ASP A 46 -5.56 12.04 -2.51
CA ASP A 46 -6.91 11.55 -2.65
C ASP A 46 -7.33 11.04 -1.27
N LYS A 47 -8.62 10.94 -1.02
CA LYS A 47 -9.17 10.32 0.17
C LYS A 47 -8.75 8.84 0.27
N PRO A 48 -8.60 8.29 1.50
CA PRO A 48 -8.49 6.86 1.68
C PRO A 48 -9.81 6.23 1.24
N GLY A 49 -9.89 4.90 1.14
CA GLY A 49 -11.18 4.24 0.95
C GLY A 49 -12.10 4.52 2.14
N GLY A 50 -11.55 4.44 3.36
CA GLY A 50 -12.32 4.45 4.61
C GLY A 50 -12.38 5.79 5.35
N SER A 51 -12.04 6.92 4.73
CA SER A 51 -12.15 8.24 5.35
C SER A 51 -12.60 9.28 4.31
N SER A 52 -13.14 10.41 4.78
CA SER A 52 -13.80 11.41 3.94
C SER A 52 -12.83 12.07 2.95
N GLN A 53 -11.72 12.63 3.45
CA GLN A 53 -10.62 13.18 2.66
C GLN A 53 -9.45 13.49 3.60
N ALA A 54 -8.24 13.59 3.03
CA ALA A 54 -7.09 14.13 3.73
C ALA A 54 -7.25 15.67 3.66
N THR A 55 -6.62 16.43 4.56
CA THR A 55 -6.91 17.86 4.72
C THR A 55 -5.61 18.67 4.75
N LYS A 56 -5.17 19.08 3.55
CA LYS A 56 -3.91 19.75 3.27
C LYS A 56 -2.73 18.97 3.89
N GLU A 57 -1.56 19.58 4.05
CA GLU A 57 -0.48 18.93 4.78
C GLU A 57 -0.95 18.77 6.21
N ILE A 58 -1.06 17.51 6.59
CA ILE A 58 -1.62 17.08 7.86
C ILE A 58 -0.51 17.20 8.89
N LYS A 59 -0.85 17.75 10.07
CA LYS A 59 0.13 17.90 11.14
C LYS A 59 0.52 16.53 11.66
N PRO A 60 1.81 16.28 11.91
CA PRO A 60 2.29 14.95 12.24
C PRO A 60 1.88 14.61 13.67
N GLN A 61 1.59 13.33 13.90
CA GLN A 61 1.12 12.81 15.19
C GLN A 61 1.79 11.46 15.48
N LYS A 62 1.86 11.10 16.77
CA LYS A 62 2.58 9.93 17.32
C LYS A 62 2.10 8.56 16.85
N LEU A 63 0.96 8.52 16.18
CA LEU A 63 0.28 7.34 15.67
C LEU A 63 -0.37 6.47 16.76
N GLY A 64 -1.44 5.78 16.34
CA GLY A 64 -2.09 4.73 17.15
C GLY A 64 -3.56 5.01 17.47
N GLU A 65 -4.14 6.09 16.95
CA GLU A 65 -5.53 6.46 17.25
C GLU A 65 -6.52 5.53 16.54
N ASP A 66 -6.11 4.88 15.46
CA ASP A 66 -6.89 3.87 14.74
C ASP A 66 -5.97 2.91 13.95
N GLU A 67 -4.87 3.44 13.42
CA GLU A 67 -3.81 2.70 12.74
C GLU A 67 -3.07 1.79 13.72
N SER A 68 -2.29 0.85 13.17
CA SER A 68 -1.33 0.01 13.86
C SER A 68 -0.20 -0.24 12.86
N ILE A 69 1.04 -0.25 13.34
CA ILE A 69 2.20 -0.68 12.59
C ILE A 69 3.05 -1.55 13.53
N PRO A 70 3.39 -2.78 13.16
CA PRO A 70 4.35 -3.59 13.89
C PRO A 70 5.69 -2.84 13.99
N GLU A 71 6.49 -3.20 15.00
CA GLU A 71 7.87 -2.74 15.16
C GLU A 71 8.74 -3.05 13.92
N GLU A 72 8.27 -3.93 13.03
CA GLU A 72 8.93 -4.29 11.77
C GLU A 72 8.96 -3.12 10.78
N ILE A 73 7.97 -2.21 10.78
CA ILE A 73 7.89 -1.15 9.75
C ILE A 73 7.97 0.24 10.40
N ILE A 74 7.84 0.28 11.72
CA ILE A 74 8.09 1.41 12.61
C ILE A 74 9.49 1.94 12.34
N ASN A 75 10.47 1.04 12.24
CA ASN A 75 11.90 1.39 12.18
C ASN A 75 12.33 1.80 10.77
N GLY A 76 11.41 2.00 9.82
CA GLY A 76 11.75 2.23 8.44
C GLY A 76 10.68 3.06 7.75
N LYS A 77 10.89 3.30 6.45
CA LYS A 77 9.91 3.98 5.63
C LYS A 77 8.62 3.17 5.63
N SER A 78 7.48 3.83 5.87
CA SER A 78 6.17 3.21 5.77
C SER A 78 5.23 4.09 4.96
N PHE A 79 4.28 3.43 4.29
CA PHE A 79 3.37 4.02 3.32
C PHE A 79 1.96 3.54 3.57
N PHE A 80 1.08 4.45 4.00
CA PHE A 80 -0.36 4.27 4.11
C PHE A 80 -0.95 4.43 2.73
N ILE A 81 -1.68 3.40 2.34
CA ILE A 81 -2.17 3.18 1.01
C ILE A 81 -3.61 2.69 1.00
N HIS A 82 -4.29 2.93 -0.13
CA HIS A 82 -5.56 2.28 -0.38
C HIS A 82 -5.23 1.17 -1.36
N TYR A 83 -5.55 -0.07 -1.00
CA TYR A 83 -5.43 -1.19 -1.91
C TYR A 83 -6.53 -1.07 -2.96
N GLN A 84 -6.15 -0.79 -4.20
CA GLN A 84 -7.12 -0.61 -5.28
C GLN A 84 -7.63 -1.98 -5.70
N GLY A 85 -8.89 -2.04 -6.14
CA GLY A 85 -9.58 -3.30 -6.40
C GLY A 85 -9.94 -4.06 -5.11
N TRP A 86 -9.74 -3.47 -3.93
CA TRP A 86 -10.10 -4.04 -2.63
C TRP A 86 -10.85 -3.01 -1.78
N LYS A 87 -11.43 -3.48 -0.66
CA LYS A 87 -12.36 -2.73 0.19
C LYS A 87 -11.71 -1.54 0.88
N SER A 88 -12.54 -0.73 1.52
CA SER A 88 -12.12 0.36 2.42
C SER A 88 -11.52 -0.20 3.73
N SER A 89 -11.76 -1.47 4.05
CA SER A 89 -11.26 -2.12 5.25
C SER A 89 -9.72 -2.16 5.28
N TRP A 90 -9.08 -2.20 4.11
CA TRP A 90 -7.64 -2.41 4.00
C TRP A 90 -6.84 -1.11 3.84
N ASP A 91 -7.38 0.05 4.22
CA ASP A 91 -6.58 1.28 4.29
C ASP A 91 -5.60 1.02 5.45
N GLU A 92 -4.36 0.75 5.11
CA GLU A 92 -3.31 0.22 5.98
C GLU A 92 -1.97 0.76 5.49
N TRP A 93 -0.90 0.61 6.29
CA TRP A 93 0.46 0.87 5.83
C TRP A 93 1.21 -0.43 5.64
N VAL A 94 2.17 -0.36 4.74
CA VAL A 94 3.15 -1.39 4.47
C VAL A 94 4.55 -0.80 4.43
N GLY A 95 5.53 -1.69 4.56
CA GLY A 95 6.93 -1.41 4.36
C GLY A 95 7.38 -1.89 2.99
N TYR A 96 8.61 -1.49 2.64
CA TYR A 96 9.28 -1.86 1.40
C TYR A 96 9.45 -3.38 1.23
N ASP A 97 9.26 -4.13 2.31
CA ASP A 97 9.19 -5.59 2.33
C ASP A 97 8.09 -6.14 1.42
N ARG A 98 7.06 -5.33 1.13
CA ARG A 98 6.02 -5.68 0.17
C ARG A 98 5.86 -4.61 -0.92
N ILE A 99 5.96 -3.33 -0.58
CA ILE A 99 5.58 -2.27 -1.55
C ILE A 99 6.75 -1.82 -2.44
N ARG A 100 6.46 -1.27 -3.62
CA ARG A 100 7.34 -0.57 -4.57
C ARG A 100 6.50 0.42 -5.39
N ALA A 101 7.06 1.47 -5.99
CA ALA A 101 6.35 2.49 -6.78
C ALA A 101 5.88 1.95 -8.13
N TYR A 102 5.02 2.66 -8.87
CA TYR A 102 4.71 2.30 -10.24
C TYR A 102 5.98 2.39 -11.09
N ASN A 103 6.27 1.30 -11.80
CA ASN A 103 7.40 1.13 -12.71
C ASN A 103 7.02 0.05 -13.72
N GLU A 104 7.61 0.10 -14.91
CA GLU A 104 7.53 -0.98 -15.89
C GLU A 104 8.03 -2.31 -15.31
N GLU A 105 8.98 -2.26 -14.38
CA GLU A 105 9.51 -3.43 -13.68
C GLU A 105 8.41 -4.09 -12.83
N ASN A 106 7.63 -3.26 -12.14
CA ASN A 106 6.55 -3.73 -11.29
C ASN A 106 5.36 -4.14 -12.13
N ILE A 107 5.23 -3.60 -13.35
CA ILE A 107 4.25 -4.10 -14.30
C ILE A 107 4.72 -5.45 -14.85
N ALA A 108 6.02 -5.67 -15.03
CA ALA A 108 6.52 -6.97 -15.46
C ALA A 108 6.20 -8.02 -14.40
N MET A 109 6.42 -7.68 -13.13
CA MET A 109 5.97 -8.50 -11.99
C MET A 109 4.47 -8.70 -12.11
N LYS A 110 3.72 -7.60 -12.26
CA LYS A 110 2.28 -7.65 -12.22
C LYS A 110 1.74 -8.56 -13.31
N LYS A 111 2.28 -8.49 -14.52
CA LYS A 111 1.78 -9.23 -15.65
C LYS A 111 2.16 -10.68 -15.55
N ARG A 112 3.37 -11.01 -15.11
CA ARG A 112 3.72 -12.40 -14.79
C ARG A 112 2.71 -13.01 -13.84
N LEU A 113 2.35 -12.27 -12.79
CA LEU A 113 1.52 -12.83 -11.73
C LEU A 113 0.05 -12.84 -12.11
N ALA A 114 -0.42 -11.76 -12.74
CA ALA A 114 -1.75 -11.66 -13.36
C ALA A 114 -1.97 -12.80 -14.36
N ASN A 115 -0.92 -13.27 -15.02
CA ASN A 115 -0.95 -14.43 -15.91
C ASN A 115 -1.01 -15.75 -15.15
N GLU A 116 -0.11 -15.96 -14.18
CA GLU A 116 -0.05 -17.22 -13.44
C GLU A 116 -1.30 -17.43 -12.58
N ALA A 117 -1.84 -16.33 -12.08
CA ALA A 117 -2.86 -16.30 -11.05
C ALA A 117 -3.87 -15.20 -11.34
N GLY A 118 -4.97 -15.63 -11.95
CA GLY A 118 -6.03 -14.74 -12.43
C GLY A 118 -7.17 -15.56 -13.04
N SER A 119 -7.66 -16.57 -12.31
CA SER A 119 -8.59 -17.58 -12.81
C SER A 119 -9.75 -17.81 -11.82
N THR A 120 -10.04 -16.80 -10.98
CA THR A 120 -11.07 -16.84 -9.95
C THR A 120 -12.47 -17.12 -10.53
N GLY A 121 -13.38 -17.59 -9.67
CA GLY A 121 -14.75 -17.92 -10.00
C GLY A 121 -15.52 -18.28 -8.72
N SER A 122 -16.74 -18.77 -8.87
CA SER A 122 -17.65 -19.09 -7.77
C SER A 122 -17.30 -20.38 -7.01
N ALA A 123 -16.07 -20.88 -7.16
CA ALA A 123 -15.54 -22.09 -6.51
C ALA A 123 -14.03 -21.92 -6.32
N PRO A 124 -13.41 -22.66 -5.37
CA PRO A 124 -11.96 -22.73 -5.15
C PRO A 124 -11.16 -22.84 -6.45
N ALA A 125 -10.53 -21.74 -6.80
CA ALA A 125 -9.64 -21.58 -7.94
C ALA A 125 -8.59 -20.51 -7.62
N THR A 126 -7.50 -20.48 -8.40
CA THR A 126 -6.33 -19.62 -8.28
C THR A 126 -5.50 -19.87 -7.01
N GLY A 127 -6.11 -19.88 -5.82
CA GLY A 127 -5.46 -20.14 -4.53
C GLY A 127 -4.63 -18.95 -4.02
N GLY A 128 -3.91 -18.26 -4.91
CA GLY A 128 -3.08 -17.10 -4.62
C GLY A 128 -3.89 -15.82 -4.42
N VAL A 129 -4.96 -15.87 -3.62
CA VAL A 129 -5.95 -14.82 -3.50
C VAL A 129 -6.21 -14.62 -2.02
N LYS A 131 -8.50 -12.87 1.26
CA LYS A 131 -9.87 -12.98 1.71
C LYS A 131 -10.01 -12.28 3.06
N PRO A 132 -10.90 -11.30 3.20
CA PRO A 132 -11.25 -10.78 4.52
C PRO A 132 -12.13 -11.82 5.23
N HIS A 133 -12.76 -12.72 4.46
CA HIS A 133 -13.47 -13.92 4.94
C HIS A 133 -12.62 -14.78 5.90
N ARG A 134 -11.29 -14.81 5.72
CA ARG A 134 -10.39 -15.59 6.58
C ARG A 134 -10.03 -14.86 7.89
N TYR A 135 -10.41 -13.58 8.06
CA TYR A 135 -10.07 -12.80 9.24
C TYR A 135 -10.73 -13.40 10.49
N ARG A 136 -10.13 -13.14 11.66
CA ARG A 136 -10.58 -13.62 12.96
C ARG A 136 -10.19 -12.56 13.99
N MET A 3 16.47 9.64 -17.34
CA MET A 3 15.13 9.95 -17.90
C MET A 3 14.13 10.15 -16.76
N VAL A 4 13.64 9.07 -16.13
CA VAL A 4 12.85 9.17 -14.90
C VAL A 4 13.69 9.82 -13.79
N ASP A 5 13.03 10.40 -12.79
CA ASP A 5 13.69 11.10 -11.67
C ASP A 5 12.94 10.95 -10.35
N LEU A 6 11.62 10.76 -10.39
CA LEU A 6 10.77 10.62 -9.19
C LEU A 6 9.82 9.42 -9.32
N GLU A 7 9.47 9.03 -10.54
CA GLU A 7 8.48 8.01 -10.87
C GLU A 7 8.84 6.66 -10.23
N GLN A 8 10.12 6.32 -10.23
CA GLN A 8 10.68 5.11 -9.67
C GLN A 8 10.60 5.03 -8.14
N GLU A 9 10.39 6.16 -7.45
CA GLU A 9 10.33 6.21 -5.99
C GLU A 9 8.87 6.20 -5.54
N PHE A 10 8.69 5.79 -4.28
CA PHE A 10 7.47 5.72 -3.46
C PHE A 10 6.91 7.12 -3.24
N ALA A 11 6.46 7.68 -4.34
CA ALA A 11 6.08 9.05 -4.52
C ALA A 11 4.82 9.25 -3.68
N LEU A 12 4.72 10.41 -2.99
CA LEU A 12 3.70 10.67 -1.97
C LEU A 12 2.25 10.60 -2.46
N GLY A 13 2.06 10.44 -3.75
CA GLY A 13 0.75 10.18 -4.30
C GLY A 13 0.89 9.51 -5.65
N GLY A 14 1.98 8.77 -5.83
CA GLY A 14 2.11 7.91 -6.97
C GLY A 14 1.31 6.66 -6.65
N ARG A 15 1.40 5.74 -7.59
CA ARG A 15 0.92 4.40 -7.35
C ARG A 15 2.12 3.72 -6.73
N VAL A 16 1.82 2.76 -5.90
CA VAL A 16 2.78 1.83 -5.39
C VAL A 16 2.08 0.48 -5.60
N LEU A 17 2.83 -0.59 -5.48
CA LEU A 17 2.37 -1.92 -5.86
C LEU A 17 2.89 -2.84 -4.81
N ALA A 18 2.00 -3.66 -4.26
CA ALA A 18 2.30 -4.44 -3.09
C ALA A 18 2.04 -5.91 -3.38
N PHE A 19 3.08 -6.71 -3.18
CA PHE A 19 3.16 -8.11 -3.55
C PHE A 19 2.84 -8.94 -2.30
N HIS A 20 1.86 -9.85 -2.40
CA HIS A 20 1.39 -10.64 -1.27
C HIS A 20 1.88 -12.08 -1.34
N GLY A 21 2.33 -12.52 -2.52
CA GLY A 21 3.01 -13.78 -2.69
C GLY A 21 2.68 -14.37 -4.06
N PRO A 22 1.46 -14.92 -4.22
CA PRO A 22 0.99 -15.39 -5.52
C PRO A 22 0.68 -14.26 -6.50
N LEU A 23 0.36 -13.06 -6.00
CA LEU A 23 -0.12 -11.95 -6.76
C LEU A 23 0.24 -10.64 -6.08
N MET A 24 -0.07 -9.53 -6.74
CA MET A 24 0.34 -8.18 -6.43
C MET A 24 -0.83 -7.28 -6.77
N TYR A 25 -1.00 -6.20 -6.01
CA TYR A 25 -2.17 -5.35 -6.09
C TYR A 25 -1.74 -3.90 -6.15
N GLU A 26 -2.55 -3.07 -6.78
CA GLU A 26 -2.37 -1.63 -6.82
C GLU A 26 -2.57 -1.07 -5.41
N ALA A 27 -1.72 -0.13 -5.04
CA ALA A 27 -1.64 0.52 -3.75
C ALA A 27 -1.45 2.02 -3.99
N LYS A 28 -1.81 2.87 -3.03
CA LYS A 28 -1.87 4.33 -3.24
C LYS A 28 -1.53 5.07 -1.95
N ILE A 29 -0.26 5.45 -1.83
CA ILE A 29 0.38 6.18 -0.72
C ILE A 29 -0.32 7.49 -0.41
N LEU A 30 -0.31 7.88 0.87
CA LEU A 30 -0.67 9.21 1.33
C LEU A 30 -0.14 9.50 2.72
N LYS A 31 -0.01 8.49 3.61
CA LYS A 31 0.72 8.70 4.86
C LYS A 31 1.98 7.88 4.74
N ILE A 32 3.03 8.33 5.38
CA ILE A 32 4.34 7.74 5.26
C ILE A 32 5.03 7.87 6.60
N TRP A 33 6.07 7.07 6.79
CA TRP A 33 6.71 6.90 8.09
C TRP A 33 8.19 6.59 7.92
N ASP A 34 8.97 6.96 8.93
CA ASP A 34 10.42 6.85 8.98
C ASP A 34 10.88 6.59 10.43
N PRO A 35 11.93 5.79 10.68
CA PRO A 35 12.46 5.56 12.02
C PRO A 35 13.12 6.79 12.65
N SER A 36 13.38 7.86 11.89
CA SER A 36 14.19 8.98 12.39
C SER A 36 13.53 9.71 13.57
N SER A 37 12.20 9.76 13.57
CA SER A 37 11.37 10.30 14.64
C SER A 37 10.39 9.25 15.18
N LYS A 38 10.25 8.11 14.49
CA LYS A 38 9.21 7.10 14.74
C LYS A 38 7.86 7.80 14.87
N MET A 39 7.55 8.64 13.88
CA MET A 39 6.32 9.40 13.74
C MET A 39 6.05 9.49 12.24
N TYR A 40 4.78 9.63 11.86
CA TYR A 40 4.36 9.66 10.45
C TYR A 40 4.08 11.07 9.97
N THR A 41 3.81 11.22 8.67
CA THR A 41 3.32 12.42 8.01
C THR A 41 2.26 11.98 6.99
N SER A 42 1.40 12.88 6.54
CA SER A 42 0.30 12.59 5.63
C SER A 42 -0.03 13.88 4.88
N ILE A 43 -0.75 13.76 3.75
CA ILE A 43 -1.17 14.86 2.89
C ILE A 43 -2.55 14.52 2.26
N PRO A 44 -3.35 15.53 1.86
CA PRO A 44 -4.71 15.38 1.35
C PRO A 44 -4.72 14.85 -0.09
N ASN A 45 -4.63 13.52 -0.26
CA ASN A 45 -4.44 12.90 -1.57
C ASN A 45 -5.23 11.59 -1.76
N ASP A 46 -6.19 11.26 -0.89
CA ASP A 46 -6.92 9.98 -1.04
C ASP A 46 -8.36 10.01 -0.54
N LYS A 47 -8.69 10.86 0.44
CA LYS A 47 -10.00 10.90 1.14
C LYS A 47 -10.56 9.50 1.43
N PRO A 48 -9.90 8.72 2.32
CA PRO A 48 -10.31 7.34 2.64
C PRO A 48 -11.74 7.29 3.20
N GLY A 49 -12.33 6.08 3.22
CA GLY A 49 -13.73 5.88 3.59
C GLY A 49 -14.13 6.46 4.95
N GLY A 50 -13.19 6.56 5.90
CA GLY A 50 -13.44 7.10 7.24
C GLY A 50 -13.19 8.60 7.37
N SER A 51 -12.69 9.28 6.34
CA SER A 51 -12.20 10.66 6.40
C SER A 51 -12.49 11.36 5.07
N SER A 52 -13.49 12.24 5.07
CA SER A 52 -13.91 13.05 3.92
C SER A 52 -12.74 13.80 3.26
N GLN A 53 -11.73 14.19 4.05
CA GLN A 53 -10.47 14.69 3.52
C GLN A 53 -9.44 14.74 4.65
N ALA A 54 -8.21 14.39 4.32
CA ALA A 54 -7.07 14.66 5.17
C ALA A 54 -6.88 16.19 5.16
N THR A 55 -6.05 16.74 6.04
CA THR A 55 -5.97 18.18 6.28
C THR A 55 -4.55 18.71 6.11
N LYS A 56 -4.22 19.02 4.86
CA LYS A 56 -2.92 19.52 4.39
C LYS A 56 -1.79 18.62 4.91
N GLU A 57 -0.57 19.16 5.01
CA GLU A 57 0.53 18.50 5.69
C GLU A 57 0.11 18.25 7.14
N ILE A 58 -0.24 16.99 7.42
CA ILE A 58 -0.75 16.57 8.71
C ILE A 58 0.43 16.63 9.67
N LYS A 59 0.22 17.18 10.87
CA LYS A 59 1.28 17.31 11.86
C LYS A 59 1.68 15.92 12.31
N PRO A 60 2.99 15.64 12.43
CA PRO A 60 3.47 14.33 12.76
C PRO A 60 3.12 14.06 14.22
N GLN A 61 2.62 12.86 14.48
CA GLN A 61 2.04 12.48 15.76
C GLN A 61 2.48 11.06 16.08
N LYS A 62 2.35 10.67 17.35
CA LYS A 62 2.53 9.27 17.72
C LYS A 62 1.44 8.46 17.05
N LEU A 63 1.75 7.20 16.80
CA LEU A 63 1.00 6.26 15.98
C LEU A 63 0.35 5.19 16.85
N GLY A 64 -0.79 4.69 16.38
CA GLY A 64 -1.43 3.50 16.97
C GLY A 64 -2.81 3.78 17.58
N GLU A 65 -3.46 4.87 17.21
CA GLU A 65 -4.83 5.17 17.64
C GLU A 65 -5.83 4.37 16.79
N ASP A 66 -5.49 4.12 15.51
CA ASP A 66 -6.32 3.34 14.57
C ASP A 66 -5.43 2.63 13.53
N GLU A 67 -4.14 2.49 13.83
CA GLU A 67 -3.09 1.99 12.95
C GLU A 67 -2.28 0.92 13.69
N SER A 68 -1.50 0.13 12.95
CA SER A 68 -0.50 -0.79 13.48
C SER A 68 0.63 -0.91 12.46
N ILE A 69 1.88 -0.95 12.92
CA ILE A 69 3.04 -1.30 12.12
C ILE A 69 3.88 -2.27 12.97
N PRO A 70 4.17 -3.48 12.49
CA PRO A 70 5.13 -4.36 13.13
C PRO A 70 6.47 -3.66 13.34
N GLU A 71 7.25 -4.10 14.34
CA GLU A 71 8.63 -3.69 14.54
C GLU A 71 9.47 -3.90 13.27
N GLU A 72 9.03 -4.79 12.38
CA GLU A 72 9.63 -5.08 11.08
C GLU A 72 9.62 -3.90 10.10
N ILE A 73 8.67 -2.95 10.18
CA ILE A 73 8.56 -1.84 9.22
C ILE A 73 8.71 -0.48 9.94
N ILE A 74 8.63 -0.51 11.27
CA ILE A 74 8.92 0.56 12.21
C ILE A 74 10.33 1.07 11.95
N ASN A 75 11.30 0.15 11.78
CA ASN A 75 12.73 0.46 11.74
C ASN A 75 13.17 0.97 10.35
N GLY A 76 12.24 1.26 9.44
CA GLY A 76 12.55 1.62 8.07
C GLY A 76 11.41 2.42 7.47
N LYS A 77 11.50 2.67 6.17
CA LYS A 77 10.46 3.36 5.44
C LYS A 77 9.16 2.57 5.52
N SER A 78 8.06 3.30 5.74
CA SER A 78 6.72 2.74 5.71
C SER A 78 5.78 3.67 4.95
N PHE A 79 4.76 3.05 4.35
CA PHE A 79 3.82 3.70 3.44
C PHE A 79 2.42 3.20 3.72
N PHE A 80 1.54 4.09 4.21
CA PHE A 80 0.10 3.87 4.34
C PHE A 80 -0.51 4.10 2.98
N ILE A 81 -1.30 3.12 2.55
CA ILE A 81 -1.81 2.98 1.21
C ILE A 81 -3.26 2.54 1.17
N HIS A 82 -3.96 2.92 0.10
CA HIS A 82 -5.26 2.33 -0.20
C HIS A 82 -4.99 1.26 -1.23
N TYR A 83 -5.40 0.02 -0.97
CA TYR A 83 -5.35 -1.02 -2.00
C TYR A 83 -6.47 -0.77 -2.98
N GLN A 84 -6.11 -0.46 -4.23
CA GLN A 84 -7.07 -0.04 -5.23
C GLN A 84 -7.79 -1.26 -5.82
N GLY A 85 -9.02 -1.03 -6.27
CA GLY A 85 -9.94 -2.10 -6.66
C GLY A 85 -10.36 -2.95 -5.45
N TRP A 86 -9.99 -2.57 -4.23
CA TRP A 86 -10.21 -3.35 -3.02
C TRP A 86 -10.77 -2.49 -1.88
N LYS A 87 -11.14 -3.16 -0.77
CA LYS A 87 -11.89 -2.58 0.34
C LYS A 87 -11.07 -1.55 1.12
N SER A 88 -11.78 -0.73 1.90
CA SER A 88 -11.18 0.17 2.88
C SER A 88 -10.54 -0.60 4.04
N SER A 89 -10.89 -1.86 4.24
CA SER A 89 -10.31 -2.72 5.27
C SER A 89 -8.78 -2.83 5.12
N TRP A 90 -8.26 -2.76 3.88
CA TRP A 90 -6.83 -2.85 3.62
C TRP A 90 -6.13 -1.48 3.69
N ASP A 91 -6.76 -0.39 4.15
CA ASP A 91 -6.07 0.86 4.43
C ASP A 91 -5.12 0.55 5.58
N GLU A 92 -3.85 0.33 5.23
CA GLU A 92 -2.80 -0.22 6.09
C GLU A 92 -1.47 0.33 5.59
N TRP A 93 -0.39 0.19 6.38
CA TRP A 93 0.97 0.47 5.91
C TRP A 93 1.71 -0.83 5.66
N VAL A 94 2.65 -0.74 4.72
CA VAL A 94 3.60 -1.78 4.38
C VAL A 94 5.00 -1.17 4.29
N GLY A 95 5.99 -2.07 4.34
CA GLY A 95 7.38 -1.77 4.07
C GLY A 95 7.78 -2.35 2.73
N TYR A 96 9.01 -2.03 2.33
CA TYR A 96 9.59 -2.39 1.05
C TYR A 96 9.69 -3.91 0.81
N ASP A 97 9.55 -4.69 1.88
CA ASP A 97 9.42 -6.14 1.82
C ASP A 97 8.23 -6.60 0.97
N ARG A 98 7.21 -5.75 0.81
CA ARG A 98 6.05 -6.03 -0.02
C ARG A 98 5.84 -4.94 -1.07
N ILE A 99 6.08 -3.66 -0.76
CA ILE A 99 5.66 -2.56 -1.63
C ILE A 99 6.78 -2.06 -2.54
N ARG A 100 6.47 -1.50 -3.72
CA ARG A 100 7.38 -0.81 -4.65
C ARG A 100 6.63 0.19 -5.54
N ALA A 101 7.25 1.27 -5.99
CA ALA A 101 6.57 2.35 -6.72
C ALA A 101 6.22 1.96 -8.16
N TYR A 102 5.25 2.65 -8.75
CA TYR A 102 4.79 2.37 -10.10
C TYR A 102 5.85 2.76 -11.12
N ASN A 103 6.49 1.75 -11.69
CA ASN A 103 7.51 1.87 -12.72
C ASN A 103 7.59 0.56 -13.52
N GLU A 104 8.16 0.63 -14.72
CA GLU A 104 8.14 -0.42 -15.74
C GLU A 104 8.61 -1.80 -15.25
N GLU A 105 9.60 -1.85 -14.35
CA GLU A 105 10.09 -3.10 -13.78
C GLU A 105 8.97 -3.79 -12.99
N ASN A 106 8.25 -3.00 -12.19
CA ASN A 106 7.19 -3.53 -11.37
C ASN A 106 5.98 -3.77 -12.24
N ILE A 107 5.87 -3.13 -13.41
CA ILE A 107 4.84 -3.51 -14.38
C ILE A 107 5.19 -4.82 -15.04
N ALA A 108 6.47 -5.13 -15.25
CA ALA A 108 6.85 -6.45 -15.72
C ALA A 108 6.40 -7.50 -14.68
N MET A 109 6.58 -7.19 -13.37
CA MET A 109 5.99 -8.01 -12.31
C MET A 109 4.46 -8.04 -12.45
N LYS A 110 3.83 -6.87 -12.59
CA LYS A 110 2.38 -6.73 -12.62
C LYS A 110 1.80 -7.61 -13.70
N LYS A 111 2.35 -7.54 -14.91
CA LYS A 111 1.80 -8.20 -16.06
C LYS A 111 2.07 -9.70 -16.01
N ARG A 112 3.30 -10.12 -15.69
CA ARG A 112 3.60 -11.55 -15.58
C ARG A 112 2.66 -12.20 -14.54
N LEU A 113 2.29 -11.48 -13.47
CA LEU A 113 1.37 -11.99 -12.47
C LEU A 113 -0.08 -11.92 -12.93
N ALA A 114 -0.52 -10.77 -13.42
CA ALA A 114 -1.83 -10.57 -14.04
C ALA A 114 -2.16 -11.64 -15.09
N ASN A 115 -1.13 -12.20 -15.73
CA ASN A 115 -1.24 -13.31 -16.66
C ASN A 115 -1.49 -14.66 -15.97
N GLU A 116 -0.67 -15.05 -14.98
CA GLU A 116 -0.73 -16.40 -14.42
C GLU A 116 -1.76 -16.56 -13.29
N ALA A 117 -2.23 -15.42 -12.77
CA ALA A 117 -3.05 -15.29 -11.58
C ALA A 117 -4.20 -16.29 -11.48
N GLY A 118 -4.20 -17.05 -10.37
CA GLY A 118 -5.30 -17.91 -9.96
C GLY A 118 -6.37 -17.08 -9.25
N SER A 119 -6.95 -16.11 -9.96
CA SER A 119 -7.92 -15.13 -9.44
C SER A 119 -9.27 -15.72 -8.99
N THR A 120 -9.48 -17.03 -9.16
CA THR A 120 -10.62 -17.75 -8.60
C THR A 120 -10.68 -17.51 -7.08
N GLY A 121 -11.88 -17.31 -6.53
CA GLY A 121 -12.06 -16.87 -5.15
C GLY A 121 -13.39 -17.30 -4.54
N SER A 122 -14.09 -18.25 -5.15
CA SER A 122 -15.45 -18.65 -4.79
C SER A 122 -15.68 -20.17 -4.95
N ALA A 123 -14.59 -20.94 -5.08
CA ALA A 123 -14.55 -22.37 -5.30
C ALA A 123 -13.23 -22.92 -4.73
N PRO A 124 -13.04 -24.25 -4.58
CA PRO A 124 -11.77 -24.85 -4.19
C PRO A 124 -10.55 -24.55 -5.06
N ALA A 125 -10.79 -23.91 -6.20
CA ALA A 125 -9.80 -23.34 -7.11
C ALA A 125 -9.17 -22.05 -6.57
N THR A 126 -9.59 -21.54 -5.41
CA THR A 126 -8.95 -20.40 -4.75
C THR A 126 -7.52 -20.80 -4.40
N GLY A 127 -6.54 -20.24 -5.12
CA GLY A 127 -5.13 -20.54 -4.92
C GLY A 127 -4.21 -19.47 -5.48
N GLY A 128 -4.65 -18.21 -5.53
CA GLY A 128 -3.85 -17.12 -6.08
C GLY A 128 -4.24 -15.72 -5.62
N VAL A 129 -5.16 -15.53 -4.67
CA VAL A 129 -5.69 -14.21 -4.39
C VAL A 129 -6.19 -14.20 -2.95
N LYS A 131 -8.85 -12.89 0.22
CA LYS A 131 -10.28 -13.04 0.43
C LYS A 131 -10.57 -12.64 1.89
N PRO A 132 -11.22 -11.49 2.17
CA PRO A 132 -11.47 -11.07 3.56
C PRO A 132 -12.75 -11.71 4.12
N HIS A 133 -13.74 -11.95 3.24
CA HIS A 133 -15.08 -12.42 3.57
C HIS A 133 -15.08 -13.74 4.37
N ARG A 134 -14.05 -14.57 4.18
CA ARG A 134 -13.90 -15.86 4.87
C ARG A 134 -13.48 -15.69 6.35
N TYR A 135 -13.25 -14.46 6.80
CA TYR A 135 -12.81 -14.11 8.15
C TYR A 135 -13.74 -13.03 8.73
N ARG A 136 -15.00 -13.00 8.29
CA ARG A 136 -16.02 -12.03 8.66
C ARG A 136 -17.24 -12.83 9.10
N MET A 3 13.86 7.28 -19.37
CA MET A 3 14.12 6.36 -18.24
C MET A 3 13.34 6.82 -17.01
N VAL A 4 12.79 5.88 -16.23
CA VAL A 4 12.16 6.19 -14.95
C VAL A 4 13.22 6.72 -13.97
N ASP A 5 12.81 7.57 -13.03
CA ASP A 5 13.67 8.04 -11.93
C ASP A 5 12.80 8.38 -10.72
N LEU A 6 11.85 9.32 -10.86
CA LEU A 6 10.90 9.64 -9.80
C LEU A 6 9.82 8.57 -9.69
N GLU A 7 9.34 8.05 -10.82
CA GLU A 7 8.30 7.01 -10.85
C GLU A 7 8.80 5.73 -10.15
N GLN A 8 10.10 5.46 -10.23
CA GLN A 8 10.79 4.38 -9.57
C GLN A 8 10.66 4.44 -8.04
N GLU A 9 10.62 5.64 -7.48
CA GLU A 9 10.47 5.85 -6.04
C GLU A 9 8.98 5.87 -5.69
N PHE A 10 8.66 5.48 -4.46
CA PHE A 10 7.35 5.65 -3.88
C PHE A 10 7.12 7.15 -3.95
N ALA A 11 6.04 7.49 -4.61
CA ALA A 11 5.69 8.84 -4.94
C ALA A 11 4.46 9.08 -4.09
N LEU A 12 4.44 10.20 -3.37
CA LEU A 12 3.47 10.50 -2.31
C LEU A 12 1.99 10.51 -2.74
N GLY A 13 1.72 10.28 -4.02
CA GLY A 13 0.38 10.05 -4.51
C GLY A 13 0.43 9.35 -5.85
N GLY A 14 1.48 8.55 -6.07
CA GLY A 14 1.54 7.66 -7.20
C GLY A 14 0.82 6.38 -6.81
N ARG A 15 0.91 5.45 -7.74
CA ARG A 15 0.53 4.10 -7.48
C ARG A 15 1.77 3.47 -6.89
N VAL A 16 1.50 2.48 -6.07
CA VAL A 16 2.47 1.54 -5.55
C VAL A 16 1.80 0.19 -5.82
N LEU A 17 2.58 -0.86 -5.75
CA LEU A 17 2.20 -2.21 -6.11
C LEU A 17 2.86 -3.03 -5.04
N ALA A 18 2.07 -3.91 -4.44
CA ALA A 18 2.52 -4.65 -3.29
C ALA A 18 2.37 -6.13 -3.58
N PHE A 19 3.44 -6.86 -3.34
CA PHE A 19 3.60 -8.26 -3.72
C PHE A 19 3.39 -9.08 -2.45
N HIS A 20 2.37 -9.93 -2.44
CA HIS A 20 1.92 -10.61 -1.22
C HIS A 20 2.45 -12.04 -1.11
N GLY A 21 2.97 -12.59 -2.21
CA GLY A 21 3.58 -13.90 -2.25
C GLY A 21 3.31 -14.53 -3.61
N PRO A 22 2.10 -15.07 -3.84
CA PRO A 22 1.72 -15.63 -5.13
C PRO A 22 1.50 -14.56 -6.21
N LEU A 23 1.02 -13.37 -5.84
CA LEU A 23 0.56 -12.32 -6.73
C LEU A 23 0.69 -10.96 -6.04
N MET A 24 0.25 -9.91 -6.72
CA MET A 24 0.44 -8.51 -6.38
C MET A 24 -0.91 -7.82 -6.39
N TYR A 25 -1.13 -6.84 -5.50
CA TYR A 25 -2.33 -6.00 -5.50
C TYR A 25 -1.92 -4.54 -5.42
N GLU A 26 -2.72 -3.70 -6.08
CA GLU A 26 -2.44 -2.28 -6.31
C GLU A 26 -2.64 -1.51 -5.04
N ALA A 27 -1.85 -0.43 -4.87
CA ALA A 27 -1.81 0.35 -3.67
C ALA A 27 -1.76 1.84 -4.01
N LYS A 28 -2.16 2.71 -3.07
CA LYS A 28 -2.32 4.15 -3.29
C LYS A 28 -2.01 4.94 -2.01
N ILE A 29 -0.77 5.43 -1.91
CA ILE A 29 -0.17 6.18 -0.80
C ILE A 29 -0.92 7.47 -0.51
N LEU A 30 -0.87 7.90 0.76
CA LEU A 30 -1.26 9.23 1.19
C LEU A 30 -0.65 9.59 2.54
N LYS A 31 -0.37 8.62 3.42
CA LYS A 31 0.44 8.88 4.62
C LYS A 31 1.72 8.11 4.45
N ILE A 32 2.80 8.63 5.04
CA ILE A 32 4.04 7.91 5.14
C ILE A 32 4.59 8.09 6.54
N TRP A 33 5.56 7.26 6.84
CA TRP A 33 6.17 7.11 8.16
C TRP A 33 7.67 6.83 8.01
N ASP A 34 8.43 7.23 9.02
CA ASP A 34 9.89 7.12 9.09
C ASP A 34 10.31 6.94 10.56
N PRO A 35 11.34 6.12 10.86
CA PRO A 35 11.86 5.95 12.21
C PRO A 35 12.55 7.21 12.77
N SER A 36 12.83 8.25 11.97
CA SER A 36 13.66 9.38 12.42
C SER A 36 13.02 10.12 13.60
N SER A 37 11.69 10.18 13.63
CA SER A 37 10.90 10.77 14.70
C SER A 37 9.81 9.81 15.20
N LYS A 38 9.73 8.59 14.63
CA LYS A 38 8.70 7.59 14.90
C LYS A 38 7.32 8.23 14.92
N MET A 39 6.99 8.95 13.84
CA MET A 39 5.70 9.56 13.62
C MET A 39 5.53 9.74 12.11
N TYR A 40 4.30 9.99 11.70
CA TYR A 40 3.88 9.98 10.29
C TYR A 40 3.56 11.38 9.78
N THR A 41 3.33 11.50 8.49
CA THR A 41 2.86 12.69 7.78
C THR A 41 1.88 12.20 6.72
N SER A 42 0.96 13.06 6.26
CA SER A 42 -0.08 12.73 5.30
C SER A 42 -0.36 13.99 4.52
N ILE A 43 -0.94 13.85 3.33
CA ILE A 43 -1.22 14.94 2.41
C ILE A 43 -2.49 14.62 1.59
N PRO A 44 -3.18 15.63 1.04
CA PRO A 44 -4.37 15.49 0.19
C PRO A 44 -4.06 14.91 -1.21
N ASN A 45 -3.43 13.73 -1.29
CA ASN A 45 -3.32 13.01 -2.56
C ASN A 45 -4.75 12.74 -3.03
N ASP A 46 -5.52 12.12 -2.13
CA ASP A 46 -6.89 11.69 -2.35
C ASP A 46 -7.52 11.45 -0.97
N LYS A 47 -7.84 10.22 -0.63
CA LYS A 47 -8.56 9.81 0.57
C LYS A 47 -8.35 8.31 0.79
N PRO A 48 -8.45 7.79 2.02
CA PRO A 48 -8.50 6.35 2.28
C PRO A 48 -9.81 5.82 1.66
N GLY A 49 -9.99 4.49 1.59
CA GLY A 49 -11.21 3.84 1.14
C GLY A 49 -12.46 4.12 2.01
N GLY A 50 -12.35 4.95 3.05
CA GLY A 50 -13.45 5.48 3.84
C GLY A 50 -14.03 6.72 3.18
N SER A 51 -14.51 7.66 4.01
CA SER A 51 -15.31 8.80 3.55
C SER A 51 -14.82 10.20 4.00
N SER A 52 -13.53 10.35 4.31
CA SER A 52 -12.94 11.60 4.78
C SER A 52 -11.56 11.73 4.14
N GLN A 53 -11.38 12.74 3.29
CA GLN A 53 -10.10 12.98 2.62
C GLN A 53 -9.02 13.42 3.60
N ALA A 54 -7.75 13.20 3.23
CA ALA A 54 -6.63 13.80 3.92
C ALA A 54 -6.77 15.29 3.59
N THR A 55 -6.69 16.19 4.58
CA THR A 55 -7.07 17.58 4.33
C THR A 55 -5.97 18.44 3.68
N LYS A 56 -4.80 18.54 4.31
CA LYS A 56 -3.64 19.34 3.92
C LYS A 56 -2.42 18.56 4.40
N GLU A 57 -1.24 19.18 4.47
CA GLU A 57 -0.11 18.53 5.14
C GLU A 57 -0.50 18.38 6.60
N ILE A 58 -0.73 17.13 6.95
CA ILE A 58 -1.24 16.71 8.25
C ILE A 58 -0.07 16.83 9.21
N LYS A 59 -0.30 17.46 10.36
CA LYS A 59 0.76 17.65 11.36
C LYS A 59 1.13 16.28 11.90
N PRO A 60 2.42 16.01 12.11
CA PRO A 60 2.87 14.72 12.56
C PRO A 60 2.46 14.56 14.02
N GLN A 61 1.98 13.38 14.38
CA GLN A 61 1.50 13.07 15.72
C GLN A 61 1.97 11.66 16.09
N LYS A 62 2.01 11.35 17.38
CA LYS A 62 2.34 10.01 17.83
C LYS A 62 1.26 9.06 17.33
N LEU A 63 1.72 7.99 16.71
CA LEU A 63 0.91 6.95 16.12
C LEU A 63 0.32 6.02 17.18
N GLY A 64 -0.79 5.36 16.82
CA GLY A 64 -1.36 4.26 17.62
C GLY A 64 -2.75 4.53 18.17
N GLU A 65 -3.56 5.33 17.49
CA GLU A 65 -4.96 5.49 17.85
C GLU A 65 -5.75 4.29 17.30
N ASP A 66 -5.46 3.85 16.07
CA ASP A 66 -6.15 2.73 15.39
C ASP A 66 -5.35 2.14 14.21
N GLU A 67 -4.11 2.58 13.99
CA GLU A 67 -3.32 2.29 12.79
C GLU A 67 -1.91 1.75 13.16
N SER A 68 -1.89 0.77 14.05
CA SER A 68 -0.79 -0.10 14.45
C SER A 68 0.19 -0.41 13.30
N ILE A 69 1.48 -0.48 13.64
CA ILE A 69 2.53 -0.98 12.76
C ILE A 69 3.46 -1.88 13.61
N PRO A 70 3.85 -3.07 13.12
CA PRO A 70 4.83 -3.91 13.80
C PRO A 70 6.21 -3.28 13.74
N GLU A 71 7.10 -3.70 14.65
CA GLU A 71 8.48 -3.23 14.72
C GLU A 71 9.22 -3.43 13.38
N GLU A 72 8.73 -4.37 12.57
CA GLU A 72 9.22 -4.64 11.22
C GLU A 72 9.16 -3.42 10.30
N ILE A 73 8.16 -2.52 10.46
CA ILE A 73 7.95 -1.42 9.51
C ILE A 73 8.06 -0.06 10.23
N ILE A 74 8.11 -0.10 11.57
CA ILE A 74 8.44 0.99 12.47
C ILE A 74 9.85 1.44 12.12
N ASN A 75 10.77 0.46 12.00
CA ASN A 75 12.21 0.66 11.85
C ASN A 75 12.59 1.07 10.43
N GLY A 76 11.63 1.37 9.55
CA GLY A 76 11.92 1.67 8.16
C GLY A 76 10.87 2.59 7.57
N LYS A 77 11.04 2.92 6.29
CA LYS A 77 10.03 3.64 5.55
C LYS A 77 8.74 2.84 5.56
N SER A 78 7.62 3.53 5.77
CA SER A 78 6.30 2.93 5.71
C SER A 78 5.34 3.83 4.96
N PHE A 79 4.36 3.19 4.33
CA PHE A 79 3.43 3.80 3.41
C PHE A 79 2.01 3.33 3.73
N PHE A 80 1.16 4.26 4.18
CA PHE A 80 -0.27 4.06 4.34
C PHE A 80 -0.91 4.21 2.98
N ILE A 81 -1.65 3.18 2.60
CA ILE A 81 -2.15 2.96 1.26
C ILE A 81 -3.60 2.48 1.26
N HIS A 82 -4.31 2.76 0.17
CA HIS A 82 -5.59 2.11 -0.09
C HIS A 82 -5.23 0.96 -1.01
N TYR A 83 -5.58 -0.28 -0.65
CA TYR A 83 -5.49 -1.40 -1.56
C TYR A 83 -6.61 -1.28 -2.56
N GLN A 84 -6.26 -0.91 -3.79
CA GLN A 84 -7.26 -0.69 -4.83
C GLN A 84 -7.83 -2.04 -5.26
N GLY A 85 -9.10 -2.04 -5.67
CA GLY A 85 -9.84 -3.27 -5.92
C GLY A 85 -10.18 -4.02 -4.62
N TRP A 86 -9.84 -3.49 -3.43
CA TRP A 86 -10.15 -4.10 -2.14
C TRP A 86 -10.89 -3.13 -1.22
N LYS A 87 -11.43 -3.68 -0.12
CA LYS A 87 -12.36 -2.97 0.79
C LYS A 87 -11.67 -1.82 1.52
N SER A 88 -12.49 -1.02 2.22
CA SER A 88 -12.04 0.00 3.16
C SER A 88 -11.31 -0.63 4.36
N SER A 89 -11.55 -1.92 4.64
CA SER A 89 -10.98 -2.62 5.79
C SER A 89 -9.45 -2.70 5.72
N TRP A 90 -8.86 -2.63 4.51
CA TRP A 90 -7.43 -2.83 4.31
C TRP A 90 -6.67 -1.50 4.11
N ASP A 91 -7.25 -0.35 4.50
CA ASP A 91 -6.51 0.90 4.56
C ASP A 91 -5.52 0.68 5.69
N GLU A 92 -4.27 0.43 5.33
CA GLU A 92 -3.21 -0.06 6.21
C GLU A 92 -1.87 0.48 5.70
N TRP A 93 -0.80 0.35 6.50
CA TRP A 93 0.55 0.62 6.03
C TRP A 93 1.33 -0.67 5.80
N VAL A 94 2.27 -0.58 4.88
CA VAL A 94 3.23 -1.62 4.56
C VAL A 94 4.65 -1.04 4.51
N GLY A 95 5.62 -1.95 4.67
CA GLY A 95 7.03 -1.70 4.46
C GLY A 95 7.42 -2.13 3.05
N TYR A 96 8.61 -1.71 2.65
CA TYR A 96 9.25 -2.04 1.38
C TYR A 96 9.40 -3.55 1.15
N ASP A 97 9.35 -4.33 2.23
CA ASP A 97 9.28 -5.79 2.21
C ASP A 97 8.10 -6.33 1.40
N ARG A 98 7.04 -5.52 1.22
CA ARG A 98 5.89 -5.85 0.40
C ARG A 98 5.68 -4.83 -0.71
N ILE A 99 5.88 -3.52 -0.49
CA ILE A 99 5.47 -2.50 -1.46
C ILE A 99 6.63 -2.00 -2.34
N ARG A 100 6.34 -1.50 -3.55
CA ARG A 100 7.22 -0.80 -4.48
C ARG A 100 6.38 0.17 -5.31
N ALA A 101 6.96 1.24 -5.87
CA ALA A 101 6.26 2.26 -6.66
C ALA A 101 5.80 1.73 -8.03
N TYR A 102 4.88 2.41 -8.72
CA TYR A 102 4.55 2.07 -10.09
C TYR A 102 5.68 2.53 -11.00
N ASN A 103 6.38 1.57 -11.59
CA ASN A 103 7.41 1.77 -12.60
C ASN A 103 7.59 0.50 -13.43
N GLU A 104 8.20 0.63 -14.60
CA GLU A 104 8.29 -0.39 -15.64
C GLU A 104 8.83 -1.73 -15.14
N GLU A 105 9.78 -1.73 -14.21
CA GLU A 105 10.32 -2.96 -13.63
C GLU A 105 9.24 -3.74 -12.90
N ASN A 106 8.43 -3.02 -12.12
CA ASN A 106 7.36 -3.65 -11.36
C ASN A 106 6.20 -3.96 -12.28
N ILE A 107 6.08 -3.28 -13.43
CA ILE A 107 5.12 -3.70 -14.45
C ILE A 107 5.57 -4.99 -15.10
N ALA A 108 6.89 -5.20 -15.29
CA ALA A 108 7.38 -6.47 -15.78
C ALA A 108 7.02 -7.57 -14.77
N MET A 109 7.18 -7.30 -13.47
CA MET A 109 6.72 -8.21 -12.42
C MET A 109 5.21 -8.41 -12.54
N LYS A 110 4.45 -7.31 -12.69
CA LYS A 110 3.00 -7.35 -12.67
C LYS A 110 2.50 -8.18 -13.83
N LYS A 111 3.05 -8.01 -15.03
CA LYS A 111 2.56 -8.71 -16.20
C LYS A 111 2.93 -10.18 -16.10
N ARG A 112 4.17 -10.49 -15.70
CA ARG A 112 4.60 -11.86 -15.40
C ARG A 112 3.67 -12.52 -14.38
N LEU A 113 3.07 -11.79 -13.44
CA LEU A 113 2.14 -12.38 -12.47
C LEU A 113 0.71 -12.45 -12.97
N ALA A 114 0.23 -11.36 -13.55
CA ALA A 114 -1.05 -11.25 -14.26
C ALA A 114 -1.20 -12.34 -15.36
N ASN A 115 -0.07 -12.86 -15.84
CA ASN A 115 0.03 -13.99 -16.75
C ASN A 115 -0.33 -15.32 -16.09
N GLU A 116 0.15 -15.56 -14.87
CA GLU A 116 -0.05 -16.83 -14.18
C GLU A 116 -1.53 -17.00 -13.85
N ALA A 117 -2.10 -15.91 -13.32
CA ALA A 117 -3.42 -15.89 -12.74
C ALA A 117 -3.89 -14.45 -12.59
N GLY A 118 -5.13 -14.29 -12.14
CA GLY A 118 -5.74 -13.01 -11.82
C GLY A 118 -6.36 -13.03 -10.43
N SER A 119 -6.42 -11.86 -9.81
CA SER A 119 -6.90 -11.65 -8.44
C SER A 119 -8.38 -11.99 -8.24
N THR A 120 -9.12 -12.20 -9.32
CA THR A 120 -10.55 -12.50 -9.35
C THR A 120 -10.89 -13.77 -8.55
N GLY A 121 -9.96 -14.71 -8.40
CA GLY A 121 -10.18 -15.98 -7.72
C GLY A 121 -10.86 -17.00 -8.63
N SER A 122 -11.87 -16.57 -9.40
CA SER A 122 -12.50 -17.35 -10.47
C SER A 122 -11.65 -17.42 -11.75
N ALA A 123 -10.36 -17.05 -11.65
CA ALA A 123 -9.37 -17.15 -12.72
C ALA A 123 -9.11 -18.63 -13.07
N PRO A 124 -8.39 -18.93 -14.18
CA PRO A 124 -7.93 -20.28 -14.53
C PRO A 124 -7.01 -20.99 -13.52
N ALA A 125 -6.79 -20.41 -12.35
CA ALA A 125 -6.14 -20.99 -11.19
C ALA A 125 -6.92 -20.49 -9.98
N THR A 126 -7.55 -21.41 -9.24
CA THR A 126 -8.49 -21.10 -8.18
C THR A 126 -7.78 -20.93 -6.84
N GLY A 127 -6.82 -20.01 -6.81
CA GLY A 127 -5.94 -19.73 -5.69
C GLY A 127 -4.94 -18.64 -6.08
N GLY A 128 -4.06 -18.29 -5.14
CA GLY A 128 -3.09 -17.21 -5.33
C GLY A 128 -3.71 -15.84 -5.09
N VAL A 129 -4.78 -15.77 -4.31
CA VAL A 129 -5.55 -14.56 -4.05
C VAL A 129 -5.87 -14.57 -2.55
N LYS A 131 -8.28 -13.24 0.96
CA LYS A 131 -9.62 -13.39 1.48
C LYS A 131 -9.57 -12.81 2.90
N PRO A 132 -10.48 -11.90 3.28
CA PRO A 132 -10.64 -11.47 4.67
C PRO A 132 -11.36 -12.59 5.46
N HIS A 133 -12.00 -13.50 4.72
CA HIS A 133 -12.60 -14.76 5.18
C HIS A 133 -13.39 -14.62 6.48
N ARG A 134 -14.34 -13.68 6.46
CA ARG A 134 -15.38 -13.49 7.49
C ARG A 134 -14.82 -12.97 8.83
N TYR A 135 -13.52 -12.73 8.97
CA TYR A 135 -12.98 -12.03 10.13
C TYR A 135 -13.41 -10.55 10.10
N ARG A 136 -13.31 -9.89 11.25
CA ARG A 136 -13.61 -8.47 11.45
C ARG A 136 -12.56 -7.92 12.41
N MET A 3 21.31 -2.70 -11.24
CA MET A 3 20.86 -2.09 -12.51
C MET A 3 20.38 -0.65 -12.25
N VAL A 4 19.13 -0.46 -11.80
CA VAL A 4 18.55 0.85 -11.51
C VAL A 4 17.48 0.67 -10.43
N ASP A 5 17.21 1.73 -9.68
CA ASP A 5 16.12 1.86 -8.71
C ASP A 5 15.85 3.38 -8.59
N LEU A 6 14.79 3.80 -7.89
CA LEU A 6 14.36 5.20 -7.75
C LEU A 6 14.14 5.85 -9.13
N GLU A 7 13.74 5.02 -10.09
CA GLU A 7 13.29 5.39 -11.44
C GLU A 7 12.14 6.38 -11.28
N GLN A 8 11.25 6.05 -10.35
CA GLN A 8 10.20 6.86 -9.81
C GLN A 8 10.20 6.38 -8.37
N GLU A 9 10.59 7.30 -7.52
CA GLU A 9 10.49 7.22 -6.06
C GLU A 9 9.01 7.22 -5.69
N PHE A 10 8.69 6.86 -4.43
CA PHE A 10 7.36 7.07 -3.90
C PHE A 10 7.09 8.55 -4.04
N ALA A 11 5.92 8.81 -4.59
CA ALA A 11 5.48 10.13 -4.92
C ALA A 11 4.15 10.21 -4.18
N LEU A 12 4.01 11.25 -3.34
CA LEU A 12 2.94 11.39 -2.35
C LEU A 12 1.51 11.34 -2.88
N GLY A 13 1.35 11.37 -4.20
CA GLY A 13 0.07 11.11 -4.82
C GLY A 13 0.28 10.56 -6.23
N GLY A 14 1.35 9.77 -6.38
CA GLY A 14 1.58 8.97 -7.55
C GLY A 14 0.70 7.75 -7.40
N ARG A 15 1.15 6.69 -8.04
CA ARG A 15 0.61 5.37 -7.83
C ARG A 15 1.74 4.61 -7.19
N VAL A 16 1.34 3.59 -6.48
CA VAL A 16 2.18 2.57 -5.92
C VAL A 16 1.48 1.27 -6.31
N LEU A 17 2.23 0.18 -6.38
CA LEU A 17 1.68 -1.14 -6.52
C LEU A 17 2.31 -1.95 -5.41
N ALA A 18 1.61 -2.99 -4.98
CA ALA A 18 2.01 -3.79 -3.83
C ALA A 18 1.89 -5.25 -4.17
N PHE A 19 2.98 -5.98 -3.97
CA PHE A 19 3.08 -7.39 -4.22
C PHE A 19 2.68 -8.11 -2.93
N HIS A 20 1.61 -8.90 -2.98
CA HIS A 20 1.02 -9.54 -1.80
C HIS A 20 1.53 -10.96 -1.60
N GLY A 21 2.20 -11.54 -2.61
CA GLY A 21 2.87 -12.82 -2.52
C GLY A 21 2.63 -13.60 -3.82
N PRO A 22 1.42 -14.16 -4.00
CA PRO A 22 1.05 -14.82 -5.26
C PRO A 22 0.80 -13.83 -6.40
N LEU A 23 0.37 -12.61 -6.10
CA LEU A 23 -0.09 -11.62 -7.04
C LEU A 23 0.11 -10.23 -6.42
N MET A 24 -0.30 -9.18 -7.11
CA MET A 24 -0.01 -7.80 -6.82
C MET A 24 -1.22 -6.95 -7.20
N TYR A 25 -1.47 -5.85 -6.49
CA TYR A 25 -2.63 -4.97 -6.69
C TYR A 25 -2.19 -3.50 -6.68
N GLU A 26 -3.11 -2.61 -7.05
CA GLU A 26 -2.85 -1.18 -7.15
C GLU A 26 -3.08 -0.53 -5.80
N ALA A 27 -2.32 0.52 -5.51
CA ALA A 27 -2.28 1.22 -4.24
C ALA A 27 -2.22 2.73 -4.52
N LYS A 28 -2.46 3.59 -3.51
CA LYS A 28 -2.37 5.04 -3.65
C LYS A 28 -2.05 5.69 -2.30
N ILE A 29 -0.82 6.18 -2.15
CA ILE A 29 -0.24 6.86 -0.98
C ILE A 29 -1.09 8.05 -0.55
N LEU A 30 -1.09 8.35 0.76
CA LEU A 30 -1.66 9.58 1.30
C LEU A 30 -1.04 9.94 2.65
N LYS A 31 -0.62 8.95 3.44
CA LYS A 31 0.18 9.16 4.64
C LYS A 31 1.46 8.39 4.40
N ILE A 32 2.56 8.90 4.92
CA ILE A 32 3.81 8.17 4.91
C ILE A 32 4.44 8.28 6.29
N TRP A 33 5.42 7.43 6.50
CA TRP A 33 6.06 7.19 7.79
C TRP A 33 7.53 6.91 7.57
N ASP A 34 8.33 7.28 8.58
CA ASP A 34 9.78 7.22 8.58
C ASP A 34 10.29 7.01 10.01
N PRO A 35 11.36 6.22 10.24
CA PRO A 35 11.95 6.01 11.56
C PRO A 35 12.69 7.26 12.11
N SER A 36 12.80 8.36 11.37
CA SER A 36 13.63 9.49 11.80
C SER A 36 13.08 10.12 13.09
N SER A 37 11.75 10.16 13.22
CA SER A 37 11.06 10.73 14.38
C SER A 37 9.92 9.83 14.87
N LYS A 38 9.85 8.57 14.38
CA LYS A 38 8.79 7.60 14.69
C LYS A 38 7.40 8.24 14.70
N MET A 39 7.07 8.88 13.58
CA MET A 39 5.79 9.53 13.37
C MET A 39 5.54 9.60 11.86
N TYR A 40 4.28 9.86 11.50
CA TYR A 40 3.83 9.93 10.12
C TYR A 40 3.54 11.37 9.70
N THR A 41 3.34 11.59 8.41
CA THR A 41 2.87 12.82 7.80
C THR A 41 1.82 12.42 6.77
N SER A 42 0.91 13.31 6.40
CA SER A 42 -0.26 12.98 5.61
C SER A 42 -0.68 14.24 4.89
N ILE A 43 -1.36 14.08 3.75
CA ILE A 43 -1.73 15.16 2.86
C ILE A 43 -3.06 14.84 2.16
N PRO A 44 -3.78 15.85 1.61
CA PRO A 44 -5.06 15.66 0.95
C PRO A 44 -4.86 14.94 -0.39
N ASN A 45 -5.15 13.64 -0.42
CA ASN A 45 -5.14 12.83 -1.64
C ASN A 45 -6.31 11.83 -1.69
N ASP A 46 -7.13 11.73 -0.64
CA ASP A 46 -8.30 10.85 -0.59
C ASP A 46 -9.26 11.34 0.51
N LYS A 47 -10.34 10.59 0.77
CA LYS A 47 -11.42 10.88 1.71
C LYS A 47 -11.83 9.60 2.48
N PRO A 48 -10.95 8.95 3.28
CA PRO A 48 -11.26 7.74 4.03
C PRO A 48 -12.54 7.79 4.89
N GLY A 49 -12.97 8.97 5.37
CA GLY A 49 -14.18 9.13 6.17
C GLY A 49 -13.86 9.45 7.63
N GLY A 50 -12.81 8.82 8.17
CA GLY A 50 -12.26 9.17 9.48
C GLY A 50 -11.58 10.54 9.48
N SER A 51 -11.27 11.05 8.29
CA SER A 51 -10.77 12.39 8.00
C SER A 51 -11.54 12.87 6.77
N SER A 52 -12.03 14.10 6.79
CA SER A 52 -12.95 14.63 5.78
C SER A 52 -12.36 14.54 4.38
N GLN A 53 -11.13 15.03 4.19
CA GLN A 53 -10.39 14.84 2.95
C GLN A 53 -8.87 14.76 3.19
N ALA A 54 -8.43 14.02 4.23
CA ALA A 54 -7.03 14.04 4.71
C ALA A 54 -6.49 15.48 4.74
N THR A 55 -7.32 16.33 5.32
CA THR A 55 -7.32 17.77 5.35
C THR A 55 -5.93 18.41 5.57
N LYS A 56 -5.39 18.92 4.46
CA LYS A 56 -4.14 19.70 4.34
C LYS A 56 -2.93 18.91 4.86
N GLU A 57 -1.74 19.52 4.91
CA GLU A 57 -0.60 18.86 5.54
C GLU A 57 -0.95 18.67 7.01
N ILE A 58 -1.10 17.41 7.35
CA ILE A 58 -1.52 16.94 8.65
C ILE A 58 -0.28 17.01 9.54
N LYS A 59 -0.45 17.49 10.77
CA LYS A 59 0.66 17.57 11.71
C LYS A 59 1.05 16.15 12.10
N PRO A 60 2.35 15.86 12.27
CA PRO A 60 2.78 14.53 12.60
C PRO A 60 2.39 14.28 14.06
N GLN A 61 1.91 13.08 14.33
CA GLN A 61 1.41 12.69 15.65
C GLN A 61 1.90 11.30 15.98
N LYS A 62 1.89 10.98 17.26
CA LYS A 62 2.27 9.65 17.73
C LYS A 62 1.23 8.65 17.25
N LEU A 63 1.71 7.71 16.45
CA LEU A 63 0.93 6.67 15.83
C LEU A 63 0.39 5.68 16.87
N GLY A 64 -0.73 5.03 16.51
CA GLY A 64 -1.26 3.90 17.27
C GLY A 64 -2.64 4.09 17.87
N GLU A 65 -3.52 4.88 17.24
CA GLU A 65 -4.92 4.93 17.64
C GLU A 65 -5.67 3.73 17.04
N ASP A 66 -5.37 3.36 15.79
CA ASP A 66 -6.03 2.27 15.07
C ASP A 66 -5.23 1.73 13.87
N GLU A 67 -4.05 2.30 13.60
CA GLU A 67 -3.26 2.09 12.38
C GLU A 67 -1.86 1.54 12.71
N SER A 68 -1.81 0.54 13.59
CA SER A 68 -0.71 -0.34 13.95
C SER A 68 0.26 -0.61 12.79
N ILE A 69 1.56 -0.60 13.09
CA ILE A 69 2.62 -1.05 12.19
C ILE A 69 3.57 -1.94 13.01
N PRO A 70 3.86 -3.17 12.55
CA PRO A 70 4.91 -4.00 13.13
C PRO A 70 6.25 -3.27 13.11
N GLU A 71 7.15 -3.67 14.02
CA GLU A 71 8.54 -3.22 14.08
C GLU A 71 9.30 -3.42 12.76
N GLU A 72 8.78 -4.29 11.89
CA GLU A 72 9.29 -4.54 10.56
C GLU A 72 9.19 -3.31 9.65
N ILE A 73 8.19 -2.43 9.83
CA ILE A 73 7.95 -1.31 8.90
C ILE A 73 8.04 0.04 9.64
N ILE A 74 8.11 -0.02 10.97
CA ILE A 74 8.43 1.05 11.90
C ILE A 74 9.84 1.54 11.52
N ASN A 75 10.77 0.58 11.40
CA ASN A 75 12.20 0.82 11.22
C ASN A 75 12.54 1.21 9.78
N GLY A 76 11.54 1.49 8.92
CA GLY A 76 11.77 1.76 7.52
C GLY A 76 10.72 2.70 6.96
N LYS A 77 10.83 2.99 5.67
CA LYS A 77 9.82 3.75 4.95
C LYS A 77 8.51 2.98 4.97
N SER A 78 7.41 3.69 5.22
CA SER A 78 6.08 3.12 5.18
C SER A 78 5.10 4.09 4.53
N PHE A 79 4.06 3.50 3.94
CA PHE A 79 3.10 4.18 3.07
C PHE A 79 1.71 3.66 3.35
N PHE A 80 0.84 4.51 3.90
CA PHE A 80 -0.59 4.28 4.05
C PHE A 80 -1.20 4.55 2.69
N ILE A 81 -1.98 3.59 2.23
CA ILE A 81 -2.47 3.52 0.87
C ILE A 81 -3.93 3.08 0.79
N HIS A 82 -4.60 3.50 -0.28
CA HIS A 82 -5.92 2.96 -0.65
C HIS A 82 -5.63 1.89 -1.67
N TYR A 83 -6.04 0.65 -1.42
CA TYR A 83 -5.96 -0.39 -2.45
C TYR A 83 -7.03 -0.09 -3.49
N GLN A 84 -6.58 0.27 -4.69
CA GLN A 84 -7.49 0.67 -5.76
C GLN A 84 -8.11 -0.56 -6.41
N GLY A 85 -9.33 -0.41 -6.90
CA GLY A 85 -10.14 -1.54 -7.35
C GLY A 85 -10.60 -2.41 -6.16
N TRP A 86 -10.34 -1.99 -4.92
CA TRP A 86 -10.66 -2.75 -3.71
C TRP A 86 -11.35 -1.84 -2.68
N LYS A 87 -11.84 -2.46 -1.59
CA LYS A 87 -12.61 -1.76 -0.57
C LYS A 87 -11.69 -0.84 0.25
N SER A 88 -12.29 0.16 0.90
CA SER A 88 -11.57 0.99 1.87
C SER A 88 -11.27 0.22 3.18
N SER A 89 -11.90 -0.94 3.38
CA SER A 89 -11.64 -1.83 4.51
C SER A 89 -10.16 -2.20 4.62
N TRP A 90 -9.46 -2.35 3.50
CA TRP A 90 -8.08 -2.79 3.46
C TRP A 90 -7.08 -1.63 3.60
N ASP A 91 -7.51 -0.40 3.90
CA ASP A 91 -6.62 0.76 3.97
C ASP A 91 -5.69 0.50 5.15
N GLU A 92 -4.40 0.42 4.82
CA GLU A 92 -3.34 -0.07 5.67
C GLU A 92 -2.02 0.55 5.17
N TRP A 93 -0.94 0.44 5.94
CA TRP A 93 0.39 0.78 5.44
C TRP A 93 1.17 -0.48 5.09
N VAL A 94 2.05 -0.33 4.11
CA VAL A 94 2.98 -1.36 3.68
C VAL A 94 4.41 -0.82 3.74
N GLY A 95 5.36 -1.76 3.92
CA GLY A 95 6.78 -1.49 3.89
C GLY A 95 7.30 -1.60 2.46
N TYR A 96 8.44 -0.95 2.19
CA TYR A 96 9.07 -0.91 0.86
C TYR A 96 9.68 -2.23 0.39
N ASP A 97 9.40 -3.28 1.17
CA ASP A 97 9.66 -4.68 0.85
C ASP A 97 8.49 -5.32 0.07
N ARG A 98 7.28 -4.73 0.17
CA ARG A 98 6.08 -5.17 -0.55
C ARG A 98 5.58 -4.10 -1.51
N ILE A 99 5.65 -2.81 -1.17
CA ILE A 99 5.15 -1.76 -2.07
C ILE A 99 6.30 -1.13 -2.87
N ARG A 100 5.99 -0.63 -4.07
CA ARG A 100 6.87 0.21 -4.89
C ARG A 100 6.06 1.27 -5.62
N ALA A 101 6.64 2.45 -5.82
CA ALA A 101 6.06 3.55 -6.59
C ALA A 101 5.96 3.16 -8.04
N TYR A 102 5.01 3.70 -8.79
CA TYR A 102 4.75 3.23 -10.16
C TYR A 102 5.99 3.39 -11.03
N ASN A 103 6.41 2.27 -11.60
CA ASN A 103 7.67 2.05 -12.30
C ASN A 103 7.40 1.03 -13.38
N GLU A 104 8.16 1.09 -14.48
CA GLU A 104 8.10 0.09 -15.54
C GLU A 104 8.52 -1.29 -15.02
N GLU A 105 9.38 -1.32 -14.00
CA GLU A 105 9.79 -2.55 -13.32
C GLU A 105 8.58 -3.20 -12.63
N ASN A 106 7.78 -2.39 -11.94
CA ASN A 106 6.58 -2.89 -11.28
C ASN A 106 5.62 -3.38 -12.34
N ILE A 107 5.54 -2.70 -13.49
CA ILE A 107 4.62 -3.13 -14.54
C ILE A 107 5.10 -4.43 -15.17
N ALA A 108 6.42 -4.64 -15.27
CA ALA A 108 6.95 -5.93 -15.73
C ALA A 108 6.53 -7.03 -14.76
N MET A 109 6.60 -6.78 -13.45
CA MET A 109 6.06 -7.69 -12.45
C MET A 109 4.56 -7.88 -12.69
N LYS A 110 3.84 -6.78 -12.89
CA LYS A 110 2.40 -6.78 -12.98
C LYS A 110 1.97 -7.65 -14.14
N LYS A 111 2.58 -7.48 -15.31
CA LYS A 111 2.18 -8.21 -16.49
C LYS A 111 2.55 -9.67 -16.35
N ARG A 112 3.77 -9.95 -15.89
CA ARG A 112 4.20 -11.32 -15.56
C ARG A 112 3.25 -12.01 -14.56
N LEU A 113 2.55 -11.29 -13.70
CA LEU A 113 1.62 -11.91 -12.74
C LEU A 113 0.20 -11.97 -13.27
N ALA A 114 -0.28 -10.87 -13.84
CA ALA A 114 -1.54 -10.78 -14.58
C ALA A 114 -1.64 -11.88 -15.65
N ASN A 115 -0.48 -12.33 -16.17
CA ASN A 115 -0.33 -13.47 -17.07
C ASN A 115 -0.85 -14.78 -16.48
N GLU A 116 -0.60 -15.08 -15.20
CA GLU A 116 -1.01 -16.36 -14.60
C GLU A 116 -2.26 -16.25 -13.72
N ALA A 117 -2.63 -15.02 -13.37
CA ALA A 117 -3.72 -14.67 -12.46
C ALA A 117 -5.01 -15.44 -12.73
N GLY A 118 -5.49 -16.21 -11.75
CA GLY A 118 -6.79 -16.85 -11.72
C GLY A 118 -7.03 -17.51 -10.36
N SER A 119 -8.28 -17.84 -10.05
CA SER A 119 -8.68 -18.63 -8.89
C SER A 119 -8.42 -20.10 -9.23
N THR A 120 -7.18 -20.55 -9.00
CA THR A 120 -6.69 -21.86 -9.40
C THR A 120 -7.52 -23.01 -8.81
N GLY A 121 -7.99 -22.89 -7.56
CA GLY A 121 -8.87 -23.84 -6.89
C GLY A 121 -8.17 -25.13 -6.45
N SER A 122 -7.38 -25.75 -7.32
CA SER A 122 -6.60 -26.96 -7.08
C SER A 122 -5.30 -26.63 -6.30
N ALA A 123 -5.44 -25.91 -5.19
CA ALA A 123 -4.38 -25.35 -4.37
C ALA A 123 -4.83 -25.38 -2.89
N PRO A 124 -3.93 -25.20 -1.91
CA PRO A 124 -4.28 -25.13 -0.49
C PRO A 124 -5.00 -23.84 -0.07
N ALA A 125 -5.47 -23.06 -1.04
CA ALA A 125 -6.29 -21.86 -0.90
C ALA A 125 -7.17 -21.77 -2.16
N THR A 126 -8.17 -20.89 -2.16
CA THR A 126 -9.05 -20.68 -3.30
C THR A 126 -8.28 -20.22 -4.56
N GLY A 127 -7.16 -19.54 -4.37
CA GLY A 127 -6.26 -19.10 -5.43
C GLY A 127 -5.32 -18.03 -4.90
N GLY A 128 -4.52 -17.44 -5.80
CA GLY A 128 -3.63 -16.32 -5.52
C GLY A 128 -4.39 -15.00 -5.45
N VAL A 129 -5.55 -14.97 -4.83
CA VAL A 129 -6.49 -13.86 -4.88
C VAL A 129 -7.09 -13.73 -3.49
N LYS A 131 -10.00 -12.05 -0.99
CA LYS A 131 -11.35 -11.54 -0.99
C LYS A 131 -11.63 -11.30 0.49
N PRO A 132 -12.54 -10.39 0.81
CA PRO A 132 -13.03 -10.26 2.16
C PRO A 132 -14.04 -11.39 2.48
N HIS A 133 -14.40 -12.20 1.47
CA HIS A 133 -15.15 -13.44 1.53
C HIS A 133 -14.45 -14.41 2.49
N ARG A 134 -15.24 -15.39 2.89
CA ARG A 134 -14.99 -16.45 3.88
C ARG A 134 -14.72 -15.94 5.31
N TYR A 135 -14.15 -14.75 5.49
CA TYR A 135 -14.06 -14.09 6.79
C TYR A 135 -15.47 -13.71 7.27
N ARG A 136 -15.61 -13.47 8.58
CA ARG A 136 -16.83 -13.00 9.23
C ARG A 136 -16.41 -12.18 10.44
N MET A 3 14.79 8.00 -20.27
CA MET A 3 15.40 7.98 -18.92
C MET A 3 14.36 8.31 -17.86
N VAL A 4 14.34 7.58 -16.75
CA VAL A 4 13.55 7.87 -15.56
C VAL A 4 14.44 7.65 -14.33
N ASP A 5 14.07 8.23 -13.18
CA ASP A 5 14.74 8.03 -11.90
C ASP A 5 13.75 8.27 -10.76
N LEU A 6 13.10 9.46 -10.75
CA LEU A 6 12.15 9.84 -9.70
C LEU A 6 10.90 8.96 -9.74
N GLU A 7 10.40 8.64 -10.94
CA GLU A 7 9.17 7.86 -11.12
C GLU A 7 9.32 6.44 -10.52
N GLN A 8 10.54 5.91 -10.52
CA GLN A 8 10.89 4.60 -9.99
C GLN A 8 10.85 4.53 -8.46
N GLU A 9 10.99 5.66 -7.78
CA GLU A 9 10.86 5.74 -6.33
C GLU A 9 9.38 5.79 -5.96
N PHE A 10 9.06 5.35 -4.74
CA PHE A 10 7.75 5.53 -4.14
C PHE A 10 7.54 7.04 -4.17
N ALA A 11 6.42 7.42 -4.75
CA ALA A 11 6.12 8.79 -5.08
C ALA A 11 4.84 9.09 -4.32
N LEU A 12 4.80 10.27 -3.69
CA LEU A 12 3.78 10.66 -2.71
C LEU A 12 2.33 10.66 -3.19
N GLY A 13 2.11 10.38 -4.46
CA GLY A 13 0.78 10.14 -4.99
C GLY A 13 0.90 9.42 -6.32
N GLY A 14 1.99 8.67 -6.48
CA GLY A 14 2.12 7.76 -7.59
C GLY A 14 1.37 6.51 -7.20
N ARG A 15 1.47 5.56 -8.11
CA ARG A 15 1.04 4.22 -7.84
C ARG A 15 2.23 3.54 -7.20
N VAL A 16 1.88 2.56 -6.43
CA VAL A 16 2.75 1.56 -5.87
C VAL A 16 2.01 0.27 -6.18
N LEU A 17 2.71 -0.83 -6.01
CA LEU A 17 2.20 -2.17 -6.16
C LEU A 17 2.71 -2.89 -4.93
N ALA A 18 1.93 -3.82 -4.39
CA ALA A 18 2.30 -4.53 -3.17
C ALA A 18 2.03 -6.00 -3.36
N PHE A 19 3.01 -6.81 -2.97
CA PHE A 19 2.97 -8.25 -3.10
C PHE A 19 2.45 -8.83 -1.78
N HIS A 20 1.40 -9.66 -1.86
CA HIS A 20 0.72 -10.22 -0.69
C HIS A 20 1.13 -11.68 -0.46
N GLY A 21 1.90 -12.26 -1.38
CA GLY A 21 2.50 -13.57 -1.28
C GLY A 21 2.33 -14.29 -2.62
N PRO A 22 1.12 -14.80 -2.90
CA PRO A 22 0.83 -15.42 -4.19
C PRO A 22 0.65 -14.41 -5.34
N LEU A 23 0.08 -13.21 -5.08
CA LEU A 23 -0.28 -12.24 -6.07
C LEU A 23 -0.04 -10.85 -5.48
N MET A 24 -0.29 -9.81 -6.25
CA MET A 24 -0.01 -8.44 -5.89
C MET A 24 -1.23 -7.59 -6.24
N TYR A 25 -1.34 -6.39 -5.67
CA TYR A 25 -2.44 -5.45 -5.94
C TYR A 25 -1.86 -4.05 -6.13
N GLU A 26 -2.67 -3.16 -6.70
CA GLU A 26 -2.37 -1.75 -6.86
C GLU A 26 -2.52 -1.08 -5.51
N ALA A 27 -1.67 -0.08 -5.28
CA ALA A 27 -1.64 0.67 -4.06
C ALA A 27 -1.46 2.16 -4.39
N LYS A 28 -1.86 3.04 -3.46
CA LYS A 28 -1.96 4.49 -3.70
C LYS A 28 -1.65 5.24 -2.40
N ILE A 29 -0.38 5.62 -2.25
CA ILE A 29 0.25 6.38 -1.15
C ILE A 29 -0.41 7.73 -0.93
N LEU A 30 -0.37 8.18 0.34
CA LEU A 30 -0.70 9.56 0.71
C LEU A 30 -0.21 9.97 2.07
N LYS A 31 0.10 9.03 2.95
CA LYS A 31 0.72 9.32 4.23
C LYS A 31 1.89 8.37 4.33
N ILE A 32 3.01 8.86 4.84
CA ILE A 32 4.26 8.14 4.79
C ILE A 32 4.98 8.34 6.10
N TRP A 33 5.91 7.46 6.39
CA TRP A 33 6.52 7.35 7.71
C TRP A 33 8.00 7.00 7.61
N ASP A 34 8.73 7.43 8.63
CA ASP A 34 10.18 7.37 8.72
C ASP A 34 10.61 7.21 10.19
N PRO A 35 11.68 6.45 10.51
CA PRO A 35 12.20 6.28 11.87
C PRO A 35 12.90 7.54 12.42
N SER A 36 13.02 8.63 11.65
CA SER A 36 13.80 9.80 12.10
C SER A 36 13.19 10.44 13.35
N SER A 37 11.87 10.41 13.46
CA SER A 37 11.09 10.99 14.57
C SER A 37 10.00 10.03 15.06
N LYS A 38 9.87 8.85 14.44
CA LYS A 38 8.76 7.93 14.65
C LYS A 38 7.43 8.69 14.55
N MET A 39 7.27 9.42 13.45
CA MET A 39 6.12 10.24 13.12
C MET A 39 5.96 10.18 11.60
N TYR A 40 4.73 10.44 11.13
CA TYR A 40 4.38 10.41 9.70
C TYR A 40 4.16 11.81 9.13
N THR A 41 3.92 11.90 7.82
CA THR A 41 3.56 13.11 7.08
C THR A 41 2.53 12.70 6.03
N SER A 42 1.64 13.60 5.59
CA SER A 42 0.50 13.25 4.79
C SER A 42 0.15 14.47 3.93
N ILE A 43 -0.53 14.26 2.81
CA ILE A 43 -0.86 15.31 1.85
C ILE A 43 -2.21 14.99 1.16
N PRO A 44 -2.89 15.98 0.54
CA PRO A 44 -4.21 15.84 -0.07
C PRO A 44 -4.16 15.14 -1.46
N ASN A 45 -3.47 14.00 -1.58
CA ASN A 45 -3.57 13.18 -2.79
C ASN A 45 -5.01 12.72 -2.96
N ASP A 46 -5.59 12.16 -1.89
CA ASP A 46 -6.96 11.67 -1.83
C ASP A 46 -7.32 11.41 -0.36
N LYS A 47 -8.61 11.25 -0.08
CA LYS A 47 -9.15 10.93 1.24
C LYS A 47 -8.80 9.50 1.68
N PRO A 48 -8.62 9.25 2.99
CA PRO A 48 -8.49 7.91 3.57
C PRO A 48 -9.69 6.95 3.36
N GLY A 49 -10.87 7.42 2.95
CA GLY A 49 -12.08 6.62 2.78
C GLY A 49 -13.08 6.89 3.91
N GLY A 50 -12.59 7.08 5.14
CA GLY A 50 -13.39 7.36 6.33
C GLY A 50 -13.27 8.81 6.81
N SER A 51 -12.74 9.70 5.97
CA SER A 51 -12.64 11.14 6.20
C SER A 51 -13.02 11.84 4.88
N SER A 52 -13.39 13.12 4.95
CA SER A 52 -13.84 13.87 3.77
C SER A 52 -12.68 14.07 2.78
N GLN A 53 -11.51 14.50 3.25
CA GLN A 53 -10.28 14.67 2.48
C GLN A 53 -9.12 14.92 3.46
N ALA A 54 -7.89 14.69 3.00
CA ALA A 54 -6.68 15.14 3.70
C ALA A 54 -6.62 16.67 3.52
N THR A 55 -5.89 17.37 4.39
CA THR A 55 -5.93 18.83 4.46
C THR A 55 -4.52 19.44 4.40
N LYS A 56 -4.07 19.66 3.16
CA LYS A 56 -2.73 20.18 2.82
C LYS A 56 -1.65 19.32 3.46
N GLU A 57 -0.40 19.81 3.55
CA GLU A 57 0.62 19.10 4.31
C GLU A 57 0.15 19.05 5.76
N ILE A 58 -0.15 17.82 6.17
CA ILE A 58 -0.66 17.49 7.49
C ILE A 58 0.54 17.56 8.43
N LYS A 59 0.33 18.11 9.62
CA LYS A 59 1.38 18.22 10.61
C LYS A 59 1.76 16.81 11.08
N PRO A 60 3.05 16.52 11.24
CA PRO A 60 3.48 15.22 11.67
C PRO A 60 3.08 15.06 13.13
N GLN A 61 2.54 13.88 13.46
CA GLN A 61 1.92 13.61 14.74
C GLN A 61 2.33 12.23 15.21
N LYS A 62 2.22 11.99 16.53
CA LYS A 62 2.37 10.65 17.07
C LYS A 62 1.23 9.79 16.53
N LEU A 63 1.61 8.62 16.04
CA LEU A 63 0.77 7.65 15.36
C LEU A 63 -0.03 6.80 16.35
N GLY A 64 -1.16 6.27 15.86
CA GLY A 64 -2.05 5.40 16.62
C GLY A 64 -3.44 6.01 16.81
N GLU A 65 -3.82 6.98 15.98
CA GLU A 65 -5.14 7.60 16.01
C GLU A 65 -6.14 6.68 15.32
N ASP A 66 -5.71 5.97 14.27
CA ASP A 66 -6.55 5.04 13.49
C ASP A 66 -5.71 3.91 12.87
N GLU A 67 -4.43 3.81 13.26
CA GLU A 67 -3.42 2.96 12.64
C GLU A 67 -2.75 2.07 13.69
N SER A 68 -1.91 1.16 13.21
CA SER A 68 -0.98 0.34 13.97
C SER A 68 0.16 0.00 13.00
N ILE A 69 1.41 0.00 13.46
CA ILE A 69 2.53 -0.52 12.71
C ILE A 69 3.36 -1.38 13.67
N PRO A 70 3.75 -2.60 13.27
CA PRO A 70 4.67 -3.40 14.07
C PRO A 70 6.04 -2.74 14.07
N GLU A 71 6.86 -3.10 15.06
CA GLU A 71 8.26 -2.68 15.18
C GLU A 71 9.07 -3.05 13.93
N GLU A 72 8.55 -3.92 13.07
CA GLU A 72 9.15 -4.33 11.79
C GLU A 72 9.20 -3.19 10.77
N ILE A 73 8.23 -2.25 10.76
CA ILE A 73 8.16 -1.21 9.71
C ILE A 73 8.30 0.20 10.31
N ILE A 74 8.21 0.27 11.64
CA ILE A 74 8.50 1.40 12.51
C ILE A 74 9.92 1.89 12.19
N ASN A 75 10.87 0.95 12.10
CA ASN A 75 12.30 1.27 11.99
C ASN A 75 12.71 1.62 10.55
N GLY A 76 11.76 1.79 9.61
CA GLY A 76 12.10 1.93 8.21
C GLY A 76 11.06 2.77 7.48
N LYS A 77 11.26 2.94 6.17
CA LYS A 77 10.32 3.63 5.34
C LYS A 77 9.00 2.88 5.31
N SER A 78 7.90 3.60 5.54
CA SER A 78 6.57 3.03 5.47
C SER A 78 5.60 3.94 4.72
N PHE A 79 4.58 3.33 4.13
CA PHE A 79 3.66 3.95 3.19
C PHE A 79 2.23 3.52 3.48
N PHE A 80 1.39 4.47 3.90
CA PHE A 80 -0.05 4.34 4.03
C PHE A 80 -0.65 4.51 2.65
N ILE A 81 -1.44 3.51 2.27
CA ILE A 81 -1.94 3.31 0.92
C ILE A 81 -3.41 2.91 0.94
N HIS A 82 -4.07 3.18 -0.20
CA HIS A 82 -5.40 2.65 -0.49
C HIS A 82 -5.18 1.55 -1.51
N TYR A 83 -5.57 0.33 -1.18
CA TYR A 83 -5.54 -0.78 -2.12
C TYR A 83 -6.65 -0.56 -3.14
N GLN A 84 -6.27 -0.46 -4.41
CA GLN A 84 -7.30 -0.23 -5.43
C GLN A 84 -8.12 -1.50 -5.65
N GLY A 85 -9.39 -1.30 -5.99
CA GLY A 85 -10.35 -2.39 -6.16
C GLY A 85 -10.68 -3.09 -4.85
N TRP A 86 -10.26 -2.55 -3.70
CA TRP A 86 -10.43 -3.19 -2.39
C TRP A 86 -11.03 -2.23 -1.36
N LYS A 87 -11.51 -2.79 -0.24
CA LYS A 87 -12.28 -2.02 0.75
C LYS A 87 -11.36 -1.14 1.58
N SER A 88 -11.96 -0.14 2.23
CA SER A 88 -11.29 0.74 3.19
C SER A 88 -10.76 -0.04 4.40
N SER A 89 -11.32 -1.24 4.67
CA SER A 89 -10.85 -2.16 5.70
C SER A 89 -9.36 -2.51 5.54
N TRP A 90 -8.82 -2.44 4.32
CA TRP A 90 -7.45 -2.81 4.01
C TRP A 90 -6.54 -1.57 3.88
N ASP A 91 -7.05 -0.34 4.09
CA ASP A 91 -6.21 0.85 4.08
C ASP A 91 -5.32 0.73 5.30
N GLU A 92 -4.03 0.61 5.05
CA GLU A 92 -3.01 0.22 6.01
C GLU A 92 -1.66 0.75 5.51
N TRP A 93 -0.61 0.70 6.33
CA TRP A 93 0.74 0.94 5.85
C TRP A 93 1.45 -0.39 5.64
N VAL A 94 2.37 -0.37 4.69
CA VAL A 94 3.27 -1.47 4.38
C VAL A 94 4.70 -0.96 4.35
N GLY A 95 5.61 -1.90 4.59
CA GLY A 95 7.04 -1.71 4.41
C GLY A 95 7.43 -2.11 3.00
N TYR A 96 8.65 -1.73 2.61
CA TYR A 96 9.27 -2.10 1.35
C TYR A 96 9.39 -3.63 1.16
N ASP A 97 9.27 -4.37 2.26
CA ASP A 97 9.15 -5.83 2.26
C ASP A 97 7.97 -6.34 1.44
N ARG A 98 6.95 -5.50 1.20
CA ARG A 98 5.82 -5.82 0.33
C ARG A 98 5.66 -4.80 -0.80
N ILE A 99 5.85 -3.50 -0.55
CA ILE A 99 5.48 -2.48 -1.53
C ILE A 99 6.67 -2.05 -2.41
N ARG A 100 6.39 -1.52 -3.61
CA ARG A 100 7.31 -0.89 -4.54
C ARG A 100 6.56 0.09 -5.45
N ALA A 101 7.19 1.11 -6.03
CA ALA A 101 6.56 2.17 -6.85
C ALA A 101 6.19 1.67 -8.24
N TYR A 102 5.32 2.38 -8.95
CA TYR A 102 5.00 2.05 -10.32
C TYR A 102 6.22 2.28 -11.22
N ASN A 103 6.70 1.18 -11.78
CA ASN A 103 7.77 1.15 -12.78
C ASN A 103 7.72 -0.21 -13.50
N GLU A 104 8.35 -0.27 -14.67
CA GLU A 104 8.27 -1.36 -15.63
C GLU A 104 8.59 -2.74 -15.05
N GLU A 105 9.50 -2.81 -14.07
CA GLU A 105 9.86 -4.07 -13.42
C GLU A 105 8.66 -4.64 -12.65
N ASN A 106 7.96 -3.75 -11.93
CA ASN A 106 6.79 -4.12 -11.16
C ASN A 106 5.63 -4.38 -12.07
N ILE A 107 5.61 -3.75 -13.25
CA ILE A 107 4.63 -4.12 -14.26
C ILE A 107 4.94 -5.52 -14.75
N ALA A 108 6.18 -5.87 -15.06
CA ALA A 108 6.47 -7.23 -15.52
C ALA A 108 6.00 -8.25 -14.48
N MET A 109 6.26 -7.99 -13.20
CA MET A 109 5.71 -8.77 -12.08
C MET A 109 4.19 -8.83 -12.18
N LYS A 110 3.54 -7.67 -12.32
CA LYS A 110 2.10 -7.59 -12.34
C LYS A 110 1.54 -8.41 -13.49
N LYS A 111 2.04 -8.27 -14.71
CA LYS A 111 1.46 -8.94 -15.87
C LYS A 111 1.65 -10.44 -15.77
N ARG A 112 2.82 -10.89 -15.32
CA ARG A 112 3.08 -12.29 -15.04
C ARG A 112 2.01 -12.82 -14.10
N LEU A 113 1.80 -12.17 -12.96
CA LEU A 113 0.94 -12.72 -11.92
C LEU A 113 -0.53 -12.59 -12.32
N ALA A 114 -0.89 -11.46 -12.92
CA ALA A 114 -2.18 -11.20 -13.58
C ALA A 114 -2.50 -12.22 -14.69
N ASN A 115 -1.54 -13.09 -15.07
CA ASN A 115 -1.69 -14.11 -16.10
C ASN A 115 -1.61 -15.53 -15.51
N GLU A 116 -0.63 -15.82 -14.65
CA GLU A 116 -0.46 -17.16 -14.07
C GLU A 116 -1.56 -17.48 -13.08
N ALA A 117 -2.03 -16.44 -12.39
CA ALA A 117 -2.88 -16.60 -11.23
C ALA A 117 -4.22 -15.89 -11.43
N GLY A 118 -5.28 -16.64 -11.14
CA GLY A 118 -6.66 -16.24 -11.35
C GLY A 118 -7.61 -17.35 -10.88
N SER A 119 -7.45 -17.78 -9.64
CA SER A 119 -8.10 -18.96 -9.05
C SER A 119 -8.86 -18.57 -7.78
N THR A 120 -9.51 -17.41 -7.81
CA THR A 120 -10.14 -16.67 -6.71
C THR A 120 -11.11 -17.47 -5.81
N GLY A 121 -11.62 -18.62 -6.29
CA GLY A 121 -12.55 -19.45 -5.54
C GLY A 121 -12.65 -20.85 -6.17
N SER A 122 -13.59 -21.66 -5.67
CA SER A 122 -13.81 -23.04 -6.11
C SER A 122 -12.53 -23.91 -6.01
N ALA A 123 -11.73 -23.68 -4.96
CA ALA A 123 -10.54 -24.45 -4.63
C ALA A 123 -10.44 -24.59 -3.10
N PRO A 124 -9.89 -25.70 -2.56
CA PRO A 124 -9.75 -25.94 -1.13
C PRO A 124 -8.55 -25.19 -0.51
N ALA A 125 -8.27 -23.96 -0.98
CA ALA A 125 -7.09 -23.18 -0.65
C ALA A 125 -7.47 -21.69 -0.66
N THR A 126 -6.49 -20.81 -0.43
CA THR A 126 -6.67 -19.36 -0.58
C THR A 126 -7.15 -19.02 -1.99
N GLY A 127 -6.69 -19.76 -3.00
CA GLY A 127 -6.91 -19.44 -4.40
C GLY A 127 -5.85 -18.48 -4.94
N GLY A 128 -4.75 -18.29 -4.20
CA GLY A 128 -3.68 -17.39 -4.58
C GLY A 128 -4.05 -15.93 -4.34
N VAL A 129 -4.93 -15.61 -3.39
CA VAL A 129 -5.50 -14.28 -3.25
C VAL A 129 -5.97 -14.09 -1.81
N LYS A 131 -9.14 -12.87 0.45
CA LYS A 131 -10.55 -13.06 0.18
C LYS A 131 -11.24 -13.06 1.56
N PRO A 132 -11.70 -11.89 2.03
CA PRO A 132 -12.13 -11.75 3.42
C PRO A 132 -13.50 -12.33 3.73
N HIS A 133 -14.48 -12.14 2.85
CA HIS A 133 -15.88 -12.46 3.14
C HIS A 133 -16.21 -13.97 3.20
N ARG A 134 -15.25 -14.88 3.03
CA ARG A 134 -15.50 -16.31 3.20
C ARG A 134 -15.91 -16.61 4.65
N TYR A 135 -16.55 -17.77 4.86
CA TYR A 135 -17.01 -18.23 6.16
C TYR A 135 -15.85 -18.30 7.17
N ARG A 136 -16.16 -18.06 8.44
CA ARG A 136 -15.22 -18.13 9.56
C ARG A 136 -16.04 -18.54 10.78
N MET A 3 13.44 15.61 -18.78
CA MET A 3 13.84 14.35 -18.10
C MET A 3 13.08 14.19 -16.78
N VAL A 4 12.80 12.96 -16.38
CA VAL A 4 12.08 12.60 -15.15
C VAL A 4 12.75 11.37 -14.54
N ASP A 5 12.54 11.15 -13.24
CA ASP A 5 13.15 10.06 -12.47
C ASP A 5 12.35 9.75 -11.19
N LEU A 6 11.77 10.80 -10.58
CA LEU A 6 10.97 10.73 -9.36
C LEU A 6 9.83 9.70 -9.42
N GLU A 7 9.29 9.42 -10.62
CA GLU A 7 8.19 8.47 -10.78
C GLU A 7 8.54 7.06 -10.29
N GLN A 8 9.82 6.70 -10.30
CA GLN A 8 10.33 5.39 -9.91
C GLN A 8 10.54 5.30 -8.39
N GLU A 9 10.59 6.43 -7.69
CA GLU A 9 10.56 6.45 -6.22
C GLU A 9 9.11 6.38 -5.76
N PHE A 10 8.89 6.07 -4.48
CA PHE A 10 7.58 6.21 -3.88
C PHE A 10 7.23 7.66 -4.04
N ALA A 11 6.08 7.85 -4.63
CA ALA A 11 5.60 9.13 -5.08
C ALA A 11 4.29 9.28 -4.32
N LEU A 12 4.11 10.42 -3.64
CA LEU A 12 3.04 10.67 -2.66
C LEU A 12 1.60 10.52 -3.17
N GLY A 13 1.44 10.24 -4.46
CA GLY A 13 0.17 9.87 -5.01
C GLY A 13 0.37 9.16 -6.34
N GLY A 14 1.49 8.44 -6.43
CA GLY A 14 1.72 7.53 -7.53
C GLY A 14 0.95 6.27 -7.20
N ARG A 15 1.41 5.21 -7.82
CA ARG A 15 1.00 3.87 -7.48
C ARG A 15 2.21 3.28 -6.83
N VAL A 16 1.94 2.32 -5.99
CA VAL A 16 2.91 1.43 -5.41
C VAL A 16 2.34 0.04 -5.68
N LEU A 17 3.18 -0.97 -5.57
CA LEU A 17 2.86 -2.34 -5.89
C LEU A 17 3.54 -3.12 -4.78
N ALA A 18 2.79 -4.00 -4.15
CA ALA A 18 3.28 -4.76 -3.01
C ALA A 18 3.23 -6.23 -3.37
N PHE A 19 4.27 -6.95 -2.95
CA PHE A 19 4.45 -8.36 -3.26
C PHE A 19 4.18 -9.12 -1.97
N HIS A 20 3.14 -9.95 -1.98
CA HIS A 20 2.59 -10.59 -0.79
C HIS A 20 3.14 -12.01 -0.61
N GLY A 21 3.81 -12.56 -1.62
CA GLY A 21 4.50 -13.84 -1.57
C GLY A 21 4.24 -14.58 -2.88
N PRO A 22 3.06 -15.19 -3.05
CA PRO A 22 2.68 -15.85 -4.30
C PRO A 22 2.41 -14.85 -5.44
N LEU A 23 1.93 -13.64 -5.13
CA LEU A 23 1.43 -12.68 -6.07
C LEU A 23 1.60 -11.28 -5.49
N MET A 24 1.15 -10.25 -6.21
CA MET A 24 1.35 -8.85 -5.91
C MET A 24 0.04 -8.13 -6.22
N TYR A 25 -0.22 -6.99 -5.58
CA TYR A 25 -1.41 -6.18 -5.79
C TYR A 25 -1.03 -4.69 -5.84
N GLU A 26 -1.99 -3.89 -6.28
CA GLU A 26 -1.88 -2.44 -6.38
C GLU A 26 -2.05 -1.84 -5.00
N ALA A 27 -1.30 -0.76 -4.77
CA ALA A 27 -1.30 -0.01 -3.54
C ALA A 27 -1.29 1.48 -3.89
N LYS A 28 -1.75 2.35 -2.97
CA LYS A 28 -1.87 3.79 -3.23
C LYS A 28 -1.63 4.59 -1.94
N ILE A 29 -0.44 5.17 -1.84
CA ILE A 29 0.13 5.97 -0.73
C ILE A 29 -0.72 7.20 -0.44
N LEU A 30 -0.74 7.60 0.84
CA LEU A 30 -1.27 8.89 1.26
C LEU A 30 -0.85 9.31 2.65
N LYS A 31 -0.38 8.40 3.51
CA LYS A 31 0.26 8.75 4.77
C LYS A 31 1.60 8.07 4.72
N ILE A 32 2.65 8.73 5.20
CA ILE A 32 4.01 8.27 5.00
C ILE A 32 4.79 8.53 6.27
N TRP A 33 5.91 7.84 6.41
CA TRP A 33 6.65 7.81 7.66
C TRP A 33 8.15 7.63 7.44
N ASP A 34 8.91 8.14 8.41
CA ASP A 34 10.37 8.20 8.45
C ASP A 34 10.85 8.09 9.91
N PRO A 35 11.92 7.34 10.22
CA PRO A 35 12.47 7.22 11.57
C PRO A 35 13.08 8.53 12.11
N SER A 36 13.26 9.57 11.29
CA SER A 36 14.00 10.77 11.71
C SER A 36 13.25 11.55 12.78
N SER A 37 11.91 11.48 12.74
CA SER A 37 11.02 12.04 13.74
C SER A 37 10.15 10.95 14.37
N LYS A 38 10.07 9.75 13.75
CA LYS A 38 9.12 8.71 14.15
C LYS A 38 7.72 9.29 14.28
N MET A 39 7.33 10.06 13.28
CA MET A 39 6.04 10.72 13.15
C MET A 39 5.71 10.72 11.66
N TYR A 40 4.43 10.66 11.33
CA TYR A 40 3.95 10.56 9.94
C TYR A 40 3.52 11.90 9.38
N THR A 41 3.17 11.94 8.10
CA THR A 41 2.54 13.05 7.40
C THR A 41 1.55 12.45 6.41
N SER A 42 0.57 13.22 5.94
CA SER A 42 -0.44 12.77 4.97
C SER A 42 -0.80 13.98 4.11
N ILE A 43 -1.46 13.74 2.99
CA ILE A 43 -1.93 14.76 2.06
C ILE A 43 -3.27 14.31 1.45
N PRO A 44 -4.07 15.22 0.85
CA PRO A 44 -5.40 14.92 0.33
C PRO A 44 -5.28 14.18 -1.01
N ASN A 45 -5.18 12.85 -0.95
CA ASN A 45 -5.06 11.98 -2.12
C ASN A 45 -6.00 10.77 -2.04
N ASP A 46 -6.91 10.73 -1.05
CA ASP A 46 -7.69 9.53 -0.77
C ASP A 46 -9.08 9.84 -0.24
N LYS A 47 -9.94 8.83 -0.35
CA LYS A 47 -11.35 8.80 0.03
C LYS A 47 -11.54 7.46 0.74
N PRO A 48 -10.99 7.29 1.95
CA PRO A 48 -10.91 6.00 2.63
C PRO A 48 -12.30 5.42 2.86
N GLY A 49 -12.54 4.20 2.38
CA GLY A 49 -13.85 3.55 2.47
C GLY A 49 -14.98 4.31 1.78
N GLY A 50 -14.66 5.38 1.03
CA GLY A 50 -15.62 6.24 0.34
C GLY A 50 -15.94 7.51 1.13
N SER A 51 -15.19 7.79 2.21
CA SER A 51 -15.27 9.05 2.96
C SER A 51 -15.01 10.25 2.04
N SER A 52 -15.35 11.44 2.51
CA SER A 52 -15.38 12.68 1.72
C SER A 52 -14.04 12.97 1.06
N GLN A 53 -12.98 13.14 1.85
CA GLN A 53 -11.62 13.29 1.34
C GLN A 53 -10.67 13.39 2.55
N ALA A 54 -9.43 12.91 2.38
CA ALA A 54 -8.38 13.21 3.34
C ALA A 54 -8.12 14.73 3.25
N THR A 55 -7.40 15.28 4.20
CA THR A 55 -7.24 16.72 4.39
C THR A 55 -5.86 17.20 3.95
N LYS A 56 -5.74 18.53 3.74
CA LYS A 56 -4.49 19.22 3.41
C LYS A 56 -3.41 18.87 4.42
N GLU A 57 -2.15 18.99 3.99
CA GLU A 57 -0.93 18.53 4.65
C GLU A 57 -1.14 18.36 6.15
N ILE A 58 -1.37 17.10 6.47
CA ILE A 58 -1.83 16.64 7.76
C ILE A 58 -0.67 16.80 8.73
N LYS A 59 -0.95 17.45 9.87
CA LYS A 59 0.08 17.81 10.83
C LYS A 59 0.64 16.52 11.44
N PRO A 60 1.97 16.42 11.58
CA PRO A 60 2.61 15.21 12.04
C PRO A 60 2.28 15.07 13.52
N GLN A 61 1.83 13.88 13.89
CA GLN A 61 1.32 13.56 15.22
C GLN A 61 1.92 12.22 15.63
N LYS A 62 1.79 11.87 16.92
CA LYS A 62 2.16 10.51 17.34
C LYS A 62 1.21 9.52 16.68
N LEU A 63 1.71 8.32 16.49
CA LEU A 63 1.10 7.27 15.70
C LEU A 63 0.58 6.17 16.60
N GLY A 64 -0.53 5.54 16.18
CA GLY A 64 -1.06 4.36 16.85
C GLY A 64 -2.44 4.61 17.47
N GLU A 65 -3.33 5.30 16.74
CA GLU A 65 -4.72 5.53 17.16
C GLU A 65 -5.73 5.20 16.04
N ASP A 66 -5.26 4.94 14.82
CA ASP A 66 -6.07 4.45 13.69
C ASP A 66 -5.29 3.39 12.88
N GLU A 67 -4.15 2.93 13.43
CA GLU A 67 -3.15 2.11 12.78
C GLU A 67 -2.29 1.45 13.88
N SER A 68 -1.29 0.69 13.46
CA SER A 68 -0.19 0.15 14.23
C SER A 68 0.85 -0.20 13.17
N ILE A 69 2.13 0.00 13.46
CA ILE A 69 3.18 -0.08 12.47
C ILE A 69 4.28 -0.93 13.17
N PRO A 70 4.66 -2.10 12.64
CA PRO A 70 5.69 -2.96 13.23
C PRO A 70 7.03 -2.24 13.43
N GLU A 71 7.78 -2.57 14.49
CA GLU A 71 9.14 -2.09 14.72
C GLU A 71 10.09 -2.40 13.56
N GLU A 72 9.74 -3.39 12.74
CA GLU A 72 10.39 -3.75 11.49
C GLU A 72 10.42 -2.61 10.46
N ILE A 73 9.41 -1.73 10.48
CA ILE A 73 9.17 -0.73 9.43
C ILE A 73 9.27 0.70 10.00
N ILE A 74 9.19 0.80 11.32
CA ILE A 74 9.41 1.96 12.15
C ILE A 74 10.79 2.55 11.85
N ASN A 75 11.80 1.69 11.70
CA ASN A 75 13.21 2.08 11.61
C ASN A 75 13.60 2.53 10.19
N GLY A 76 12.64 2.75 9.29
CA GLY A 76 12.90 3.07 7.89
C GLY A 76 11.67 3.71 7.26
N LYS A 77 11.71 3.87 5.94
CA LYS A 77 10.59 4.39 5.18
C LYS A 77 9.35 3.51 5.40
N SER A 78 8.20 4.14 5.61
CA SER A 78 6.92 3.45 5.65
C SER A 78 5.85 4.23 4.90
N PHE A 79 4.89 3.48 4.36
CA PHE A 79 3.85 3.96 3.47
C PHE A 79 2.51 3.35 3.82
N PHE A 80 1.56 4.17 4.26
CA PHE A 80 0.16 3.82 4.44
C PHE A 80 -0.49 3.92 3.07
N ILE A 81 -1.18 2.85 2.71
CA ILE A 81 -1.69 2.60 1.39
C ILE A 81 -3.11 2.05 1.44
N HIS A 82 -3.89 2.37 0.41
CA HIS A 82 -5.17 1.70 0.17
C HIS A 82 -4.77 0.58 -0.78
N TYR A 83 -5.05 -0.68 -0.44
CA TYR A 83 -4.90 -1.75 -1.42
C TYR A 83 -6.01 -1.60 -2.44
N GLN A 84 -5.63 -1.27 -3.66
CA GLN A 84 -6.59 -0.95 -4.71
C GLN A 84 -7.26 -2.24 -5.15
N GLY A 85 -8.53 -2.13 -5.58
CA GLY A 85 -9.34 -3.29 -5.96
C GLY A 85 -9.58 -4.26 -4.80
N TRP A 86 -9.34 -3.84 -3.55
CA TRP A 86 -9.51 -4.65 -2.35
C TRP A 86 -10.20 -3.82 -1.25
N LYS A 87 -10.57 -4.48 -0.14
CA LYS A 87 -11.32 -3.83 0.93
C LYS A 87 -10.42 -2.85 1.68
N SER A 88 -11.05 -1.93 2.41
CA SER A 88 -10.34 -1.04 3.34
C SER A 88 -9.87 -1.79 4.60
N SER A 89 -10.36 -3.01 4.83
CA SER A 89 -9.94 -3.87 5.93
C SER A 89 -8.42 -4.11 5.93
N TRP A 90 -7.80 -4.14 4.75
CA TRP A 90 -6.38 -4.38 4.59
C TRP A 90 -5.54 -3.09 4.68
N ASP A 91 -6.13 -1.93 4.93
CA ASP A 91 -5.42 -0.64 4.91
C ASP A 91 -4.41 -0.71 6.05
N GLU A 92 -3.13 -0.58 5.67
CA GLU A 92 -2.01 -0.87 6.54
C GLU A 92 -0.79 -0.13 5.99
N TRP A 93 0.19 0.21 6.83
CA TRP A 93 1.47 0.67 6.31
C TRP A 93 2.40 -0.51 6.14
N VAL A 94 3.26 -0.36 5.16
CA VAL A 94 4.22 -1.35 4.75
C VAL A 94 5.60 -0.71 4.58
N GLY A 95 6.62 -1.53 4.84
CA GLY A 95 8.02 -1.20 4.61
C GLY A 95 8.41 -1.49 3.17
N TYR A 96 9.53 -0.88 2.75
CA TYR A 96 10.12 -0.99 1.41
C TYR A 96 10.71 -2.37 1.09
N ASP A 97 10.43 -3.33 1.95
CA ASP A 97 10.67 -4.76 1.78
C ASP A 97 9.46 -5.43 1.12
N ARG A 98 8.23 -4.99 1.45
CA ARG A 98 7.01 -5.50 0.81
C ARG A 98 6.63 -4.61 -0.37
N ILE A 99 6.66 -3.28 -0.22
CA ILE A 99 6.15 -2.36 -1.24
C ILE A 99 7.28 -1.81 -2.12
N ARG A 100 6.93 -1.38 -3.35
CA ARG A 100 7.78 -0.62 -4.28
C ARG A 100 6.90 0.32 -5.11
N ALA A 101 7.43 1.42 -5.65
CA ALA A 101 6.69 2.37 -6.50
C ALA A 101 6.37 1.77 -7.86
N TYR A 102 5.40 2.35 -8.57
CA TYR A 102 5.10 1.95 -9.93
C TYR A 102 6.24 2.39 -10.83
N ASN A 103 6.89 1.40 -11.45
CA ASN A 103 7.92 1.60 -12.46
C ASN A 103 8.11 0.29 -13.23
N GLU A 104 8.71 0.37 -14.43
CA GLU A 104 8.78 -0.70 -15.42
C GLU A 104 9.31 -2.04 -14.88
N GLU A 105 10.25 -2.02 -13.95
CA GLU A 105 10.78 -3.23 -13.34
C GLU A 105 9.67 -3.97 -12.57
N ASN A 106 8.89 -3.21 -11.81
CA ASN A 106 7.82 -3.79 -11.02
C ASN A 106 6.64 -4.12 -11.92
N ILE A 107 6.53 -3.48 -13.09
CA ILE A 107 5.56 -3.91 -14.08
C ILE A 107 5.98 -5.24 -14.67
N ALA A 108 7.28 -5.48 -14.84
CA ALA A 108 7.74 -6.78 -15.29
C ALA A 108 7.40 -7.84 -14.25
N MET A 109 7.57 -7.54 -12.95
CA MET A 109 7.06 -8.40 -11.88
C MET A 109 5.56 -8.59 -12.05
N LYS A 110 4.83 -7.47 -12.20
CA LYS A 110 3.38 -7.46 -12.22
C LYS A 110 2.88 -8.35 -13.34
N LYS A 111 3.40 -8.23 -14.56
CA LYS A 111 2.82 -8.94 -15.67
C LYS A 111 3.27 -10.38 -15.67
N ARG A 112 4.53 -10.67 -15.28
CA ARG A 112 4.98 -12.05 -15.08
C ARG A 112 4.12 -12.75 -14.02
N LEU A 113 3.53 -12.04 -13.05
CA LEU A 113 2.68 -12.69 -12.05
C LEU A 113 1.21 -12.71 -12.44
N ALA A 114 0.70 -11.58 -12.93
CA ALA A 114 -0.64 -11.44 -13.53
C ALA A 114 -0.86 -12.50 -14.65
N ASN A 115 0.23 -12.94 -15.29
CA ASN A 115 0.26 -14.05 -16.22
C ASN A 115 -0.24 -15.37 -15.62
N GLU A 116 0.13 -15.71 -14.38
CA GLU A 116 -0.25 -16.99 -13.77
C GLU A 116 -1.36 -16.85 -12.72
N ALA A 117 -1.67 -15.60 -12.36
CA ALA A 117 -2.55 -15.21 -11.27
C ALA A 117 -3.88 -15.95 -11.22
N GLY A 118 -4.56 -16.11 -12.35
CA GLY A 118 -5.86 -16.76 -12.46
C GLY A 118 -7.02 -15.93 -11.93
N SER A 119 -6.77 -14.94 -11.05
CA SER A 119 -7.77 -14.04 -10.47
C SER A 119 -8.89 -14.81 -9.73
N THR A 120 -8.57 -16.00 -9.19
CA THR A 120 -9.51 -16.90 -8.51
C THR A 120 -9.95 -16.36 -7.14
N GLY A 121 -9.46 -15.20 -6.71
CA GLY A 121 -9.88 -14.54 -5.47
C GLY A 121 -11.38 -14.23 -5.41
N SER A 122 -12.10 -14.27 -6.53
CA SER A 122 -13.55 -14.15 -6.59
C SER A 122 -14.31 -15.40 -6.13
N ALA A 123 -13.57 -16.41 -5.65
CA ALA A 123 -14.05 -17.71 -5.17
C ALA A 123 -13.29 -18.03 -3.86
N PRO A 124 -13.65 -19.08 -3.11
CA PRO A 124 -12.94 -19.54 -1.91
C PRO A 124 -11.49 -20.04 -2.13
N ALA A 125 -10.88 -19.80 -3.28
CA ALA A 125 -9.55 -20.29 -3.62
C ALA A 125 -8.48 -19.52 -2.84
N THR A 126 -7.41 -20.22 -2.43
CA THR A 126 -6.33 -19.70 -1.58
C THR A 126 -4.95 -20.04 -2.16
N GLY A 127 -4.92 -20.67 -3.34
CA GLY A 127 -3.74 -21.26 -3.96
C GLY A 127 -2.60 -20.27 -4.22
N GLY A 128 -2.89 -18.97 -4.36
CA GLY A 128 -1.89 -17.93 -4.60
C GLY A 128 -2.46 -16.54 -4.41
N VAL A 129 -3.41 -16.34 -3.51
CA VAL A 129 -4.16 -15.08 -3.42
C VAL A 129 -4.63 -14.97 -1.97
N LYS A 131 -7.50 -13.81 0.93
CA LYS A 131 -8.93 -14.04 1.07
C LYS A 131 -9.30 -13.57 2.48
N PRO A 132 -10.29 -12.69 2.66
CA PRO A 132 -10.81 -12.40 3.99
C PRO A 132 -11.87 -13.46 4.39
N HIS A 133 -12.54 -14.03 3.38
CA HIS A 133 -13.60 -15.02 3.39
C HIS A 133 -14.89 -14.55 4.08
N ARG A 134 -16.01 -15.03 3.56
CA ARG A 134 -17.36 -14.75 4.06
C ARG A 134 -17.51 -15.25 5.50
N TYR A 135 -18.40 -14.60 6.27
CA TYR A 135 -18.62 -14.93 7.68
C TYR A 135 -19.22 -16.32 7.86
N ARG A 136 -19.98 -16.82 6.88
CA ARG A 136 -20.65 -18.11 6.89
C ARG A 136 -20.82 -18.51 5.43
N MET A 3 15.73 10.08 -18.37
CA MET A 3 15.57 8.94 -17.43
C MET A 3 14.56 9.32 -16.35
N VAL A 4 13.76 8.35 -15.88
CA VAL A 4 12.91 8.52 -14.70
C VAL A 4 13.79 8.79 -13.47
N ASP A 5 13.21 9.40 -12.42
CA ASP A 5 13.90 9.62 -11.15
C ASP A 5 12.91 9.66 -9.99
N LEU A 6 11.85 10.47 -10.09
CA LEU A 6 10.81 10.56 -9.06
C LEU A 6 9.76 9.47 -9.29
N GLU A 7 9.46 9.17 -10.55
CA GLU A 7 8.38 8.29 -10.98
C GLU A 7 8.60 6.87 -10.45
N GLN A 8 9.87 6.45 -10.38
CA GLN A 8 10.30 5.14 -9.94
C GLN A 8 10.23 4.98 -8.42
N GLU A 9 10.12 6.07 -7.65
CA GLU A 9 10.00 6.00 -6.20
C GLU A 9 8.52 6.03 -5.82
N PHE A 10 8.30 5.69 -4.55
CA PHE A 10 7.10 5.76 -3.71
C PHE A 10 6.52 7.18 -3.67
N ALA A 11 6.12 7.62 -4.84
CA ALA A 11 5.67 8.94 -5.15
C ALA A 11 4.38 9.14 -4.36
N LEU A 12 4.24 10.32 -3.74
CA LEU A 12 3.18 10.60 -2.75
C LEU A 12 1.75 10.48 -3.27
N GLY A 13 1.59 10.23 -4.56
CA GLY A 13 0.31 9.90 -5.13
C GLY A 13 0.51 9.16 -6.43
N GLY A 14 1.61 8.41 -6.51
CA GLY A 14 1.80 7.47 -7.59
C GLY A 14 1.03 6.23 -7.22
N ARG A 15 1.34 5.18 -7.96
CA ARG A 15 0.91 3.86 -7.59
C ARG A 15 2.10 3.24 -6.92
N VAL A 16 1.79 2.30 -6.08
CA VAL A 16 2.71 1.39 -5.48
C VAL A 16 2.07 0.01 -5.76
N LEU A 17 2.85 -1.02 -5.56
CA LEU A 17 2.49 -2.41 -5.73
C LEU A 17 3.03 -3.05 -4.48
N ALA A 18 2.28 -3.99 -3.91
CA ALA A 18 2.66 -4.63 -2.67
C ALA A 18 2.45 -6.13 -2.83
N PHE A 19 3.48 -6.88 -2.48
CA PHE A 19 3.58 -8.31 -2.75
C PHE A 19 3.33 -9.02 -1.41
N HIS A 20 2.22 -9.78 -1.31
CA HIS A 20 1.77 -10.35 -0.04
C HIS A 20 2.41 -11.71 0.21
N GLY A 21 2.89 -12.37 -0.85
CA GLY A 21 3.67 -13.59 -0.76
C GLY A 21 3.39 -14.47 -1.96
N PRO A 22 2.19 -15.08 -2.03
CA PRO A 22 1.75 -15.83 -3.19
C PRO A 22 1.39 -14.93 -4.38
N LEU A 23 0.88 -13.71 -4.12
CA LEU A 23 0.35 -12.79 -5.10
C LEU A 23 0.56 -11.36 -4.62
N MET A 24 0.22 -10.39 -5.47
CA MET A 24 0.53 -8.99 -5.33
C MET A 24 -0.68 -8.17 -5.74
N TYR A 25 -0.86 -6.98 -5.15
CA TYR A 25 -2.01 -6.11 -5.37
C TYR A 25 -1.54 -4.66 -5.51
N GLU A 26 -2.38 -3.82 -6.11
CA GLU A 26 -2.12 -2.40 -6.28
C GLU A 26 -2.30 -1.69 -4.96
N ALA A 27 -1.52 -0.63 -4.78
CA ALA A 27 -1.57 0.22 -3.61
C ALA A 27 -1.45 1.68 -4.03
N LYS A 28 -1.88 2.61 -3.16
CA LYS A 28 -2.02 4.03 -3.51
C LYS A 28 -1.75 4.89 -2.28
N ILE A 29 -0.51 5.37 -2.15
CA ILE A 29 0.05 6.18 -1.05
C ILE A 29 -0.78 7.45 -0.82
N LEU A 30 -0.76 7.94 0.42
CA LEU A 30 -1.31 9.24 0.77
C LEU A 30 -0.67 9.83 2.02
N LYS A 31 -0.27 8.98 2.97
CA LYS A 31 0.32 9.39 4.23
C LYS A 31 1.54 8.52 4.39
N ILE A 32 2.65 9.12 4.81
CA ILE A 32 3.93 8.44 4.85
C ILE A 32 4.62 8.76 6.15
N TRP A 33 5.66 7.98 6.41
CA TRP A 33 6.36 7.94 7.70
C TRP A 33 7.85 7.74 7.49
N ASP A 34 8.62 8.23 8.47
CA ASP A 34 10.07 8.30 8.51
C ASP A 34 10.53 8.17 9.98
N PRO A 35 11.58 7.40 10.29
CA PRO A 35 12.14 7.31 11.65
C PRO A 35 12.75 8.63 12.15
N SER A 36 12.94 9.64 11.30
CA SER A 36 13.72 10.83 11.66
C SER A 36 13.04 11.64 12.78
N SER A 37 11.71 11.62 12.80
CA SER A 37 10.88 12.25 13.81
C SER A 37 9.93 11.24 14.46
N LYS A 38 9.85 10.00 13.93
CA LYS A 38 8.88 8.98 14.32
C LYS A 38 7.47 9.58 14.39
N MET A 39 7.10 10.31 13.33
CA MET A 39 5.83 10.98 13.11
C MET A 39 5.58 10.91 11.60
N TYR A 40 4.32 11.05 11.20
CA TYR A 40 3.89 10.91 9.79
C TYR A 40 3.50 12.23 9.17
N THR A 41 3.20 12.24 7.87
CA THR A 41 2.79 13.40 7.08
C THR A 41 1.83 12.90 6.01
N SER A 42 0.86 13.70 5.55
CA SER A 42 -0.17 13.29 4.59
C SER A 42 -0.49 14.51 3.75
N ILE A 43 -1.18 14.30 2.64
CA ILE A 43 -1.53 15.32 1.66
C ILE A 43 -2.89 14.95 1.02
N PRO A 44 -3.65 15.92 0.46
CA PRO A 44 -4.91 15.65 -0.21
C PRO A 44 -4.64 14.90 -1.51
N ASN A 45 -5.03 13.62 -1.56
CA ASN A 45 -4.86 12.79 -2.76
C ASN A 45 -6.04 11.82 -2.98
N ASP A 46 -6.90 11.61 -1.97
CA ASP A 46 -8.03 10.68 -2.01
C ASP A 46 -8.96 10.94 -0.82
N LYS A 47 -9.89 10.01 -0.57
CA LYS A 47 -10.99 10.05 0.37
C LYS A 47 -11.03 8.70 1.08
N PRO A 48 -10.44 8.54 2.28
CA PRO A 48 -10.37 7.27 2.99
C PRO A 48 -11.70 6.53 3.23
N GLY A 49 -12.85 7.22 3.21
CA GLY A 49 -14.16 6.66 3.55
C GLY A 49 -14.52 7.00 5.00
N GLY A 50 -13.52 6.92 5.89
CA GLY A 50 -13.60 7.42 7.26
C GLY A 50 -13.46 8.95 7.33
N SER A 51 -13.00 9.58 6.25
CA SER A 51 -12.83 11.02 6.12
C SER A 51 -13.30 11.42 4.73
N SER A 52 -13.98 12.57 4.62
CA SER A 52 -14.62 13.06 3.41
C SER A 52 -13.59 13.38 2.30
N GLN A 53 -12.37 13.75 2.68
CA GLN A 53 -11.20 13.90 1.82
C GLN A 53 -9.98 14.07 2.72
N ALA A 54 -8.79 13.79 2.20
CA ALA A 54 -7.57 14.21 2.87
C ALA A 54 -7.55 15.74 2.62
N THR A 55 -7.02 16.56 3.52
CA THR A 55 -7.23 18.01 3.46
C THR A 55 -6.17 18.87 2.79
N LYS A 56 -5.02 19.04 3.42
CA LYS A 56 -3.87 19.83 2.95
C LYS A 56 -2.63 19.07 3.42
N GLU A 57 -1.44 19.67 3.44
CA GLU A 57 -0.31 19.02 4.10
C GLU A 57 -0.70 18.93 5.57
N ILE A 58 -0.85 17.69 6.01
CA ILE A 58 -1.41 17.36 7.30
C ILE A 58 -0.27 17.55 8.30
N LYS A 59 -0.55 18.23 9.41
CA LYS A 59 0.46 18.49 10.43
C LYS A 59 0.87 17.15 11.05
N PRO A 60 2.18 16.93 11.25
CA PRO A 60 2.68 15.66 11.71
C PRO A 60 2.30 15.51 13.17
N GLN A 61 1.86 14.31 13.56
CA GLN A 61 1.27 14.06 14.87
C GLN A 61 1.79 12.71 15.35
N LYS A 62 1.69 12.47 16.66
CA LYS A 62 2.06 11.16 17.20
C LYS A 62 1.07 10.13 16.69
N LEU A 63 1.64 9.17 15.99
CA LEU A 63 1.01 7.97 15.48
C LEU A 63 0.44 7.10 16.60
N GLY A 64 -0.63 6.36 16.28
CA GLY A 64 -1.14 5.30 17.13
C GLY A 64 -2.56 5.51 17.69
N GLU A 65 -3.42 6.30 17.03
CA GLU A 65 -4.77 6.58 17.53
C GLU A 65 -5.78 5.54 17.02
N ASP A 66 -5.55 5.00 15.82
CA ASP A 66 -6.36 3.95 15.18
C ASP A 66 -5.48 3.11 14.23
N GLU A 67 -4.59 3.78 13.51
CA GLU A 67 -3.50 3.18 12.75
C GLU A 67 -2.49 2.64 13.78
N SER A 68 -1.65 1.71 13.35
CA SER A 68 -0.49 1.22 14.08
C SER A 68 0.47 0.72 13.00
N ILE A 69 1.75 0.61 13.35
CA ILE A 69 2.80 0.37 12.40
C ILE A 69 3.78 -0.53 13.21
N PRO A 70 4.18 -1.71 12.74
CA PRO A 70 5.09 -2.57 13.49
C PRO A 70 6.49 -1.95 13.59
N GLU A 71 7.24 -2.32 14.63
CA GLU A 71 8.64 -1.94 14.83
C GLU A 71 9.54 -2.36 13.66
N GLU A 72 9.06 -3.29 12.82
CA GLU A 72 9.69 -3.73 11.58
C GLU A 72 9.78 -2.62 10.54
N ILE A 73 8.88 -1.62 10.57
CA ILE A 73 8.74 -0.62 9.50
C ILE A 73 8.87 0.81 10.03
N ILE A 74 8.76 0.94 11.36
CA ILE A 74 9.04 2.10 12.18
C ILE A 74 10.43 2.67 11.83
N ASN A 75 11.40 1.76 11.67
CA ASN A 75 12.83 2.08 11.55
C ASN A 75 13.22 2.52 10.12
N GLY A 76 12.26 2.76 9.22
CA GLY A 76 12.52 3.08 7.82
C GLY A 76 11.32 3.79 7.22
N LYS A 77 11.34 3.99 5.91
CA LYS A 77 10.18 4.56 5.21
C LYS A 77 8.97 3.66 5.43
N SER A 78 7.80 4.28 5.63
CA SER A 78 6.53 3.56 5.64
C SER A 78 5.47 4.35 4.89
N PHE A 79 4.54 3.62 4.28
CA PHE A 79 3.56 4.16 3.35
C PHE A 79 2.16 3.62 3.66
N PHE A 80 1.27 4.51 4.08
CA PHE A 80 -0.16 4.31 4.24
C PHE A 80 -0.77 4.41 2.85
N ILE A 81 -1.50 3.35 2.49
CA ILE A 81 -1.98 3.09 1.16
C ILE A 81 -3.45 2.65 1.17
N HIS A 82 -4.13 2.95 0.06
CA HIS A 82 -5.44 2.40 -0.23
C HIS A 82 -5.14 1.30 -1.24
N TYR A 83 -5.43 0.06 -0.85
CA TYR A 83 -5.30 -1.07 -1.75
C TYR A 83 -6.35 -0.91 -2.86
N GLN A 84 -5.92 -0.85 -4.11
CA GLN A 84 -6.87 -0.66 -5.21
C GLN A 84 -7.51 -1.99 -5.58
N GLY A 85 -8.69 -1.93 -6.20
CA GLY A 85 -9.50 -3.11 -6.48
C GLY A 85 -9.99 -3.77 -5.19
N TRP A 86 -9.81 -3.12 -4.03
CA TRP A 86 -10.14 -3.66 -2.72
C TRP A 86 -10.87 -2.61 -1.87
N LYS A 87 -11.43 -3.08 -0.76
CA LYS A 87 -12.19 -2.27 0.19
C LYS A 87 -11.29 -1.23 0.86
N SER A 88 -11.89 -0.29 1.57
CA SER A 88 -11.17 0.65 2.42
C SER A 88 -10.84 0.04 3.79
N SER A 89 -11.43 -1.11 4.14
CA SER A 89 -11.16 -1.86 5.35
C SER A 89 -9.67 -2.19 5.49
N TRP A 90 -8.98 -2.43 4.38
CA TRP A 90 -7.59 -2.86 4.35
C TRP A 90 -6.58 -1.71 4.44
N ASP A 91 -7.02 -0.45 4.61
CA ASP A 91 -6.14 0.72 4.57
C ASP A 91 -5.20 0.60 5.76
N GLU A 92 -3.91 0.51 5.45
CA GLU A 92 -2.85 0.15 6.36
C GLU A 92 -1.54 0.71 5.80
N TRP A 93 -0.49 0.82 6.63
CA TRP A 93 0.84 1.10 6.10
C TRP A 93 1.61 -0.20 5.95
N VAL A 94 2.53 -0.16 5.02
CA VAL A 94 3.50 -1.21 4.75
C VAL A 94 4.90 -0.62 4.65
N GLY A 95 5.88 -1.47 4.92
CA GLY A 95 7.28 -1.20 4.70
C GLY A 95 7.70 -1.70 3.32
N TYR A 96 8.88 -1.28 2.90
CA TYR A 96 9.53 -1.69 1.65
C TYR A 96 9.72 -3.21 1.53
N ASP A 97 9.62 -3.91 2.66
CA ASP A 97 9.56 -5.37 2.74
C ASP A 97 8.42 -5.97 1.92
N ARG A 98 7.36 -5.19 1.65
CA ARG A 98 6.26 -5.61 0.79
C ARG A 98 6.04 -4.63 -0.36
N ILE A 99 6.17 -3.31 -0.13
CA ILE A 99 5.75 -2.32 -1.14
C ILE A 99 6.90 -1.87 -2.04
N ARG A 100 6.60 -1.41 -3.26
CA ARG A 100 7.46 -0.74 -4.23
C ARG A 100 6.60 0.16 -5.12
N ALA A 101 7.14 1.16 -5.82
CA ALA A 101 6.39 2.10 -6.68
C ALA A 101 5.96 1.49 -8.00
N TYR A 102 5.13 2.19 -8.77
CA TYR A 102 4.84 1.80 -10.14
C TYR A 102 6.06 2.05 -11.01
N ASN A 103 6.62 0.96 -11.54
CA ASN A 103 7.65 0.95 -12.57
C ASN A 103 7.71 -0.44 -13.22
N GLU A 104 8.36 -0.51 -14.38
CA GLU A 104 8.35 -1.67 -15.27
C GLU A 104 8.78 -2.98 -14.60
N GLU A 105 9.71 -2.93 -13.65
CA GLU A 105 10.16 -4.11 -12.93
C GLU A 105 9.01 -4.72 -12.12
N ASN A 106 8.23 -3.86 -11.48
CA ASN A 106 7.10 -4.27 -10.67
C ASN A 106 5.95 -4.66 -11.56
N ILE A 107 5.88 -4.12 -12.79
CA ILE A 107 4.94 -4.62 -13.77
C ILE A 107 5.33 -6.01 -14.24
N ALA A 108 6.63 -6.30 -14.39
CA ALA A 108 7.06 -7.64 -14.76
C ALA A 108 6.66 -8.62 -13.66
N MET A 109 6.86 -8.25 -12.39
CA MET A 109 6.33 -9.02 -11.26
C MET A 109 4.83 -9.16 -11.40
N LYS A 110 4.13 -8.06 -11.64
CA LYS A 110 2.69 -8.03 -11.60
C LYS A 110 2.10 -8.94 -12.64
N LYS A 111 2.53 -8.84 -13.90
CA LYS A 111 1.92 -9.59 -14.97
C LYS A 111 2.38 -11.04 -14.92
N ARG A 112 3.61 -11.33 -14.49
CA ARG A 112 3.99 -12.72 -14.22
C ARG A 112 3.02 -13.36 -13.23
N LEU A 113 2.68 -12.66 -12.15
CA LEU A 113 1.82 -13.22 -11.11
C LEU A 113 0.37 -13.23 -11.53
N ALA A 114 -0.12 -12.13 -12.07
CA ALA A 114 -1.47 -12.00 -12.65
C ALA A 114 -1.73 -13.09 -13.71
N ASN A 115 -0.68 -13.56 -14.39
CA ASN A 115 -0.73 -14.69 -15.31
C ASN A 115 -0.81 -16.04 -14.60
N GLU A 116 0.05 -16.29 -13.59
CA GLU A 116 0.03 -17.55 -12.87
C GLU A 116 -1.28 -17.73 -12.12
N ALA A 117 -1.74 -16.63 -11.51
CA ALA A 117 -2.83 -16.59 -10.57
C ALA A 117 -3.52 -15.23 -10.70
N GLY A 118 -4.74 -15.30 -11.22
CA GLY A 118 -5.52 -14.11 -11.56
C GLY A 118 -7.03 -14.27 -11.30
N SER A 119 -7.45 -15.37 -10.68
CA SER A 119 -8.83 -15.74 -10.43
C SER A 119 -8.83 -16.61 -9.18
N THR A 120 -9.98 -16.69 -8.51
CA THR A 120 -10.26 -17.63 -7.43
C THR A 120 -10.48 -19.02 -8.07
N GLY A 121 -9.41 -19.54 -8.66
CA GLY A 121 -9.42 -20.73 -9.50
C GLY A 121 -8.02 -21.04 -10.07
N SER A 122 -7.13 -20.04 -10.16
CA SER A 122 -5.74 -20.21 -10.60
C SER A 122 -4.72 -19.88 -9.52
N ALA A 123 -5.21 -19.46 -8.35
CA ALA A 123 -4.41 -19.24 -7.15
C ALA A 123 -3.82 -20.56 -6.65
N PRO A 124 -2.66 -20.55 -5.97
CA PRO A 124 -2.04 -21.75 -5.41
C PRO A 124 -2.91 -22.38 -4.33
N ALA A 125 -2.57 -23.63 -4.06
CA ALA A 125 -3.27 -24.52 -3.13
C ALA A 125 -3.28 -24.00 -1.69
N THR A 126 -2.36 -23.11 -1.33
CA THR A 126 -2.31 -22.43 -0.03
C THR A 126 -3.53 -21.51 0.16
N GLY A 127 -4.11 -21.01 -0.93
CA GLY A 127 -5.26 -20.12 -0.97
C GLY A 127 -4.99 -18.98 -1.93
N GLY A 128 -3.79 -18.38 -1.81
CA GLY A 128 -3.27 -17.33 -2.70
C GLY A 128 -4.07 -16.03 -2.75
N VAL A 129 -5.12 -15.88 -1.95
CA VAL A 129 -6.08 -14.79 -2.06
C VAL A 129 -6.57 -14.50 -0.65
N LYS A 131 -9.32 -12.97 0.37
CA LYS A 131 -10.76 -13.29 0.31
C LYS A 131 -11.55 -12.97 1.60
N PRO A 132 -12.10 -11.74 1.76
CA PRO A 132 -12.71 -11.35 3.02
C PRO A 132 -14.21 -11.67 3.05
N HIS A 133 -14.86 -11.72 1.87
CA HIS A 133 -16.32 -11.80 1.78
C HIS A 133 -16.90 -13.11 2.31
N ARG A 134 -16.19 -14.23 2.14
CA ARG A 134 -16.74 -15.56 2.42
C ARG A 134 -17.12 -15.69 3.91
N TYR A 135 -18.25 -16.35 4.14
CA TYR A 135 -18.73 -16.79 5.45
C TYR A 135 -19.11 -18.28 5.39
N ARG A 136 -18.88 -18.93 4.25
CA ARG A 136 -19.10 -20.33 3.95
C ARG A 136 -18.07 -20.66 2.87
N MET A 3 15.11 7.76 -20.97
CA MET A 3 15.53 7.19 -19.68
C MET A 3 14.68 7.77 -18.55
N VAL A 4 14.41 6.98 -17.51
CA VAL A 4 13.69 7.40 -16.30
C VAL A 4 14.41 6.79 -15.08
N ASP A 5 14.14 7.33 -13.89
CA ASP A 5 14.69 6.84 -12.62
C ASP A 5 13.77 7.19 -11.46
N LEU A 6 13.22 8.41 -11.45
CA LEU A 6 12.32 8.93 -10.40
C LEU A 6 11.02 8.14 -10.33
N GLU A 7 10.54 7.61 -11.46
CA GLU A 7 9.30 6.85 -11.56
C GLU A 7 9.32 5.63 -10.59
N GLN A 8 10.51 5.03 -10.45
CA GLN A 8 10.84 3.89 -9.63
C GLN A 8 10.76 4.18 -8.11
N GLU A 9 10.86 5.44 -7.68
CA GLU A 9 10.81 5.80 -6.27
C GLU A 9 9.37 5.99 -5.84
N PHE A 10 9.09 5.68 -4.58
CA PHE A 10 7.84 6.03 -3.94
C PHE A 10 7.71 7.52 -4.09
N ALA A 11 6.56 7.88 -4.60
CA ALA A 11 6.21 9.22 -4.95
C ALA A 11 5.02 9.49 -4.04
N LEU A 12 5.04 10.62 -3.32
CA LEU A 12 4.14 10.97 -2.22
C LEU A 12 2.65 10.87 -2.49
N GLY A 13 2.27 10.72 -3.75
CA GLY A 13 0.90 10.42 -4.11
C GLY A 13 0.87 9.76 -5.48
N GLY A 14 1.92 9.00 -5.79
CA GLY A 14 1.91 8.14 -6.94
C GLY A 14 1.09 6.92 -6.57
N ARG A 15 1.17 5.96 -7.46
CA ARG A 15 0.67 4.64 -7.20
C ARG A 15 1.87 3.91 -6.64
N VAL A 16 1.55 2.93 -5.84
CA VAL A 16 2.49 1.95 -5.36
C VAL A 16 1.71 0.65 -5.53
N LEU A 17 2.41 -0.46 -5.60
CA LEU A 17 1.81 -1.78 -5.70
C LEU A 17 2.44 -2.59 -4.60
N ALA A 18 1.74 -3.62 -4.14
CA ALA A 18 2.19 -4.41 -3.01
C ALA A 18 1.98 -5.88 -3.33
N PHE A 19 3.04 -6.64 -3.12
CA PHE A 19 3.09 -8.08 -3.28
C PHE A 19 2.79 -8.67 -1.89
N HIS A 20 1.84 -9.60 -1.80
CA HIS A 20 1.35 -10.14 -0.53
C HIS A 20 1.77 -11.60 -0.34
N GLY A 21 2.40 -12.22 -1.35
CA GLY A 21 2.98 -13.54 -1.28
C GLY A 21 2.63 -14.28 -2.57
N PRO A 22 1.40 -14.83 -2.68
CA PRO A 22 0.95 -15.48 -3.90
C PRO A 22 0.65 -14.50 -5.04
N LEU A 23 0.23 -13.26 -4.72
CA LEU A 23 -0.30 -12.29 -5.66
C LEU A 23 -0.06 -10.88 -5.15
N MET A 24 -0.45 -9.87 -5.93
CA MET A 24 -0.11 -8.47 -5.75
C MET A 24 -1.32 -7.62 -6.12
N TYR A 25 -1.46 -6.44 -5.51
CA TYR A 25 -2.59 -5.53 -5.73
C TYR A 25 -2.12 -4.06 -5.74
N GLU A 26 -3.06 -3.15 -6.03
CA GLU A 26 -2.79 -1.72 -6.15
C GLU A 26 -2.91 -1.06 -4.80
N ALA A 27 -2.10 -0.02 -4.60
CA ALA A 27 -1.94 0.71 -3.36
C ALA A 27 -1.78 2.20 -3.70
N LYS A 28 -2.01 3.10 -2.73
CA LYS A 28 -1.93 4.54 -2.94
C LYS A 28 -1.47 5.20 -1.66
N ILE A 29 -0.20 5.59 -1.63
CA ILE A 29 0.50 6.28 -0.55
C ILE A 29 -0.27 7.54 -0.13
N LEU A 30 -0.18 7.89 1.16
CA LEU A 30 -0.69 9.16 1.66
C LEU A 30 0.06 9.60 2.92
N LYS A 31 0.53 8.65 3.73
CA LYS A 31 1.25 8.89 4.95
C LYS A 31 2.44 7.96 4.91
N ILE A 32 3.61 8.46 5.25
CA ILE A 32 4.83 7.72 5.12
C ILE A 32 5.67 7.92 6.37
N TRP A 33 6.67 7.07 6.51
CA TRP A 33 7.45 6.92 7.73
C TRP A 33 8.92 6.61 7.41
N ASP A 34 9.77 6.96 8.36
CA ASP A 34 11.23 6.94 8.30
C ASP A 34 11.78 6.68 9.73
N PRO A 35 12.85 5.88 9.92
CA PRO A 35 13.45 5.65 11.23
C PRO A 35 14.16 6.88 11.80
N SER A 36 14.34 7.99 11.07
CA SER A 36 15.15 9.12 11.54
C SER A 36 14.50 9.79 12.74
N SER A 37 13.16 9.81 12.77
CA SER A 37 12.35 10.32 13.85
C SER A 37 11.46 9.21 14.42
N LYS A 38 11.26 8.09 13.69
CA LYS A 38 10.27 7.07 14.03
C LYS A 38 8.92 7.75 14.32
N MET A 39 8.48 8.58 13.37
CA MET A 39 7.26 9.36 13.34
C MET A 39 6.90 9.45 11.85
N TYR A 40 5.63 9.68 11.54
CA TYR A 40 5.15 9.72 10.16
C TYR A 40 4.87 11.15 9.70
N THR A 41 4.62 11.32 8.40
CA THR A 41 4.25 12.57 7.75
C THR A 41 3.23 12.19 6.68
N SER A 42 2.31 13.08 6.34
CA SER A 42 1.19 12.70 5.51
C SER A 42 0.75 13.92 4.71
N ILE A 43 0.06 13.70 3.61
CA ILE A 43 -0.37 14.75 2.71
C ILE A 43 -1.84 14.47 2.25
N PRO A 44 -2.57 15.45 1.68
CA PRO A 44 -4.01 15.38 1.41
C PRO A 44 -4.39 14.51 0.19
N ASN A 45 -3.65 13.44 -0.07
CA ASN A 45 -3.73 12.63 -1.29
C ASN A 45 -4.97 11.71 -1.35
N ASP A 46 -5.81 11.68 -0.32
CA ASP A 46 -6.86 10.66 -0.21
C ASP A 46 -8.12 11.19 0.47
N LYS A 47 -9.19 10.40 0.42
CA LYS A 47 -10.50 10.67 1.01
C LYS A 47 -10.93 9.37 1.73
N PRO A 48 -10.32 9.01 2.88
CA PRO A 48 -10.49 7.71 3.50
C PRO A 48 -11.94 7.27 3.81
N GLY A 49 -12.88 8.20 4.00
CA GLY A 49 -14.28 7.89 4.30
C GLY A 49 -14.66 8.41 5.69
N GLY A 50 -13.78 8.23 6.67
CA GLY A 50 -13.90 8.83 8.00
C GLY A 50 -13.68 10.35 7.97
N SER A 51 -13.04 10.85 6.90
CA SER A 51 -12.78 12.25 6.62
C SER A 51 -12.99 12.47 5.12
N SER A 52 -13.56 13.61 4.76
CA SER A 52 -13.89 13.96 3.37
C SER A 52 -12.63 14.16 2.51
N GLN A 53 -11.49 14.47 3.13
CA GLN A 53 -10.17 14.49 2.54
C GLN A 53 -9.16 14.32 3.68
N ALA A 54 -7.93 13.89 3.38
CA ALA A 54 -6.85 13.93 4.35
C ALA A 54 -6.39 15.39 4.39
N THR A 55 -5.78 15.81 5.50
CA THR A 55 -5.42 17.21 5.69
C THR A 55 -4.14 17.56 4.91
N LYS A 56 -3.96 18.85 4.61
CA LYS A 56 -2.72 19.42 4.10
C LYS A 56 -1.59 19.06 5.06
N GLU A 57 -0.36 19.16 4.54
CA GLU A 57 0.92 18.72 5.10
C GLU A 57 0.80 18.46 6.60
N ILE A 58 0.50 17.22 6.94
CA ILE A 58 0.10 16.80 8.28
C ILE A 58 1.32 16.84 9.19
N LYS A 59 1.12 17.37 10.41
CA LYS A 59 2.16 17.41 11.42
C LYS A 59 2.46 15.99 11.90
N PRO A 60 3.72 15.66 12.17
CA PRO A 60 4.10 14.30 12.52
C PRO A 60 3.66 14.03 13.96
N GLN A 61 3.21 12.80 14.20
CA GLN A 61 2.84 12.33 15.54
C GLN A 61 3.53 10.99 15.81
N LYS A 62 3.54 10.56 17.08
CA LYS A 62 4.34 9.43 17.56
C LYS A 62 4.10 8.07 16.93
N LEU A 63 2.91 7.84 16.40
CA LEU A 63 2.42 6.57 15.88
C LEU A 63 2.09 5.56 16.97
N GLY A 64 1.04 4.76 16.74
CA GLY A 64 0.73 3.60 17.57
C GLY A 64 -0.52 3.73 18.43
N GLU A 65 -1.48 4.56 18.05
CA GLU A 65 -2.79 4.58 18.70
C GLU A 65 -3.62 3.38 18.20
N ASP A 66 -3.44 3.04 16.92
CA ASP A 66 -4.07 1.89 16.23
C ASP A 66 -3.21 1.38 15.05
N GLU A 67 -2.36 2.26 14.50
CA GLU A 67 -1.41 2.06 13.41
C GLU A 67 -0.41 0.92 13.62
N SER A 68 -0.20 0.48 14.87
CA SER A 68 0.83 -0.43 15.36
C SER A 68 1.48 -1.23 14.23
N ILE A 69 2.71 -0.84 13.98
CA ILE A 69 3.52 -1.15 12.84
C ILE A 69 4.71 -1.99 13.36
N PRO A 70 5.10 -3.09 12.68
CA PRO A 70 6.10 -4.01 13.20
C PRO A 70 7.51 -3.39 13.17
N GLU A 71 8.37 -3.82 14.09
CA GLU A 71 9.78 -3.41 14.17
C GLU A 71 10.57 -3.72 12.88
N GLU A 72 10.04 -4.58 12.02
CA GLU A 72 10.59 -4.88 10.71
C GLU A 72 10.57 -3.67 9.76
N ILE A 73 9.68 -2.70 9.99
CA ILE A 73 9.42 -1.59 9.04
C ILE A 73 9.59 -0.24 9.74
N ILE A 74 9.59 -0.25 11.07
CA ILE A 74 9.95 0.83 11.96
C ILE A 74 11.34 1.32 11.56
N ASN A 75 12.25 0.36 11.32
CA ASN A 75 13.67 0.55 11.08
C ASN A 75 13.98 0.96 9.64
N GLY A 76 12.98 1.33 8.82
CA GLY A 76 13.16 1.64 7.41
C GLY A 76 12.01 2.47 6.87
N LYS A 77 11.99 2.68 5.55
CA LYS A 77 10.88 3.35 4.88
C LYS A 77 9.60 2.55 5.11
N SER A 78 8.49 3.26 5.40
CA SER A 78 7.18 2.65 5.47
C SER A 78 6.15 3.57 4.83
N PHE A 79 5.10 2.96 4.26
CA PHE A 79 4.08 3.63 3.47
C PHE A 79 2.69 3.13 3.83
N PHE A 80 1.88 4.04 4.38
CA PHE A 80 0.45 3.87 4.62
C PHE A 80 -0.24 4.18 3.30
N ILE A 81 -1.13 3.26 2.95
CA ILE A 81 -1.73 3.17 1.63
C ILE A 81 -3.21 2.79 1.69
N HIS A 82 -3.95 3.24 0.68
CA HIS A 82 -5.30 2.74 0.44
C HIS A 82 -5.11 1.61 -0.56
N TYR A 83 -5.55 0.39 -0.24
CA TYR A 83 -5.57 -0.67 -1.24
C TYR A 83 -6.69 -0.34 -2.22
N GLN A 84 -6.33 -0.09 -3.48
CA GLN A 84 -7.29 0.35 -4.49
C GLN A 84 -8.06 -0.84 -5.02
N GLY A 85 -9.32 -0.61 -5.38
CA GLY A 85 -10.25 -1.68 -5.70
C GLY A 85 -10.59 -2.55 -4.49
N TRP A 86 -10.17 -2.14 -3.27
CA TRP A 86 -10.35 -2.92 -2.04
C TRP A 86 -10.95 -2.06 -0.92
N LYS A 87 -11.31 -2.73 0.18
CA LYS A 87 -11.99 -2.08 1.29
C LYS A 87 -11.01 -1.20 2.06
N SER A 88 -11.54 -0.26 2.84
CA SER A 88 -10.75 0.56 3.76
C SER A 88 -10.37 -0.24 5.02
N SER A 89 -11.01 -1.39 5.25
CA SER A 89 -10.67 -2.35 6.29
C SER A 89 -9.19 -2.73 6.26
N TRP A 90 -8.59 -2.82 5.06
CA TRP A 90 -7.24 -3.28 4.86
C TRP A 90 -6.21 -2.13 4.96
N ASP A 91 -6.60 -0.89 5.25
CA ASP A 91 -5.70 0.27 5.19
C ASP A 91 -4.64 0.03 6.26
N GLU A 92 -3.39 0.00 5.82
CA GLU A 92 -2.25 -0.46 6.60
C GLU A 92 -0.98 0.12 5.98
N TRP A 93 0.15 0.01 6.66
CA TRP A 93 1.45 0.31 6.07
C TRP A 93 2.18 -0.96 5.67
N VAL A 94 3.04 -0.83 4.68
CA VAL A 94 3.95 -1.89 4.24
C VAL A 94 5.39 -1.35 4.16
N GLY A 95 6.34 -2.28 4.26
CA GLY A 95 7.75 -2.00 4.09
C GLY A 95 8.13 -2.13 2.62
N TYR A 96 9.28 -1.54 2.23
CA TYR A 96 9.80 -1.60 0.86
C TYR A 96 10.32 -2.97 0.43
N ASP A 97 10.08 -3.96 1.28
CA ASP A 97 10.28 -5.39 1.02
C ASP A 97 9.01 -6.01 0.37
N ARG A 98 7.84 -5.37 0.54
CA ARG A 98 6.56 -5.82 -0.01
C ARG A 98 5.98 -4.83 -1.00
N ILE A 99 6.16 -3.52 -0.78
CA ILE A 99 5.57 -2.49 -1.64
C ILE A 99 6.64 -1.94 -2.60
N ARG A 100 6.24 -1.49 -3.79
CA ARG A 100 7.09 -0.76 -4.75
C ARG A 100 6.29 0.25 -5.56
N ALA A 101 6.89 1.40 -5.87
CA ALA A 101 6.31 2.54 -6.58
C ALA A 101 6.04 2.19 -8.03
N TYR A 102 5.00 2.76 -8.62
CA TYR A 102 4.53 2.33 -9.94
C TYR A 102 5.62 2.48 -10.99
N ASN A 103 6.07 1.34 -11.52
CA ASN A 103 7.10 1.28 -12.54
C ASN A 103 7.04 -0.07 -13.27
N GLU A 104 7.67 -0.13 -14.45
CA GLU A 104 7.57 -1.21 -15.41
C GLU A 104 7.95 -2.58 -14.83
N GLU A 105 8.92 -2.61 -13.92
CA GLU A 105 9.34 -3.87 -13.28
C GLU A 105 8.18 -4.44 -12.45
N ASN A 106 7.47 -3.58 -11.72
CA ASN A 106 6.34 -4.00 -10.93
C ASN A 106 5.24 -4.43 -11.88
N ILE A 107 5.08 -3.76 -13.02
CA ILE A 107 4.06 -4.16 -13.99
C ILE A 107 4.40 -5.51 -14.61
N ALA A 108 5.68 -5.83 -14.82
CA ALA A 108 6.06 -7.15 -15.30
C ALA A 108 5.70 -8.20 -14.25
N MET A 109 5.93 -7.91 -12.96
CA MET A 109 5.46 -8.76 -11.86
C MET A 109 3.94 -8.88 -11.94
N LYS A 110 3.25 -7.75 -12.12
CA LYS A 110 1.82 -7.67 -12.08
C LYS A 110 1.24 -8.56 -13.15
N LYS A 111 1.73 -8.45 -14.38
CA LYS A 111 1.14 -9.18 -15.49
C LYS A 111 1.46 -10.66 -15.35
N ARG A 112 2.71 -11.00 -15.02
CA ARG A 112 3.11 -12.37 -14.72
C ARG A 112 2.25 -13.00 -13.61
N LEU A 113 1.68 -12.23 -12.67
CA LEU A 113 0.84 -12.79 -11.62
C LEU A 113 -0.64 -12.78 -11.99
N ALA A 114 -1.11 -11.66 -12.52
CA ALA A 114 -2.43 -11.50 -13.13
C ALA A 114 -2.70 -12.59 -14.20
N ASN A 115 -1.63 -13.13 -14.80
CA ASN A 115 -1.65 -14.27 -15.71
C ASN A 115 -2.14 -15.56 -15.04
N GLU A 116 -1.67 -15.89 -13.84
CA GLU A 116 -2.07 -17.14 -13.17
C GLU A 116 -3.28 -16.94 -12.24
N ALA A 117 -3.57 -15.69 -11.88
CA ALA A 117 -4.63 -15.27 -10.97
C ALA A 117 -5.97 -15.91 -11.35
N GLY A 118 -6.52 -16.73 -10.45
CA GLY A 118 -7.78 -17.46 -10.58
C GLY A 118 -7.60 -18.88 -10.06
N SER A 119 -6.79 -19.07 -9.01
CA SER A 119 -6.35 -20.37 -8.53
C SER A 119 -7.50 -21.27 -8.08
N THR A 120 -8.56 -20.71 -7.48
CA THR A 120 -9.61 -21.52 -6.84
C THR A 120 -11.00 -20.90 -7.07
N GLY A 121 -11.23 -20.27 -8.23
CA GLY A 121 -12.54 -19.80 -8.62
C GLY A 121 -12.53 -19.25 -10.05
N SER A 122 -13.73 -18.91 -10.54
CA SER A 122 -14.00 -18.54 -11.92
C SER A 122 -13.70 -17.05 -12.22
N ALA A 123 -12.90 -16.39 -11.38
CA ALA A 123 -12.49 -14.99 -11.55
C ALA A 123 -11.06 -14.82 -11.00
N PRO A 124 -10.25 -13.87 -11.52
CA PRO A 124 -8.89 -13.56 -11.05
C PRO A 124 -8.74 -13.08 -9.59
N ALA A 125 -9.76 -13.26 -8.75
CA ALA A 125 -9.80 -12.78 -7.37
C ALA A 125 -10.34 -13.85 -6.42
N THR A 126 -10.28 -15.13 -6.78
CA THR A 126 -10.57 -16.23 -5.88
C THR A 126 -9.49 -17.29 -6.11
N GLY A 127 -8.59 -17.46 -5.13
CA GLY A 127 -7.46 -18.37 -5.23
C GLY A 127 -6.43 -18.01 -4.17
N GLY A 128 -5.18 -17.81 -4.59
CA GLY A 128 -4.09 -17.23 -3.80
C GLY A 128 -4.41 -15.76 -3.61
N VAL A 129 -5.45 -15.43 -2.85
CA VAL A 129 -6.02 -14.11 -2.77
C VAL A 129 -6.52 -13.93 -1.35
N LYS A 131 -9.22 -12.62 -0.08
CA LYS A 131 -10.65 -12.93 -0.14
C LYS A 131 -11.41 -12.81 1.20
N PRO A 132 -12.03 -11.65 1.50
CA PRO A 132 -12.72 -11.42 2.76
C PRO A 132 -14.23 -11.69 2.68
N HIS A 133 -14.73 -11.85 1.46
CA HIS A 133 -16.14 -11.95 1.05
C HIS A 133 -16.92 -13.11 1.69
N ARG A 134 -16.24 -14.12 2.23
CA ARG A 134 -16.82 -15.39 2.68
C ARG A 134 -17.60 -15.22 4.00
N TYR A 135 -18.72 -14.50 3.95
CA TYR A 135 -19.67 -14.27 5.03
C TYR A 135 -21.05 -14.04 4.40
N ARG A 136 -22.12 -13.99 5.22
CA ARG A 136 -23.48 -13.71 4.78
C ARG A 136 -24.17 -12.94 5.90
#